data_5GAJ
#
_entry.id   5GAJ
#
_entity_poly.entity_id   1
_entity_poly.type   'polypeptide(L)'
_entity_poly.pdbx_seq_one_letter_code
;MGTVVIVVSRDERILEELLEVVLKSDPNVKTVRTDDKEKVKEEIEKARKQGRPIVIFIRGATEEVVRDIVEYAQKEGLRV
LVIMVDQDQEELERIYEQLKKDGVDVRVTDNEDEAKKRLKELLEKVLEHHHHHH
;
_entity_poly.pdbx_strand_id   A
#
# COMPACT_ATOMS: atom_id res chain seq x y z
N MET A 1 -5.52 -2.04 -15.21
CA MET A 1 -6.88 -1.94 -14.64
C MET A 1 -6.93 -0.82 -13.59
N GLY A 2 -6.00 -0.89 -12.62
CA GLY A 2 -5.93 0.03 -11.49
C GLY A 2 -5.83 -0.75 -10.19
N THR A 3 -4.74 -0.55 -9.43
CA THR A 3 -4.46 -1.32 -8.21
C THR A 3 -3.72 -0.41 -7.20
N VAL A 4 -4.19 -0.38 -5.93
CA VAL A 4 -3.61 0.50 -4.88
C VAL A 4 -2.91 -0.35 -3.81
N VAL A 5 -1.65 -0.01 -3.49
CA VAL A 5 -0.84 -0.67 -2.46
C VAL A 5 -0.59 0.34 -1.32
N ILE A 6 -1.22 0.12 -0.15
CA ILE A 6 -1.12 1.04 0.99
C ILE A 6 0.05 0.61 1.90
N VAL A 7 1.10 1.44 1.92
CA VAL A 7 2.29 1.23 2.77
C VAL A 7 2.24 2.20 3.96
N VAL A 8 2.03 1.63 5.15
CA VAL A 8 1.98 2.33 6.42
C VAL A 8 3.24 1.98 7.23
N SER A 9 4.14 2.95 7.38
CA SER A 9 5.29 2.86 8.29
C SER A 9 5.38 4.18 9.05
N ARG A 10 5.81 4.11 10.31
CA ARG A 10 5.93 5.31 11.17
C ARG A 10 7.40 5.73 11.29
N ASP A 11 8.30 4.91 10.67
CA ASP A 11 9.75 5.18 10.57
C ASP A 11 10.12 5.62 9.14
N GLU A 12 10.83 6.76 9.02
CA GLU A 12 11.26 7.36 7.72
C GLU A 12 11.98 6.34 6.82
N ARG A 13 12.99 5.69 7.41
CA ARG A 13 13.97 4.87 6.69
C ARG A 13 13.33 3.63 6.04
N ILE A 14 12.18 3.19 6.59
CA ILE A 14 11.40 2.08 6.02
C ILE A 14 10.73 2.52 4.68
N LEU A 15 10.07 3.73 4.67
CA LEU A 15 9.32 4.22 3.47
C LEU A 15 10.23 4.28 2.21
N GLU A 16 11.46 4.81 2.38
CA GLU A 16 12.41 5.05 1.27
C GLU A 16 13.01 3.74 0.73
N GLU A 17 13.23 2.76 1.64
CA GLU A 17 13.71 1.42 1.26
C GLU A 17 12.64 0.68 0.44
N LEU A 18 11.37 0.85 0.85
CA LEU A 18 10.22 0.23 0.17
C LEU A 18 9.95 0.89 -1.19
N LEU A 19 10.25 2.20 -1.29
CA LEU A 19 10.19 2.95 -2.55
C LEU A 19 11.24 2.41 -3.52
N GLU A 20 12.45 2.17 -3.00
CA GLU A 20 13.56 1.57 -3.74
C GLU A 20 13.18 0.21 -4.32
N VAL A 21 12.42 -0.58 -3.54
CA VAL A 21 11.95 -1.89 -3.98
C VAL A 21 11.00 -1.76 -5.19
N VAL A 22 10.05 -0.78 -5.15
CA VAL A 22 9.10 -0.56 -6.28
C VAL A 22 9.87 -0.19 -7.55
N LEU A 23 10.86 0.71 -7.42
CA LEU A 23 11.65 1.22 -8.55
C LEU A 23 12.48 0.09 -9.22
N LYS A 24 13.06 -0.78 -8.38
CA LYS A 24 13.88 -1.93 -8.84
C LYS A 24 13.00 -3.05 -9.43
N SER A 25 11.74 -3.16 -8.94
CA SER A 25 10.75 -4.12 -9.46
C SER A 25 10.23 -3.65 -10.85
N ASP A 26 9.65 -2.45 -10.86
CA ASP A 26 9.12 -1.83 -12.08
C ASP A 26 8.95 -0.29 -11.87
N PRO A 27 9.59 0.56 -12.73
CA PRO A 27 9.51 2.04 -12.61
C PRO A 27 8.17 2.62 -13.11
N ASN A 28 7.42 1.83 -13.90
CA ASN A 28 6.18 2.30 -14.57
C ASN A 28 5.00 2.33 -13.58
N VAL A 29 5.11 1.54 -12.50
CA VAL A 29 4.19 1.59 -11.36
C VAL A 29 4.25 2.99 -10.72
N LYS A 30 3.09 3.66 -10.62
CA LYS A 30 2.98 4.99 -10.00
C LYS A 30 3.33 4.90 -8.50
N THR A 31 4.18 5.81 -8.02
CA THR A 31 4.55 5.89 -6.60
C THR A 31 4.27 7.28 -6.04
N VAL A 32 3.68 7.30 -4.83
CA VAL A 32 3.19 8.50 -4.15
C VAL A 32 3.66 8.48 -2.70
N ARG A 33 4.22 9.61 -2.21
CA ARG A 33 4.39 9.83 -0.77
C ARG A 33 3.76 11.19 -0.41
N THR A 34 2.47 11.17 -0.09
CA THR A 34 1.79 12.24 0.66
C THR A 34 1.16 11.61 1.91
N ASP A 35 1.37 12.21 3.09
CA ASP A 35 0.73 11.77 4.35
C ASP A 35 -0.61 12.47 4.56
N ASP A 36 -0.93 13.45 3.67
CA ASP A 36 -2.25 14.08 3.59
C ASP A 36 -3.22 13.06 2.98
N LYS A 37 -4.09 12.47 3.82
CA LYS A 37 -4.97 11.34 3.42
C LYS A 37 -5.96 11.69 2.28
N GLU A 38 -6.32 12.98 2.16
CA GLU A 38 -7.18 13.48 1.07
C GLU A 38 -6.38 13.62 -0.23
N LYS A 39 -5.12 14.08 -0.10
CA LYS A 39 -4.21 14.27 -1.26
C LYS A 39 -3.85 12.90 -1.89
N VAL A 40 -3.78 11.85 -1.02
CA VAL A 40 -3.65 10.46 -1.46
C VAL A 40 -4.79 10.08 -2.43
N LYS A 41 -6.04 10.40 -2.01
CA LYS A 41 -7.27 10.09 -2.77
C LYS A 41 -7.26 10.75 -4.16
N GLU A 42 -6.71 11.97 -4.22
CA GLU A 42 -6.52 12.73 -5.48
C GLU A 42 -5.65 11.91 -6.45
N GLU A 43 -4.52 11.40 -5.92
CA GLU A 43 -3.54 10.62 -6.70
C GLU A 43 -4.00 9.17 -6.97
N ILE A 44 -4.96 8.64 -6.15
CA ILE A 44 -5.61 7.32 -6.39
C ILE A 44 -6.42 7.39 -7.70
N GLU A 45 -7.21 8.47 -7.81
CA GLU A 45 -8.06 8.73 -8.99
C GLU A 45 -7.19 8.88 -10.25
N LYS A 46 -6.07 9.63 -10.12
CA LYS A 46 -5.11 9.83 -11.23
C LYS A 46 -4.53 8.49 -11.73
N ALA A 47 -4.21 7.59 -10.78
CA ALA A 47 -3.66 6.25 -11.09
C ALA A 47 -4.72 5.34 -11.78
N ARG A 48 -6.00 5.56 -11.42
CA ARG A 48 -7.13 4.85 -12.04
C ARG A 48 -7.34 5.34 -13.48
N LYS A 49 -7.10 6.65 -13.70
CA LYS A 49 -7.14 7.26 -15.05
C LYS A 49 -6.00 6.71 -15.94
N GLN A 50 -4.81 6.53 -15.32
CA GLN A 50 -3.63 5.89 -15.95
C GLN A 50 -3.88 4.37 -16.12
N GLY A 51 -4.83 3.84 -15.32
CA GLY A 51 -5.25 2.45 -15.39
C GLY A 51 -4.16 1.47 -14.97
N ARG A 52 -3.33 1.89 -14.01
CA ARG A 52 -2.11 1.15 -13.61
C ARG A 52 -2.03 1.02 -12.07
N PRO A 53 -1.11 0.15 -11.54
CA PRO A 53 -0.79 0.13 -10.08
C PRO A 53 -0.24 1.47 -9.53
N ILE A 54 -0.40 1.63 -8.22
CA ILE A 54 0.07 2.79 -7.46
C ILE A 54 0.45 2.31 -6.05
N VAL A 55 1.58 2.80 -5.52
CA VAL A 55 2.06 2.45 -4.17
C VAL A 55 2.14 3.74 -3.34
N ILE A 56 1.28 3.82 -2.32
CA ILE A 56 1.17 4.96 -1.42
C ILE A 56 2.12 4.76 -0.22
N PHE A 57 2.90 5.80 0.11
CA PHE A 57 3.83 5.77 1.25
C PHE A 57 3.43 6.87 2.23
N ILE A 58 3.00 6.47 3.44
CA ILE A 58 2.61 7.42 4.50
C ILE A 58 3.40 7.13 5.77
N ARG A 59 4.05 8.18 6.32
CA ARG A 59 4.65 8.15 7.65
C ARG A 59 3.56 8.37 8.70
N GLY A 60 3.46 7.45 9.67
CA GLY A 60 2.62 7.64 10.85
C GLY A 60 1.12 7.65 10.56
N ALA A 61 0.69 6.82 9.59
CA ALA A 61 -0.74 6.68 9.28
C ALA A 61 -1.46 5.95 10.41
N THR A 62 -2.24 6.72 11.19
CA THR A 62 -3.12 6.15 12.24
C THR A 62 -4.30 5.41 11.61
N GLU A 63 -5.01 4.59 12.42
CA GLU A 63 -6.07 3.65 11.96
C GLU A 63 -7.11 4.34 11.07
N GLU A 64 -7.56 5.53 11.51
CA GLU A 64 -8.63 6.29 10.85
C GLU A 64 -8.17 6.95 9.53
N VAL A 65 -6.84 7.11 9.35
CA VAL A 65 -6.24 7.49 8.04
C VAL A 65 -6.33 6.31 7.06
N VAL A 66 -5.80 5.14 7.51
CA VAL A 66 -5.60 3.98 6.64
C VAL A 66 -6.94 3.43 6.11
N ARG A 67 -7.88 3.13 7.04
CA ARG A 67 -9.21 2.57 6.72
C ARG A 67 -9.99 3.48 5.74
N ASP A 68 -9.75 4.80 5.87
CA ASP A 68 -10.45 5.86 5.14
C ASP A 68 -10.00 5.88 3.65
N ILE A 69 -8.70 5.66 3.46
CA ILE A 69 -8.08 5.59 2.12
C ILE A 69 -8.36 4.23 1.43
N VAL A 70 -8.29 3.13 2.21
CA VAL A 70 -8.48 1.75 1.69
C VAL A 70 -9.90 1.58 1.10
N GLU A 71 -10.93 2.01 1.86
CA GLU A 71 -12.34 1.90 1.44
C GLU A 71 -12.62 2.79 0.21
N TYR A 72 -11.84 3.87 0.07
CA TYR A 72 -11.95 4.81 -1.06
C TYR A 72 -11.46 4.15 -2.36
N ALA A 73 -10.32 3.46 -2.25
CA ALA A 73 -9.72 2.71 -3.38
C ALA A 73 -10.65 1.58 -3.84
N GLN A 74 -11.42 1.03 -2.88
CA GLN A 74 -12.42 -0.01 -3.13
C GLN A 74 -13.68 0.56 -3.82
N LYS A 75 -14.04 1.83 -3.49
CA LYS A 75 -15.12 2.57 -4.19
C LYS A 75 -14.80 2.68 -5.70
N GLU A 76 -13.50 2.85 -6.00
CA GLU A 76 -13.00 2.96 -7.38
C GLU A 76 -12.92 1.59 -8.09
N GLY A 77 -13.12 0.50 -7.33
CA GLY A 77 -13.09 -0.87 -7.86
C GLY A 77 -11.67 -1.42 -8.04
N LEU A 78 -10.71 -0.83 -7.30
CA LEU A 78 -9.28 -1.16 -7.41
C LEU A 78 -8.90 -2.19 -6.33
N ARG A 79 -7.93 -3.07 -6.65
CA ARG A 79 -7.44 -4.13 -5.76
C ARG A 79 -6.48 -3.51 -4.73
N VAL A 80 -6.75 -3.71 -3.41
CA VAL A 80 -5.96 -3.07 -2.33
C VAL A 80 -5.06 -4.09 -1.61
N LEU A 81 -3.74 -3.85 -1.69
CA LEU A 81 -2.70 -4.65 -1.03
C LEU A 81 -2.05 -3.76 0.06
N VAL A 82 -2.09 -4.17 1.33
CA VAL A 82 -1.65 -3.30 2.45
C VAL A 82 -0.47 -3.94 3.21
N ILE A 83 0.64 -3.20 3.28
CA ILE A 83 1.80 -3.50 4.14
C ILE A 83 1.82 -2.50 5.29
N MET A 84 1.87 -3.00 6.53
CA MET A 84 2.07 -2.19 7.73
C MET A 84 3.31 -2.72 8.46
N VAL A 85 4.36 -1.89 8.53
CA VAL A 85 5.65 -2.25 9.16
C VAL A 85 6.07 -1.14 10.12
N ASP A 86 6.13 -1.49 11.41
CA ASP A 86 6.66 -0.62 12.47
C ASP A 86 6.69 -1.41 13.79
N GLN A 87 7.53 -0.96 14.73
CA GLN A 87 7.76 -1.65 16.01
C GLN A 87 6.55 -1.50 16.97
N ASP A 88 5.68 -0.50 16.74
CA ASP A 88 4.36 -0.40 17.40
C ASP A 88 3.37 -1.32 16.66
N GLN A 89 3.46 -2.62 16.97
CA GLN A 89 2.82 -3.69 16.20
C GLN A 89 1.33 -3.84 16.54
N GLU A 90 1.00 -3.79 17.86
CA GLU A 90 -0.38 -3.95 18.36
C GLU A 90 -1.31 -2.88 17.77
N GLU A 91 -0.73 -1.69 17.55
CA GLU A 91 -1.38 -0.55 16.89
C GLU A 91 -1.74 -0.90 15.44
N LEU A 92 -0.77 -1.47 14.71
CA LEU A 92 -0.94 -1.90 13.31
C LEU A 92 -1.90 -3.11 13.20
N GLU A 93 -2.07 -3.86 14.32
CA GLU A 93 -2.97 -5.03 14.38
C GLU A 93 -4.44 -4.61 14.49
N ARG A 94 -4.71 -3.39 15.02
CA ARG A 94 -6.08 -2.81 15.03
C ARG A 94 -6.46 -2.31 13.62
N ILE A 95 -5.48 -1.80 12.89
CA ILE A 95 -5.66 -1.44 11.47
C ILE A 95 -5.91 -2.74 10.67
N TYR A 96 -5.07 -3.74 10.96
CA TYR A 96 -5.07 -5.06 10.31
C TYR A 96 -6.45 -5.73 10.43
N GLU A 97 -6.97 -5.83 11.66
CA GLU A 97 -8.26 -6.52 11.96
C GLU A 97 -9.44 -5.83 11.27
N GLN A 98 -9.35 -4.49 11.12
CA GLN A 98 -10.39 -3.67 10.49
C GLN A 98 -10.49 -3.99 8.99
N LEU A 99 -9.33 -4.05 8.33
CA LEU A 99 -9.22 -4.28 6.88
C LEU A 99 -9.42 -5.77 6.53
N LYS A 100 -8.93 -6.65 7.43
CA LYS A 100 -9.00 -8.12 7.29
C LYS A 100 -10.46 -8.57 7.38
N LYS A 101 -11.22 -7.86 8.24
CA LYS A 101 -12.68 -8.02 8.40
C LYS A 101 -13.42 -7.90 7.06
N ASP A 102 -13.00 -6.91 6.26
CA ASP A 102 -13.57 -6.67 4.92
C ASP A 102 -13.10 -7.75 3.92
N GLY A 103 -11.87 -8.24 4.12
CA GLY A 103 -11.24 -9.16 3.16
C GLY A 103 -10.17 -8.48 2.31
N VAL A 104 -9.73 -7.27 2.74
CA VAL A 104 -8.58 -6.56 2.14
C VAL A 104 -7.29 -7.36 2.37
N ASP A 105 -6.37 -7.33 1.39
CA ASP A 105 -5.06 -7.97 1.52
C ASP A 105 -4.21 -7.17 2.50
N VAL A 106 -3.90 -7.77 3.65
CA VAL A 106 -3.14 -7.11 4.71
C VAL A 106 -2.03 -8.01 5.27
N ARG A 107 -0.95 -7.38 5.72
CA ARG A 107 0.17 -8.04 6.39
C ARG A 107 0.86 -7.06 7.34
N VAL A 108 1.25 -7.56 8.52
CA VAL A 108 1.94 -6.78 9.55
C VAL A 108 3.25 -7.47 9.98
N THR A 109 4.32 -6.68 10.09
CA THR A 109 5.65 -7.15 10.53
C THR A 109 6.46 -5.94 11.03
N ASP A 110 7.68 -6.18 11.55
CA ASP A 110 8.59 -5.13 11.99
C ASP A 110 10.02 -5.64 11.79
N ASN A 111 10.54 -5.35 10.59
CA ASN A 111 11.81 -5.87 10.07
C ASN A 111 12.05 -5.21 8.71
N GLU A 112 13.23 -4.58 8.52
CA GLU A 112 13.57 -3.87 7.27
C GLU A 112 13.55 -4.82 6.07
N ASP A 113 14.26 -5.95 6.21
CA ASP A 113 14.46 -6.93 5.13
C ASP A 113 13.12 -7.56 4.70
N GLU A 114 12.35 -8.05 5.70
CA GLU A 114 11.02 -8.68 5.46
C GLU A 114 10.09 -7.73 4.72
N ALA A 115 10.02 -6.47 5.19
CA ALA A 115 9.21 -5.40 4.58
C ALA A 115 9.49 -5.29 3.06
N LYS A 116 10.79 -5.29 2.72
CA LYS A 116 11.31 -5.11 1.35
C LYS A 116 11.07 -6.35 0.47
N LYS A 117 11.06 -7.54 1.09
CA LYS A 117 10.79 -8.81 0.38
C LYS A 117 9.31 -8.86 -0.04
N ARG A 118 8.43 -8.54 0.94
CA ARG A 118 6.98 -8.64 0.77
C ARG A 118 6.44 -7.46 -0.06
N LEU A 119 7.24 -6.38 -0.15
CA LEU A 119 6.95 -5.23 -1.01
C LEU A 119 7.00 -5.68 -2.49
N LYS A 120 8.14 -6.28 -2.89
CA LYS A 120 8.33 -6.80 -4.27
C LYS A 120 7.32 -7.91 -4.57
N GLU A 121 7.04 -8.72 -3.54
CA GLU A 121 6.10 -9.86 -3.59
C GLU A 121 4.70 -9.39 -4.04
N LEU A 122 4.22 -8.27 -3.44
CA LEU A 122 2.93 -7.67 -3.80
C LEU A 122 2.95 -7.15 -5.25
N LEU A 123 4.02 -6.42 -5.60
CA LEU A 123 4.22 -5.86 -6.96
C LEU A 123 4.15 -6.96 -8.05
N GLU A 124 4.67 -8.15 -7.72
CA GLU A 124 4.66 -9.32 -8.63
C GLU A 124 3.25 -9.93 -8.75
N LYS A 125 2.46 -9.89 -7.63
CA LYS A 125 1.04 -10.34 -7.61
C LYS A 125 0.16 -9.38 -8.45
N VAL A 126 0.55 -8.11 -8.49
CA VAL A 126 -0.17 -7.04 -9.19
C VAL A 126 0.08 -7.12 -10.71
N LEU A 127 1.34 -7.34 -11.11
CA LEU A 127 1.72 -7.48 -12.52
C LEU A 127 1.13 -8.77 -13.12
N GLU A 128 1.20 -9.86 -12.34
CA GLU A 128 0.55 -11.14 -12.66
C GLU A 128 -0.98 -10.98 -12.72
N HIS A 129 -1.50 -10.22 -11.73
CA HIS A 129 -2.93 -9.87 -11.54
C HIS A 129 -3.89 -11.10 -11.52
N HIS A 130 -3.35 -12.30 -11.21
CA HIS A 130 -4.17 -13.53 -11.10
C HIS A 130 -4.61 -13.73 -9.64
N HIS A 131 -3.64 -13.65 -8.72
CA HIS A 131 -3.89 -13.82 -7.29
C HIS A 131 -4.58 -12.57 -6.71
N HIS A 132 -5.91 -12.53 -6.84
CA HIS A 132 -6.76 -11.57 -6.10
C HIS A 132 -7.10 -12.22 -4.74
N HIS A 133 -6.92 -11.44 -3.66
CA HIS A 133 -6.97 -11.94 -2.26
C HIS A 133 -8.33 -12.59 -1.90
N HIS A 134 -9.40 -12.02 -2.46
CA HIS A 134 -10.77 -12.51 -2.24
C HIS A 134 -11.52 -12.49 -3.59
N MET A 1 -8.93 -3.07 -13.15
CA MET A 1 -7.72 -2.40 -13.67
C MET A 1 -7.41 -1.18 -12.79
N GLY A 2 -6.13 -0.94 -12.49
CA GLY A 2 -5.71 0.05 -11.51
C GLY A 2 -5.60 -0.59 -10.13
N THR A 3 -4.44 -0.45 -9.48
CA THR A 3 -4.13 -1.20 -8.25
C THR A 3 -3.45 -0.27 -7.22
N VAL A 4 -4.01 -0.19 -6.01
CA VAL A 4 -3.55 0.74 -4.95
C VAL A 4 -2.89 -0.05 -3.80
N VAL A 5 -1.56 0.06 -3.70
CA VAL A 5 -0.77 -0.58 -2.64
C VAL A 5 -0.52 0.44 -1.50
N ILE A 6 -1.14 0.20 -0.32
CA ILE A 6 -1.05 1.13 0.84
C ILE A 6 0.03 0.62 1.82
N VAL A 7 1.16 1.30 1.83
CA VAL A 7 2.29 0.98 2.71
C VAL A 7 2.32 1.98 3.87
N VAL A 8 2.13 1.48 5.10
CA VAL A 8 2.09 2.29 6.33
C VAL A 8 3.36 2.00 7.16
N SER A 9 4.26 3.01 7.25
CA SER A 9 5.44 2.97 8.13
C SER A 9 5.69 4.38 8.70
N ARG A 10 5.49 4.50 10.02
CA ARG A 10 5.70 5.75 10.82
C ARG A 10 7.19 6.12 10.89
N ASP A 11 8.06 5.16 10.56
CA ASP A 11 9.51 5.37 10.41
C ASP A 11 9.82 5.63 8.91
N GLU A 12 10.47 6.77 8.65
CA GLU A 12 10.76 7.26 7.28
C GLU A 12 11.93 6.49 6.64
N ARG A 13 12.81 5.95 7.49
CA ARG A 13 14.04 5.26 7.06
C ARG A 13 13.71 3.86 6.52
N ILE A 14 12.53 3.33 6.91
CA ILE A 14 11.96 2.11 6.32
C ILE A 14 11.31 2.45 4.95
N LEU A 15 10.55 3.58 4.90
CA LEU A 15 9.83 4.04 3.69
C LEU A 15 10.75 4.23 2.47
N GLU A 16 11.93 4.82 2.69
CA GLU A 16 12.92 5.09 1.62
C GLU A 16 13.48 3.78 1.01
N GLU A 17 13.58 2.73 1.85
CA GLU A 17 13.98 1.38 1.43
C GLU A 17 12.89 0.74 0.56
N LEU A 18 11.65 0.84 1.05
CA LEU A 18 10.46 0.27 0.39
C LEU A 18 10.16 0.98 -0.95
N LEU A 19 10.51 2.27 -1.00
CA LEU A 19 10.41 3.10 -2.21
C LEU A 19 11.36 2.57 -3.29
N GLU A 20 12.63 2.34 -2.87
CA GLU A 20 13.68 1.80 -3.74
C GLU A 20 13.27 0.47 -4.38
N VAL A 21 12.61 -0.41 -3.58
CA VAL A 21 12.21 -1.76 -4.03
C VAL A 21 11.28 -1.70 -5.26
N VAL A 22 10.33 -0.74 -5.27
CA VAL A 22 9.42 -0.54 -6.42
C VAL A 22 10.26 -0.13 -7.66
N LEU A 23 11.20 0.81 -7.43
CA LEU A 23 12.01 1.42 -8.50
C LEU A 23 12.98 0.40 -9.15
N LYS A 24 13.46 -0.58 -8.35
CA LYS A 24 14.35 -1.67 -8.86
C LYS A 24 13.48 -2.70 -9.62
N SER A 25 12.30 -3.01 -9.05
CA SER A 25 11.39 -4.06 -9.53
C SER A 25 10.65 -3.58 -10.80
N ASP A 26 9.69 -2.66 -10.62
CA ASP A 26 8.86 -2.10 -11.71
C ASP A 26 8.86 -0.55 -11.60
N PRO A 27 9.80 0.16 -12.31
CA PRO A 27 9.88 1.66 -12.29
C PRO A 27 8.74 2.34 -13.09
N ASN A 28 7.91 1.51 -13.76
CA ASN A 28 6.74 1.96 -14.54
C ASN A 28 5.53 2.22 -13.63
N VAL A 29 5.58 1.66 -12.41
CA VAL A 29 4.55 1.84 -11.38
C VAL A 29 4.70 3.21 -10.71
N LYS A 30 3.59 3.95 -10.56
CA LYS A 30 3.58 5.25 -9.88
C LYS A 30 3.82 5.05 -8.37
N THR A 31 4.63 5.90 -7.77
CA THR A 31 4.89 5.92 -6.32
C THR A 31 4.70 7.34 -5.79
N VAL A 32 4.00 7.45 -4.64
CA VAL A 32 3.75 8.74 -3.95
C VAL A 32 3.91 8.52 -2.44
N ARG A 33 4.82 9.26 -1.79
CA ARG A 33 5.01 9.17 -0.34
C ARG A 33 4.47 10.46 0.28
N THR A 34 3.17 10.46 0.60
CA THR A 34 2.46 11.59 1.23
C THR A 34 1.79 11.13 2.54
N ASP A 35 1.87 11.97 3.58
CA ASP A 35 1.12 11.77 4.84
C ASP A 35 -0.29 12.38 4.71
N ASP A 36 -0.45 13.35 3.78
CA ASP A 36 -1.77 13.96 3.48
C ASP A 36 -2.68 12.89 2.86
N LYS A 37 -3.57 12.34 3.69
CA LYS A 37 -4.59 11.34 3.29
C LYS A 37 -5.56 11.90 2.22
N GLU A 38 -5.66 13.24 2.16
CA GLU A 38 -6.37 13.97 1.09
C GLU A 38 -5.66 13.73 -0.25
N LYS A 39 -4.34 13.97 -0.26
CA LYS A 39 -3.48 13.85 -1.45
C LYS A 39 -3.40 12.41 -1.97
N VAL A 40 -3.46 11.43 -1.03
CA VAL A 40 -3.48 10.00 -1.37
C VAL A 40 -4.67 9.68 -2.30
N LYS A 41 -5.87 10.14 -1.89
CA LYS A 41 -7.13 9.90 -2.62
C LYS A 41 -7.10 10.51 -4.02
N GLU A 42 -6.51 11.72 -4.11
CA GLU A 42 -6.33 12.44 -5.38
C GLU A 42 -5.48 11.60 -6.36
N GLU A 43 -4.41 10.97 -5.82
CA GLU A 43 -3.49 10.11 -6.59
C GLU A 43 -4.13 8.75 -6.97
N ILE A 44 -5.05 8.25 -6.11
CA ILE A 44 -5.84 7.03 -6.39
C ILE A 44 -6.81 7.31 -7.56
N GLU A 45 -7.36 8.53 -7.57
CA GLU A 45 -8.28 9.02 -8.61
C GLU A 45 -7.54 9.08 -9.97
N LYS A 46 -6.27 9.55 -9.93
CA LYS A 46 -5.40 9.63 -11.13
C LYS A 46 -5.13 8.22 -11.68
N ALA A 47 -4.65 7.32 -10.80
CA ALA A 47 -4.28 5.93 -11.14
C ALA A 47 -5.49 5.12 -11.64
N ARG A 48 -6.69 5.49 -11.18
CA ARG A 48 -7.97 4.94 -11.66
C ARG A 48 -8.20 5.30 -13.15
N LYS A 49 -7.94 6.56 -13.50
CA LYS A 49 -8.15 7.08 -14.87
C LYS A 49 -7.05 6.62 -15.84
N GLN A 50 -5.86 6.34 -15.28
CA GLN A 50 -4.71 5.81 -16.04
C GLN A 50 -4.82 4.27 -16.18
N GLY A 51 -5.50 3.64 -15.22
CA GLY A 51 -5.64 2.19 -15.16
C GLY A 51 -4.36 1.48 -14.78
N ARG A 52 -3.45 2.21 -14.10
CA ARG A 52 -2.11 1.72 -13.74
C ARG A 52 -2.04 1.38 -12.23
N PRO A 53 -1.04 0.56 -11.80
CA PRO A 53 -0.72 0.40 -10.37
C PRO A 53 -0.07 1.68 -9.76
N ILE A 54 -0.18 1.80 -8.44
CA ILE A 54 0.34 2.92 -7.66
C ILE A 54 0.64 2.42 -6.25
N VAL A 55 1.77 2.86 -5.67
CA VAL A 55 2.19 2.48 -4.31
C VAL A 55 2.31 3.77 -3.49
N ILE A 56 1.43 3.90 -2.48
CA ILE A 56 1.40 5.05 -1.59
C ILE A 56 2.15 4.68 -0.30
N PHE A 57 3.08 5.54 0.12
CA PHE A 57 3.86 5.39 1.35
C PHE A 57 3.41 6.48 2.34
N ILE A 58 2.61 6.11 3.34
CA ILE A 58 2.09 7.04 4.35
C ILE A 58 2.91 6.87 5.65
N ARG A 59 3.48 7.98 6.14
CA ARG A 59 4.26 7.97 7.38
C ARG A 59 3.37 8.33 8.57
N GLY A 60 3.10 7.35 9.43
CA GLY A 60 2.33 7.54 10.65
C GLY A 60 0.84 7.63 10.36
N ALA A 61 0.28 6.52 9.88
CA ALA A 61 -1.16 6.42 9.57
C ALA A 61 -1.86 5.63 10.68
N THR A 62 -2.78 6.31 11.38
CA THR A 62 -3.70 5.66 12.34
C THR A 62 -4.79 4.90 11.57
N GLU A 63 -5.65 4.17 12.32
CA GLU A 63 -6.79 3.43 11.75
C GLU A 63 -7.64 4.33 10.84
N GLU A 64 -7.99 5.52 11.37
CA GLU A 64 -8.88 6.49 10.69
C GLU A 64 -8.37 6.92 9.30
N VAL A 65 -7.03 7.01 9.16
CA VAL A 65 -6.39 7.32 7.88
C VAL A 65 -6.51 6.12 6.92
N VAL A 66 -6.06 4.94 7.39
CA VAL A 66 -5.95 3.72 6.54
C VAL A 66 -7.35 3.26 6.04
N ARG A 67 -8.28 3.00 6.99
CA ARG A 67 -9.67 2.52 6.69
C ARG A 67 -10.37 3.36 5.60
N ASP A 68 -10.16 4.68 5.66
CA ASP A 68 -10.88 5.68 4.85
C ASP A 68 -10.28 5.79 3.44
N ILE A 69 -8.96 5.61 3.33
CA ILE A 69 -8.24 5.57 2.03
C ILE A 69 -8.51 4.24 1.29
N VAL A 70 -8.50 3.14 2.05
CA VAL A 70 -8.66 1.79 1.52
C VAL A 70 -10.07 1.60 0.96
N GLU A 71 -11.10 2.00 1.74
CA GLU A 71 -12.51 1.91 1.30
C GLU A 71 -12.78 2.80 0.08
N TYR A 72 -12.08 3.98 0.02
CA TYR A 72 -12.13 4.90 -1.13
C TYR A 72 -11.77 4.16 -2.43
N ALA A 73 -10.59 3.52 -2.42
CA ALA A 73 -10.04 2.80 -3.58
C ALA A 73 -10.94 1.60 -3.99
N GLN A 74 -11.56 0.94 -2.99
CA GLN A 74 -12.47 -0.21 -3.22
C GLN A 74 -13.79 0.25 -3.89
N LYS A 75 -14.23 1.49 -3.60
CA LYS A 75 -15.44 2.09 -4.24
C LYS A 75 -15.11 2.56 -5.68
N GLU A 76 -13.81 2.80 -5.96
CA GLU A 76 -13.31 3.06 -7.33
C GLU A 76 -13.22 1.73 -8.11
N GLY A 77 -13.27 0.59 -7.38
CA GLY A 77 -13.15 -0.75 -7.95
C GLY A 77 -11.71 -1.17 -8.17
N LEU A 78 -10.83 -0.72 -7.26
CA LEU A 78 -9.38 -0.95 -7.35
C LEU A 78 -8.93 -1.95 -6.27
N ARG A 79 -7.98 -2.82 -6.63
CA ARG A 79 -7.44 -3.84 -5.74
C ARG A 79 -6.44 -3.21 -4.76
N VAL A 80 -6.73 -3.28 -3.45
CA VAL A 80 -5.93 -2.63 -2.41
C VAL A 80 -5.07 -3.67 -1.66
N LEU A 81 -3.74 -3.54 -1.81
CA LEU A 81 -2.75 -4.43 -1.16
C LEU A 81 -2.04 -3.61 -0.08
N VAL A 82 -2.30 -3.89 1.19
CA VAL A 82 -1.79 -3.07 2.31
C VAL A 82 -0.60 -3.79 3.00
N ILE A 83 0.53 -3.07 3.07
CA ILE A 83 1.65 -3.41 3.97
C ILE A 83 1.58 -2.50 5.18
N MET A 84 1.82 -3.07 6.35
CA MET A 84 1.96 -2.32 7.61
C MET A 84 3.22 -2.83 8.30
N VAL A 85 4.21 -1.94 8.45
CA VAL A 85 5.50 -2.22 9.09
C VAL A 85 5.76 -1.10 10.10
N ASP A 86 5.79 -1.45 11.40
CA ASP A 86 5.96 -0.46 12.49
C ASP A 86 6.33 -1.16 13.79
N GLN A 87 7.15 -0.46 14.58
CA GLN A 87 7.45 -0.80 15.98
C GLN A 87 6.17 -0.71 16.85
N ASP A 88 5.12 -0.07 16.31
CA ASP A 88 3.76 -0.08 16.88
C ASP A 88 2.97 -1.28 16.33
N GLN A 89 3.41 -2.50 16.69
CA GLN A 89 2.76 -3.77 16.27
C GLN A 89 1.33 -3.87 16.82
N GLU A 90 1.12 -3.29 18.02
CA GLU A 90 -0.20 -3.22 18.68
C GLU A 90 -1.17 -2.35 17.86
N GLU A 91 -0.67 -1.19 17.39
CA GLU A 91 -1.46 -0.24 16.58
C GLU A 91 -1.84 -0.86 15.23
N LEU A 92 -0.85 -1.54 14.62
CA LEU A 92 -1.02 -2.25 13.34
C LEU A 92 -1.97 -3.44 13.49
N GLU A 93 -2.04 -4.02 14.71
CA GLU A 93 -2.92 -5.18 15.03
C GLU A 93 -4.40 -4.76 14.92
N ARG A 94 -4.71 -3.49 15.33
CA ARG A 94 -6.06 -2.91 15.18
C ARG A 94 -6.41 -2.70 13.70
N ILE A 95 -5.49 -2.05 12.97
CA ILE A 95 -5.66 -1.69 11.55
C ILE A 95 -5.80 -2.97 10.69
N TYR A 96 -4.93 -3.96 10.98
CA TYR A 96 -4.93 -5.28 10.34
C TYR A 96 -6.31 -5.94 10.46
N GLU A 97 -6.84 -5.92 11.71
CA GLU A 97 -8.14 -6.51 12.05
C GLU A 97 -9.26 -5.94 11.18
N GLN A 98 -9.40 -4.59 11.18
CA GLN A 98 -10.55 -3.93 10.53
C GLN A 98 -10.48 -4.01 8.98
N LEU A 99 -9.26 -4.13 8.42
CA LEU A 99 -9.05 -4.35 6.97
C LEU A 99 -9.39 -5.81 6.58
N LYS A 100 -8.83 -6.75 7.35
CA LYS A 100 -8.98 -8.22 7.15
C LYS A 100 -10.47 -8.62 7.26
N LYS A 101 -11.15 -7.97 8.22
CA LYS A 101 -12.58 -8.15 8.53
C LYS A 101 -13.46 -7.89 7.29
N ASP A 102 -13.07 -6.87 6.51
CA ASP A 102 -13.75 -6.48 5.26
C ASP A 102 -13.27 -7.36 4.07
N GLY A 103 -12.03 -7.87 4.18
CA GLY A 103 -11.45 -8.80 3.17
C GLY A 103 -10.35 -8.17 2.34
N VAL A 104 -9.66 -7.16 2.91
CA VAL A 104 -8.52 -6.48 2.26
C VAL A 104 -7.23 -7.28 2.49
N ASP A 105 -6.39 -7.41 1.43
CA ASP A 105 -5.15 -8.20 1.47
C ASP A 105 -4.08 -7.45 2.28
N VAL A 106 -3.76 -7.98 3.46
CA VAL A 106 -2.90 -7.29 4.45
C VAL A 106 -1.76 -8.17 4.97
N ARG A 107 -0.68 -7.51 5.39
CA ARG A 107 0.51 -8.14 5.99
C ARG A 107 1.11 -7.17 7.02
N VAL A 108 1.38 -7.67 8.25
CA VAL A 108 1.96 -6.89 9.35
C VAL A 108 3.29 -7.51 9.79
N THR A 109 4.28 -6.64 10.07
CA THR A 109 5.60 -7.02 10.61
C THR A 109 6.32 -5.77 11.14
N ASP A 110 7.52 -5.95 11.68
CA ASP A 110 8.39 -4.85 12.10
C ASP A 110 9.86 -5.22 11.80
N ASN A 111 10.31 -4.85 10.60
CA ASN A 111 11.70 -5.01 10.15
C ASN A 111 11.90 -4.23 8.84
N GLU A 112 13.10 -4.37 8.24
CA GLU A 112 13.44 -3.73 6.97
C GLU A 112 13.45 -4.76 5.81
N ASP A 113 14.27 -5.82 5.97
CA ASP A 113 14.61 -6.76 4.87
C ASP A 113 13.38 -7.56 4.37
N GLU A 114 12.64 -8.20 5.30
CA GLU A 114 11.40 -8.95 4.98
C GLU A 114 10.32 -8.01 4.44
N ALA A 115 10.23 -6.80 5.01
CA ALA A 115 9.29 -5.76 4.56
C ALA A 115 9.49 -5.43 3.06
N LYS A 116 10.77 -5.45 2.64
CA LYS A 116 11.19 -5.22 1.24
C LYS A 116 10.86 -6.44 0.34
N LYS A 117 10.89 -7.65 0.94
CA LYS A 117 10.49 -8.91 0.25
C LYS A 117 8.97 -8.91 -0.01
N ARG A 118 8.23 -8.38 0.98
CA ARG A 118 6.76 -8.23 0.94
C ARG A 118 6.36 -7.12 -0.03
N LEU A 119 7.26 -6.11 -0.15
CA LEU A 119 7.09 -4.97 -1.06
C LEU A 119 7.10 -5.49 -2.52
N LYS A 120 8.21 -6.15 -2.93
CA LYS A 120 8.33 -6.76 -4.27
C LYS A 120 7.20 -7.77 -4.54
N GLU A 121 6.84 -8.54 -3.50
CA GLU A 121 5.76 -9.54 -3.56
C GLU A 121 4.46 -8.95 -4.13
N LEU A 122 4.07 -7.77 -3.59
CA LEU A 122 2.83 -7.08 -4.00
C LEU A 122 2.93 -6.55 -5.44
N LEU A 123 4.13 -6.09 -5.84
CA LEU A 123 4.41 -5.66 -7.23
C LEU A 123 4.20 -6.85 -8.20
N GLU A 124 4.61 -8.05 -7.77
CA GLU A 124 4.45 -9.31 -8.55
C GLU A 124 2.97 -9.74 -8.56
N LYS A 125 2.24 -9.41 -7.47
CA LYS A 125 0.82 -9.71 -7.32
C LYS A 125 -0.06 -8.81 -8.22
N VAL A 126 0.46 -7.62 -8.57
CA VAL A 126 -0.14 -6.76 -9.60
C VAL A 126 0.04 -7.44 -10.98
N LEU A 127 1.24 -8.00 -11.19
CA LEU A 127 1.66 -8.61 -12.48
C LEU A 127 0.98 -9.98 -12.73
N GLU A 128 0.41 -10.57 -11.65
CA GLU A 128 -0.50 -11.75 -11.78
C GLU A 128 -1.71 -11.42 -12.67
N HIS A 129 -2.18 -10.17 -12.54
CA HIS A 129 -3.35 -9.65 -13.27
C HIS A 129 -2.90 -9.06 -14.61
N HIS A 130 -3.77 -9.21 -15.63
CA HIS A 130 -3.56 -8.62 -16.97
C HIS A 130 -3.61 -7.09 -16.85
N HIS A 131 -2.61 -6.42 -17.43
CA HIS A 131 -2.51 -4.94 -17.42
C HIS A 131 -3.60 -4.34 -18.31
N HIS A 132 -3.79 -3.02 -18.22
CA HIS A 132 -4.69 -2.27 -19.11
C HIS A 132 -4.12 -2.22 -20.56
N HIS A 133 -2.86 -2.67 -20.73
CA HIS A 133 -2.25 -2.97 -22.04
C HIS A 133 -2.87 -4.27 -22.59
N HIS A 134 -3.50 -4.18 -23.79
CA HIS A 134 -4.23 -5.31 -24.41
C HIS A 134 -3.25 -6.46 -24.82
N MET A 1 -3.80 -4.68 -12.94
CA MET A 1 -2.78 -3.63 -13.10
C MET A 1 -3.24 -2.35 -12.38
N GLY A 2 -4.39 -1.76 -12.81
CA GLY A 2 -4.97 -0.61 -12.09
C GLY A 2 -5.39 -0.99 -10.67
N THR A 3 -4.47 -0.79 -9.70
CA THR A 3 -4.57 -1.34 -8.33
C THR A 3 -3.88 -0.40 -7.33
N VAL A 4 -4.43 -0.28 -6.10
CA VAL A 4 -3.87 0.59 -5.04
C VAL A 4 -3.10 -0.25 -4.01
N VAL A 5 -1.96 0.29 -3.55
CA VAL A 5 -1.14 -0.28 -2.49
C VAL A 5 -0.98 0.79 -1.40
N ILE A 6 -1.54 0.54 -0.20
CA ILE A 6 -1.40 1.44 0.97
C ILE A 6 -0.29 0.92 1.89
N VAL A 7 0.87 1.54 1.81
CA VAL A 7 2.01 1.24 2.68
C VAL A 7 2.08 2.31 3.77
N VAL A 8 2.00 1.88 5.03
CA VAL A 8 2.09 2.75 6.20
C VAL A 8 3.29 2.32 7.04
N SER A 9 4.20 3.27 7.33
CA SER A 9 5.30 3.06 8.26
C SER A 9 5.52 4.35 9.06
N ARG A 10 5.46 4.24 10.39
CA ARG A 10 5.79 5.33 11.32
C ARG A 10 7.29 5.66 11.22
N ASP A 11 8.09 4.61 10.92
CA ASP A 11 9.50 4.75 10.52
C ASP A 11 9.55 5.07 9.01
N GLU A 12 9.79 6.36 8.68
CA GLU A 12 9.96 6.83 7.29
C GLU A 12 11.19 6.18 6.62
N ARG A 13 12.13 5.72 7.46
CA ARG A 13 13.37 5.05 7.04
C ARG A 13 13.08 3.72 6.30
N ILE A 14 11.94 3.10 6.63
CA ILE A 14 11.44 1.92 5.92
C ILE A 14 10.83 2.33 4.55
N LEU A 15 10.02 3.42 4.56
CA LEU A 15 9.28 3.92 3.35
C LEU A 15 10.23 4.21 2.15
N GLU A 16 11.36 4.86 2.45
CA GLU A 16 12.38 5.25 1.43
C GLU A 16 13.09 4.01 0.82
N GLU A 17 13.25 2.96 1.64
CA GLU A 17 13.81 1.67 1.20
C GLU A 17 12.82 0.93 0.28
N LEU A 18 11.54 0.96 0.68
CA LEU A 18 10.42 0.34 -0.06
C LEU A 18 10.19 1.03 -1.41
N LEU A 19 10.51 2.34 -1.45
CA LEU A 19 10.49 3.17 -2.67
C LEU A 19 11.43 2.57 -3.73
N GLU A 20 12.66 2.26 -3.28
CA GLU A 20 13.71 1.64 -4.13
C GLU A 20 13.27 0.25 -4.63
N VAL A 21 12.54 -0.50 -3.78
CA VAL A 21 12.06 -1.85 -4.09
C VAL A 21 11.09 -1.82 -5.30
N VAL A 22 10.21 -0.79 -5.35
CA VAL A 22 9.30 -0.56 -6.49
C VAL A 22 10.13 -0.26 -7.76
N LEU A 23 11.14 0.62 -7.60
CA LEU A 23 12.02 1.06 -8.70
C LEU A 23 12.83 -0.11 -9.31
N LYS A 24 13.12 -1.13 -8.48
CA LYS A 24 13.83 -2.35 -8.90
C LYS A 24 12.88 -3.29 -9.69
N SER A 25 11.67 -3.46 -9.14
CA SER A 25 10.69 -4.43 -9.65
C SER A 25 10.01 -3.94 -10.95
N ASP A 26 9.34 -2.77 -10.84
CA ASP A 26 8.65 -2.14 -11.98
C ASP A 26 8.51 -0.61 -11.74
N PRO A 27 9.21 0.24 -12.55
CA PRO A 27 9.17 1.72 -12.41
C PRO A 27 7.91 2.36 -13.04
N ASN A 28 7.11 1.54 -13.76
CA ASN A 28 5.88 2.00 -14.45
C ASN A 28 4.74 2.17 -13.43
N VAL A 29 4.88 1.49 -12.28
CA VAL A 29 4.04 1.73 -11.10
C VAL A 29 4.34 3.12 -10.54
N LYS A 30 3.27 3.88 -10.26
CA LYS A 30 3.36 5.21 -9.66
C LYS A 30 3.64 5.08 -8.15
N THR A 31 4.56 5.88 -7.59
CA THR A 31 4.84 5.92 -6.15
C THR A 31 4.68 7.33 -5.62
N VAL A 32 4.01 7.47 -4.46
CA VAL A 32 3.74 8.77 -3.82
C VAL A 32 3.96 8.64 -2.31
N ARG A 33 5.03 9.28 -1.79
CA ARG A 33 5.35 9.27 -0.35
C ARG A 33 4.78 10.55 0.27
N THR A 34 3.54 10.46 0.75
CA THR A 34 2.79 11.59 1.32
C THR A 34 2.45 11.31 2.80
N ASP A 35 1.83 12.31 3.45
CA ASP A 35 1.32 12.19 4.83
C ASP A 35 -0.18 12.57 4.88
N ASP A 36 -0.61 13.39 3.91
CA ASP A 36 -1.98 13.92 3.85
C ASP A 36 -2.92 12.88 3.22
N LYS A 37 -4.04 12.64 3.93
CA LYS A 37 -5.09 11.64 3.59
C LYS A 37 -5.75 11.91 2.21
N GLU A 38 -6.01 13.22 1.90
CA GLU A 38 -6.75 13.61 0.69
C GLU A 38 -5.82 13.52 -0.52
N LYS A 39 -4.51 13.79 -0.29
CA LYS A 39 -3.47 13.67 -1.33
C LYS A 39 -3.38 12.22 -1.83
N VAL A 40 -3.46 11.25 -0.90
CA VAL A 40 -3.49 9.82 -1.24
C VAL A 40 -4.65 9.53 -2.22
N LYS A 41 -5.83 10.03 -1.86
CA LYS A 41 -7.10 9.84 -2.61
C LYS A 41 -7.05 10.51 -4.00
N GLU A 42 -6.30 11.63 -4.10
CA GLU A 42 -6.01 12.30 -5.39
C GLU A 42 -5.27 11.33 -6.31
N GLU A 43 -4.18 10.75 -5.76
CA GLU A 43 -3.27 9.88 -6.49
C GLU A 43 -3.88 8.50 -6.81
N ILE A 44 -4.84 8.04 -5.96
CA ILE A 44 -5.60 6.81 -6.18
C ILE A 44 -6.32 6.90 -7.54
N GLU A 45 -7.12 7.98 -7.70
CA GLU A 45 -7.90 8.22 -8.93
C GLU A 45 -6.97 8.36 -10.16
N LYS A 46 -5.91 9.17 -10.01
CA LYS A 46 -4.96 9.47 -11.10
C LYS A 46 -4.35 8.20 -11.71
N ALA A 47 -3.60 7.44 -10.88
CA ALA A 47 -2.88 6.22 -11.33
C ALA A 47 -3.85 5.15 -11.88
N ARG A 48 -4.98 4.99 -11.19
CA ARG A 48 -6.10 4.12 -11.59
C ARG A 48 -6.54 4.39 -13.04
N LYS A 49 -6.87 5.66 -13.30
CA LYS A 49 -7.46 6.12 -14.58
C LYS A 49 -6.40 6.28 -15.67
N GLN A 50 -5.12 6.38 -15.27
CA GLN A 50 -3.96 6.28 -16.21
C GLN A 50 -3.79 4.83 -16.69
N GLY A 51 -4.23 3.87 -15.86
CA GLY A 51 -4.19 2.44 -16.19
C GLY A 51 -2.94 1.75 -15.66
N ARG A 52 -2.45 2.21 -14.51
CA ARG A 52 -1.22 1.71 -13.85
C ARG A 52 -1.49 1.45 -12.35
N PRO A 53 -0.63 0.61 -11.67
CA PRO A 53 -0.67 0.44 -10.21
C PRO A 53 -0.12 1.68 -9.48
N ILE A 54 -0.28 1.72 -8.15
CA ILE A 54 0.28 2.78 -7.31
C ILE A 54 0.62 2.27 -5.92
N VAL A 55 1.81 2.67 -5.43
CA VAL A 55 2.29 2.37 -4.08
C VAL A 55 2.41 3.71 -3.32
N ILE A 56 1.49 3.92 -2.39
CA ILE A 56 1.46 5.11 -1.54
C ILE A 56 2.22 4.80 -0.24
N PHE A 57 3.18 5.66 0.11
CA PHE A 57 3.90 5.57 1.39
C PHE A 57 3.38 6.70 2.30
N ILE A 58 2.54 6.35 3.29
CA ILE A 58 1.95 7.34 4.21
C ILE A 58 2.77 7.33 5.51
N ARG A 59 3.21 8.53 5.94
CA ARG A 59 3.98 8.72 7.18
C ARG A 59 3.06 8.47 8.40
N GLY A 60 3.27 7.32 9.07
CA GLY A 60 2.65 7.00 10.36
C GLY A 60 1.13 7.17 10.44
N ALA A 61 0.43 6.71 9.39
CA ALA A 61 -1.04 6.81 9.31
C ALA A 61 -1.70 5.84 10.31
N THR A 62 -2.44 6.40 11.27
CA THR A 62 -3.22 5.61 12.24
C THR A 62 -4.56 5.15 11.58
N GLU A 63 -5.35 4.34 12.33
CA GLU A 63 -6.54 3.63 11.80
C GLU A 63 -7.50 4.54 11.04
N GLU A 64 -7.94 5.64 11.70
CA GLU A 64 -8.93 6.61 11.17
C GLU A 64 -8.58 7.13 9.75
N VAL A 65 -7.27 7.21 9.47
CA VAL A 65 -6.75 7.63 8.16
C VAL A 65 -6.81 6.44 7.17
N VAL A 66 -6.14 5.33 7.54
CA VAL A 66 -5.92 4.17 6.65
C VAL A 66 -7.25 3.53 6.20
N ARG A 67 -8.11 3.19 7.19
CA ARG A 67 -9.41 2.52 6.96
C ARG A 67 -10.30 3.29 5.95
N ASP A 68 -10.21 4.63 6.02
CA ASP A 68 -11.05 5.56 5.24
C ASP A 68 -10.52 5.67 3.80
N ILE A 69 -9.19 5.61 3.67
CA ILE A 69 -8.50 5.61 2.36
C ILE A 69 -8.71 4.25 1.63
N VAL A 70 -8.67 3.15 2.40
CA VAL A 70 -8.82 1.78 1.88
C VAL A 70 -10.22 1.58 1.28
N GLU A 71 -11.26 1.95 2.06
CA GLU A 71 -12.66 1.82 1.61
C GLU A 71 -12.95 2.74 0.41
N TYR A 72 -12.20 3.86 0.31
CA TYR A 72 -12.27 4.78 -0.84
C TYR A 72 -11.74 4.10 -2.12
N ALA A 73 -10.59 3.43 -1.99
CA ALA A 73 -9.96 2.69 -3.11
C ALA A 73 -10.85 1.51 -3.55
N GLN A 74 -11.68 1.00 -2.62
CA GLN A 74 -12.69 -0.04 -2.89
C GLN A 74 -13.97 0.55 -3.51
N LYS A 75 -14.22 1.86 -3.26
CA LYS A 75 -15.28 2.63 -3.96
C LYS A 75 -14.87 2.89 -5.42
N GLU A 76 -13.54 2.98 -5.64
CA GLU A 76 -12.93 3.02 -6.98
C GLU A 76 -12.93 1.61 -7.64
N GLY A 77 -13.32 0.59 -6.84
CA GLY A 77 -13.51 -0.78 -7.31
C GLY A 77 -12.21 -1.54 -7.52
N LEU A 78 -11.19 -1.21 -6.69
CA LEU A 78 -9.83 -1.76 -6.83
C LEU A 78 -9.47 -2.64 -5.62
N ARG A 79 -8.52 -3.56 -5.86
CA ARG A 79 -7.82 -4.30 -4.81
C ARG A 79 -6.88 -3.32 -4.06
N VAL A 80 -6.82 -3.46 -2.73
CA VAL A 80 -5.96 -2.65 -1.87
C VAL A 80 -4.93 -3.58 -1.17
N LEU A 81 -3.63 -3.31 -1.37
CA LEU A 81 -2.54 -4.05 -0.73
C LEU A 81 -2.00 -3.20 0.42
N VAL A 82 -2.27 -3.57 1.67
CA VAL A 82 -1.87 -2.76 2.83
C VAL A 82 -0.68 -3.41 3.56
N ILE A 83 0.50 -2.79 3.44
CA ILE A 83 1.71 -3.17 4.20
C ILE A 83 1.90 -2.15 5.32
N MET A 84 1.69 -2.57 6.57
CA MET A 84 1.95 -1.72 7.74
C MET A 84 3.12 -2.33 8.51
N VAL A 85 4.25 -1.62 8.52
CA VAL A 85 5.54 -2.11 9.07
C VAL A 85 6.28 -0.98 9.78
N ASP A 86 6.54 -1.19 11.06
CA ASP A 86 7.39 -0.34 11.92
C ASP A 86 7.44 -0.98 13.33
N GLN A 87 7.92 -0.20 14.31
CA GLN A 87 8.10 -0.65 15.70
C GLN A 87 6.76 -1.05 16.38
N ASP A 88 5.73 -0.21 16.23
CA ASP A 88 4.45 -0.36 16.97
C ASP A 88 3.57 -1.43 16.30
N GLN A 89 3.81 -2.70 16.67
CA GLN A 89 3.09 -3.86 16.11
C GLN A 89 1.61 -3.90 16.55
N GLU A 90 1.30 -3.26 17.71
CA GLU A 90 -0.07 -3.23 18.26
C GLU A 90 -1.02 -2.46 17.33
N GLU A 91 -0.59 -1.25 16.91
CA GLU A 91 -1.37 -0.36 16.04
C GLU A 91 -1.45 -0.92 14.62
N LEU A 92 -0.34 -1.54 14.18
CA LEU A 92 -0.27 -2.25 12.90
C LEU A 92 -1.33 -3.37 12.83
N GLU A 93 -1.44 -4.15 13.92
CA GLU A 93 -2.38 -5.27 14.04
C GLU A 93 -3.84 -4.77 14.22
N ARG A 94 -3.97 -3.58 14.85
CA ARG A 94 -5.27 -2.90 15.05
C ARG A 94 -5.93 -2.57 13.70
N ILE A 95 -5.18 -1.85 12.85
CA ILE A 95 -5.63 -1.44 11.52
C ILE A 95 -5.83 -2.69 10.63
N TYR A 96 -4.86 -3.63 10.74
CA TYR A 96 -4.84 -4.93 10.02
C TYR A 96 -6.17 -5.65 10.17
N GLU A 97 -6.64 -5.80 11.43
CA GLU A 97 -7.88 -6.53 11.77
C GLU A 97 -9.09 -5.92 11.04
N GLN A 98 -9.23 -4.58 11.14
CA GLN A 98 -10.33 -3.80 10.54
C GLN A 98 -10.45 -4.08 9.02
N LEU A 99 -9.30 -4.12 8.35
CA LEU A 99 -9.22 -4.29 6.89
C LEU A 99 -9.31 -5.79 6.48
N LYS A 100 -8.81 -6.67 7.37
CA LYS A 100 -8.68 -8.12 7.11
C LYS A 100 -10.07 -8.77 7.09
N LYS A 101 -10.92 -8.33 8.04
CA LYS A 101 -12.33 -8.76 8.15
C LYS A 101 -13.09 -8.57 6.82
N ASP A 102 -12.84 -7.43 6.18
CA ASP A 102 -13.51 -7.03 4.94
C ASP A 102 -13.10 -7.92 3.74
N GLY A 103 -11.87 -8.44 3.80
CA GLY A 103 -11.30 -9.26 2.71
C GLY A 103 -10.23 -8.53 1.92
N VAL A 104 -9.80 -7.36 2.44
CA VAL A 104 -8.67 -6.58 1.87
C VAL A 104 -7.35 -7.35 2.08
N ASP A 105 -6.45 -7.35 1.06
CA ASP A 105 -5.13 -7.97 1.21
C ASP A 105 -4.28 -7.08 2.12
N VAL A 106 -3.88 -7.65 3.26
CA VAL A 106 -3.21 -6.93 4.35
C VAL A 106 -2.14 -7.83 4.95
N ARG A 107 -1.04 -7.20 5.40
CA ARG A 107 0.09 -7.88 6.02
C ARG A 107 0.88 -6.89 6.90
N VAL A 108 1.33 -7.40 8.07
CA VAL A 108 2.07 -6.61 9.07
C VAL A 108 3.28 -7.41 9.58
N THR A 109 4.36 -6.69 9.87
CA THR A 109 5.57 -7.24 10.49
C THR A 109 6.36 -6.09 11.11
N ASP A 110 7.10 -6.36 12.19
CA ASP A 110 7.95 -5.34 12.83
C ASP A 110 9.43 -5.61 12.48
N ASN A 111 9.85 -5.09 11.30
CA ASN A 111 11.25 -5.11 10.79
C ASN A 111 11.24 -4.69 9.31
N GLU A 112 12.33 -4.03 8.89
CA GLU A 112 12.46 -3.44 7.55
C GLU A 112 12.66 -4.51 6.45
N ASP A 113 13.45 -5.55 6.76
CA ASP A 113 13.88 -6.58 5.77
C ASP A 113 12.67 -7.30 5.14
N GLU A 114 11.76 -7.79 5.99
CA GLU A 114 10.59 -8.56 5.56
C GLU A 114 9.59 -7.69 4.78
N ALA A 115 9.51 -6.39 5.17
CA ALA A 115 8.68 -5.40 4.48
C ALA A 115 9.04 -5.28 3.00
N LYS A 116 10.36 -5.27 2.74
CA LYS A 116 10.94 -5.07 1.38
C LYS A 116 10.71 -6.30 0.49
N LYS A 117 10.62 -7.47 1.13
CA LYS A 117 10.33 -8.74 0.46
C LYS A 117 8.85 -8.80 0.06
N ARG A 118 7.97 -8.41 1.00
CA ARG A 118 6.50 -8.41 0.78
C ARG A 118 6.08 -7.26 -0.15
N LEU A 119 6.88 -6.19 -0.18
CA LEU A 119 6.67 -5.03 -1.07
C LEU A 119 6.84 -5.50 -2.52
N LYS A 120 7.99 -6.16 -2.75
CA LYS A 120 8.35 -6.75 -4.05
C LYS A 120 7.33 -7.80 -4.50
N GLU A 121 6.80 -8.55 -3.52
CA GLU A 121 5.75 -9.57 -3.73
C GLU A 121 4.49 -8.96 -4.38
N LEU A 122 4.12 -7.74 -3.93
CA LEU A 122 2.93 -7.01 -4.46
C LEU A 122 3.17 -6.61 -5.91
N LEU A 123 4.38 -6.11 -6.18
CA LEU A 123 4.83 -5.72 -7.52
C LEU A 123 4.74 -6.91 -8.51
N GLU A 124 4.92 -8.12 -7.99
CA GLU A 124 4.74 -9.36 -8.75
C GLU A 124 3.24 -9.64 -8.96
N LYS A 125 2.47 -9.64 -7.85
CA LYS A 125 1.05 -10.08 -7.83
C LYS A 125 0.11 -9.18 -8.66
N VAL A 126 0.45 -7.88 -8.79
CA VAL A 126 -0.38 -6.91 -9.53
C VAL A 126 -0.16 -7.05 -11.05
N LEU A 127 1.11 -7.31 -11.45
CA LEU A 127 1.49 -7.50 -12.88
C LEU A 127 0.99 -8.88 -13.37
N GLU A 128 1.16 -9.91 -12.52
CA GLU A 128 0.58 -11.25 -12.74
C GLU A 128 -0.95 -11.19 -12.81
N HIS A 129 -1.53 -10.50 -11.80
CA HIS A 129 -2.99 -10.43 -11.54
C HIS A 129 -3.59 -11.85 -11.30
N HIS A 130 -2.70 -12.81 -10.97
CA HIS A 130 -3.07 -14.22 -10.72
C HIS A 130 -3.39 -14.41 -9.24
N HIS A 131 -4.40 -15.25 -8.97
CA HIS A 131 -4.85 -15.58 -7.61
C HIS A 131 -4.04 -16.76 -7.02
N HIS A 132 -2.70 -16.71 -7.23
CA HIS A 132 -1.75 -17.70 -6.70
C HIS A 132 -1.71 -17.65 -5.16
N HIS A 133 -2.03 -16.45 -4.63
CA HIS A 133 -2.27 -16.22 -3.18
C HIS A 133 -3.30 -15.10 -3.02
N HIS A 134 -3.93 -15.04 -1.84
CA HIS A 134 -4.85 -13.95 -1.44
C HIS A 134 -4.06 -12.63 -1.36
N MET A 1 -4.54 -0.99 -15.27
CA MET A 1 -4.85 -1.62 -13.96
C MET A 1 -5.40 -0.56 -12.99
N GLY A 2 -6.06 -1.06 -11.93
CA GLY A 2 -6.57 -0.24 -10.85
C GLY A 2 -6.20 -0.89 -9.53
N THR A 3 -4.92 -0.81 -9.19
CA THR A 3 -4.35 -1.46 -7.99
C THR A 3 -3.78 -0.38 -7.06
N VAL A 4 -4.31 -0.28 -5.84
CA VAL A 4 -3.83 0.69 -4.83
C VAL A 4 -3.22 -0.07 -3.64
N VAL A 5 -1.88 -0.04 -3.54
CA VAL A 5 -1.14 -0.66 -2.42
C VAL A 5 -0.92 0.41 -1.33
N ILE A 6 -1.53 0.22 -0.15
CA ILE A 6 -1.44 1.17 0.98
C ILE A 6 -0.36 0.70 1.95
N VAL A 7 0.77 1.42 1.98
CA VAL A 7 1.89 1.12 2.88
C VAL A 7 1.88 2.14 4.04
N VAL A 8 1.96 1.60 5.27
CA VAL A 8 1.82 2.37 6.52
C VAL A 8 3.10 2.20 7.36
N SER A 9 3.87 3.28 7.51
CA SER A 9 4.99 3.34 8.48
C SER A 9 5.09 4.75 9.05
N ARG A 10 5.25 4.85 10.38
CA ARG A 10 5.49 6.12 11.09
C ARG A 10 6.83 6.71 10.65
N ASP A 11 7.83 5.83 10.50
CA ASP A 11 9.14 6.20 10.00
C ASP A 11 9.12 6.28 8.46
N GLU A 12 9.44 7.47 7.93
CA GLU A 12 9.39 7.77 6.50
C GLU A 12 10.56 7.10 5.74
N ARG A 13 11.60 6.70 6.49
CA ARG A 13 12.79 6.04 5.93
C ARG A 13 12.51 4.59 5.57
N ILE A 14 11.66 3.91 6.37
CA ILE A 14 11.17 2.56 6.03
C ILE A 14 10.38 2.63 4.71
N LEU A 15 9.56 3.68 4.58
CA LEU A 15 8.75 3.94 3.37
C LEU A 15 9.61 4.04 2.10
N GLU A 16 10.81 4.68 2.19
CA GLU A 16 11.71 4.83 1.03
C GLU A 16 12.51 3.54 0.76
N GLU A 17 12.72 2.71 1.81
CA GLU A 17 13.32 1.37 1.66
C GLU A 17 12.36 0.43 0.91
N LEU A 18 11.06 0.59 1.18
CA LEU A 18 9.99 -0.15 0.51
C LEU A 18 9.75 0.43 -0.91
N LEU A 19 10.02 1.75 -1.05
CA LEU A 19 9.92 2.47 -2.34
C LEU A 19 10.91 1.91 -3.37
N GLU A 20 12.18 1.68 -2.95
CA GLU A 20 13.24 1.23 -3.87
C GLU A 20 12.90 -0.15 -4.46
N VAL A 21 12.15 -0.98 -3.72
CA VAL A 21 11.75 -2.33 -4.13
C VAL A 21 10.84 -2.28 -5.37
N VAL A 22 9.94 -1.28 -5.41
CA VAL A 22 9.07 -1.04 -6.58
C VAL A 22 9.94 -0.67 -7.79
N LEU A 23 10.92 0.22 -7.55
CA LEU A 23 11.75 0.83 -8.60
C LEU A 23 12.76 -0.16 -9.20
N LYS A 24 13.31 -1.07 -8.35
CA LYS A 24 14.27 -2.11 -8.79
C LYS A 24 13.54 -3.14 -9.67
N SER A 25 12.25 -3.39 -9.35
CA SER A 25 11.37 -4.25 -10.14
C SER A 25 10.98 -3.52 -11.45
N ASP A 26 10.00 -2.61 -11.35
CA ASP A 26 9.46 -1.83 -12.49
C ASP A 26 9.15 -0.37 -12.04
N PRO A 27 9.77 0.66 -12.69
CA PRO A 27 9.42 2.09 -12.44
C PRO A 27 8.08 2.49 -13.12
N ASN A 28 7.46 1.52 -13.82
CA ASN A 28 6.15 1.69 -14.51
C ASN A 28 5.00 1.77 -13.50
N VAL A 29 5.19 1.18 -12.33
CA VAL A 29 4.23 1.26 -11.23
C VAL A 29 4.38 2.64 -10.57
N LYS A 30 3.30 3.44 -10.60
CA LYS A 30 3.27 4.79 -10.02
C LYS A 30 3.49 4.73 -8.50
N THR A 31 4.36 5.60 -7.97
CA THR A 31 4.72 5.61 -6.54
C THR A 31 4.59 7.02 -5.93
N VAL A 32 4.03 7.08 -4.71
CA VAL A 32 3.83 8.32 -3.93
C VAL A 32 4.22 8.06 -2.47
N ARG A 33 4.98 8.99 -1.86
CA ARG A 33 5.30 8.97 -0.41
C ARG A 33 4.83 10.28 0.22
N THR A 34 3.59 10.28 0.72
CA THR A 34 2.95 11.48 1.32
C THR A 34 2.77 11.27 2.84
N ASP A 35 2.31 12.32 3.54
CA ASP A 35 1.94 12.26 4.97
C ASP A 35 0.45 12.59 5.15
N ASP A 36 -0.18 13.08 4.06
CA ASP A 36 -1.59 13.51 4.06
C ASP A 36 -2.49 12.40 3.49
N LYS A 37 -3.61 12.14 4.17
CA LYS A 37 -4.54 11.02 3.82
C LYS A 37 -5.34 11.28 2.53
N GLU A 38 -5.88 12.50 2.37
CA GLU A 38 -6.77 12.82 1.23
C GLU A 38 -5.99 13.25 -0.02
N LYS A 39 -4.70 13.57 0.16
CA LYS A 39 -3.76 13.77 -0.97
C LYS A 39 -3.64 12.45 -1.75
N VAL A 40 -3.60 11.33 -0.98
CA VAL A 40 -3.56 9.97 -1.54
C VAL A 40 -4.72 9.76 -2.52
N LYS A 41 -5.92 10.19 -2.10
CA LYS A 41 -7.17 10.04 -2.89
C LYS A 41 -7.09 10.77 -4.22
N GLU A 42 -6.53 12.00 -4.17
CA GLU A 42 -6.30 12.83 -5.37
C GLU A 42 -5.36 12.12 -6.35
N GLU A 43 -4.36 11.43 -5.80
CA GLU A 43 -3.35 10.70 -6.57
C GLU A 43 -3.82 9.29 -6.98
N ILE A 44 -4.86 8.77 -6.29
CA ILE A 44 -5.59 7.56 -6.71
C ILE A 44 -6.35 7.88 -8.01
N GLU A 45 -6.94 9.09 -8.07
CA GLU A 45 -7.64 9.60 -9.27
C GLU A 45 -6.65 9.74 -10.45
N LYS A 46 -5.44 10.28 -10.16
CA LYS A 46 -4.37 10.47 -11.16
C LYS A 46 -4.01 9.13 -11.82
N ALA A 47 -3.72 8.11 -10.97
CA ALA A 47 -3.36 6.76 -11.43
C ALA A 47 -4.54 6.05 -12.11
N ARG A 48 -5.77 6.38 -11.70
CA ARG A 48 -7.01 5.81 -12.25
C ARG A 48 -7.24 6.27 -13.71
N LYS A 49 -6.96 7.56 -13.97
CA LYS A 49 -7.09 8.17 -15.31
C LYS A 49 -5.99 7.68 -16.25
N GLN A 50 -4.81 7.39 -15.66
CA GLN A 50 -3.66 6.80 -16.37
C GLN A 50 -3.88 5.29 -16.60
N GLY A 51 -4.67 4.67 -15.70
CA GLY A 51 -4.90 3.22 -15.74
C GLY A 51 -3.65 2.44 -15.32
N ARG A 52 -2.99 2.93 -14.26
CA ARG A 52 -1.73 2.37 -13.75
C ARG A 52 -1.91 1.83 -12.32
N PRO A 53 -1.12 0.78 -11.92
CA PRO A 53 -0.99 0.39 -10.51
C PRO A 53 -0.18 1.45 -9.73
N ILE A 54 -0.64 1.79 -8.53
CA ILE A 54 0.00 2.80 -7.67
C ILE A 54 0.30 2.20 -6.28
N VAL A 55 1.47 2.56 -5.74
CA VAL A 55 1.90 2.17 -4.39
C VAL A 55 2.10 3.46 -3.59
N ILE A 56 1.32 3.59 -2.53
CA ILE A 56 1.30 4.76 -1.64
C ILE A 56 2.10 4.44 -0.37
N PHE A 57 2.84 5.43 0.13
CA PHE A 57 3.64 5.33 1.36
C PHE A 57 3.25 6.51 2.26
N ILE A 58 2.47 6.26 3.32
CA ILE A 58 1.94 7.32 4.20
C ILE A 58 2.74 7.36 5.51
N ARG A 59 3.32 8.54 5.81
CA ARG A 59 4.10 8.75 7.04
C ARG A 59 3.14 8.92 8.25
N GLY A 60 3.08 7.88 9.09
CA GLY A 60 2.26 7.91 10.31
C GLY A 60 0.78 7.78 10.06
N ALA A 61 0.41 6.84 9.16
CA ALA A 61 -1.00 6.58 8.83
C ALA A 61 -1.73 5.90 10.01
N THR A 62 -2.66 6.64 10.62
CA THR A 62 -3.48 6.14 11.75
C THR A 62 -4.64 5.27 11.24
N GLU A 63 -5.37 4.65 12.18
CA GLU A 63 -6.54 3.79 11.89
C GLU A 63 -7.52 4.47 10.91
N GLU A 64 -7.87 5.75 11.22
CA GLU A 64 -8.81 6.54 10.43
C GLU A 64 -8.26 6.76 9.00
N VAL A 65 -6.96 7.11 8.89
CA VAL A 65 -6.29 7.39 7.62
C VAL A 65 -6.35 6.18 6.68
N VAL A 66 -5.85 5.04 7.17
CA VAL A 66 -5.71 3.81 6.38
C VAL A 66 -7.07 3.36 5.86
N ARG A 67 -8.03 3.11 6.79
CA ARG A 67 -9.35 2.53 6.47
C ARG A 67 -10.16 3.45 5.52
N ASP A 68 -9.96 4.77 5.66
CA ASP A 68 -10.66 5.81 4.89
C ASP A 68 -10.26 5.77 3.41
N ILE A 69 -8.94 5.63 3.18
CA ILE A 69 -8.36 5.52 1.83
C ILE A 69 -8.65 4.13 1.21
N VAL A 70 -8.57 3.08 2.05
CA VAL A 70 -8.84 1.69 1.64
C VAL A 70 -10.27 1.58 1.09
N GLU A 71 -11.28 2.01 1.90
CA GLU A 71 -12.70 1.91 1.52
C GLU A 71 -13.01 2.80 0.30
N TYR A 72 -12.31 3.95 0.20
CA TYR A 72 -12.40 4.86 -0.96
C TYR A 72 -12.08 4.12 -2.26
N ALA A 73 -10.90 3.45 -2.27
CA ALA A 73 -10.42 2.71 -3.44
C ALA A 73 -11.33 1.50 -3.74
N GLN A 74 -11.86 0.85 -2.68
CA GLN A 74 -12.80 -0.29 -2.80
C GLN A 74 -14.12 0.15 -3.48
N LYS A 75 -14.57 1.36 -3.13
CA LYS A 75 -15.79 1.97 -3.70
C LYS A 75 -15.54 2.43 -5.16
N GLU A 76 -14.26 2.71 -5.50
CA GLU A 76 -13.85 2.99 -6.89
C GLU A 76 -13.77 1.67 -7.70
N GLY A 77 -13.63 0.54 -6.98
CA GLY A 77 -13.51 -0.80 -7.62
C GLY A 77 -12.07 -1.17 -7.90
N LEU A 78 -11.18 -0.76 -6.98
CA LEU A 78 -9.72 -0.93 -7.12
C LEU A 78 -9.22 -1.93 -6.07
N ARG A 79 -8.32 -2.84 -6.48
CA ARG A 79 -7.74 -3.86 -5.60
C ARG A 79 -6.76 -3.22 -4.61
N VAL A 80 -7.11 -3.28 -3.31
CA VAL A 80 -6.31 -2.69 -2.23
C VAL A 80 -5.45 -3.79 -1.55
N LEU A 81 -4.13 -3.55 -1.52
CA LEU A 81 -3.15 -4.43 -0.85
C LEU A 81 -2.44 -3.57 0.22
N VAL A 82 -2.57 -3.92 1.51
CA VAL A 82 -2.07 -3.07 2.61
C VAL A 82 -0.86 -3.75 3.30
N ILE A 83 0.28 -3.04 3.31
CA ILE A 83 1.50 -3.46 4.01
C ILE A 83 1.76 -2.48 5.18
N MET A 84 1.55 -2.94 6.41
CA MET A 84 1.77 -2.15 7.63
C MET A 84 3.06 -2.62 8.28
N VAL A 85 4.05 -1.72 8.35
CA VAL A 85 5.41 -2.00 8.85
C VAL A 85 5.84 -0.88 9.80
N ASP A 86 6.06 -1.24 11.07
CA ASP A 86 6.51 -0.28 12.12
C ASP A 86 6.82 -1.06 13.40
N GLN A 87 7.67 -0.47 14.27
CA GLN A 87 8.11 -1.10 15.55
C GLN A 87 6.96 -1.26 16.55
N ASP A 88 5.90 -0.44 16.42
CA ASP A 88 4.70 -0.58 17.27
C ASP A 88 3.82 -1.66 16.63
N GLN A 89 3.97 -2.88 17.14
CA GLN A 89 3.27 -4.07 16.63
C GLN A 89 1.76 -3.99 16.91
N GLU A 90 1.36 -3.35 18.02
CA GLU A 90 -0.04 -3.32 18.48
C GLU A 90 -0.96 -2.53 17.52
N GLU A 91 -0.47 -1.37 17.00
CA GLU A 91 -1.26 -0.53 16.08
C GLU A 91 -1.32 -1.21 14.69
N LEU A 92 -0.25 -1.94 14.33
CA LEU A 92 -0.21 -2.78 13.12
C LEU A 92 -1.33 -3.82 13.18
N GLU A 93 -1.41 -4.53 14.33
CA GLU A 93 -2.43 -5.57 14.58
C GLU A 93 -3.85 -4.99 14.56
N ARG A 94 -3.99 -3.79 15.12
CA ARG A 94 -5.28 -3.08 15.26
C ARG A 94 -5.90 -2.77 13.87
N ILE A 95 -5.11 -2.10 13.02
CA ILE A 95 -5.52 -1.71 11.65
C ILE A 95 -5.73 -2.97 10.78
N TYR A 96 -4.79 -3.93 10.92
CA TYR A 96 -4.84 -5.27 10.28
C TYR A 96 -6.16 -6.00 10.57
N GLU A 97 -6.61 -5.92 11.83
CA GLU A 97 -7.85 -6.59 12.29
C GLU A 97 -9.06 -5.96 11.59
N GLN A 98 -9.08 -4.62 11.53
CA GLN A 98 -10.18 -3.84 10.92
C GLN A 98 -10.32 -4.11 9.41
N LEU A 99 -9.18 -4.22 8.72
CA LEU A 99 -9.15 -4.38 7.26
C LEU A 99 -9.45 -5.84 6.87
N LYS A 100 -8.88 -6.80 7.62
CA LYS A 100 -9.10 -8.24 7.38
C LYS A 100 -10.51 -8.67 7.87
N LYS A 101 -11.12 -7.83 8.72
CA LYS A 101 -12.55 -7.91 9.08
C LYS A 101 -13.40 -7.79 7.80
N ASP A 102 -13.06 -6.81 6.94
CA ASP A 102 -13.68 -6.64 5.61
C ASP A 102 -13.17 -7.75 4.66
N GLY A 103 -11.93 -8.21 4.87
CA GLY A 103 -11.28 -9.24 4.04
C GLY A 103 -10.34 -8.65 3.01
N VAL A 104 -9.76 -7.48 3.30
CA VAL A 104 -8.70 -6.84 2.48
C VAL A 104 -7.39 -7.64 2.62
N ASP A 105 -6.56 -7.67 1.55
CA ASP A 105 -5.22 -8.28 1.59
C ASP A 105 -4.33 -7.44 2.50
N VAL A 106 -3.94 -7.99 3.64
CA VAL A 106 -3.14 -7.28 4.68
C VAL A 106 -1.98 -8.15 5.17
N ARG A 107 -0.92 -7.47 5.61
CA ARG A 107 0.29 -8.10 6.19
C ARG A 107 1.00 -7.10 7.10
N VAL A 108 1.50 -7.59 8.25
CA VAL A 108 2.21 -6.77 9.24
C VAL A 108 3.57 -7.42 9.59
N THR A 109 4.60 -6.58 9.77
CA THR A 109 5.92 -7.03 10.25
C THR A 109 6.72 -5.82 10.79
N ASP A 110 7.39 -6.00 11.95
CA ASP A 110 8.21 -4.94 12.56
C ASP A 110 9.71 -5.18 12.25
N ASN A 111 10.15 -4.61 11.11
CA ASN A 111 11.57 -4.54 10.72
C ASN A 111 11.68 -3.77 9.38
N GLU A 112 12.87 -3.81 8.76
CA GLU A 112 13.11 -3.22 7.43
C GLU A 112 13.24 -4.33 6.36
N ASP A 113 14.09 -5.34 6.65
CA ASP A 113 14.52 -6.37 5.66
C ASP A 113 13.34 -7.20 5.13
N GLU A 114 12.69 -7.96 6.03
CA GLU A 114 11.57 -8.88 5.70
C GLU A 114 10.45 -8.11 4.96
N ALA A 115 10.22 -6.87 5.42
CA ALA A 115 9.23 -5.95 4.85
C ALA A 115 9.49 -5.65 3.36
N LYS A 116 10.78 -5.40 3.02
CA LYS A 116 11.21 -5.09 1.65
C LYS A 116 10.98 -6.28 0.70
N LYS A 117 11.11 -7.50 1.24
CA LYS A 117 10.85 -8.75 0.49
C LYS A 117 9.34 -8.96 0.30
N ARG A 118 8.53 -8.53 1.29
CA ARG A 118 7.05 -8.62 1.22
C ARG A 118 6.45 -7.49 0.36
N LEU A 119 7.25 -6.45 0.12
CA LEU A 119 6.90 -5.39 -0.84
C LEU A 119 6.93 -6.00 -2.26
N LYS A 120 8.00 -6.78 -2.55
CA LYS A 120 8.16 -7.49 -3.84
C LYS A 120 7.09 -8.60 -4.00
N GLU A 121 6.75 -9.27 -2.87
CA GLU A 121 5.73 -10.35 -2.81
C GLU A 121 4.44 -9.95 -3.55
N LEU A 122 4.02 -8.69 -3.36
CA LEU A 122 2.80 -8.15 -3.98
C LEU A 122 3.09 -7.64 -5.40
N LEU A 123 4.26 -6.97 -5.57
CA LEU A 123 4.69 -6.39 -6.87
C LEU A 123 4.59 -7.43 -8.00
N GLU A 124 5.11 -8.65 -7.76
CA GLU A 124 5.12 -9.75 -8.73
C GLU A 124 3.68 -10.11 -9.17
N LYS A 125 2.78 -10.26 -8.19
CA LYS A 125 1.38 -10.68 -8.43
C LYS A 125 0.58 -9.61 -9.22
N VAL A 126 0.92 -8.33 -8.98
CA VAL A 126 0.28 -7.19 -9.65
C VAL A 126 0.75 -7.09 -11.11
N LEU A 127 2.08 -7.18 -11.32
CA LEU A 127 2.73 -7.06 -12.65
C LEU A 127 2.32 -8.22 -13.58
N GLU A 128 2.40 -9.45 -13.05
CA GLU A 128 1.92 -10.66 -13.74
C GLU A 128 0.42 -10.58 -14.04
N HIS A 129 -0.30 -9.81 -13.19
CA HIS A 129 -1.77 -9.74 -13.16
C HIS A 129 -2.33 -11.12 -12.72
N HIS A 130 -1.52 -11.79 -11.88
CA HIS A 130 -1.68 -13.20 -11.49
C HIS A 130 -3.02 -13.42 -10.76
N HIS A 131 -3.38 -12.49 -9.87
CA HIS A 131 -4.60 -12.59 -9.04
C HIS A 131 -5.51 -11.38 -9.32
N HIS A 132 -6.82 -11.64 -9.48
CA HIS A 132 -7.85 -10.60 -9.60
C HIS A 132 -8.93 -10.87 -8.56
N HIS A 133 -9.20 -9.87 -7.71
CA HIS A 133 -10.19 -9.96 -6.64
C HIS A 133 -10.65 -8.55 -6.25
N HIS A 134 -11.93 -8.43 -5.87
CA HIS A 134 -12.51 -7.17 -5.38
C HIS A 134 -13.11 -7.43 -3.98
N MET A 1 -3.25 -4.82 -12.87
CA MET A 1 -3.20 -3.35 -13.08
C MET A 1 -4.38 -2.65 -12.38
N GLY A 2 -4.27 -1.31 -12.20
CA GLY A 2 -5.29 -0.53 -11.47
C GLY A 2 -5.41 -0.97 -10.02
N THR A 3 -4.42 -0.62 -9.21
CA THR A 3 -4.29 -1.10 -7.85
C THR A 3 -3.66 -0.03 -6.95
N VAL A 4 -4.17 0.09 -5.71
CA VAL A 4 -3.68 1.04 -4.71
C VAL A 4 -2.94 0.27 -3.59
N VAL A 5 -1.64 0.57 -3.44
CA VAL A 5 -0.78 -0.01 -2.40
C VAL A 5 -0.53 1.07 -1.32
N ILE A 6 -0.88 0.76 -0.06
CA ILE A 6 -0.70 1.68 1.08
C ILE A 6 0.40 1.15 2.01
N VAL A 7 1.52 1.87 2.04
CA VAL A 7 2.67 1.56 2.91
C VAL A 7 2.73 2.61 4.01
N VAL A 8 2.51 2.20 5.28
CA VAL A 8 2.59 3.12 6.43
C VAL A 8 3.72 2.65 7.36
N SER A 9 4.70 3.53 7.58
CA SER A 9 5.79 3.33 8.52
C SER A 9 6.11 4.67 9.17
N ARG A 10 6.26 4.69 10.51
CA ARG A 10 6.70 5.89 11.24
C ARG A 10 8.17 6.21 10.89
N ASP A 11 8.94 5.18 10.55
CA ASP A 11 10.37 5.32 10.19
C ASP A 11 10.51 5.59 8.68
N GLU A 12 11.28 6.64 8.36
CA GLU A 12 11.52 7.10 6.98
C GLU A 12 12.48 6.16 6.23
N ARG A 13 13.31 5.42 6.99
CA ARG A 13 14.25 4.44 6.43
C ARG A 13 13.49 3.28 5.78
N ILE A 14 12.48 2.73 6.50
CA ILE A 14 11.64 1.64 5.99
C ILE A 14 10.89 2.09 4.71
N LEU A 15 10.33 3.32 4.74
CA LEU A 15 9.63 3.91 3.59
C LEU A 15 10.53 3.97 2.33
N GLU A 16 11.77 4.47 2.48
CA GLU A 16 12.69 4.65 1.33
C GLU A 16 13.28 3.32 0.84
N GLU A 17 13.44 2.34 1.74
CA GLU A 17 13.90 0.98 1.35
C GLU A 17 12.86 0.32 0.44
N LEU A 18 11.58 0.46 0.85
CA LEU A 18 10.44 -0.11 0.12
C LEU A 18 10.19 0.65 -1.19
N LEU A 19 10.54 1.95 -1.21
CA LEU A 19 10.53 2.78 -2.43
C LEU A 19 11.49 2.20 -3.45
N GLU A 20 12.72 1.89 -2.98
CA GLU A 20 13.75 1.26 -3.80
C GLU A 20 13.26 -0.09 -4.34
N VAL A 21 12.65 -0.92 -3.48
CA VAL A 21 12.14 -2.26 -3.85
C VAL A 21 11.12 -2.16 -5.01
N VAL A 22 10.23 -1.16 -4.95
CA VAL A 22 9.26 -0.87 -6.04
C VAL A 22 10.00 -0.61 -7.36
N LEU A 23 11.02 0.26 -7.30
CA LEU A 23 11.78 0.72 -8.47
C LEU A 23 12.59 -0.42 -9.10
N LYS A 24 13.19 -1.29 -8.25
CA LYS A 24 14.02 -2.43 -8.72
C LYS A 24 13.15 -3.45 -9.47
N SER A 25 11.92 -3.64 -8.94
CA SER A 25 10.92 -4.55 -9.50
C SER A 25 10.42 -4.04 -10.87
N ASP A 26 9.83 -2.84 -10.86
CA ASP A 26 9.21 -2.23 -12.04
C ASP A 26 9.28 -0.68 -11.94
N PRO A 27 9.87 0.03 -12.96
CA PRO A 27 10.02 1.50 -12.94
C PRO A 27 8.74 2.27 -13.34
N ASN A 28 7.76 1.57 -13.95
CA ASN A 28 6.52 2.20 -14.47
C ASN A 28 5.56 2.54 -13.32
N VAL A 29 5.67 1.80 -12.20
CA VAL A 29 4.80 1.96 -11.02
C VAL A 29 4.85 3.41 -10.48
N LYS A 30 3.67 4.02 -10.35
CA LYS A 30 3.52 5.36 -9.78
C LYS A 30 3.83 5.31 -8.26
N THR A 31 4.74 6.15 -7.80
CA THR A 31 5.10 6.24 -6.38
C THR A 31 4.86 7.67 -5.87
N VAL A 32 4.20 7.78 -4.71
CA VAL A 32 3.82 9.06 -4.10
C VAL A 32 4.03 8.95 -2.59
N ARG A 33 4.73 9.91 -1.98
CA ARG A 33 4.91 9.95 -0.52
C ARG A 33 4.08 11.11 0.04
N THR A 34 2.82 10.80 0.36
CA THR A 34 1.90 11.72 1.04
C THR A 34 1.41 11.08 2.35
N ASP A 35 0.86 11.91 3.25
CA ASP A 35 0.32 11.46 4.55
C ASP A 35 -1.18 11.78 4.66
N ASP A 36 -1.60 12.86 3.96
CA ASP A 36 -3.01 13.30 3.92
C ASP A 36 -3.88 12.26 3.21
N LYS A 37 -4.82 11.65 3.97
CA LYS A 37 -5.82 10.69 3.44
C LYS A 37 -6.70 11.33 2.35
N GLU A 38 -6.81 12.67 2.38
CA GLU A 38 -7.46 13.48 1.35
C GLU A 38 -6.66 13.40 0.02
N LYS A 39 -5.34 13.65 0.13
CA LYS A 39 -4.42 13.69 -1.02
C LYS A 39 -4.28 12.31 -1.68
N VAL A 40 -4.25 11.24 -0.85
CA VAL A 40 -4.15 9.87 -1.35
C VAL A 40 -5.32 9.53 -2.31
N LYS A 41 -6.53 10.01 -1.93
CA LYS A 41 -7.75 9.81 -2.74
C LYS A 41 -7.63 10.47 -4.13
N GLU A 42 -6.99 11.65 -4.16
CA GLU A 42 -6.70 12.36 -5.43
C GLU A 42 -5.79 11.51 -6.32
N GLU A 43 -4.80 10.86 -5.68
CA GLU A 43 -3.85 9.97 -6.36
C GLU A 43 -4.50 8.63 -6.79
N ILE A 44 -5.56 8.20 -6.09
CA ILE A 44 -6.33 6.97 -6.42
C ILE A 44 -7.18 7.19 -7.70
N GLU A 45 -7.71 8.42 -7.87
CA GLU A 45 -8.45 8.81 -9.10
C GLU A 45 -7.53 8.70 -10.33
N LYS A 46 -6.28 9.13 -10.14
CA LYS A 46 -5.22 9.09 -11.17
C LYS A 46 -4.79 7.65 -11.44
N ALA A 47 -4.70 6.85 -10.37
CA ALA A 47 -4.37 5.41 -10.47
C ALA A 47 -5.47 4.63 -11.21
N ARG A 48 -6.71 5.16 -11.13
CA ARG A 48 -7.87 4.62 -11.86
C ARG A 48 -7.74 4.91 -13.36
N LYS A 49 -7.44 6.18 -13.69
CA LYS A 49 -7.32 6.66 -15.08
C LYS A 49 -6.18 5.97 -15.83
N GLN A 50 -4.98 6.05 -15.23
CA GLN A 50 -3.77 5.41 -15.76
C GLN A 50 -3.89 3.87 -15.69
N GLY A 51 -4.68 3.39 -14.71
CA GLY A 51 -4.91 1.96 -14.53
C GLY A 51 -3.63 1.19 -14.24
N ARG A 52 -2.75 1.80 -13.44
CA ARG A 52 -1.43 1.22 -13.08
C ARG A 52 -1.32 1.07 -11.54
N PRO A 53 -0.36 0.24 -11.02
CA PRO A 53 -0.05 0.21 -9.58
C PRO A 53 0.45 1.58 -9.08
N ILE A 54 -0.02 1.98 -7.91
CA ILE A 54 0.44 3.16 -7.20
C ILE A 54 0.84 2.75 -5.77
N VAL A 55 1.97 3.26 -5.26
CA VAL A 55 2.45 2.94 -3.91
C VAL A 55 2.58 4.25 -3.11
N ILE A 56 1.79 4.33 -2.04
CA ILE A 56 1.68 5.53 -1.20
C ILE A 56 2.48 5.31 0.09
N PHE A 57 3.52 6.13 0.29
CA PHE A 57 4.39 6.05 1.47
C PHE A 57 3.94 7.10 2.49
N ILE A 58 3.37 6.62 3.60
CA ILE A 58 2.82 7.47 4.67
C ILE A 58 3.68 7.32 5.93
N ARG A 59 4.12 8.46 6.48
CA ARG A 59 4.74 8.53 7.81
C ARG A 59 3.75 9.23 8.75
N GLY A 60 3.41 8.58 9.87
CA GLY A 60 2.56 9.18 10.89
C GLY A 60 1.10 9.23 10.47
N ALA A 61 0.47 8.05 10.45
CA ALA A 61 -0.97 7.88 10.22
C ALA A 61 -1.62 7.29 11.48
N THR A 62 -2.83 6.73 11.32
CA THR A 62 -3.52 5.95 12.35
C THR A 62 -4.66 5.16 11.68
N GLU A 63 -5.50 4.42 12.44
CA GLU A 63 -6.53 3.52 11.86
C GLU A 63 -7.49 4.30 10.96
N GLU A 64 -8.00 5.42 11.50
CA GLU A 64 -9.03 6.25 10.83
C GLU A 64 -8.51 6.87 9.52
N VAL A 65 -7.18 7.04 9.40
CA VAL A 65 -6.54 7.52 8.15
C VAL A 65 -6.53 6.41 7.09
N VAL A 66 -5.88 5.28 7.45
CA VAL A 66 -5.58 4.20 6.50
C VAL A 66 -6.87 3.55 5.97
N ARG A 67 -7.81 3.27 6.89
CA ARG A 67 -9.11 2.64 6.54
C ARG A 67 -9.94 3.57 5.62
N ASP A 68 -9.84 4.90 5.86
CA ASP A 68 -10.57 5.95 5.11
C ASP A 68 -10.06 6.05 3.66
N ILE A 69 -8.78 5.74 3.48
CA ILE A 69 -8.16 5.59 2.16
C ILE A 69 -8.65 4.30 1.45
N VAL A 70 -8.50 3.17 2.16
CA VAL A 70 -8.73 1.83 1.61
C VAL A 70 -10.21 1.64 1.17
N GLU A 71 -11.15 2.23 1.93
CA GLU A 71 -12.60 2.17 1.61
C GLU A 71 -12.93 2.91 0.31
N TYR A 72 -12.16 3.97 0.00
CA TYR A 72 -12.30 4.73 -1.26
C TYR A 72 -11.72 3.92 -2.44
N ALA A 73 -10.61 3.22 -2.20
CA ALA A 73 -9.99 2.33 -3.20
C ALA A 73 -10.92 1.14 -3.52
N GLN A 74 -11.71 0.72 -2.51
CA GLN A 74 -12.74 -0.34 -2.66
C GLN A 74 -14.02 0.21 -3.33
N LYS A 75 -14.28 1.54 -3.18
CA LYS A 75 -15.36 2.24 -3.94
C LYS A 75 -15.06 2.18 -5.45
N GLU A 76 -13.78 2.40 -5.78
CA GLU A 76 -13.27 2.32 -7.17
C GLU A 76 -13.27 0.87 -7.68
N GLY A 77 -13.27 -0.09 -6.73
CA GLY A 77 -13.19 -1.52 -7.05
C GLY A 77 -11.78 -1.96 -7.39
N LEU A 78 -10.79 -1.09 -7.06
CA LEU A 78 -9.37 -1.37 -7.27
C LEU A 78 -8.87 -2.28 -6.14
N ARG A 79 -8.00 -3.24 -6.49
CA ARG A 79 -7.33 -4.12 -5.53
C ARG A 79 -6.47 -3.26 -4.57
N VAL A 80 -6.50 -3.57 -3.29
CA VAL A 80 -5.75 -2.81 -2.27
C VAL A 80 -4.73 -3.76 -1.58
N LEU A 81 -3.46 -3.31 -1.52
CA LEU A 81 -2.36 -4.02 -0.82
C LEU A 81 -1.76 -3.08 0.24
N VAL A 82 -1.98 -3.36 1.53
CA VAL A 82 -1.49 -2.48 2.62
C VAL A 82 -0.41 -3.20 3.45
N ILE A 83 0.81 -2.63 3.46
CA ILE A 83 1.91 -3.09 4.32
C ILE A 83 2.20 -2.00 5.36
N MET A 84 2.11 -2.37 6.64
CA MET A 84 2.37 -1.48 7.77
C MET A 84 3.49 -2.08 8.62
N VAL A 85 4.63 -1.36 8.71
CA VAL A 85 5.86 -1.85 9.35
C VAL A 85 6.45 -0.78 10.28
N ASP A 86 6.44 -1.07 11.60
CA ASP A 86 7.13 -0.28 12.66
C ASP A 86 6.87 -0.94 14.04
N GLN A 87 7.35 -0.28 15.11
CA GLN A 87 7.45 -0.86 16.47
C GLN A 87 6.11 -0.85 17.23
N ASP A 88 5.17 0.02 16.81
CA ASP A 88 3.83 0.16 17.45
C ASP A 88 2.84 -0.81 16.80
N GLN A 89 3.26 -2.09 16.76
CA GLN A 89 2.59 -3.20 16.08
C GLN A 89 1.12 -3.36 16.47
N GLU A 90 0.79 -2.92 17.70
CA GLU A 90 -0.59 -2.96 18.24
C GLU A 90 -1.60 -2.25 17.29
N GLU A 91 -1.27 -0.99 16.93
CA GLU A 91 -2.10 -0.18 16.03
C GLU A 91 -2.09 -0.75 14.62
N LEU A 92 -0.93 -1.26 14.20
CA LEU A 92 -0.75 -1.85 12.87
C LEU A 92 -1.68 -3.08 12.68
N GLU A 93 -1.78 -3.91 13.73
CA GLU A 93 -2.64 -5.11 13.77
C GLU A 93 -4.12 -4.74 13.96
N ARG A 94 -4.38 -3.57 14.56
CA ARG A 94 -5.73 -3.00 14.68
C ARG A 94 -6.30 -2.69 13.29
N ILE A 95 -5.48 -2.02 12.46
CA ILE A 95 -5.81 -1.66 11.08
C ILE A 95 -5.89 -2.95 10.22
N TYR A 96 -4.93 -3.86 10.49
CA TYR A 96 -4.83 -5.16 9.79
C TYR A 96 -6.13 -5.97 9.87
N GLU A 97 -6.63 -6.22 11.10
CA GLU A 97 -7.83 -7.04 11.34
C GLU A 97 -9.07 -6.39 10.70
N GLN A 98 -9.13 -5.05 10.79
CA GLN A 98 -10.18 -4.23 10.15
C GLN A 98 -10.25 -4.53 8.64
N LEU A 99 -9.13 -4.27 7.93
CA LEU A 99 -9.03 -4.40 6.46
C LEU A 99 -9.12 -5.86 6.01
N LYS A 100 -8.73 -6.78 6.90
CA LYS A 100 -8.78 -8.23 6.66
C LYS A 100 -10.25 -8.68 6.50
N LYS A 101 -11.13 -8.13 7.36
CA LYS A 101 -12.59 -8.37 7.30
C LYS A 101 -13.20 -7.74 6.03
N ASP A 102 -12.63 -6.60 5.59
CA ASP A 102 -13.04 -5.89 4.35
C ASP A 102 -12.70 -6.71 3.07
N GLY A 103 -11.77 -7.69 3.20
CA GLY A 103 -11.34 -8.51 2.06
C GLY A 103 -10.14 -7.92 1.36
N VAL A 104 -9.29 -7.24 2.13
CA VAL A 104 -8.07 -6.58 1.63
C VAL A 104 -6.85 -7.39 2.06
N ASP A 105 -5.89 -7.59 1.14
CA ASP A 105 -4.64 -8.32 1.46
C ASP A 105 -3.71 -7.36 2.20
N VAL A 106 -3.59 -7.58 3.51
CA VAL A 106 -2.85 -6.70 4.41
C VAL A 106 -1.81 -7.49 5.20
N ARG A 107 -0.64 -6.86 5.38
CA ARG A 107 0.57 -7.49 5.93
C ARG A 107 1.18 -6.56 6.98
N VAL A 108 1.36 -7.07 8.20
CA VAL A 108 1.98 -6.31 9.30
C VAL A 108 3.15 -7.12 9.89
N THR A 109 4.28 -6.43 10.09
CA THR A 109 5.51 -7.00 10.63
C THR A 109 6.44 -5.85 10.99
N ASP A 110 7.22 -6.00 12.07
CA ASP A 110 8.20 -4.99 12.49
C ASP A 110 9.58 -5.51 12.06
N ASN A 111 9.91 -5.21 10.81
CA ASN A 111 11.04 -5.86 10.12
C ASN A 111 11.21 -5.19 8.75
N GLU A 112 12.29 -4.41 8.61
CA GLU A 112 12.60 -3.67 7.38
C GLU A 112 13.04 -4.63 6.25
N ASP A 113 13.79 -5.68 6.64
CA ASP A 113 14.32 -6.70 5.72
C ASP A 113 13.18 -7.50 5.07
N GLU A 114 12.31 -8.08 5.90
CA GLU A 114 11.19 -8.93 5.44
C GLU A 114 10.12 -8.10 4.70
N ALA A 115 10.00 -6.81 5.08
CA ALA A 115 9.10 -5.85 4.42
C ALA A 115 9.39 -5.78 2.90
N LYS A 116 10.69 -5.85 2.55
CA LYS A 116 11.19 -5.82 1.15
C LYS A 116 10.60 -6.98 0.31
N LYS A 117 10.59 -8.19 0.91
CA LYS A 117 10.13 -9.42 0.25
C LYS A 117 8.62 -9.31 -0.03
N ARG A 118 7.88 -8.98 1.03
CA ARG A 118 6.41 -8.88 1.02
C ARG A 118 5.95 -7.74 0.09
N LEU A 119 6.78 -6.68 0.00
CA LEU A 119 6.53 -5.51 -0.86
C LEU A 119 6.64 -5.93 -2.33
N LYS A 120 7.74 -6.65 -2.65
CA LYS A 120 8.04 -7.12 -4.01
C LYS A 120 6.92 -8.02 -4.56
N GLU A 121 6.36 -8.86 -3.65
CA GLU A 121 5.22 -9.74 -3.98
C GLU A 121 4.00 -8.93 -4.43
N LEU A 122 3.77 -7.74 -3.82
CA LEU A 122 2.63 -6.86 -4.17
C LEU A 122 2.71 -6.45 -5.64
N LEU A 123 3.94 -6.08 -6.08
CA LEU A 123 4.22 -5.70 -7.48
C LEU A 123 3.79 -6.85 -8.43
N GLU A 124 4.16 -8.09 -8.06
CA GLU A 124 3.87 -9.28 -8.87
C GLU A 124 2.35 -9.52 -8.95
N LYS A 125 1.65 -9.34 -7.82
CA LYS A 125 0.19 -9.55 -7.70
C LYS A 125 -0.59 -8.60 -8.62
N VAL A 126 -0.14 -7.34 -8.71
CA VAL A 126 -0.77 -6.32 -9.55
C VAL A 126 -0.52 -6.62 -11.05
N LEU A 127 0.77 -6.82 -11.38
CA LEU A 127 1.23 -7.03 -12.76
C LEU A 127 0.71 -8.37 -13.33
N GLU A 128 0.30 -9.29 -12.42
CA GLU A 128 -0.41 -10.51 -12.79
C GLU A 128 -1.81 -10.18 -13.33
N HIS A 129 -2.60 -9.45 -12.50
CA HIS A 129 -4.07 -9.29 -12.64
C HIS A 129 -4.80 -10.57 -12.18
N HIS A 130 -4.24 -11.74 -12.53
CA HIS A 130 -4.67 -13.04 -12.01
C HIS A 130 -4.76 -13.01 -10.47
N HIS A 131 -6.00 -13.06 -9.96
CA HIS A 131 -6.29 -13.12 -8.52
C HIS A 131 -5.88 -14.50 -7.98
N HIS A 132 -4.60 -14.63 -7.63
CA HIS A 132 -4.02 -15.85 -7.08
C HIS A 132 -4.52 -16.10 -5.64
N HIS A 133 -5.63 -16.84 -5.54
CA HIS A 133 -6.11 -17.41 -4.26
C HIS A 133 -5.17 -18.58 -3.87
N HIS A 134 -4.62 -19.24 -4.91
CA HIS A 134 -3.58 -20.26 -4.78
C HIS A 134 -2.25 -19.72 -5.39
N MET A 1 -9.87 -1.82 -11.81
CA MET A 1 -8.82 -1.77 -12.85
C MET A 1 -7.48 -1.41 -12.20
N GLY A 2 -7.37 -0.15 -11.73
CA GLY A 2 -6.19 0.33 -10.98
C GLY A 2 -6.09 -0.30 -9.60
N THR A 3 -4.96 -0.08 -8.93
CA THR A 3 -4.69 -0.64 -7.60
C THR A 3 -3.98 0.39 -6.72
N VAL A 4 -4.38 0.45 -5.44
CA VAL A 4 -3.82 1.35 -4.43
C VAL A 4 -3.13 0.51 -3.33
N VAL A 5 -1.80 0.52 -3.32
CA VAL A 5 -0.96 -0.17 -2.31
C VAL A 5 -0.60 0.84 -1.20
N ILE A 6 -1.11 0.61 0.02
CA ILE A 6 -0.94 1.51 1.16
C ILE A 6 0.17 0.97 2.08
N VAL A 7 1.32 1.64 2.08
CA VAL A 7 2.48 1.31 2.92
C VAL A 7 2.53 2.29 4.10
N VAL A 8 2.36 1.77 5.32
CA VAL A 8 2.29 2.56 6.56
C VAL A 8 3.52 2.28 7.44
N SER A 9 4.29 3.34 7.71
CA SER A 9 5.32 3.36 8.76
C SER A 9 5.37 4.78 9.35
N ARG A 10 5.56 4.90 10.68
CA ARG A 10 5.76 6.22 11.33
C ARG A 10 7.24 6.62 11.18
N ASP A 11 8.11 5.60 11.08
CA ASP A 11 9.53 5.76 10.80
C ASP A 11 9.71 6.05 9.29
N GLU A 12 10.12 7.29 8.97
CA GLU A 12 10.26 7.78 7.59
C GLU A 12 11.29 6.97 6.78
N ARG A 13 12.29 6.41 7.48
CA ARG A 13 13.40 5.68 6.84
C ARG A 13 12.93 4.29 6.34
N ILE A 14 11.85 3.74 6.91
CA ILE A 14 11.25 2.50 6.39
C ILE A 14 10.51 2.81 5.06
N LEU A 15 9.91 4.02 4.93
CA LEU A 15 9.26 4.45 3.66
C LEU A 15 10.29 4.60 2.53
N GLU A 16 11.53 5.06 2.83
CA GLU A 16 12.57 5.30 1.80
C GLU A 16 13.20 3.96 1.30
N GLU A 17 13.32 2.95 2.20
CA GLU A 17 13.89 1.63 1.80
C GLU A 17 12.87 0.87 0.93
N LEU A 18 11.59 0.97 1.33
CA LEU A 18 10.47 0.32 0.62
C LEU A 18 10.14 1.07 -0.69
N LEU A 19 10.54 2.35 -0.76
CA LEU A 19 10.50 3.15 -1.99
C LEU A 19 11.46 2.56 -3.03
N GLU A 20 12.71 2.30 -2.58
CA GLU A 20 13.76 1.71 -3.43
C GLU A 20 13.38 0.32 -3.94
N VAL A 21 12.56 -0.42 -3.17
CA VAL A 21 12.08 -1.77 -3.57
C VAL A 21 11.26 -1.68 -4.87
N VAL A 22 10.26 -0.75 -4.90
CA VAL A 22 9.39 -0.55 -6.09
C VAL A 22 10.23 -0.10 -7.29
N LEU A 23 11.14 0.85 -7.03
CA LEU A 23 11.94 1.52 -8.09
C LEU A 23 12.96 0.55 -8.74
N LYS A 24 13.46 -0.45 -7.96
CA LYS A 24 14.37 -1.50 -8.48
C LYS A 24 13.58 -2.55 -9.26
N SER A 25 12.41 -2.94 -8.72
CA SER A 25 11.59 -4.03 -9.27
C SER A 25 10.89 -3.58 -10.56
N ASP A 26 9.97 -2.64 -10.43
CA ASP A 26 9.14 -2.15 -11.54
C ASP A 26 8.85 -0.64 -11.36
N PRO A 27 9.77 0.26 -11.89
CA PRO A 27 9.62 1.74 -11.77
C PRO A 27 8.54 2.32 -12.71
N ASN A 28 7.85 1.43 -13.45
CA ASN A 28 6.67 1.78 -14.29
C ASN A 28 5.49 2.16 -13.38
N VAL A 29 5.41 1.48 -12.23
CA VAL A 29 4.42 1.77 -11.18
C VAL A 29 4.75 3.11 -10.51
N LYS A 30 3.71 3.94 -10.33
CA LYS A 30 3.86 5.27 -9.75
C LYS A 30 4.04 5.15 -8.22
N THR A 31 4.95 5.96 -7.66
CA THR A 31 5.19 6.04 -6.23
C THR A 31 4.98 7.49 -5.76
N VAL A 32 4.28 7.65 -4.63
CA VAL A 32 4.01 8.96 -3.98
C VAL A 32 4.17 8.79 -2.47
N ARG A 33 5.11 9.55 -1.86
CA ARG A 33 5.34 9.51 -0.39
C ARG A 33 4.75 10.79 0.22
N THR A 34 3.50 10.70 0.67
CA THR A 34 2.73 11.83 1.26
C THR A 34 2.32 11.51 2.70
N ASP A 35 1.88 12.53 3.45
CA ASP A 35 1.28 12.36 4.79
C ASP A 35 -0.16 12.95 4.81
N ASP A 36 -0.64 13.36 3.62
CA ASP A 36 -2.01 13.83 3.39
C ASP A 36 -2.82 12.69 2.76
N LYS A 37 -3.82 12.16 3.49
CA LYS A 37 -4.64 11.02 3.04
C LYS A 37 -5.64 11.46 1.94
N GLU A 38 -5.92 12.78 1.88
CA GLU A 38 -6.77 13.38 0.84
C GLU A 38 -6.00 13.49 -0.50
N LYS A 39 -4.67 13.76 -0.39
CA LYS A 39 -3.75 13.80 -1.55
C LYS A 39 -3.69 12.43 -2.25
N VAL A 40 -3.69 11.36 -1.42
CA VAL A 40 -3.71 9.97 -1.89
C VAL A 40 -4.88 9.74 -2.86
N LYS A 41 -6.07 10.26 -2.50
CA LYS A 41 -7.33 10.09 -3.26
C LYS A 41 -7.25 10.74 -4.65
N GLU A 42 -6.54 11.89 -4.72
CA GLU A 42 -6.25 12.58 -5.98
C GLU A 42 -5.34 11.71 -6.88
N GLU A 43 -4.35 11.06 -6.25
CA GLU A 43 -3.40 10.16 -6.93
C GLU A 43 -4.05 8.81 -7.33
N ILE A 44 -5.08 8.41 -6.55
CA ILE A 44 -5.87 7.17 -6.76
C ILE A 44 -6.61 7.25 -8.12
N GLU A 45 -7.25 8.41 -8.36
CA GLU A 45 -8.02 8.66 -9.59
C GLU A 45 -7.13 8.64 -10.86
N LYS A 46 -5.85 9.00 -10.70
CA LYS A 46 -4.84 8.98 -11.78
C LYS A 46 -4.52 7.52 -12.15
N ALA A 47 -4.15 6.70 -11.15
CA ALA A 47 -3.84 5.27 -11.35
C ALA A 47 -5.08 4.46 -11.78
N ARG A 48 -6.27 4.94 -11.37
CA ARG A 48 -7.59 4.34 -11.68
C ARG A 48 -7.86 4.30 -13.19
N LYS A 49 -7.77 5.48 -13.83
CA LYS A 49 -8.06 5.63 -15.28
C LYS A 49 -6.99 4.94 -16.14
N GLN A 50 -5.75 4.91 -15.62
CA GLN A 50 -4.62 4.20 -16.23
C GLN A 50 -4.78 2.68 -16.07
N GLY A 51 -5.50 2.29 -15.02
CA GLY A 51 -5.71 0.89 -14.68
C GLY A 51 -4.49 0.24 -14.04
N ARG A 52 -3.48 1.07 -13.69
CA ARG A 52 -2.19 0.60 -13.14
C ARG A 52 -2.18 0.69 -11.59
N PRO A 53 -1.25 -0.04 -10.90
CA PRO A 53 -1.01 0.19 -9.46
C PRO A 53 -0.33 1.55 -9.17
N ILE A 54 -0.43 1.94 -7.90
CA ILE A 54 0.30 3.07 -7.33
C ILE A 54 0.66 2.69 -5.89
N VAL A 55 1.91 2.96 -5.47
CA VAL A 55 2.40 2.61 -4.14
C VAL A 55 2.56 3.91 -3.34
N ILE A 56 1.68 4.08 -2.37
CA ILE A 56 1.58 5.27 -1.52
C ILE A 56 2.29 4.99 -0.20
N PHE A 57 3.33 5.77 0.10
CA PHE A 57 4.08 5.68 1.36
C PHE A 57 3.61 6.78 2.29
N ILE A 58 2.80 6.41 3.29
CA ILE A 58 2.24 7.38 4.25
C ILE A 58 3.12 7.43 5.51
N ARG A 59 3.78 8.57 5.71
CA ARG A 59 4.58 8.83 6.92
C ARG A 59 3.65 9.13 8.10
N GLY A 60 3.64 8.22 9.08
CA GLY A 60 2.94 8.41 10.35
C GLY A 60 1.42 8.31 10.23
N ALA A 61 0.94 7.22 9.62
CA ALA A 61 -0.51 6.93 9.51
C ALA A 61 -1.00 6.11 10.71
N THR A 62 -2.32 5.95 10.79
CA THR A 62 -3.02 5.15 11.81
C THR A 62 -4.30 4.56 11.17
N GLU A 63 -5.07 3.76 11.94
CA GLU A 63 -6.22 2.98 11.43
C GLU A 63 -7.20 3.84 10.61
N GLU A 64 -7.65 4.97 11.21
CA GLU A 64 -8.63 5.90 10.60
C GLU A 64 -8.19 6.36 9.19
N VAL A 65 -6.87 6.61 9.02
CA VAL A 65 -6.27 7.05 7.76
C VAL A 65 -6.34 5.92 6.71
N VAL A 66 -5.82 4.75 7.11
CA VAL A 66 -5.68 3.58 6.22
C VAL A 66 -7.07 3.12 5.72
N ARG A 67 -7.95 2.75 6.67
CA ARG A 67 -9.29 2.18 6.39
C ARG A 67 -10.15 3.10 5.50
N ASP A 68 -9.96 4.44 5.64
CA ASP A 68 -10.72 5.46 4.89
C ASP A 68 -10.32 5.46 3.40
N ILE A 69 -8.98 5.56 3.15
CA ILE A 69 -8.40 5.51 1.79
C ILE A 69 -8.78 4.20 1.08
N VAL A 70 -8.72 3.11 1.85
CA VAL A 70 -8.96 1.75 1.36
C VAL A 70 -10.42 1.58 0.90
N GLU A 71 -11.40 1.90 1.78
CA GLU A 71 -12.83 1.74 1.45
C GLU A 71 -13.26 2.68 0.32
N TYR A 72 -12.57 3.85 0.22
CA TYR A 72 -12.70 4.79 -0.92
C TYR A 72 -12.37 4.08 -2.23
N ALA A 73 -11.13 3.58 -2.33
CA ALA A 73 -10.59 2.96 -3.55
C ALA A 73 -11.40 1.70 -3.94
N GLN A 74 -11.92 0.98 -2.92
CA GLN A 74 -12.82 -0.17 -3.11
C GLN A 74 -14.11 0.24 -3.84
N LYS A 75 -14.70 1.38 -3.41
CA LYS A 75 -15.92 1.95 -4.04
C LYS A 75 -15.63 2.52 -5.44
N GLU A 76 -14.34 2.84 -5.72
CA GLU A 76 -13.89 3.33 -7.05
C GLU A 76 -13.62 2.14 -8.01
N GLY A 77 -13.90 0.90 -7.55
CA GLY A 77 -13.74 -0.33 -8.34
C GLY A 77 -12.28 -0.73 -8.48
N LEU A 78 -11.48 -0.43 -7.45
CA LEU A 78 -10.03 -0.66 -7.45
C LEU A 78 -9.65 -1.70 -6.38
N ARG A 79 -8.66 -2.53 -6.72
CA ARG A 79 -8.02 -3.47 -5.80
C ARG A 79 -7.16 -2.67 -4.80
N VAL A 80 -7.21 -3.04 -3.52
CA VAL A 80 -6.38 -2.42 -2.48
C VAL A 80 -5.47 -3.47 -1.84
N LEU A 81 -4.20 -3.09 -1.61
CA LEU A 81 -3.21 -3.87 -0.83
C LEU A 81 -2.80 -2.99 0.35
N VAL A 82 -2.53 -3.58 1.53
CA VAL A 82 -2.07 -2.82 2.72
C VAL A 82 -0.86 -3.53 3.38
N ILE A 83 0.30 -2.86 3.30
CA ILE A 83 1.52 -3.26 4.02
C ILE A 83 1.73 -2.31 5.19
N MET A 84 1.81 -2.86 6.40
CA MET A 84 2.13 -2.10 7.61
C MET A 84 3.40 -2.70 8.21
N VAL A 85 4.48 -1.91 8.18
CA VAL A 85 5.79 -2.28 8.72
C VAL A 85 6.31 -1.06 9.48
N ASP A 86 6.45 -1.20 10.79
CA ASP A 86 6.91 -0.13 11.67
C ASP A 86 7.54 -0.78 12.91
N GLN A 87 8.17 0.04 13.77
CA GLN A 87 8.84 -0.44 14.98
C GLN A 87 7.81 -0.72 16.09
N ASP A 88 7.00 -1.77 15.85
CA ASP A 88 5.87 -2.17 16.70
C ASP A 88 5.15 -3.37 16.07
N GLN A 89 4.46 -4.17 16.91
CA GLN A 89 3.60 -5.29 16.45
C GLN A 89 2.10 -4.98 16.71
N GLU A 90 1.80 -4.46 17.91
CA GLU A 90 0.43 -4.41 18.48
C GLU A 90 -0.55 -3.48 17.70
N GLU A 91 -0.16 -2.21 17.49
CA GLU A 91 -0.99 -1.20 16.79
C GLU A 91 -1.14 -1.55 15.29
N LEU A 92 -0.11 -2.24 14.75
CA LEU A 92 -0.13 -2.77 13.38
C LEU A 92 -1.28 -3.80 13.24
N GLU A 93 -1.39 -4.70 14.24
CA GLU A 93 -2.44 -5.75 14.30
C GLU A 93 -3.86 -5.15 14.46
N ARG A 94 -3.95 -3.95 15.08
CA ARG A 94 -5.22 -3.23 15.27
C ARG A 94 -5.81 -2.82 13.90
N ILE A 95 -4.96 -2.14 13.10
CA ILE A 95 -5.32 -1.70 11.75
C ILE A 95 -5.62 -2.93 10.86
N TYR A 96 -4.75 -3.94 10.98
CA TYR A 96 -4.80 -5.24 10.27
C TYR A 96 -6.17 -5.96 10.45
N GLU A 97 -6.72 -5.87 11.68
CA GLU A 97 -7.99 -6.54 12.04
C GLU A 97 -9.16 -5.97 11.20
N GLN A 98 -9.28 -4.63 11.23
CA GLN A 98 -10.30 -3.87 10.48
C GLN A 98 -10.16 -4.11 8.97
N LEU A 99 -8.91 -3.96 8.50
CA LEU A 99 -8.56 -3.95 7.08
C LEU A 99 -8.69 -5.34 6.42
N LYS A 100 -8.54 -6.41 7.22
CA LYS A 100 -8.74 -7.80 6.75
C LYS A 100 -10.21 -8.04 6.38
N LYS A 101 -11.12 -7.53 7.23
CA LYS A 101 -12.57 -7.74 7.10
C LYS A 101 -13.15 -6.98 5.89
N ASP A 102 -12.43 -5.94 5.43
CA ASP A 102 -12.77 -5.19 4.18
C ASP A 102 -12.53 -6.05 2.92
N GLY A 103 -11.87 -7.22 3.08
CA GLY A 103 -11.58 -8.12 1.96
C GLY A 103 -10.32 -7.71 1.23
N VAL A 104 -9.35 -7.22 2.00
CA VAL A 104 -8.07 -6.68 1.49
C VAL A 104 -6.93 -7.62 1.91
N ASP A 105 -5.93 -7.82 1.03
CA ASP A 105 -4.72 -8.55 1.39
C ASP A 105 -3.84 -7.63 2.26
N VAL A 106 -3.82 -7.93 3.56
CA VAL A 106 -3.13 -7.14 4.59
C VAL A 106 -1.99 -7.96 5.19
N ARG A 107 -0.96 -7.25 5.67
CA ARG A 107 0.23 -7.88 6.26
C ARG A 107 0.90 -6.91 7.24
N VAL A 108 1.33 -7.44 8.40
CA VAL A 108 2.01 -6.69 9.45
C VAL A 108 3.27 -7.43 9.90
N THR A 109 4.36 -6.68 10.10
CA THR A 109 5.63 -7.23 10.60
C THR A 109 6.53 -6.09 11.11
N ASP A 110 7.38 -6.41 12.10
CA ASP A 110 8.39 -5.50 12.63
C ASP A 110 9.78 -6.11 12.38
N ASN A 111 10.35 -5.75 11.22
CA ASN A 111 11.74 -6.03 10.84
C ASN A 111 12.04 -5.34 9.48
N GLU A 112 13.30 -5.47 9.02
CA GLU A 112 13.85 -4.73 7.86
C GLU A 112 13.94 -5.62 6.59
N ASP A 113 14.13 -6.94 6.79
CA ASP A 113 14.33 -7.92 5.70
C ASP A 113 13.00 -8.26 4.99
N GLU A 114 12.07 -8.84 5.76
CA GLU A 114 10.78 -9.37 5.26
C GLU A 114 9.93 -8.25 4.64
N ALA A 115 10.09 -7.03 5.18
CA ALA A 115 9.44 -5.81 4.69
C ALA A 115 9.64 -5.64 3.16
N LYS A 116 10.93 -5.74 2.75
CA LYS A 116 11.35 -5.55 1.35
C LYS A 116 10.84 -6.66 0.42
N LYS A 117 10.81 -7.91 0.94
CA LYS A 117 10.38 -9.10 0.17
C LYS A 117 8.89 -9.02 -0.17
N ARG A 118 8.08 -8.71 0.85
CA ARG A 118 6.61 -8.67 0.77
C ARG A 118 6.14 -7.39 0.06
N LEU A 119 7.01 -6.36 0.06
CA LEU A 119 6.80 -5.13 -0.72
C LEU A 119 6.76 -5.50 -2.21
N LYS A 120 7.88 -6.08 -2.71
CA LYS A 120 8.06 -6.50 -4.11
C LYS A 120 6.99 -7.55 -4.53
N GLU A 121 6.67 -8.45 -3.58
CA GLU A 121 5.70 -9.54 -3.77
C GLU A 121 4.35 -9.02 -4.27
N LEU A 122 3.87 -7.92 -3.64
CA LEU A 122 2.57 -7.33 -3.96
C LEU A 122 2.60 -6.62 -5.32
N LEU A 123 3.74 -6.00 -5.67
CA LEU A 123 3.95 -5.39 -7.01
C LEU A 123 3.72 -6.44 -8.13
N GLU A 124 4.25 -7.65 -7.89
CA GLU A 124 4.14 -8.79 -8.84
C GLU A 124 2.68 -9.30 -8.92
N LYS A 125 2.06 -9.51 -7.73
CA LYS A 125 0.66 -9.99 -7.60
C LYS A 125 -0.35 -9.05 -8.29
N VAL A 126 -0.04 -7.75 -8.29
CA VAL A 126 -0.89 -6.74 -8.90
C VAL A 126 -0.66 -6.68 -10.42
N LEU A 127 0.60 -6.81 -10.88
CA LEU A 127 0.91 -6.81 -12.33
C LEU A 127 0.26 -8.03 -13.04
N GLU A 128 -0.06 -9.07 -12.24
CA GLU A 128 -0.85 -10.22 -12.71
C GLU A 128 -2.27 -9.83 -13.22
N HIS A 129 -2.83 -8.68 -12.74
CA HIS A 129 -4.16 -8.18 -13.22
C HIS A 129 -4.04 -7.74 -14.70
N HIS A 130 -5.16 -7.83 -15.42
CA HIS A 130 -5.26 -7.50 -16.86
C HIS A 130 -5.02 -5.99 -17.09
N HIS A 131 -4.02 -5.66 -17.94
CA HIS A 131 -3.61 -4.26 -18.18
C HIS A 131 -4.50 -3.60 -19.27
N HIS A 132 -4.24 -2.32 -19.55
CA HIS A 132 -4.90 -1.57 -20.65
C HIS A 132 -3.88 -1.24 -21.73
N HIS A 133 -4.32 -1.33 -23.01
CA HIS A 133 -3.49 -1.00 -24.18
C HIS A 133 -4.39 -0.81 -25.41
N HIS A 134 -4.29 0.37 -26.05
CA HIS A 134 -5.00 0.71 -27.29
C HIS A 134 -4.01 0.67 -28.46
N MET A 1 -3.05 -5.16 -12.30
CA MET A 1 -3.96 -4.17 -12.92
C MET A 1 -4.85 -3.53 -11.85
N GLY A 2 -4.81 -2.18 -11.75
CA GLY A 2 -5.69 -1.41 -10.87
C GLY A 2 -5.57 -1.81 -9.41
N THR A 3 -4.40 -1.52 -8.82
CA THR A 3 -4.07 -1.95 -7.46
C THR A 3 -3.52 -0.77 -6.64
N VAL A 4 -4.11 -0.52 -5.46
CA VAL A 4 -3.69 0.54 -4.54
C VAL A 4 -2.98 -0.07 -3.32
N VAL A 5 -1.67 0.14 -3.25
CA VAL A 5 -0.82 -0.32 -2.15
C VAL A 5 -0.65 0.83 -1.13
N ILE A 6 -1.21 0.65 0.07
CA ILE A 6 -1.09 1.62 1.18
C ILE A 6 -0.02 1.10 2.16
N VAL A 7 1.11 1.82 2.21
CA VAL A 7 2.22 1.49 3.09
C VAL A 7 2.19 2.40 4.33
N VAL A 8 1.91 1.79 5.49
CA VAL A 8 1.81 2.47 6.79
C VAL A 8 3.04 2.09 7.65
N SER A 9 3.94 3.07 7.87
CA SER A 9 5.10 2.87 8.76
C SER A 9 5.40 4.16 9.54
N ARG A 10 5.67 4.03 10.83
CA ARG A 10 5.87 5.19 11.75
C ARG A 10 7.27 5.80 11.57
N ASP A 11 8.23 4.97 11.12
CA ASP A 11 9.63 5.37 10.92
C ASP A 11 9.89 5.76 9.45
N GLU A 12 10.39 6.99 9.21
CA GLU A 12 10.62 7.56 7.84
C GLU A 12 11.54 6.68 6.98
N ARG A 13 12.58 6.12 7.63
CA ARG A 13 13.62 5.34 6.95
C ARG A 13 13.04 4.07 6.31
N ILE A 14 12.01 3.47 6.95
CA ILE A 14 11.33 2.28 6.41
C ILE A 14 10.59 2.64 5.08
N LEU A 15 9.89 3.81 5.04
CA LEU A 15 9.14 4.27 3.83
C LEU A 15 10.08 4.41 2.60
N GLU A 16 11.25 5.07 2.82
CA GLU A 16 12.20 5.38 1.72
C GLU A 16 12.93 4.11 1.23
N GLU A 17 13.12 3.12 2.12
CA GLU A 17 13.71 1.81 1.73
C GLU A 17 12.73 1.04 0.83
N LEU A 18 11.44 1.11 1.18
CA LEU A 18 10.36 0.46 0.43
C LEU A 18 10.13 1.15 -0.93
N LEU A 19 10.35 2.49 -0.96
CA LEU A 19 10.30 3.29 -2.20
C LEU A 19 11.35 2.79 -3.20
N GLU A 20 12.57 2.54 -2.69
CA GLU A 20 13.68 1.97 -3.48
C GLU A 20 13.26 0.64 -4.12
N VAL A 21 12.66 -0.25 -3.32
CA VAL A 21 12.27 -1.62 -3.75
C VAL A 21 11.32 -1.56 -4.96
N VAL A 22 10.34 -0.61 -4.91
CA VAL A 22 9.36 -0.43 -5.99
C VAL A 22 10.08 -0.05 -7.30
N LEU A 23 11.02 0.90 -7.18
CA LEU A 23 11.76 1.46 -8.34
C LEU A 23 12.69 0.41 -8.99
N LYS A 24 13.25 -0.52 -8.19
CA LYS A 24 14.14 -1.59 -8.71
C LYS A 24 13.29 -2.67 -9.43
N SER A 25 12.08 -2.93 -8.88
CA SER A 25 11.13 -3.90 -9.43
C SER A 25 10.54 -3.38 -10.75
N ASP A 26 9.76 -2.29 -10.65
CA ASP A 26 9.17 -1.60 -11.81
C ASP A 26 9.23 -0.08 -11.57
N PRO A 27 10.08 0.68 -12.34
CA PRO A 27 10.25 2.15 -12.12
C PRO A 27 9.07 2.99 -12.64
N ASN A 28 8.17 2.34 -13.41
CA ASN A 28 7.02 2.99 -14.05
C ASN A 28 5.80 3.06 -13.11
N VAL A 29 5.91 2.42 -11.93
CA VAL A 29 4.85 2.44 -10.90
C VAL A 29 4.66 3.86 -10.34
N LYS A 30 3.40 4.31 -10.33
CA LYS A 30 2.99 5.56 -9.71
C LYS A 30 3.23 5.46 -8.17
N THR A 31 4.23 6.20 -7.66
CA THR A 31 4.57 6.19 -6.23
C THR A 31 4.61 7.62 -5.70
N VAL A 32 4.02 7.82 -4.51
CA VAL A 32 3.91 9.14 -3.85
C VAL A 32 4.04 8.94 -2.33
N ARG A 33 4.75 9.85 -1.63
CA ARG A 33 4.73 9.91 -0.16
C ARG A 33 3.93 11.16 0.24
N THR A 34 2.63 10.98 0.42
CA THR A 34 1.74 12.03 0.94
C THR A 34 1.05 11.54 2.22
N ASP A 35 1.15 12.34 3.29
CA ASP A 35 0.46 12.07 4.58
C ASP A 35 -0.97 12.65 4.57
N ASP A 36 -1.29 13.44 3.53
CA ASP A 36 -2.64 13.99 3.34
C ASP A 36 -3.50 12.93 2.64
N LYS A 37 -4.53 12.43 3.36
CA LYS A 37 -5.40 11.33 2.90
C LYS A 37 -6.17 11.67 1.61
N GLU A 38 -6.52 12.97 1.42
CA GLU A 38 -7.30 13.43 0.26
C GLU A 38 -6.40 13.49 -0.99
N LYS A 39 -5.12 13.83 -0.79
CA LYS A 39 -4.12 13.85 -1.86
C LYS A 39 -3.84 12.42 -2.35
N VAL A 40 -3.81 11.44 -1.41
CA VAL A 40 -3.70 10.01 -1.74
C VAL A 40 -4.83 9.62 -2.73
N LYS A 41 -6.05 10.08 -2.41
CA LYS A 41 -7.27 9.80 -3.18
C LYS A 41 -7.20 10.38 -4.61
N GLU A 42 -6.53 11.55 -4.75
CA GLU A 42 -6.25 12.15 -6.08
C GLU A 42 -5.39 11.19 -6.90
N GLU A 43 -4.31 10.70 -6.28
CA GLU A 43 -3.33 9.83 -6.94
C GLU A 43 -3.95 8.46 -7.30
N ILE A 44 -4.92 7.99 -6.47
CA ILE A 44 -5.63 6.71 -6.67
C ILE A 44 -6.46 6.74 -7.97
N GLU A 45 -7.31 7.77 -8.12
CA GLU A 45 -8.19 7.89 -9.32
C GLU A 45 -7.37 8.08 -10.61
N LYS A 46 -6.24 8.79 -10.50
CA LYS A 46 -5.32 9.02 -11.64
C LYS A 46 -4.65 7.69 -12.06
N ALA A 47 -4.25 6.87 -11.07
CA ALA A 47 -3.60 5.55 -11.33
C ALA A 47 -4.62 4.49 -11.77
N ARG A 48 -5.90 4.70 -11.38
CA ARG A 48 -7.04 3.81 -11.72
C ARG A 48 -7.22 3.72 -13.24
N LYS A 49 -7.30 4.90 -13.89
CA LYS A 49 -7.50 5.01 -15.36
C LYS A 49 -6.24 4.63 -16.14
N GLN A 50 -5.08 4.64 -15.45
CA GLN A 50 -3.81 4.12 -16.00
C GLN A 50 -3.77 2.59 -15.95
N GLY A 51 -4.52 2.01 -14.99
CA GLY A 51 -4.63 0.55 -14.83
C GLY A 51 -3.36 -0.10 -14.26
N ARG A 52 -2.41 0.73 -13.81
CA ARG A 52 -1.11 0.28 -13.28
C ARG A 52 -1.13 0.30 -11.74
N PRO A 53 -0.16 -0.40 -11.05
CA PRO A 53 -0.04 -0.33 -9.58
C PRO A 53 0.35 1.10 -9.11
N ILE A 54 -0.11 1.43 -7.91
CA ILE A 54 0.28 2.67 -7.21
C ILE A 54 0.67 2.30 -5.77
N VAL A 55 1.80 2.87 -5.29
CA VAL A 55 2.27 2.63 -3.92
C VAL A 55 2.41 3.99 -3.20
N ILE A 56 1.61 4.17 -2.14
CA ILE A 56 1.57 5.40 -1.34
C ILE A 56 2.26 5.14 0.00
N PHE A 57 3.23 5.99 0.33
CA PHE A 57 4.01 5.90 1.57
C PHE A 57 3.52 6.97 2.54
N ILE A 58 2.99 6.55 3.68
CA ILE A 58 2.50 7.46 4.72
C ILE A 58 3.21 7.16 6.03
N ARG A 59 3.98 8.13 6.53
CA ARG A 59 4.68 7.99 7.79
C ARG A 59 3.69 8.19 8.95
N GLY A 60 3.38 7.09 9.65
CA GLY A 60 2.55 7.12 10.85
C GLY A 60 1.09 7.38 10.54
N ALA A 61 0.55 6.64 9.53
CA ALA A 61 -0.88 6.70 9.20
C ALA A 61 -1.70 6.07 10.33
N THR A 62 -2.33 6.94 11.14
CA THR A 62 -3.19 6.51 12.25
C THR A 62 -4.53 5.94 11.70
N GLU A 63 -5.29 5.29 12.61
CA GLU A 63 -6.52 4.51 12.30
C GLU A 63 -7.49 5.28 11.37
N GLU A 64 -7.77 6.54 11.72
CA GLU A 64 -8.73 7.40 10.99
C GLU A 64 -8.28 7.70 9.54
N VAL A 65 -6.97 7.78 9.31
CA VAL A 65 -6.38 8.05 7.99
C VAL A 65 -6.48 6.80 7.10
N VAL A 66 -6.04 5.65 7.64
CA VAL A 66 -5.96 4.37 6.89
C VAL A 66 -7.36 3.97 6.38
N ARG A 67 -8.31 3.84 7.32
CA ARG A 67 -9.71 3.37 7.04
C ARG A 67 -10.41 4.23 5.97
N ASP A 68 -10.07 5.54 5.96
CA ASP A 68 -10.72 6.56 5.10
C ASP A 68 -10.17 6.52 3.67
N ILE A 69 -8.89 6.15 3.52
CA ILE A 69 -8.27 5.93 2.21
C ILE A 69 -8.71 4.59 1.61
N VAL A 70 -8.73 3.55 2.47
CA VAL A 70 -9.05 2.17 2.08
C VAL A 70 -10.49 2.06 1.55
N GLU A 71 -11.46 2.72 2.23
CA GLU A 71 -12.87 2.74 1.78
C GLU A 71 -13.02 3.37 0.39
N TYR A 72 -12.20 4.41 0.11
CA TYR A 72 -12.20 5.12 -1.19
C TYR A 72 -11.69 4.19 -2.29
N ALA A 73 -10.57 3.49 -2.02
CA ALA A 73 -9.96 2.55 -2.98
C ALA A 73 -10.89 1.34 -3.26
N GLN A 74 -11.76 1.02 -2.27
CA GLN A 74 -12.81 0.00 -2.42
C GLN A 74 -13.99 0.54 -3.26
N LYS A 75 -14.29 1.86 -3.13
CA LYS A 75 -15.31 2.55 -3.96
C LYS A 75 -14.88 2.58 -5.43
N GLU A 76 -13.56 2.75 -5.65
CA GLU A 76 -12.94 2.74 -6.99
C GLU A 76 -13.06 1.35 -7.65
N GLY A 77 -13.27 0.31 -6.81
CA GLY A 77 -13.35 -1.07 -7.27
C GLY A 77 -11.97 -1.65 -7.56
N LEU A 78 -10.94 -1.05 -6.93
CA LEU A 78 -9.53 -1.45 -7.12
C LEU A 78 -9.12 -2.44 -6.03
N ARG A 79 -8.11 -3.25 -6.35
CA ARG A 79 -7.54 -4.24 -5.43
C ARG A 79 -6.69 -3.50 -4.37
N VAL A 80 -7.14 -3.51 -3.10
CA VAL A 80 -6.51 -2.72 -2.02
C VAL A 80 -5.55 -3.63 -1.22
N LEU A 81 -4.25 -3.34 -1.33
CA LEU A 81 -3.18 -4.05 -0.61
C LEU A 81 -2.59 -3.08 0.43
N VAL A 82 -2.82 -3.34 1.72
CA VAL A 82 -2.27 -2.47 2.77
C VAL A 82 -1.14 -3.21 3.49
N ILE A 83 0.11 -2.79 3.19
CA ILE A 83 1.31 -3.29 3.87
C ILE A 83 1.60 -2.36 5.06
N MET A 84 1.39 -2.89 6.26
CA MET A 84 1.66 -2.18 7.51
C MET A 84 2.91 -2.78 8.13
N VAL A 85 3.94 -1.96 8.27
CA VAL A 85 5.26 -2.36 8.77
C VAL A 85 5.76 -1.31 9.75
N ASP A 86 6.27 -1.76 10.88
CA ASP A 86 6.92 -0.92 11.89
C ASP A 86 7.55 -1.83 12.95
N GLN A 87 8.39 -1.26 13.81
CA GLN A 87 9.05 -1.98 14.91
C GLN A 87 8.08 -2.27 16.08
N ASP A 88 6.78 -2.01 15.88
CA ASP A 88 5.70 -2.39 16.80
C ASP A 88 4.65 -3.20 16.04
N GLN A 89 4.43 -4.46 16.46
CA GLN A 89 3.43 -5.35 15.86
C GLN A 89 2.00 -4.94 16.27
N GLU A 90 1.84 -4.30 17.46
CA GLU A 90 0.51 -3.93 17.99
C GLU A 90 -0.19 -2.90 17.09
N GLU A 91 0.58 -1.93 16.54
CA GLU A 91 0.08 -0.94 15.55
C GLU A 91 -0.45 -1.68 14.31
N LEU A 92 0.43 -2.53 13.77
CA LEU A 92 0.21 -3.33 12.55
C LEU A 92 -1.05 -4.20 12.67
N GLU A 93 -1.17 -4.85 13.84
CA GLU A 93 -2.14 -5.90 14.10
C GLU A 93 -3.52 -5.32 14.44
N ARG A 94 -3.54 -4.10 15.01
CA ARG A 94 -4.80 -3.45 15.41
C ARG A 94 -5.53 -2.92 14.16
N ILE A 95 -4.77 -2.27 13.27
CA ILE A 95 -5.29 -1.76 11.99
C ILE A 95 -5.62 -2.95 11.05
N TYR A 96 -4.79 -4.03 11.13
CA TYR A 96 -5.04 -5.31 10.42
C TYR A 96 -6.43 -5.86 10.74
N GLU A 97 -6.75 -5.88 12.05
CA GLU A 97 -8.01 -6.43 12.58
C GLU A 97 -9.22 -5.64 12.00
N GLN A 98 -9.02 -4.33 11.73
CA GLN A 98 -10.03 -3.47 11.08
C GLN A 98 -10.20 -3.86 9.59
N LEU A 99 -9.10 -3.75 8.83
CA LEU A 99 -9.12 -3.80 7.35
C LEU A 99 -9.50 -5.19 6.81
N LYS A 100 -9.15 -6.23 7.57
CA LYS A 100 -9.41 -7.63 7.20
C LYS A 100 -10.94 -7.89 7.21
N LYS A 101 -11.69 -7.15 8.07
CA LYS A 101 -13.19 -7.17 8.10
C LYS A 101 -13.76 -6.73 6.73
N ASP A 102 -13.13 -5.68 6.17
CA ASP A 102 -13.53 -5.04 4.90
C ASP A 102 -13.19 -5.94 3.68
N GLY A 103 -12.49 -7.06 3.93
CA GLY A 103 -12.07 -7.98 2.88
C GLY A 103 -10.83 -7.48 2.15
N VAL A 104 -10.05 -6.64 2.83
CA VAL A 104 -8.82 -6.04 2.30
C VAL A 104 -7.63 -6.96 2.63
N ASP A 105 -6.77 -7.21 1.63
CA ASP A 105 -5.60 -8.07 1.80
C ASP A 105 -4.50 -7.26 2.49
N VAL A 106 -4.27 -7.59 3.75
CA VAL A 106 -3.39 -6.85 4.66
C VAL A 106 -2.18 -7.70 5.06
N ARG A 107 -0.98 -7.14 4.82
CA ARG A 107 0.30 -7.83 4.98
C ARG A 107 1.15 -7.06 5.99
N VAL A 108 1.39 -7.67 7.17
CA VAL A 108 2.07 -7.03 8.29
C VAL A 108 3.35 -7.80 8.65
N THR A 109 4.41 -7.06 9.05
CA THR A 109 5.67 -7.65 9.52
C THR A 109 6.49 -6.60 10.28
N ASP A 110 6.98 -6.98 11.48
CA ASP A 110 7.80 -6.08 12.32
C ASP A 110 9.30 -6.32 12.04
N ASN A 111 9.80 -5.61 11.00
CA ASN A 111 11.19 -5.64 10.49
C ASN A 111 11.24 -4.87 9.15
N GLU A 112 12.44 -4.73 8.56
CA GLU A 112 12.62 -4.08 7.26
C GLU A 112 12.75 -5.12 6.13
N ASP A 113 13.43 -6.24 6.43
CA ASP A 113 13.81 -7.25 5.42
C ASP A 113 12.58 -7.88 4.75
N GLU A 114 11.63 -8.40 5.57
CA GLU A 114 10.37 -9.00 5.07
C GLU A 114 9.51 -7.94 4.38
N ALA A 115 9.53 -6.70 4.89
CA ALA A 115 8.77 -5.57 4.33
C ALA A 115 9.09 -5.34 2.84
N LYS A 116 10.39 -5.39 2.53
CA LYS A 116 10.93 -5.20 1.18
C LYS A 116 10.60 -6.39 0.27
N LYS A 117 10.54 -7.60 0.86
CA LYS A 117 10.17 -8.83 0.13
C LYS A 117 8.68 -8.80 -0.25
N ARG A 118 7.83 -8.38 0.71
CA ARG A 118 6.36 -8.36 0.56
C ARG A 118 5.91 -7.21 -0.35
N LEU A 119 6.75 -6.14 -0.43
CA LEU A 119 6.54 -5.02 -1.37
C LEU A 119 6.71 -5.56 -2.80
N LYS A 120 7.92 -6.12 -3.08
CA LYS A 120 8.28 -6.70 -4.40
C LYS A 120 7.28 -7.81 -4.83
N GLU A 121 6.84 -8.58 -3.83
CA GLU A 121 5.85 -9.67 -3.99
C GLU A 121 4.59 -9.15 -4.69
N LEU A 122 4.09 -7.98 -4.23
CA LEU A 122 2.91 -7.32 -4.80
C LEU A 122 3.16 -6.93 -6.26
N LEU A 123 4.35 -6.35 -6.53
CA LEU A 123 4.75 -5.93 -7.89
C LEU A 123 4.63 -7.08 -8.91
N GLU A 124 4.93 -8.31 -8.45
CA GLU A 124 4.79 -9.52 -9.28
C GLU A 124 3.31 -9.82 -9.53
N LYS A 125 2.54 -9.92 -8.43
CA LYS A 125 1.13 -10.34 -8.42
C LYS A 125 0.26 -9.45 -9.33
N VAL A 126 0.47 -8.13 -9.22
CA VAL A 126 -0.27 -7.10 -9.96
C VAL A 126 0.01 -7.19 -11.48
N LEU A 127 1.32 -7.23 -11.83
CA LEU A 127 1.78 -7.21 -13.23
C LEU A 127 1.55 -8.58 -13.94
N GLU A 128 1.41 -9.66 -13.14
CA GLU A 128 1.13 -11.01 -13.67
C GLU A 128 -0.34 -11.12 -14.12
N HIS A 129 -1.26 -11.07 -13.13
CA HIS A 129 -2.71 -11.40 -13.30
C HIS A 129 -2.91 -12.90 -13.68
N HIS A 130 -1.81 -13.68 -13.62
CA HIS A 130 -1.82 -15.12 -13.93
C HIS A 130 -2.18 -15.90 -12.65
N HIS A 131 -3.43 -16.37 -12.57
CA HIS A 131 -3.95 -17.04 -11.38
C HIS A 131 -4.88 -18.20 -11.78
N HIS A 132 -4.42 -19.44 -11.54
CA HIS A 132 -5.26 -20.65 -11.58
C HIS A 132 -5.27 -21.26 -10.17
N HIS A 133 -6.47 -21.34 -9.56
CA HIS A 133 -6.63 -21.90 -8.20
C HIS A 133 -6.76 -23.44 -8.26
N HIS A 134 -7.09 -23.96 -9.46
CA HIS A 134 -7.14 -25.40 -9.75
C HIS A 134 -5.92 -25.76 -10.64
N MET A 1 -4.40 -2.47 -14.29
CA MET A 1 -5.83 -2.61 -13.94
C MET A 1 -6.24 -1.64 -12.82
N GLY A 2 -5.31 -0.75 -12.40
CA GLY A 2 -5.54 0.12 -11.24
C GLY A 2 -5.38 -0.65 -9.94
N THR A 3 -4.19 -0.55 -9.32
CA THR A 3 -3.84 -1.37 -8.13
C THR A 3 -3.14 -0.48 -7.07
N VAL A 4 -3.80 -0.27 -5.92
CA VAL A 4 -3.36 0.70 -4.89
C VAL A 4 -2.70 -0.03 -3.70
N VAL A 5 -1.36 0.09 -3.57
CA VAL A 5 -0.60 -0.51 -2.48
C VAL A 5 -0.31 0.55 -1.39
N ILE A 6 -0.92 0.41 -0.21
CA ILE A 6 -0.78 1.36 0.90
C ILE A 6 0.29 0.88 1.89
N VAL A 7 1.43 1.56 1.90
CA VAL A 7 2.55 1.26 2.81
C VAL A 7 2.48 2.20 4.01
N VAL A 8 2.18 1.64 5.19
CA VAL A 8 2.17 2.35 6.47
C VAL A 8 3.37 1.89 7.30
N SER A 9 4.41 2.73 7.40
CA SER A 9 5.59 2.42 8.24
C SER A 9 5.90 3.64 9.11
N ARG A 10 5.97 3.42 10.43
CA ARG A 10 6.18 4.49 11.41
C ARG A 10 7.61 5.06 11.30
N ASP A 11 8.53 4.19 10.87
CA ASP A 11 9.93 4.53 10.62
C ASP A 11 10.12 4.95 9.14
N GLU A 12 10.79 6.11 8.93
CA GLU A 12 10.97 6.76 7.62
C GLU A 12 12.04 6.08 6.76
N ARG A 13 13.05 5.48 7.41
CA ARG A 13 14.16 4.80 6.71
C ARG A 13 13.61 3.57 5.96
N ILE A 14 12.62 2.89 6.59
CA ILE A 14 11.89 1.78 5.97
C ILE A 14 11.12 2.27 4.71
N LEU A 15 10.38 3.40 4.85
CA LEU A 15 9.57 3.99 3.74
C LEU A 15 10.40 4.23 2.45
N GLU A 16 11.60 4.84 2.61
CA GLU A 16 12.45 5.22 1.47
C GLU A 16 13.15 3.99 0.83
N GLU A 17 13.36 2.94 1.64
CA GLU A 17 13.87 1.65 1.13
C GLU A 17 12.79 0.95 0.30
N LEU A 18 11.54 0.97 0.82
CA LEU A 18 10.37 0.38 0.17
C LEU A 18 9.99 1.14 -1.10
N LEU A 19 10.36 2.45 -1.14
CA LEU A 19 10.24 3.30 -2.32
C LEU A 19 11.03 2.68 -3.49
N GLU A 20 12.33 2.41 -3.23
CA GLU A 20 13.22 1.75 -4.20
C GLU A 20 12.67 0.39 -4.64
N VAL A 21 12.19 -0.42 -3.66
CA VAL A 21 11.74 -1.80 -3.93
C VAL A 21 10.62 -1.85 -5.02
N VAL A 22 9.74 -0.84 -5.04
CA VAL A 22 8.72 -0.70 -6.11
C VAL A 22 9.40 -0.34 -7.45
N LEU A 23 10.28 0.67 -7.41
CA LEU A 23 10.88 1.30 -8.59
C LEU A 23 11.81 0.34 -9.38
N LYS A 24 12.44 -0.65 -8.70
CA LYS A 24 13.35 -1.60 -9.39
C LYS A 24 12.53 -2.79 -9.95
N SER A 25 11.44 -3.17 -9.23
CA SER A 25 10.51 -4.23 -9.68
C SER A 25 9.81 -3.81 -10.98
N ASP A 26 9.31 -2.55 -10.98
CA ASP A 26 8.68 -1.93 -12.15
C ASP A 26 8.67 -0.38 -11.95
N PRO A 27 9.44 0.39 -12.79
CA PRO A 27 9.49 1.87 -12.70
C PRO A 27 8.23 2.59 -13.22
N ASN A 28 7.35 1.85 -13.95
CA ASN A 28 6.13 2.42 -14.55
C ASN A 28 5.02 2.56 -13.48
N VAL A 29 5.11 1.76 -12.40
CA VAL A 29 4.23 1.90 -11.23
C VAL A 29 4.50 3.26 -10.54
N LYS A 30 3.43 4.03 -10.29
CA LYS A 30 3.51 5.34 -9.64
C LYS A 30 3.77 5.14 -8.13
N THR A 31 4.64 5.98 -7.57
CA THR A 31 4.94 5.98 -6.14
C THR A 31 4.88 7.42 -5.61
N VAL A 32 4.24 7.59 -4.45
CA VAL A 32 4.03 8.88 -3.81
C VAL A 32 4.28 8.73 -2.31
N ARG A 33 5.02 9.65 -1.70
CA ARG A 33 5.16 9.73 -0.25
C ARG A 33 4.45 11.00 0.23
N THR A 34 3.18 10.84 0.61
CA THR A 34 2.36 11.92 1.20
C THR A 34 1.88 11.47 2.59
N ASP A 35 1.38 12.41 3.38
CA ASP A 35 0.76 12.14 4.70
C ASP A 35 -0.75 12.42 4.64
N ASP A 36 -1.16 13.26 3.66
CA ASP A 36 -2.53 13.77 3.54
C ASP A 36 -3.41 12.82 2.70
N LYS A 37 -4.44 12.27 3.35
CA LYS A 37 -5.36 11.26 2.76
C LYS A 37 -6.36 11.85 1.73
N GLU A 38 -6.40 13.19 1.61
CA GLU A 38 -7.27 13.88 0.64
C GLU A 38 -6.57 13.90 -0.73
N LYS A 39 -5.24 14.13 -0.69
CA LYS A 39 -4.36 14.12 -1.88
C LYS A 39 -4.28 12.72 -2.49
N VAL A 40 -4.20 11.70 -1.60
CA VAL A 40 -4.16 10.28 -2.00
C VAL A 40 -5.37 9.93 -2.89
N LYS A 41 -6.56 10.47 -2.55
CA LYS A 41 -7.81 10.24 -3.31
C LYS A 41 -7.65 10.66 -4.79
N GLU A 42 -7.09 11.87 -4.97
CA GLU A 42 -6.83 12.45 -6.30
C GLU A 42 -5.94 11.52 -7.12
N GLU A 43 -4.88 11.03 -6.46
CA GLU A 43 -3.85 10.18 -7.07
C GLU A 43 -4.33 8.72 -7.32
N ILE A 44 -5.33 8.27 -6.53
CA ILE A 44 -6.01 6.97 -6.74
C ILE A 44 -6.88 7.04 -8.02
N GLU A 45 -7.50 8.22 -8.24
CA GLU A 45 -8.29 8.50 -9.46
C GLU A 45 -7.38 8.53 -10.70
N LYS A 46 -6.21 9.19 -10.55
CA LYS A 46 -5.18 9.28 -11.61
C LYS A 46 -4.70 7.88 -12.02
N ALA A 47 -4.54 7.01 -11.00
CA ALA A 47 -4.11 5.63 -11.21
C ALA A 47 -5.20 4.80 -11.91
N ARG A 48 -6.46 4.97 -11.48
CA ARG A 48 -7.59 4.16 -11.97
C ARG A 48 -7.90 4.47 -13.45
N LYS A 49 -8.00 5.77 -13.77
CA LYS A 49 -8.40 6.24 -15.12
C LYS A 49 -7.33 5.92 -16.19
N GLN A 50 -6.07 5.81 -15.75
CA GLN A 50 -4.94 5.42 -16.62
C GLN A 50 -4.71 3.91 -16.57
N GLY A 51 -5.33 3.24 -15.57
CA GLY A 51 -5.20 1.80 -15.37
C GLY A 51 -3.87 1.40 -14.73
N ARG A 52 -3.09 2.39 -14.28
CA ARG A 52 -1.76 2.18 -13.70
C ARG A 52 -1.88 1.84 -12.20
N PRO A 53 -0.90 1.08 -11.63
CA PRO A 53 -0.79 0.91 -10.17
C PRO A 53 -0.14 2.14 -9.50
N ILE A 54 -0.39 2.30 -8.19
CA ILE A 54 0.19 3.37 -7.38
C ILE A 54 0.49 2.84 -5.97
N VAL A 55 1.60 3.30 -5.38
CA VAL A 55 2.02 2.90 -4.03
C VAL A 55 2.21 4.16 -3.18
N ILE A 56 1.44 4.27 -2.08
CA ILE A 56 1.43 5.46 -1.21
C ILE A 56 2.17 5.15 0.10
N PHE A 57 3.18 5.97 0.42
CA PHE A 57 4.04 5.80 1.59
C PHE A 57 3.68 6.86 2.64
N ILE A 58 3.03 6.43 3.74
CA ILE A 58 2.66 7.33 4.83
C ILE A 58 3.36 6.90 6.13
N ARG A 59 4.03 7.86 6.79
CA ARG A 59 4.66 7.65 8.08
C ARG A 59 3.59 7.50 9.16
N GLY A 60 3.40 6.25 9.64
CA GLY A 60 2.50 5.93 10.73
C GLY A 60 1.07 6.43 10.52
N ALA A 61 0.47 6.07 9.38
CA ALA A 61 -0.96 6.33 9.13
C ALA A 61 -1.81 5.58 10.17
N THR A 62 -2.49 6.34 11.03
CA THR A 62 -3.40 5.79 12.04
C THR A 62 -4.67 5.22 11.38
N GLU A 63 -5.46 4.46 12.16
CA GLU A 63 -6.64 3.72 11.67
C GLU A 63 -7.63 4.64 10.93
N GLU A 64 -7.77 5.90 11.39
CA GLU A 64 -8.74 6.85 10.81
C GLU A 64 -8.23 7.44 9.46
N VAL A 65 -6.91 7.37 9.20
CA VAL A 65 -6.33 7.68 7.87
C VAL A 65 -6.53 6.48 6.92
N VAL A 66 -6.16 5.28 7.42
CA VAL A 66 -6.12 4.05 6.61
C VAL A 66 -7.54 3.64 6.17
N ARG A 67 -8.53 3.77 7.09
CA ARG A 67 -9.95 3.44 6.81
C ARG A 67 -10.43 4.19 5.55
N ASP A 68 -10.02 5.47 5.47
CA ASP A 68 -10.49 6.46 4.51
C ASP A 68 -9.95 6.18 3.10
N ILE A 69 -8.63 5.96 3.03
CA ILE A 69 -7.93 5.69 1.78
C ILE A 69 -8.34 4.32 1.19
N VAL A 70 -8.35 3.31 2.05
CA VAL A 70 -8.63 1.93 1.65
C VAL A 70 -10.10 1.78 1.17
N GLU A 71 -11.06 2.33 1.96
CA GLU A 71 -12.50 2.25 1.61
C GLU A 71 -12.75 2.93 0.26
N TYR A 72 -12.05 4.06 0.03
CA TYR A 72 -12.16 4.86 -1.18
C TYR A 72 -11.70 4.05 -2.40
N ALA A 73 -10.54 3.39 -2.26
CA ALA A 73 -9.95 2.57 -3.32
C ALA A 73 -10.77 1.30 -3.59
N GLN A 74 -11.51 0.81 -2.56
CA GLN A 74 -12.46 -0.31 -2.72
C GLN A 74 -13.77 0.19 -3.38
N LYS A 75 -14.12 1.47 -3.15
CA LYS A 75 -15.26 2.13 -3.83
C LYS A 75 -14.93 2.31 -5.32
N GLU A 76 -13.63 2.47 -5.63
CA GLU A 76 -13.13 2.51 -7.01
C GLU A 76 -13.01 1.09 -7.61
N GLY A 77 -13.16 0.06 -6.77
CA GLY A 77 -13.12 -1.34 -7.20
C GLY A 77 -11.70 -1.85 -7.50
N LEU A 78 -10.70 -1.16 -6.91
CA LEU A 78 -9.28 -1.46 -7.13
C LEU A 78 -8.75 -2.44 -6.07
N ARG A 79 -7.74 -3.25 -6.44
CA ARG A 79 -7.08 -4.18 -5.52
C ARG A 79 -6.17 -3.39 -4.56
N VAL A 80 -6.52 -3.38 -3.26
CA VAL A 80 -5.77 -2.63 -2.23
C VAL A 80 -4.85 -3.59 -1.45
N LEU A 81 -3.52 -3.36 -1.56
CA LEU A 81 -2.49 -4.15 -0.86
C LEU A 81 -1.90 -3.29 0.28
N VAL A 82 -2.21 -3.58 1.55
CA VAL A 82 -1.74 -2.75 2.68
C VAL A 82 -0.62 -3.47 3.44
N ILE A 83 0.59 -2.88 3.42
CA ILE A 83 1.77 -3.39 4.14
C ILE A 83 2.09 -2.45 5.30
N MET A 84 1.88 -2.92 6.52
CA MET A 84 2.17 -2.16 7.74
C MET A 84 3.44 -2.73 8.41
N VAL A 85 4.50 -1.90 8.49
CA VAL A 85 5.82 -2.33 9.01
C VAL A 85 6.23 -1.46 10.21
N ASP A 86 6.46 -2.11 11.37
CA ASP A 86 7.07 -1.49 12.56
C ASP A 86 7.17 -2.55 13.69
N GLN A 87 7.97 -2.20 14.71
CA GLN A 87 8.21 -3.03 15.89
C GLN A 87 6.95 -3.11 16.79
N ASP A 88 6.27 -1.96 16.93
CA ASP A 88 5.03 -1.83 17.70
C ASP A 88 3.85 -2.40 16.91
N GLN A 89 3.57 -3.69 17.15
CA GLN A 89 2.46 -4.43 16.54
C GLN A 89 1.09 -3.91 17.05
N GLU A 90 1.09 -3.17 18.18
CA GLU A 90 -0.13 -2.74 18.89
C GLU A 90 -1.14 -2.04 17.96
N GLU A 91 -0.70 -0.94 17.33
CA GLU A 91 -1.54 -0.11 16.45
C GLU A 91 -1.66 -0.71 15.04
N LEU A 92 -0.58 -1.39 14.59
CA LEU A 92 -0.53 -2.05 13.26
C LEU A 92 -1.59 -3.18 13.16
N GLU A 93 -1.71 -3.96 14.25
CA GLU A 93 -2.60 -5.14 14.30
C GLU A 93 -4.05 -4.71 14.45
N ARG A 94 -4.28 -3.58 15.16
CA ARG A 94 -5.60 -2.96 15.32
C ARG A 94 -6.20 -2.61 13.93
N ILE A 95 -5.35 -2.05 13.05
CA ILE A 95 -5.71 -1.68 11.67
C ILE A 95 -5.86 -2.95 10.79
N TYR A 96 -4.90 -3.86 10.93
CA TYR A 96 -4.82 -5.14 10.18
C TYR A 96 -6.10 -5.96 10.30
N GLU A 97 -6.62 -6.05 11.53
CA GLU A 97 -7.76 -6.91 11.88
C GLU A 97 -9.08 -6.34 11.32
N GLN A 98 -9.22 -4.98 11.34
CA GLN A 98 -10.44 -4.33 10.82
C GLN A 98 -10.47 -4.37 9.28
N LEU A 99 -9.31 -4.10 8.63
CA LEU A 99 -9.15 -4.18 7.17
C LEU A 99 -9.41 -5.59 6.63
N LYS A 100 -9.00 -6.61 7.42
CA LYS A 100 -9.15 -8.04 7.05
C LYS A 100 -10.66 -8.37 6.88
N LYS A 101 -11.51 -7.75 7.73
CA LYS A 101 -12.98 -7.90 7.67
C LYS A 101 -13.56 -7.27 6.39
N ASP A 102 -12.97 -6.13 5.97
CA ASP A 102 -13.35 -5.41 4.72
C ASP A 102 -12.97 -6.20 3.45
N GLY A 103 -12.20 -7.29 3.61
CA GLY A 103 -11.78 -8.14 2.48
C GLY A 103 -10.56 -7.60 1.77
N VAL A 104 -9.83 -6.70 2.45
CA VAL A 104 -8.63 -6.06 1.90
C VAL A 104 -7.44 -7.00 2.06
N ASP A 105 -6.58 -7.10 1.01
CA ASP A 105 -5.36 -7.91 1.09
C ASP A 105 -4.35 -7.13 1.95
N VAL A 106 -4.17 -7.58 3.19
CA VAL A 106 -3.37 -6.89 4.19
C VAL A 106 -2.38 -7.83 4.86
N ARG A 107 -1.25 -7.27 5.28
CA ARG A 107 -0.25 -7.97 6.08
C ARG A 107 0.52 -6.97 6.93
N VAL A 108 0.95 -7.43 8.10
CA VAL A 108 1.88 -6.71 8.97
C VAL A 108 3.20 -7.47 9.03
N THR A 109 4.31 -6.76 9.22
CA THR A 109 5.61 -7.40 9.45
C THR A 109 6.47 -6.53 10.38
N ASP A 110 7.47 -7.19 10.93
CA ASP A 110 8.56 -6.56 11.65
C ASP A 110 9.86 -6.94 10.93
N ASN A 111 10.85 -6.04 11.05
CA ASN A 111 12.24 -6.16 10.55
C ASN A 111 12.39 -5.41 9.22
N GLU A 112 13.52 -4.70 9.13
CA GLU A 112 13.93 -3.88 7.97
C GLU A 112 13.99 -4.73 6.68
N ASP A 113 14.60 -5.91 6.79
CA ASP A 113 14.77 -6.85 5.68
C ASP A 113 13.41 -7.39 5.22
N GLU A 114 12.62 -7.94 6.17
CA GLU A 114 11.32 -8.59 5.87
C GLU A 114 10.37 -7.65 5.15
N ALA A 115 10.39 -6.36 5.55
CA ALA A 115 9.61 -5.28 4.91
C ALA A 115 9.81 -5.24 3.39
N LYS A 116 11.10 -5.25 3.00
CA LYS A 116 11.53 -5.06 1.60
C LYS A 116 11.14 -6.26 0.73
N LYS A 117 11.26 -7.48 1.30
CA LYS A 117 10.96 -8.73 0.56
C LYS A 117 9.44 -8.84 0.32
N ARG A 118 8.64 -8.53 1.37
CA ARG A 118 7.16 -8.62 1.31
C ARG A 118 6.54 -7.45 0.51
N LEU A 119 7.37 -6.39 0.31
CA LEU A 119 7.04 -5.27 -0.58
C LEU A 119 7.01 -5.78 -2.05
N LYS A 120 8.17 -6.33 -2.49
CA LYS A 120 8.35 -6.89 -3.86
C LYS A 120 7.37 -8.06 -4.14
N GLU A 121 7.03 -8.77 -3.06
CA GLU A 121 6.05 -9.88 -3.06
C GLU A 121 4.68 -9.45 -3.61
N LEU A 122 4.20 -8.27 -3.16
CA LEU A 122 2.90 -7.73 -3.60
C LEU A 122 3.04 -6.99 -4.93
N LEU A 123 4.28 -6.62 -5.29
CA LEU A 123 4.60 -6.15 -6.66
C LEU A 123 4.41 -7.29 -7.68
N GLU A 124 4.49 -8.55 -7.23
CA GLU A 124 4.15 -9.72 -8.09
C GLU A 124 2.64 -9.75 -8.38
N LYS A 125 1.83 -9.38 -7.37
CA LYS A 125 0.36 -9.27 -7.49
C LYS A 125 -0.04 -8.04 -8.31
N VAL A 126 0.91 -7.11 -8.47
CA VAL A 126 0.83 -6.04 -9.49
C VAL A 126 1.19 -6.60 -10.89
N LEU A 127 2.32 -7.35 -10.96
CA LEU A 127 2.93 -7.80 -12.24
C LEU A 127 2.15 -8.94 -12.92
N GLU A 128 1.24 -9.61 -12.18
CA GLU A 128 0.36 -10.68 -12.73
C GLU A 128 -0.71 -10.10 -13.68
N HIS A 129 -1.01 -8.79 -13.52
CA HIS A 129 -1.91 -8.03 -14.41
C HIS A 129 -1.18 -6.78 -14.93
N HIS A 130 0.14 -6.96 -15.16
CA HIS A 130 1.01 -5.91 -15.74
C HIS A 130 1.80 -6.55 -16.89
N HIS A 131 2.17 -5.74 -17.90
CA HIS A 131 2.80 -6.27 -19.13
C HIS A 131 4.30 -6.56 -18.89
N HIS A 132 4.65 -7.87 -18.81
CA HIS A 132 6.04 -8.34 -18.80
C HIS A 132 6.74 -7.89 -20.09
N HIS A 133 7.41 -6.73 -20.00
CA HIS A 133 8.10 -6.08 -21.11
C HIS A 133 9.34 -6.91 -21.53
N HIS A 134 9.36 -7.31 -22.81
CA HIS A 134 10.52 -7.96 -23.43
C HIS A 134 11.44 -6.86 -23.99
N MET A 1 -3.43 -1.80 -15.40
CA MET A 1 -4.48 -2.04 -14.40
C MET A 1 -4.21 -1.19 -13.14
N GLY A 2 -5.26 -0.50 -12.66
CA GLY A 2 -5.24 0.22 -11.39
C GLY A 2 -5.19 -0.75 -10.20
N THR A 3 -4.13 -0.68 -9.41
CA THR A 3 -3.90 -1.54 -8.24
C THR A 3 -3.35 -0.67 -7.10
N VAL A 4 -4.11 -0.58 -5.99
CA VAL A 4 -3.79 0.33 -4.87
C VAL A 4 -3.05 -0.44 -3.77
N VAL A 5 -1.79 -0.09 -3.56
CA VAL A 5 -0.94 -0.64 -2.48
C VAL A 5 -0.78 0.45 -1.42
N ILE A 6 -1.30 0.19 -0.19
CA ILE A 6 -1.21 1.14 0.94
C ILE A 6 -0.12 0.67 1.91
N VAL A 7 1.00 1.38 1.95
CA VAL A 7 2.13 1.09 2.85
C VAL A 7 2.16 2.16 3.95
N VAL A 8 2.02 1.73 5.22
CA VAL A 8 2.03 2.61 6.38
C VAL A 8 3.25 2.26 7.27
N SER A 9 4.14 3.25 7.48
CA SER A 9 5.29 3.15 8.40
C SER A 9 5.47 4.50 9.09
N ARG A 10 6.29 4.53 10.14
CA ARG A 10 6.56 5.78 10.90
C ARG A 10 8.00 6.27 10.63
N ASP A 11 8.89 5.34 10.26
CA ASP A 11 10.30 5.64 9.95
C ASP A 11 10.46 5.95 8.46
N GLU A 12 11.22 7.01 8.16
CA GLU A 12 11.59 7.40 6.78
C GLU A 12 12.49 6.33 6.16
N ARG A 13 13.42 5.81 7.00
CA ARG A 13 14.46 4.86 6.57
C ARG A 13 13.87 3.55 6.02
N ILE A 14 12.72 3.12 6.56
CA ILE A 14 12.00 1.93 6.05
C ILE A 14 11.30 2.29 4.71
N LEU A 15 10.55 3.43 4.70
CA LEU A 15 9.75 3.90 3.53
C LEU A 15 10.60 4.07 2.24
N GLU A 16 11.83 4.60 2.39
CA GLU A 16 12.74 4.87 1.26
C GLU A 16 13.32 3.57 0.69
N GLU A 17 13.54 2.57 1.57
CA GLU A 17 13.99 1.23 1.17
C GLU A 17 12.89 0.53 0.35
N LEU A 18 11.62 0.71 0.79
CA LEU A 18 10.43 0.17 0.13
C LEU A 18 10.17 0.86 -1.23
N LEU A 19 10.50 2.17 -1.27
CA LEU A 19 10.41 3.00 -2.49
C LEU A 19 11.33 2.43 -3.58
N GLU A 20 12.57 2.10 -3.17
CA GLU A 20 13.58 1.50 -4.05
C GLU A 20 13.08 0.18 -4.67
N VAL A 21 12.43 -0.68 -3.84
CA VAL A 21 11.92 -2.01 -4.27
C VAL A 21 10.91 -1.88 -5.44
N VAL A 22 10.02 -0.87 -5.35
CA VAL A 22 9.03 -0.57 -6.40
C VAL A 22 9.77 -0.11 -7.69
N LEU A 23 10.79 0.75 -7.51
CA LEU A 23 11.60 1.30 -8.62
C LEU A 23 12.46 0.19 -9.28
N LYS A 24 12.82 -0.86 -8.52
CA LYS A 24 13.59 -2.01 -9.03
C LYS A 24 12.69 -2.90 -9.90
N SER A 25 11.46 -3.14 -9.41
CA SER A 25 10.49 -4.00 -10.11
C SER A 25 9.91 -3.27 -11.32
N ASP A 26 9.10 -2.21 -11.08
CA ASP A 26 8.41 -1.50 -12.17
C ASP A 26 8.23 0.02 -11.86
N PRO A 27 8.64 0.93 -12.80
CA PRO A 27 8.52 2.40 -12.64
C PRO A 27 7.22 3.00 -13.25
N ASN A 28 6.36 2.14 -13.82
CA ASN A 28 5.03 2.57 -14.33
C ASN A 28 4.02 2.59 -13.18
N VAL A 29 4.32 1.80 -12.13
CA VAL A 29 3.64 1.88 -10.85
C VAL A 29 3.95 3.24 -10.20
N LYS A 30 2.92 4.12 -10.11
CA LYS A 30 3.06 5.44 -9.50
C LYS A 30 3.43 5.31 -8.01
N THR A 31 4.48 6.03 -7.58
CA THR A 31 4.91 6.03 -6.19
C THR A 31 4.65 7.43 -5.61
N VAL A 32 4.07 7.45 -4.40
CA VAL A 32 3.63 8.68 -3.72
C VAL A 32 4.11 8.63 -2.27
N ARG A 33 5.04 9.52 -1.90
CA ARG A 33 5.52 9.64 -0.53
C ARG A 33 4.86 10.89 0.08
N THR A 34 3.73 10.68 0.78
CA THR A 34 2.91 11.76 1.34
C THR A 34 2.79 11.62 2.87
N ASP A 35 2.22 12.65 3.49
CA ASP A 35 1.85 12.69 4.92
C ASP A 35 0.36 13.02 5.05
N ASP A 36 -0.33 13.11 3.90
CA ASP A 36 -1.72 13.61 3.79
C ASP A 36 -2.60 12.50 3.17
N LYS A 37 -3.61 12.03 3.92
CA LYS A 37 -4.59 11.03 3.45
C LYS A 37 -5.48 11.57 2.31
N GLU A 38 -5.60 12.91 2.26
CA GLU A 38 -6.36 13.61 1.22
C GLU A 38 -5.62 13.50 -0.12
N LYS A 39 -4.27 13.63 -0.06
CA LYS A 39 -3.40 13.54 -1.25
C LYS A 39 -3.45 12.14 -1.87
N VAL A 40 -3.57 11.12 -1.02
CA VAL A 40 -3.67 9.71 -1.44
C VAL A 40 -4.87 9.51 -2.39
N LYS A 41 -6.05 10.04 -1.99
CA LYS A 41 -7.31 9.93 -2.76
C LYS A 41 -7.21 10.60 -4.13
N GLU A 42 -6.54 11.77 -4.17
CA GLU A 42 -6.22 12.48 -5.42
C GLU A 42 -5.49 11.53 -6.39
N GLU A 43 -4.46 10.89 -5.83
CA GLU A 43 -3.55 10.00 -6.53
C GLU A 43 -4.20 8.66 -6.95
N ILE A 44 -5.21 8.17 -6.18
CA ILE A 44 -5.93 6.92 -6.50
C ILE A 44 -6.71 7.10 -7.83
N GLU A 45 -7.38 8.27 -7.96
CA GLU A 45 -8.16 8.66 -9.17
C GLU A 45 -7.27 8.75 -10.41
N LYS A 46 -6.11 9.43 -10.23
CA LYS A 46 -5.10 9.64 -11.28
C LYS A 46 -4.63 8.29 -11.85
N ALA A 47 -4.01 7.47 -10.96
CA ALA A 47 -3.41 6.17 -11.34
C ALA A 47 -4.43 5.20 -11.97
N ARG A 48 -5.66 5.19 -11.39
CA ARG A 48 -6.77 4.32 -11.84
C ARG A 48 -7.09 4.55 -13.33
N LYS A 49 -7.32 5.83 -13.67
CA LYS A 49 -7.78 6.22 -15.02
C LYS A 49 -6.62 6.33 -16.02
N GLN A 50 -5.37 6.45 -15.50
CA GLN A 50 -4.15 6.34 -16.33
C GLN A 50 -3.85 4.86 -16.64
N GLY A 51 -4.54 3.95 -15.93
CA GLY A 51 -4.41 2.50 -16.12
C GLY A 51 -3.11 1.95 -15.57
N ARG A 52 -2.51 2.69 -14.62
CA ARG A 52 -1.27 2.30 -13.95
C ARG A 52 -1.59 1.93 -12.48
N PRO A 53 -0.76 1.05 -11.85
CA PRO A 53 -0.84 0.78 -10.40
C PRO A 53 -0.26 1.94 -9.57
N ILE A 54 -0.29 1.79 -8.24
CA ILE A 54 0.17 2.83 -7.34
C ILE A 54 0.56 2.23 -5.97
N VAL A 55 1.70 2.68 -5.43
CA VAL A 55 2.16 2.35 -4.08
C VAL A 55 2.26 3.67 -3.30
N ILE A 56 1.47 3.76 -2.24
CA ILE A 56 1.39 4.93 -1.35
C ILE A 56 2.28 4.68 -0.12
N PHE A 57 3.02 5.69 0.30
CA PHE A 57 3.85 5.66 1.50
C PHE A 57 3.31 6.72 2.47
N ILE A 58 2.61 6.26 3.50
CA ILE A 58 2.00 7.09 4.54
C ILE A 58 2.90 7.01 5.77
N ARG A 59 3.45 8.16 6.17
CA ARG A 59 4.27 8.25 7.38
C ARG A 59 3.40 8.72 8.54
N GLY A 60 3.11 7.80 9.49
CA GLY A 60 2.30 8.10 10.67
C GLY A 60 0.80 8.15 10.36
N ALA A 61 0.09 7.03 10.62
CA ALA A 61 -1.36 6.92 10.38
C ALA A 61 -2.05 6.24 11.58
N THR A 62 -3.38 6.14 11.49
CA THR A 62 -4.20 5.44 12.49
C THR A 62 -5.43 4.84 11.76
N GLU A 63 -6.35 4.18 12.52
CA GLU A 63 -7.50 3.44 11.93
C GLU A 63 -8.33 4.34 11.02
N GLU A 64 -8.58 5.58 11.47
CA GLU A 64 -9.43 6.54 10.75
C GLU A 64 -8.77 7.01 9.44
N VAL A 65 -7.43 7.11 9.42
CA VAL A 65 -6.67 7.46 8.20
C VAL A 65 -6.78 6.31 7.16
N VAL A 66 -6.37 5.11 7.60
CA VAL A 66 -6.20 3.96 6.73
C VAL A 66 -7.56 3.50 6.15
N ARG A 67 -8.59 3.36 7.04
CA ARG A 67 -9.94 2.90 6.63
C ARG A 67 -10.57 3.87 5.59
N ASP A 68 -10.30 5.17 5.79
CA ASP A 68 -10.83 6.27 4.96
C ASP A 68 -10.28 6.19 3.52
N ILE A 69 -9.01 5.84 3.43
CA ILE A 69 -8.30 5.62 2.15
C ILE A 69 -8.71 4.28 1.47
N VAL A 70 -8.79 3.21 2.28
CA VAL A 70 -9.00 1.85 1.77
C VAL A 70 -10.44 1.71 1.19
N GLU A 71 -11.44 2.26 1.91
CA GLU A 71 -12.85 2.26 1.44
C GLU A 71 -12.99 3.01 0.11
N TYR A 72 -12.15 4.05 -0.07
CA TYR A 72 -12.11 4.86 -1.28
C TYR A 72 -11.66 3.98 -2.46
N ALA A 73 -10.57 3.24 -2.26
CA ALA A 73 -10.01 2.30 -3.24
C ALA A 73 -10.97 1.12 -3.53
N GLN A 74 -11.81 0.78 -2.53
CA GLN A 74 -12.85 -0.27 -2.66
C GLN A 74 -14.06 0.24 -3.48
N LYS A 75 -14.31 1.58 -3.45
CA LYS A 75 -15.32 2.22 -4.35
C LYS A 75 -14.82 2.16 -5.80
N GLU A 76 -13.50 2.40 -5.98
CA GLU A 76 -12.84 2.33 -7.29
C GLU A 76 -12.81 0.87 -7.79
N GLY A 77 -12.90 -0.07 -6.83
CA GLY A 77 -12.98 -1.50 -7.12
C GLY A 77 -11.64 -2.07 -7.56
N LEU A 78 -10.55 -1.47 -7.06
CA LEU A 78 -9.17 -1.86 -7.39
C LEU A 78 -8.66 -2.89 -6.37
N ARG A 79 -7.62 -3.65 -6.76
CA ARG A 79 -6.96 -4.62 -5.87
C ARG A 79 -6.17 -3.86 -4.79
N VAL A 80 -6.61 -3.99 -3.52
CA VAL A 80 -6.02 -3.24 -2.37
C VAL A 80 -5.09 -4.17 -1.56
N LEU A 81 -3.78 -3.86 -1.56
CA LEU A 81 -2.73 -4.60 -0.81
C LEU A 81 -2.15 -3.64 0.24
N VAL A 82 -2.40 -3.92 1.52
CA VAL A 82 -1.98 -3.03 2.62
C VAL A 82 -0.84 -3.68 3.42
N ILE A 83 0.35 -3.07 3.36
CA ILE A 83 1.49 -3.43 4.23
C ILE A 83 1.62 -2.37 5.32
N MET A 84 1.89 -2.81 6.54
CA MET A 84 2.14 -1.93 7.69
C MET A 84 3.41 -2.41 8.40
N VAL A 85 4.44 -1.54 8.43
CA VAL A 85 5.76 -1.87 9.01
C VAL A 85 6.10 -0.84 10.10
N ASP A 86 6.16 -1.30 11.36
CA ASP A 86 6.43 -0.45 12.54
C ASP A 86 6.44 -1.34 13.80
N GLN A 87 7.27 -0.98 14.80
CA GLN A 87 7.50 -1.80 16.01
C GLN A 87 6.23 -1.92 16.89
N ASP A 88 5.35 -0.90 16.82
CA ASP A 88 4.07 -0.89 17.54
C ASP A 88 3.05 -1.78 16.81
N GLN A 89 3.19 -3.09 17.01
CA GLN A 89 2.33 -4.10 16.38
C GLN A 89 0.93 -4.14 17.00
N GLU A 90 0.74 -3.53 18.19
CA GLU A 90 -0.58 -3.39 18.81
C GLU A 90 -1.55 -2.64 17.88
N GLU A 91 -1.11 -1.46 17.42
CA GLU A 91 -1.90 -0.59 16.54
C GLU A 91 -1.93 -1.15 15.09
N LEU A 92 -0.81 -1.75 14.62
CA LEU A 92 -0.70 -2.33 13.27
C LEU A 92 -1.69 -3.52 13.06
N GLU A 93 -1.72 -4.42 14.06
CA GLU A 93 -2.62 -5.59 14.06
C GLU A 93 -4.08 -5.18 14.34
N ARG A 94 -4.25 -3.99 14.97
CA ARG A 94 -5.58 -3.37 15.16
C ARG A 94 -6.14 -2.86 13.81
N ILE A 95 -5.26 -2.24 12.98
CA ILE A 95 -5.61 -1.83 11.59
C ILE A 95 -5.96 -3.10 10.79
N TYR A 96 -5.07 -4.10 10.92
CA TYR A 96 -5.19 -5.42 10.27
C TYR A 96 -6.55 -6.07 10.58
N GLU A 97 -7.01 -5.93 11.84
CA GLU A 97 -8.30 -6.51 12.31
C GLU A 97 -9.49 -5.91 11.54
N GLN A 98 -9.53 -4.56 11.49
CA GLN A 98 -10.61 -3.82 10.82
C GLN A 98 -10.63 -4.14 9.31
N LEU A 99 -9.43 -4.13 8.69
CA LEU A 99 -9.28 -4.33 7.24
C LEU A 99 -9.47 -5.82 6.86
N LYS A 100 -9.20 -6.74 7.80
CA LYS A 100 -9.48 -8.19 7.62
C LYS A 100 -11.01 -8.40 7.53
N LYS A 101 -11.74 -7.59 8.33
CA LYS A 101 -13.20 -7.57 8.37
C LYS A 101 -13.77 -7.05 7.02
N ASP A 102 -13.09 -6.02 6.46
CA ASP A 102 -13.44 -5.43 5.15
C ASP A 102 -13.01 -6.33 3.97
N GLY A 103 -12.29 -7.44 4.26
CA GLY A 103 -11.88 -8.41 3.23
C GLY A 103 -10.70 -7.95 2.39
N VAL A 104 -9.93 -7.02 2.96
CA VAL A 104 -8.76 -6.40 2.33
C VAL A 104 -7.49 -7.21 2.65
N ASP A 105 -6.55 -7.26 1.68
CA ASP A 105 -5.24 -7.90 1.89
C ASP A 105 -4.43 -7.02 2.87
N VAL A 106 -4.10 -7.60 4.02
CA VAL A 106 -3.31 -6.92 5.06
C VAL A 106 -2.21 -7.85 5.56
N ARG A 107 -1.06 -7.24 5.86
CA ARG A 107 0.15 -7.92 6.30
C ARG A 107 1.02 -6.94 7.11
N VAL A 108 1.49 -7.40 8.29
CA VAL A 108 2.23 -6.55 9.25
C VAL A 108 3.60 -7.19 9.58
N THR A 109 4.61 -6.34 9.79
CA THR A 109 5.97 -6.73 10.22
C THR A 109 6.66 -5.51 10.84
N ASP A 110 7.82 -5.71 11.48
CA ASP A 110 8.64 -4.61 12.01
C ASP A 110 10.13 -4.92 11.78
N ASN A 111 10.58 -4.49 10.59
CA ASN A 111 12.00 -4.49 10.14
C ASN A 111 11.98 -4.21 8.63
N GLU A 112 13.01 -3.53 8.14
CA GLU A 112 13.13 -3.15 6.72
C GLU A 112 13.25 -4.38 5.78
N ASP A 113 13.93 -5.44 6.24
CA ASP A 113 14.32 -6.60 5.41
C ASP A 113 13.07 -7.33 4.88
N GLU A 114 12.30 -7.90 5.81
CA GLU A 114 11.05 -8.61 5.53
C GLU A 114 10.01 -7.68 4.90
N ALA A 115 10.04 -6.38 5.30
CA ALA A 115 9.16 -5.35 4.71
C ALA A 115 9.32 -5.29 3.18
N LYS A 116 10.59 -5.26 2.73
CA LYS A 116 10.98 -5.15 1.30
C LYS A 116 10.62 -6.41 0.50
N LYS A 117 10.65 -7.57 1.19
CA LYS A 117 10.37 -8.88 0.59
C LYS A 117 8.84 -9.06 0.40
N ARG A 118 8.06 -8.65 1.43
CA ARG A 118 6.58 -8.65 1.38
C ARG A 118 6.08 -7.61 0.35
N LEU A 119 6.86 -6.50 0.23
CA LEU A 119 6.62 -5.40 -0.72
C LEU A 119 6.76 -5.94 -2.16
N LYS A 120 7.86 -6.68 -2.40
CA LYS A 120 8.20 -7.22 -3.72
C LYS A 120 7.16 -8.26 -4.17
N GLU A 121 6.66 -9.07 -3.19
CA GLU A 121 5.59 -10.08 -3.41
C GLU A 121 4.36 -9.48 -4.09
N LEU A 122 4.03 -8.22 -3.73
CA LEU A 122 2.90 -7.49 -4.29
C LEU A 122 3.16 -7.15 -5.75
N LEU A 123 4.32 -6.51 -6.00
CA LEU A 123 4.71 -6.02 -7.35
C LEU A 123 4.77 -7.16 -8.39
N GLU A 124 5.13 -8.37 -7.93
CA GLU A 124 5.14 -9.59 -8.76
C GLU A 124 3.70 -9.98 -9.18
N LYS A 125 2.76 -9.87 -8.22
CA LYS A 125 1.31 -10.11 -8.45
C LYS A 125 0.66 -8.98 -9.25
N VAL A 126 1.25 -7.77 -9.18
CA VAL A 126 0.76 -6.58 -9.90
C VAL A 126 1.14 -6.68 -11.39
N LEU A 127 2.33 -7.22 -11.67
CA LEU A 127 2.82 -7.44 -13.05
C LEU A 127 2.15 -8.68 -13.68
N GLU A 128 1.84 -9.68 -12.83
CA GLU A 128 1.22 -10.94 -13.25
C GLU A 128 -0.32 -10.71 -13.44
N HIS A 129 -0.99 -10.41 -12.31
CA HIS A 129 -2.45 -10.12 -12.20
C HIS A 129 -3.35 -11.08 -13.02
N HIS A 130 -3.26 -12.36 -12.69
CA HIS A 130 -4.19 -13.41 -13.18
C HIS A 130 -4.55 -14.32 -12.02
N HIS A 131 -5.80 -14.80 -12.00
CA HIS A 131 -6.28 -15.75 -10.98
C HIS A 131 -5.67 -17.13 -11.23
N HIS A 132 -4.51 -17.39 -10.60
CA HIS A 132 -3.89 -18.74 -10.53
C HIS A 132 -4.42 -19.44 -9.28
N HIS A 133 -4.44 -20.78 -9.30
CA HIS A 133 -4.85 -21.60 -8.14
C HIS A 133 -3.72 -21.70 -7.09
N HIS A 134 -2.53 -21.17 -7.44
CA HIS A 134 -1.44 -20.92 -6.48
C HIS A 134 -1.25 -19.39 -6.35
N MET A 1 -6.99 -4.87 -13.01
CA MET A 1 -7.00 -3.46 -13.51
C MET A 1 -7.07 -2.50 -12.32
N GLY A 2 -6.06 -1.61 -12.21
CA GLY A 2 -5.98 -0.62 -11.13
C GLY A 2 -5.59 -1.26 -9.79
N THR A 3 -4.30 -1.15 -9.43
CA THR A 3 -3.76 -1.75 -8.20
C THR A 3 -3.22 -0.64 -7.27
N VAL A 4 -3.82 -0.52 -6.08
CA VAL A 4 -3.38 0.44 -5.05
C VAL A 4 -2.66 -0.31 -3.91
N VAL A 5 -1.54 0.26 -3.45
CA VAL A 5 -0.73 -0.27 -2.35
C VAL A 5 -0.61 0.83 -1.28
N ILE A 6 -1.10 0.56 -0.06
CA ILE A 6 -1.02 1.50 1.07
C ILE A 6 0.08 1.03 2.04
N VAL A 7 1.22 1.72 2.00
CA VAL A 7 2.34 1.48 2.90
C VAL A 7 2.25 2.47 4.07
N VAL A 8 2.03 1.95 5.29
CA VAL A 8 1.99 2.76 6.50
C VAL A 8 3.25 2.43 7.34
N SER A 9 4.21 3.35 7.31
CA SER A 9 5.46 3.25 8.06
C SER A 9 5.87 4.66 8.50
N ARG A 10 6.14 4.84 9.81
CA ARG A 10 6.53 6.15 10.38
C ARG A 10 8.05 6.36 10.14
N ASP A 11 8.76 5.23 10.06
CA ASP A 11 10.22 5.20 9.92
C ASP A 11 10.65 5.63 8.51
N GLU A 12 11.55 6.62 8.45
CA GLU A 12 12.03 7.25 7.21
C GLU A 12 12.82 6.29 6.33
N ARG A 13 13.66 5.47 7.00
CA ARG A 13 14.59 4.56 6.35
C ARG A 13 13.84 3.52 5.48
N ILE A 14 12.76 2.95 6.05
CA ILE A 14 11.96 1.88 5.43
C ILE A 14 11.17 2.43 4.21
N LEU A 15 10.64 3.67 4.34
CA LEU A 15 9.86 4.34 3.27
C LEU A 15 10.66 4.41 1.93
N GLU A 16 11.92 4.90 2.01
CA GLU A 16 12.80 5.06 0.83
C GLU A 16 13.31 3.70 0.32
N GLU A 17 13.44 2.70 1.22
CA GLU A 17 13.81 1.33 0.82
C GLU A 17 12.71 0.69 -0.05
N LEU A 18 11.46 0.74 0.45
CA LEU A 18 10.28 0.16 -0.24
C LEU A 18 9.99 0.88 -1.56
N LEU A 19 10.35 2.18 -1.61
CA LEU A 19 10.35 2.99 -2.83
C LEU A 19 11.29 2.37 -3.89
N GLU A 20 12.53 2.10 -3.46
CA GLU A 20 13.58 1.53 -4.33
C GLU A 20 13.31 0.06 -4.68
N VAL A 21 12.55 -0.65 -3.83
CA VAL A 21 12.09 -2.02 -4.11
C VAL A 21 11.15 -2.00 -5.34
N VAL A 22 10.25 -0.98 -5.39
CA VAL A 22 9.37 -0.74 -6.55
C VAL A 22 10.21 -0.36 -7.79
N LEU A 23 11.20 0.52 -7.58
CA LEU A 23 12.04 1.09 -8.67
C LEU A 23 12.88 0.00 -9.40
N LYS A 24 13.40 -0.97 -8.64
CA LYS A 24 14.25 -2.05 -9.20
C LYS A 24 13.40 -3.21 -9.76
N SER A 25 12.11 -3.28 -9.35
CA SER A 25 11.16 -4.30 -9.81
C SER A 25 10.32 -3.73 -10.99
N ASP A 26 9.35 -2.85 -10.66
CA ASP A 26 8.41 -2.25 -11.66
C ASP A 26 8.32 -0.72 -11.43
N PRO A 27 9.25 0.11 -12.02
CA PRO A 27 9.27 1.60 -11.83
C PRO A 27 8.15 2.35 -12.63
N ASN A 28 7.32 1.61 -13.37
CA ASN A 28 6.12 2.17 -14.06
C ASN A 28 5.02 2.53 -13.05
N VAL A 29 5.07 1.88 -11.89
CA VAL A 29 4.12 2.12 -10.79
C VAL A 29 4.30 3.54 -10.25
N LYS A 30 3.20 4.31 -10.18
CA LYS A 30 3.19 5.66 -9.60
C LYS A 30 3.49 5.57 -8.10
N THR A 31 4.38 6.41 -7.59
CA THR A 31 4.71 6.46 -6.17
C THR A 31 4.50 7.88 -5.64
N VAL A 32 3.86 7.97 -4.48
CA VAL A 32 3.52 9.24 -3.80
C VAL A 32 3.82 9.08 -2.30
N ARG A 33 4.31 10.14 -1.65
CA ARG A 33 4.55 10.14 -0.20
C ARG A 33 3.85 11.36 0.41
N THR A 34 2.57 11.16 0.77
CA THR A 34 1.75 12.15 1.50
C THR A 34 1.14 11.50 2.77
N ASP A 35 0.91 12.33 3.81
CA ASP A 35 0.19 11.92 5.04
C ASP A 35 -1.30 12.34 4.96
N ASP A 36 -1.63 13.26 4.02
CA ASP A 36 -3.00 13.73 3.79
C ASP A 36 -3.79 12.63 3.09
N LYS A 37 -4.73 11.99 3.82
CA LYS A 37 -5.49 10.82 3.34
C LYS A 37 -6.39 11.15 2.14
N GLU A 38 -6.79 12.43 2.02
CA GLU A 38 -7.58 12.92 0.88
C GLU A 38 -6.70 13.08 -0.37
N LYS A 39 -5.47 13.61 -0.16
CA LYS A 39 -4.45 13.75 -1.22
C LYS A 39 -4.04 12.37 -1.77
N VAL A 40 -4.00 11.35 -0.88
CA VAL A 40 -3.80 9.94 -1.27
C VAL A 40 -4.85 9.52 -2.31
N LYS A 41 -6.13 9.81 -2.00
CA LYS A 41 -7.29 9.45 -2.86
C LYS A 41 -7.25 10.17 -4.21
N GLU A 42 -6.77 11.43 -4.20
CA GLU A 42 -6.54 12.22 -5.42
C GLU A 42 -5.56 11.49 -6.34
N GLU A 43 -4.47 10.99 -5.76
CA GLU A 43 -3.43 10.27 -6.49
C GLU A 43 -3.88 8.86 -6.94
N ILE A 44 -4.75 8.22 -6.14
CA ILE A 44 -5.31 6.89 -6.43
C ILE A 44 -6.11 6.94 -7.76
N GLU A 45 -7.01 7.94 -7.85
CA GLU A 45 -7.87 8.09 -9.05
C GLU A 45 -7.06 8.58 -10.26
N LYS A 46 -5.97 9.36 -10.01
CA LYS A 46 -5.04 9.82 -11.08
C LYS A 46 -4.29 8.62 -11.70
N ALA A 47 -3.85 7.68 -10.86
CA ALA A 47 -3.19 6.44 -11.30
C ALA A 47 -4.19 5.51 -12.01
N ARG A 48 -5.48 5.60 -11.61
CA ARG A 48 -6.60 4.89 -12.23
C ARG A 48 -6.93 5.49 -13.63
N LYS A 49 -6.73 6.82 -13.78
CA LYS A 49 -6.86 7.51 -15.08
C LYS A 49 -5.77 7.02 -16.04
N GLN A 50 -4.53 6.93 -15.50
CA GLN A 50 -3.37 6.39 -16.23
C GLN A 50 -3.53 4.87 -16.47
N GLY A 51 -4.32 4.23 -15.57
CA GLY A 51 -4.54 2.79 -15.60
C GLY A 51 -3.38 1.99 -15.03
N ARG A 52 -2.43 2.69 -14.40
CA ARG A 52 -1.21 2.10 -13.82
C ARG A 52 -1.42 1.81 -12.32
N PRO A 53 -0.57 0.96 -11.68
CA PRO A 53 -0.59 0.77 -10.21
C PRO A 53 -0.04 2.01 -9.47
N ILE A 54 -0.19 2.02 -8.14
CA ILE A 54 0.29 3.11 -7.29
C ILE A 54 0.65 2.58 -5.89
N VAL A 55 1.77 3.09 -5.33
CA VAL A 55 2.22 2.81 -3.98
C VAL A 55 2.30 4.14 -3.21
N ILE A 56 1.55 4.25 -2.12
CA ILE A 56 1.51 5.43 -1.26
C ILE A 56 2.32 5.16 0.02
N PHE A 57 3.27 6.04 0.31
CA PHE A 57 4.10 5.98 1.51
C PHE A 57 3.59 7.02 2.50
N ILE A 58 2.89 6.54 3.52
CA ILE A 58 2.31 7.39 4.55
C ILE A 58 3.17 7.29 5.82
N ARG A 59 3.87 8.38 6.15
CA ARG A 59 4.56 8.50 7.43
C ARG A 59 3.52 8.76 8.52
N GLY A 60 3.57 7.96 9.58
CA GLY A 60 2.62 8.06 10.67
C GLY A 60 1.36 7.28 10.36
N ALA A 61 0.20 7.97 10.41
CA ALA A 61 -1.16 7.40 10.16
C ALA A 61 -1.66 6.54 11.35
N THR A 62 -2.99 6.35 11.36
CA THR A 62 -3.71 5.54 12.35
C THR A 62 -4.97 4.98 11.68
N GLU A 63 -5.89 4.33 12.45
CA GLU A 63 -7.07 3.63 11.90
C GLU A 63 -7.91 4.52 10.97
N GLU A 64 -8.35 5.67 11.49
CA GLU A 64 -9.29 6.58 10.79
C GLU A 64 -8.66 7.18 9.51
N VAL A 65 -7.31 7.17 9.44
CA VAL A 65 -6.58 7.55 8.22
C VAL A 65 -6.63 6.42 7.19
N VAL A 66 -6.06 5.26 7.59
CA VAL A 66 -5.80 4.12 6.69
C VAL A 66 -7.11 3.55 6.12
N ARG A 67 -8.08 3.23 7.02
CA ARG A 67 -9.38 2.62 6.63
C ARG A 67 -10.20 3.56 5.73
N ASP A 68 -9.99 4.87 5.92
CA ASP A 68 -10.68 5.92 5.14
C ASP A 68 -10.15 5.94 3.69
N ILE A 69 -8.85 5.70 3.54
CA ILE A 69 -8.22 5.54 2.21
C ILE A 69 -8.64 4.20 1.56
N VAL A 70 -8.62 3.14 2.37
CA VAL A 70 -8.87 1.76 1.92
C VAL A 70 -10.32 1.61 1.40
N GLU A 71 -11.29 2.28 2.08
CA GLU A 71 -12.70 2.26 1.65
C GLU A 71 -12.87 2.92 0.28
N TYR A 72 -12.04 3.95 0.00
CA TYR A 72 -12.01 4.62 -1.32
C TYR A 72 -11.55 3.65 -2.40
N ALA A 73 -10.39 2.99 -2.16
CA ALA A 73 -9.78 2.04 -3.12
C ALA A 73 -10.70 0.82 -3.38
N GLN A 74 -11.52 0.46 -2.37
CA GLN A 74 -12.53 -0.62 -2.50
C GLN A 74 -13.77 -0.16 -3.28
N LYS A 75 -14.21 1.11 -3.07
CA LYS A 75 -15.38 1.69 -3.79
C LYS A 75 -15.05 1.85 -5.29
N GLU A 76 -13.78 2.20 -5.58
CA GLU A 76 -13.25 2.26 -6.96
C GLU A 76 -13.23 0.86 -7.60
N GLY A 77 -13.18 -0.18 -6.74
CA GLY A 77 -13.15 -1.58 -7.18
C GLY A 77 -11.78 -1.98 -7.66
N LEU A 78 -10.75 -1.56 -6.89
CA LEU A 78 -9.33 -1.78 -7.22
C LEU A 78 -8.73 -2.83 -6.28
N ARG A 79 -7.58 -3.40 -6.68
CA ARG A 79 -6.81 -4.35 -5.86
C ARG A 79 -6.06 -3.58 -4.76
N VAL A 80 -6.41 -3.81 -3.49
CA VAL A 80 -5.87 -3.06 -2.33
C VAL A 80 -4.90 -3.96 -1.52
N LEU A 81 -3.62 -3.57 -1.50
CA LEU A 81 -2.55 -4.24 -0.71
C LEU A 81 -2.06 -3.24 0.35
N VAL A 82 -2.38 -3.47 1.61
CA VAL A 82 -1.97 -2.58 2.71
C VAL A 82 -0.87 -3.27 3.52
N ILE A 83 0.38 -2.79 3.36
CA ILE A 83 1.52 -3.24 4.17
C ILE A 83 1.81 -2.18 5.24
N MET A 84 1.74 -2.60 6.50
CA MET A 84 2.04 -1.77 7.66
C MET A 84 3.28 -2.34 8.35
N VAL A 85 4.37 -1.56 8.36
CA VAL A 85 5.67 -1.95 8.95
C VAL A 85 6.07 -0.89 9.98
N ASP A 86 6.15 -1.30 11.25
CA ASP A 86 6.46 -0.42 12.39
C ASP A 86 6.57 -1.25 13.69
N GLN A 87 7.36 -0.73 14.65
CA GLN A 87 7.68 -1.42 15.91
C GLN A 87 6.48 -1.45 16.88
N ASP A 88 5.59 -0.45 16.78
CA ASP A 88 4.34 -0.39 17.58
C ASP A 88 3.29 -1.30 16.90
N GLN A 89 3.59 -2.61 16.93
CA GLN A 89 2.87 -3.66 16.19
C GLN A 89 1.40 -3.80 16.61
N GLU A 90 1.08 -3.43 17.87
CA GLU A 90 -0.29 -3.48 18.39
C GLU A 90 -1.23 -2.51 17.64
N GLU A 91 -0.67 -1.33 17.28
CA GLU A 91 -1.35 -0.32 16.43
C GLU A 91 -1.64 -0.94 15.04
N LEU A 92 -0.60 -1.59 14.47
CA LEU A 92 -0.65 -2.24 13.14
C LEU A 92 -1.72 -3.35 13.10
N GLU A 93 -1.78 -4.13 14.19
CA GLU A 93 -2.65 -5.31 14.31
C GLU A 93 -4.13 -4.90 14.39
N ARG A 94 -4.39 -3.73 14.99
CA ARG A 94 -5.76 -3.16 15.07
C ARG A 94 -6.27 -2.81 13.66
N ILE A 95 -5.39 -2.18 12.85
CA ILE A 95 -5.73 -1.77 11.47
C ILE A 95 -5.94 -3.03 10.61
N TYR A 96 -5.04 -4.00 10.81
CA TYR A 96 -5.06 -5.31 10.14
C TYR A 96 -6.38 -6.03 10.41
N GLU A 97 -6.80 -6.03 11.69
CA GLU A 97 -7.99 -6.75 12.19
C GLU A 97 -9.28 -6.23 11.50
N GLN A 98 -9.41 -4.90 11.44
CA GLN A 98 -10.53 -4.21 10.76
C GLN A 98 -10.52 -4.51 9.24
N LEU A 99 -9.37 -4.24 8.61
CA LEU A 99 -9.17 -4.33 7.14
C LEU A 99 -9.26 -5.78 6.63
N LYS A 100 -8.92 -6.75 7.50
CA LYS A 100 -8.98 -8.19 7.16
C LYS A 100 -10.46 -8.59 7.00
N LYS A 101 -11.31 -8.02 7.88
CA LYS A 101 -12.78 -8.21 7.84
C LYS A 101 -13.42 -7.49 6.63
N ASP A 102 -12.80 -6.35 6.21
CA ASP A 102 -13.18 -5.62 4.97
C ASP A 102 -12.85 -6.46 3.72
N GLY A 103 -11.96 -7.49 3.89
CA GLY A 103 -11.57 -8.41 2.81
C GLY A 103 -10.35 -7.90 2.04
N VAL A 104 -9.59 -7.03 2.70
CA VAL A 104 -8.41 -6.36 2.12
C VAL A 104 -7.15 -7.17 2.39
N ASP A 105 -6.23 -7.23 1.41
CA ASP A 105 -4.96 -7.95 1.60
C ASP A 105 -4.06 -7.10 2.50
N VAL A 106 -3.91 -7.54 3.75
CA VAL A 106 -3.14 -6.82 4.76
C VAL A 106 -1.97 -7.66 5.26
N ARG A 107 -0.82 -6.99 5.37
CA ARG A 107 0.45 -7.59 5.77
C ARG A 107 1.08 -6.67 6.83
N VAL A 108 1.27 -7.21 8.04
CA VAL A 108 1.88 -6.48 9.17
C VAL A 108 3.16 -7.20 9.61
N THR A 109 4.23 -6.43 9.86
CA THR A 109 5.51 -6.98 10.31
C THR A 109 6.43 -5.86 10.81
N ASP A 110 6.96 -5.99 12.03
CA ASP A 110 8.10 -5.18 12.49
C ASP A 110 9.39 -5.94 12.10
N ASN A 111 9.88 -5.67 10.87
CA ASN A 111 11.09 -6.29 10.31
C ASN A 111 11.48 -5.53 9.03
N GLU A 112 12.80 -5.35 8.84
CA GLU A 112 13.35 -4.58 7.71
C GLU A 112 13.30 -5.41 6.42
N ASP A 113 13.80 -6.66 6.49
CA ASP A 113 13.85 -7.55 5.33
C ASP A 113 12.43 -7.96 4.89
N GLU A 114 11.60 -8.44 5.87
CA GLU A 114 10.20 -8.86 5.61
C GLU A 114 9.39 -7.76 4.88
N ALA A 115 9.63 -6.49 5.28
CA ALA A 115 9.00 -5.31 4.65
C ALA A 115 9.22 -5.32 3.13
N LYS A 116 10.50 -5.49 2.74
CA LYS A 116 10.97 -5.43 1.34
C LYS A 116 10.54 -6.67 0.53
N LYS A 117 10.47 -7.84 1.21
CA LYS A 117 10.11 -9.13 0.56
C LYS A 117 8.63 -9.09 0.14
N ARG A 118 7.77 -8.77 1.14
CA ARG A 118 6.31 -8.70 0.97
C ARG A 118 5.94 -7.59 -0.01
N LEU A 119 6.72 -6.48 0.00
CA LEU A 119 6.54 -5.34 -0.91
C LEU A 119 6.81 -5.79 -2.36
N LYS A 120 7.94 -6.47 -2.56
CA LYS A 120 8.38 -6.97 -3.88
C LYS A 120 7.34 -7.98 -4.45
N GLU A 121 6.75 -8.78 -3.53
CA GLU A 121 5.65 -9.72 -3.85
C GLU A 121 4.42 -8.99 -4.43
N LEU A 122 4.16 -7.75 -3.95
CA LEU A 122 3.00 -6.93 -4.39
C LEU A 122 3.15 -6.49 -5.86
N LEU A 123 4.40 -6.23 -6.27
CA LEU A 123 4.74 -5.91 -7.67
C LEU A 123 4.36 -7.08 -8.60
N GLU A 124 4.51 -8.29 -8.08
CA GLU A 124 4.13 -9.54 -8.77
C GLU A 124 2.61 -9.78 -8.64
N LYS A 125 2.00 -9.26 -7.55
CA LYS A 125 0.54 -9.30 -7.34
C LYS A 125 -0.19 -8.29 -8.24
N VAL A 126 0.57 -7.39 -8.86
CA VAL A 126 0.11 -6.63 -10.02
C VAL A 126 0.16 -7.54 -11.26
N LEU A 127 1.36 -8.12 -11.48
CA LEU A 127 1.71 -8.85 -12.71
C LEU A 127 1.02 -10.23 -12.81
N GLU A 128 0.32 -10.67 -11.74
CA GLU A 128 -0.46 -11.93 -11.75
C GLU A 128 -1.61 -11.85 -12.78
N HIS A 129 -2.17 -10.64 -12.95
CA HIS A 129 -3.20 -10.34 -13.97
C HIS A 129 -2.71 -9.22 -14.91
N HIS A 130 -1.39 -9.19 -15.11
CA HIS A 130 -0.72 -8.37 -16.13
C HIS A 130 0.37 -9.24 -16.75
N HIS A 131 -0.05 -10.10 -17.71
CA HIS A 131 0.84 -11.07 -18.39
C HIS A 131 2.00 -10.34 -19.07
N HIS A 132 1.65 -9.35 -19.90
CA HIS A 132 2.62 -8.50 -20.59
C HIS A 132 2.95 -7.27 -19.72
N HIS A 133 2.03 -6.29 -19.73
CA HIS A 133 2.21 -4.97 -19.09
C HIS A 133 0.99 -4.09 -19.38
N HIS A 134 0.78 -3.05 -18.56
CA HIS A 134 -0.18 -1.97 -18.87
C HIS A 134 0.62 -0.75 -19.37
N MET A 1 -5.76 -0.93 -14.59
CA MET A 1 -6.18 -1.50 -13.29
C MET A 1 -6.27 -0.40 -12.23
N GLY A 2 -5.11 0.22 -11.89
CA GLY A 2 -5.04 1.18 -10.79
C GLY A 2 -4.94 0.47 -9.45
N THR A 3 -4.15 -0.61 -9.42
CA THR A 3 -3.88 -1.43 -8.21
C THR A 3 -3.21 -0.58 -7.11
N VAL A 4 -3.94 -0.33 -6.01
CA VAL A 4 -3.52 0.60 -4.94
C VAL A 4 -2.89 -0.20 -3.78
N VAL A 5 -1.62 0.06 -3.49
CA VAL A 5 -0.89 -0.56 -2.38
C VAL A 5 -0.67 0.48 -1.29
N ILE A 6 -1.35 0.31 -0.14
CA ILE A 6 -1.27 1.25 1.00
C ILE A 6 -0.18 0.78 1.97
N VAL A 7 0.99 1.44 1.91
CA VAL A 7 2.13 1.13 2.77
C VAL A 7 2.23 2.19 3.87
N VAL A 8 1.88 1.78 5.09
CA VAL A 8 1.96 2.59 6.29
C VAL A 8 3.13 2.09 7.15
N SER A 9 4.06 2.99 7.50
CA SER A 9 5.13 2.69 8.44
C SER A 9 5.27 3.86 9.41
N ARG A 10 5.70 3.56 10.63
CA ARG A 10 5.88 4.57 11.70
C ARG A 10 7.26 5.28 11.56
N ASP A 11 8.00 4.93 10.49
CA ASP A 11 9.32 5.48 10.21
C ASP A 11 9.53 5.62 8.68
N GLU A 12 10.00 6.81 8.25
CA GLU A 12 10.21 7.14 6.83
C GLU A 12 11.48 6.51 6.25
N ARG A 13 12.44 6.15 7.12
CA ARG A 13 13.70 5.52 6.68
C ARG A 13 13.41 4.09 6.16
N ILE A 14 12.35 3.47 6.72
CA ILE A 14 11.82 2.20 6.21
C ILE A 14 11.08 2.43 4.87
N LEU A 15 10.24 3.49 4.83
CA LEU A 15 9.43 3.84 3.64
C LEU A 15 10.30 4.14 2.40
N GLU A 16 11.50 4.73 2.60
CA GLU A 16 12.41 5.09 1.49
C GLU A 16 13.06 3.83 0.89
N GLU A 17 13.32 2.81 1.74
CA GLU A 17 13.84 1.51 1.28
C GLU A 17 12.79 0.81 0.42
N LEU A 18 11.55 0.78 0.95
CA LEU A 18 10.38 0.17 0.30
C LEU A 18 10.03 0.90 -1.01
N LEU A 19 10.33 2.22 -1.03
CA LEU A 19 10.12 3.09 -2.20
C LEU A 19 11.05 2.66 -3.35
N GLU A 20 12.34 2.44 -3.00
CA GLU A 20 13.37 2.01 -3.96
C GLU A 20 13.02 0.64 -4.55
N VAL A 21 12.45 -0.25 -3.71
CA VAL A 21 12.05 -1.62 -4.09
C VAL A 21 11.08 -1.59 -5.30
N VAL A 22 10.13 -0.63 -5.29
CA VAL A 22 9.19 -0.41 -6.42
C VAL A 22 9.98 -0.01 -7.68
N LEU A 23 10.91 0.94 -7.51
CA LEU A 23 11.71 1.52 -8.59
C LEU A 23 12.65 0.49 -9.24
N LYS A 24 13.04 -0.55 -8.46
CA LYS A 24 13.89 -1.66 -8.94
C LYS A 24 13.06 -2.59 -9.84
N SER A 25 11.81 -2.84 -9.41
CA SER A 25 10.92 -3.82 -10.04
C SER A 25 10.29 -3.27 -11.35
N ASP A 26 9.60 -2.11 -11.24
CA ASP A 26 8.84 -1.52 -12.36
C ASP A 26 8.61 0.00 -12.13
N PRO A 27 8.90 0.87 -13.16
CA PRO A 27 8.71 2.33 -13.04
C PRO A 27 7.29 2.80 -13.44
N ASN A 28 6.48 1.90 -14.05
CA ASN A 28 5.10 2.22 -14.48
C ASN A 28 4.15 2.22 -13.28
N VAL A 29 4.45 1.39 -12.28
CA VAL A 29 3.77 1.45 -10.98
C VAL A 29 4.16 2.78 -10.32
N LYS A 30 3.22 3.73 -10.33
CA LYS A 30 3.43 5.06 -9.74
C LYS A 30 3.65 4.94 -8.23
N THR A 31 4.49 5.81 -7.67
CA THR A 31 4.68 5.90 -6.22
C THR A 31 4.44 7.34 -5.76
N VAL A 32 3.71 7.48 -4.65
CA VAL A 32 3.40 8.77 -4.03
C VAL A 32 3.67 8.67 -2.52
N ARG A 33 4.74 9.36 -2.08
CA ARG A 33 5.13 9.43 -0.67
C ARG A 33 4.50 10.68 -0.07
N THR A 34 3.30 10.50 0.49
CA THR A 34 2.44 11.58 0.98
C THR A 34 2.23 11.46 2.49
N ASP A 35 1.78 12.57 3.09
CA ASP A 35 1.48 12.67 4.53
C ASP A 35 -0.05 12.77 4.72
N ASP A 36 -0.75 13.23 3.66
CA ASP A 36 -2.20 13.52 3.68
C ASP A 36 -3.00 12.41 2.94
N LYS A 37 -4.17 12.05 3.53
CA LYS A 37 -5.06 10.99 2.99
C LYS A 37 -5.92 11.47 1.81
N GLU A 38 -6.20 12.78 1.75
CA GLU A 38 -7.00 13.38 0.67
C GLU A 38 -6.19 13.44 -0.63
N LYS A 39 -4.87 13.68 -0.46
CA LYS A 39 -3.89 13.60 -1.53
C LYS A 39 -3.92 12.21 -2.19
N VAL A 40 -4.01 11.16 -1.33
CA VAL A 40 -4.02 9.75 -1.77
C VAL A 40 -5.23 9.48 -2.69
N LYS A 41 -6.42 9.98 -2.28
CA LYS A 41 -7.69 9.76 -3.02
C LYS A 41 -7.62 10.30 -4.46
N GLU A 42 -6.93 11.46 -4.60
CA GLU A 42 -6.66 12.07 -5.91
C GLU A 42 -5.75 11.15 -6.72
N GLU A 43 -4.63 10.73 -6.09
CA GLU A 43 -3.61 9.89 -6.73
C GLU A 43 -4.15 8.49 -7.11
N ILE A 44 -5.16 8.01 -6.36
CA ILE A 44 -5.89 6.76 -6.65
C ILE A 44 -6.56 6.89 -8.03
N GLU A 45 -7.28 8.00 -8.21
CA GLU A 45 -7.99 8.31 -9.47
C GLU A 45 -7.03 8.70 -10.59
N LYS A 46 -5.91 9.35 -10.24
CA LYS A 46 -4.93 9.88 -11.21
C LYS A 46 -4.09 8.75 -11.81
N ALA A 47 -3.88 7.67 -11.04
CA ALA A 47 -3.21 6.45 -11.54
C ALA A 47 -4.23 5.53 -12.26
N ARG A 48 -5.44 5.48 -11.70
CA ARG A 48 -6.57 4.66 -12.23
C ARG A 48 -6.96 5.07 -13.66
N LYS A 49 -7.03 6.39 -13.90
CA LYS A 49 -7.40 6.96 -15.23
C LYS A 49 -6.27 6.77 -16.25
N GLN A 50 -5.04 6.56 -15.74
CA GLN A 50 -3.85 6.24 -16.55
C GLN A 50 -3.70 4.72 -16.74
N GLY A 51 -4.49 3.94 -15.97
CA GLY A 51 -4.43 2.49 -15.99
C GLY A 51 -3.44 1.93 -14.98
N ARG A 52 -2.27 2.60 -14.89
CA ARG A 52 -1.12 2.20 -14.07
C ARG A 52 -1.47 1.98 -12.57
N PRO A 53 -0.84 0.95 -11.92
CA PRO A 53 -0.91 0.77 -10.45
C PRO A 53 -0.20 1.90 -9.70
N ILE A 54 -0.35 1.91 -8.36
CA ILE A 54 0.22 2.96 -7.51
C ILE A 54 0.48 2.41 -6.09
N VAL A 55 1.64 2.76 -5.52
CA VAL A 55 2.04 2.41 -4.17
C VAL A 55 2.21 3.70 -3.35
N ILE A 56 1.40 3.84 -2.31
CA ILE A 56 1.35 5.01 -1.44
C ILE A 56 2.19 4.75 -0.18
N PHE A 57 3.04 5.72 0.19
CA PHE A 57 3.90 5.63 1.40
C PHE A 57 3.55 6.78 2.35
N ILE A 58 2.95 6.44 3.50
CA ILE A 58 2.59 7.42 4.55
C ILE A 58 3.20 7.01 5.89
N ARG A 59 3.81 7.97 6.61
CA ARG A 59 4.19 7.79 8.02
C ARG A 59 3.11 8.42 8.91
N GLY A 60 2.74 7.68 9.97
CA GLY A 60 1.79 8.18 10.95
C GLY A 60 0.35 8.13 10.47
N ALA A 61 0.05 7.17 9.56
CA ALA A 61 -1.31 6.93 9.10
C ALA A 61 -2.03 6.04 10.12
N THR A 62 -2.75 6.70 11.05
CA THR A 62 -3.57 6.04 12.09
C THR A 62 -4.89 5.51 11.46
N GLU A 63 -5.77 4.89 12.27
CA GLU A 63 -6.99 4.20 11.79
C GLU A 63 -7.84 5.12 10.88
N GLU A 64 -8.14 6.35 11.36
CA GLU A 64 -8.99 7.33 10.66
C GLU A 64 -8.45 7.67 9.25
N VAL A 65 -7.12 7.57 9.09
CA VAL A 65 -6.43 7.81 7.81
C VAL A 65 -6.59 6.57 6.90
N VAL A 66 -6.12 5.41 7.40
CA VAL A 66 -6.00 4.17 6.62
C VAL A 66 -7.38 3.69 6.13
N ARG A 67 -8.33 3.49 7.07
CA ARG A 67 -9.68 2.96 6.78
C ARG A 67 -10.43 3.84 5.74
N ASP A 68 -10.19 5.16 5.81
CA ASP A 68 -10.86 6.20 5.00
C ASP A 68 -10.36 6.16 3.53
N ILE A 69 -9.06 5.87 3.36
CA ILE A 69 -8.44 5.67 2.04
C ILE A 69 -8.88 4.32 1.43
N VAL A 70 -8.65 3.26 2.23
CA VAL A 70 -8.81 1.86 1.82
C VAL A 70 -10.24 1.56 1.33
N GLU A 71 -11.25 2.02 2.11
CA GLU A 71 -12.69 1.83 1.76
C GLU A 71 -12.98 2.39 0.36
N TYR A 72 -12.38 3.57 0.07
CA TYR A 72 -12.57 4.29 -1.19
C TYR A 72 -12.03 3.48 -2.37
N ALA A 73 -10.76 3.03 -2.26
CA ALA A 73 -10.08 2.27 -3.32
C ALA A 73 -10.79 0.92 -3.61
N GLN A 74 -11.42 0.33 -2.57
CA GLN A 74 -12.24 -0.90 -2.71
C GLN A 74 -13.57 -0.60 -3.44
N LYS A 75 -14.17 0.57 -3.12
CA LYS A 75 -15.43 1.04 -3.73
C LYS A 75 -15.23 1.46 -5.19
N GLU A 76 -13.97 1.77 -5.57
CA GLU A 76 -13.60 2.08 -6.97
C GLU A 76 -13.24 0.78 -7.73
N GLY A 77 -13.26 -0.37 -7.02
CA GLY A 77 -13.04 -1.69 -7.61
C GLY A 77 -11.59 -1.99 -7.92
N LEU A 78 -10.69 -1.37 -7.14
CA LEU A 78 -9.23 -1.49 -7.33
C LEU A 78 -8.65 -2.47 -6.29
N ARG A 79 -7.64 -3.25 -6.68
CA ARG A 79 -6.97 -4.22 -5.79
C ARG A 79 -6.16 -3.46 -4.71
N VAL A 80 -6.59 -3.57 -3.44
CA VAL A 80 -5.97 -2.82 -2.31
C VAL A 80 -5.11 -3.77 -1.45
N LEU A 81 -3.79 -3.55 -1.47
CA LEU A 81 -2.80 -4.34 -0.71
C LEU A 81 -2.22 -3.44 0.39
N VAL A 82 -2.53 -3.72 1.65
CA VAL A 82 -2.09 -2.88 2.78
C VAL A 82 -0.91 -3.54 3.51
N ILE A 83 0.28 -2.93 3.36
CA ILE A 83 1.48 -3.31 4.14
C ILE A 83 1.61 -2.33 5.31
N MET A 84 1.66 -2.84 6.53
CA MET A 84 1.91 -2.02 7.74
C MET A 84 3.13 -2.59 8.48
N VAL A 85 4.17 -1.74 8.63
CA VAL A 85 5.49 -2.12 9.17
C VAL A 85 5.91 -1.14 10.27
N ASP A 86 6.27 -1.69 11.43
CA ASP A 86 6.80 -0.95 12.60
C ASP A 86 7.29 -1.98 13.62
N GLN A 87 8.27 -1.59 14.47
CA GLN A 87 8.88 -2.45 15.49
C GLN A 87 7.85 -2.96 16.52
N ASP A 88 6.74 -2.20 16.66
CA ASP A 88 5.59 -2.60 17.48
C ASP A 88 4.54 -3.27 16.58
N GLN A 89 4.33 -4.58 16.80
CA GLN A 89 3.42 -5.39 15.97
C GLN A 89 1.95 -5.09 16.31
N GLU A 90 1.67 -4.68 17.57
CA GLU A 90 0.28 -4.41 18.04
C GLU A 90 -0.33 -3.19 17.33
N GLU A 91 0.52 -2.21 16.98
CA GLU A 91 0.12 -1.00 16.24
C GLU A 91 -0.42 -1.39 14.85
N LEU A 92 0.30 -2.32 14.23
CA LEU A 92 0.02 -2.82 12.88
C LEU A 92 -1.23 -3.74 12.93
N GLU A 93 -1.27 -4.57 13.99
CA GLU A 93 -2.31 -5.58 14.24
C GLU A 93 -3.66 -4.93 14.55
N ARG A 94 -3.61 -3.73 15.17
CA ARG A 94 -4.82 -2.96 15.53
C ARG A 94 -5.57 -2.55 14.25
N ILE A 95 -4.84 -1.90 13.33
CA ILE A 95 -5.41 -1.43 12.06
C ILE A 95 -5.76 -2.63 11.15
N TYR A 96 -4.90 -3.67 11.20
CA TYR A 96 -5.05 -4.95 10.47
C TYR A 96 -6.44 -5.57 10.71
N GLU A 97 -6.82 -5.65 11.99
CA GLU A 97 -8.07 -6.28 12.44
C GLU A 97 -9.30 -5.57 11.85
N GLN A 98 -9.25 -4.22 11.88
CA GLN A 98 -10.34 -3.37 11.38
C GLN A 98 -10.53 -3.52 9.86
N LEU A 99 -9.41 -3.52 9.12
CA LEU A 99 -9.41 -3.71 7.66
C LEU A 99 -9.82 -5.16 7.31
N LYS A 100 -9.54 -6.11 8.23
CA LYS A 100 -9.92 -7.51 8.09
C LYS A 100 -11.46 -7.64 8.19
N LYS A 101 -12.06 -6.77 9.04
CA LYS A 101 -13.53 -6.62 9.15
C LYS A 101 -14.14 -6.13 7.82
N ASP A 102 -13.41 -5.21 7.15
CA ASP A 102 -13.82 -4.63 5.84
C ASP A 102 -13.40 -5.53 4.65
N GLY A 103 -12.68 -6.63 4.95
CA GLY A 103 -12.30 -7.63 3.94
C GLY A 103 -11.24 -7.10 2.97
N VAL A 104 -10.13 -6.60 3.53
CA VAL A 104 -9.00 -6.03 2.76
C VAL A 104 -7.81 -6.99 2.79
N ASP A 105 -6.93 -6.92 1.76
CA ASP A 105 -5.63 -7.58 1.81
C ASP A 105 -4.76 -6.82 2.83
N VAL A 106 -4.40 -7.49 3.91
CA VAL A 106 -3.61 -6.91 5.00
C VAL A 106 -2.47 -7.86 5.39
N ARG A 107 -1.26 -7.29 5.44
CA ARG A 107 -0.03 -8.01 5.74
C ARG A 107 0.83 -7.12 6.64
N VAL A 108 1.21 -7.65 7.81
CA VAL A 108 1.95 -6.92 8.83
C VAL A 108 3.19 -7.72 9.26
N THR A 109 4.31 -7.01 9.45
CA THR A 109 5.56 -7.59 9.91
C THR A 109 6.35 -6.53 10.70
N ASP A 110 6.77 -6.89 11.93
CA ASP A 110 7.55 -5.97 12.77
C ASP A 110 9.05 -6.18 12.50
N ASN A 111 9.52 -5.50 11.43
CA ASN A 111 10.93 -5.44 10.94
C ASN A 111 10.93 -4.97 9.47
N GLU A 112 12.07 -4.44 9.02
CA GLU A 112 12.24 -3.87 7.66
C GLU A 112 12.60 -4.95 6.61
N ASP A 113 13.30 -6.02 7.05
CA ASP A 113 13.79 -7.08 6.12
C ASP A 113 12.62 -7.73 5.36
N GLU A 114 11.71 -8.36 6.13
CA GLU A 114 10.52 -9.05 5.60
C GLU A 114 9.60 -8.07 4.84
N ALA A 115 9.60 -6.80 5.29
CA ALA A 115 8.83 -5.71 4.66
C ALA A 115 9.23 -5.52 3.19
N LYS A 116 10.55 -5.54 2.93
CA LYS A 116 11.12 -5.36 1.57
C LYS A 116 10.78 -6.55 0.66
N LYS A 117 10.71 -7.76 1.25
CA LYS A 117 10.32 -9.00 0.54
C LYS A 117 8.84 -8.91 0.12
N ARG A 118 7.97 -8.48 1.06
CA ARG A 118 6.51 -8.38 0.84
C ARG A 118 6.17 -7.22 -0.10
N LEU A 119 7.03 -6.19 -0.09
CA LEU A 119 6.90 -5.02 -0.99
C LEU A 119 7.14 -5.49 -2.43
N LYS A 120 8.31 -6.14 -2.63
CA LYS A 120 8.74 -6.67 -3.93
C LYS A 120 7.75 -7.72 -4.47
N GLU A 121 7.16 -8.48 -3.53
CA GLU A 121 6.17 -9.53 -3.81
C GLU A 121 4.94 -8.92 -4.51
N LEU A 122 4.47 -7.77 -3.99
CA LEU A 122 3.27 -7.09 -4.53
C LEU A 122 3.55 -6.48 -5.91
N LEU A 123 4.81 -6.14 -6.17
CA LEU A 123 5.28 -5.72 -7.51
C LEU A 123 5.20 -6.90 -8.50
N GLU A 124 5.48 -8.11 -7.99
CA GLU A 124 5.35 -9.36 -8.77
C GLU A 124 3.87 -9.73 -8.97
N LYS A 125 3.02 -9.36 -7.98
CA LYS A 125 1.55 -9.53 -8.06
C LYS A 125 0.95 -8.60 -9.12
N VAL A 126 1.54 -7.39 -9.26
CA VAL A 126 1.23 -6.47 -10.35
C VAL A 126 1.63 -7.12 -11.70
N LEU A 127 2.89 -7.63 -11.75
CA LEU A 127 3.46 -8.25 -12.97
C LEU A 127 2.80 -9.61 -13.31
N GLU A 128 2.00 -10.15 -12.38
CA GLU A 128 1.10 -11.29 -12.69
C GLU A 128 0.00 -10.83 -13.64
N HIS A 129 -0.73 -9.78 -13.23
CA HIS A 129 -1.88 -9.28 -14.00
C HIS A 129 -1.44 -8.15 -14.93
N HIS A 130 -0.54 -8.48 -15.87
CA HIS A 130 -0.21 -7.61 -17.01
C HIS A 130 -1.46 -7.57 -17.94
N HIS A 131 -2.27 -6.51 -17.75
CA HIS A 131 -3.69 -6.47 -18.15
C HIS A 131 -3.91 -6.78 -19.66
N HIS A 132 -4.12 -8.08 -19.96
CA HIS A 132 -4.42 -8.61 -21.32
C HIS A 132 -3.32 -8.22 -22.35
N HIS A 133 -2.10 -8.01 -21.84
CA HIS A 133 -0.94 -7.56 -22.62
C HIS A 133 0.31 -8.33 -22.21
N HIS A 134 0.99 -8.94 -23.17
CA HIS A 134 2.24 -9.68 -22.94
C HIS A 134 3.43 -8.70 -22.93
N MET A 1 -5.28 -3.39 -12.26
CA MET A 1 -5.13 -2.16 -13.09
C MET A 1 -5.70 -0.96 -12.32
N GLY A 2 -4.84 0.05 -12.03
CA GLY A 2 -5.19 1.13 -11.08
C GLY A 2 -5.06 0.67 -9.63
N THR A 3 -4.43 -0.50 -9.45
CA THR A 3 -4.27 -1.21 -8.17
C THR A 3 -3.52 -0.36 -7.12
N VAL A 4 -4.10 -0.24 -5.91
CA VAL A 4 -3.58 0.66 -4.86
C VAL A 4 -2.94 -0.16 -3.72
N VAL A 5 -1.63 0.05 -3.50
CA VAL A 5 -0.88 -0.56 -2.41
C VAL A 5 -0.69 0.48 -1.29
N ILE A 6 -1.12 0.19 -0.06
CA ILE A 6 -1.02 1.11 1.09
C ILE A 6 0.10 0.64 2.02
N VAL A 7 1.11 1.51 2.25
CA VAL A 7 2.23 1.26 3.16
C VAL A 7 2.19 2.27 4.31
N VAL A 8 2.07 1.75 5.55
CA VAL A 8 2.01 2.57 6.79
C VAL A 8 3.17 2.16 7.73
N SER A 9 4.10 3.10 8.00
CA SER A 9 5.15 2.92 9.02
C SER A 9 5.46 4.25 9.72
N ARG A 10 5.70 4.18 11.05
CA ARG A 10 6.09 5.35 11.89
C ARG A 10 7.37 6.03 11.37
N ASP A 11 8.27 5.20 10.83
CA ASP A 11 9.60 5.63 10.35
C ASP A 11 9.55 5.93 8.85
N GLU A 12 10.08 7.11 8.47
CA GLU A 12 10.11 7.59 7.07
C GLU A 12 11.10 6.79 6.21
N ARG A 13 12.16 6.27 6.86
CA ARG A 13 13.19 5.49 6.15
C ARG A 13 12.62 4.17 5.63
N ILE A 14 11.75 3.50 6.43
CA ILE A 14 11.09 2.24 6.00
C ILE A 14 10.33 2.49 4.68
N LEU A 15 9.61 3.63 4.62
CA LEU A 15 8.83 4.06 3.44
C LEU A 15 9.73 4.23 2.18
N GLU A 16 10.88 4.94 2.33
CA GLU A 16 11.78 5.27 1.20
C GLU A 16 12.67 4.07 0.80
N GLU A 17 12.84 3.12 1.72
CA GLU A 17 13.47 1.81 1.41
C GLU A 17 12.54 1.02 0.49
N LEU A 18 11.25 0.98 0.88
CA LEU A 18 10.18 0.28 0.12
C LEU A 18 9.84 1.03 -1.18
N LEU A 19 10.17 2.34 -1.22
CA LEU A 19 10.04 3.18 -2.42
C LEU A 19 10.94 2.62 -3.53
N GLU A 20 12.24 2.44 -3.21
CA GLU A 20 13.23 1.87 -4.14
C GLU A 20 12.84 0.44 -4.55
N VAL A 21 12.27 -0.33 -3.59
CA VAL A 21 11.82 -1.71 -3.84
C VAL A 21 10.82 -1.77 -5.01
N VAL A 22 9.88 -0.80 -5.06
CA VAL A 22 8.93 -0.67 -6.18
C VAL A 22 9.66 -0.31 -7.48
N LEU A 23 10.50 0.74 -7.40
CA LEU A 23 11.14 1.37 -8.58
C LEU A 23 12.12 0.41 -9.29
N LYS A 24 12.73 -0.52 -8.53
CA LYS A 24 13.68 -1.52 -9.07
C LYS A 24 12.91 -2.77 -9.57
N SER A 25 11.77 -3.07 -8.92
CA SER A 25 10.90 -4.22 -9.29
C SER A 25 10.21 -3.95 -10.65
N ASP A 26 9.69 -2.72 -10.80
CA ASP A 26 8.98 -2.26 -12.01
C ASP A 26 8.89 -0.71 -11.98
N PRO A 27 9.43 0.01 -13.02
CA PRO A 27 9.41 1.49 -13.07
C PRO A 27 8.09 2.06 -13.60
N ASN A 28 7.22 1.19 -14.14
CA ASN A 28 5.94 1.60 -14.77
C ASN A 28 4.85 1.77 -13.70
N VAL A 29 5.12 1.29 -12.48
CA VAL A 29 4.24 1.49 -11.31
C VAL A 29 4.46 2.90 -10.72
N LYS A 30 3.35 3.64 -10.55
CA LYS A 30 3.37 4.96 -9.89
C LYS A 30 3.62 4.79 -8.37
N THR A 31 4.42 5.70 -7.79
CA THR A 31 4.67 5.75 -6.36
C THR A 31 4.46 7.19 -5.85
N VAL A 32 3.92 7.30 -4.65
CA VAL A 32 3.65 8.56 -3.94
C VAL A 32 4.02 8.37 -2.46
N ARG A 33 4.78 9.32 -1.88
CA ARG A 33 5.02 9.36 -0.43
C ARG A 33 4.56 10.73 0.10
N THR A 34 3.27 10.80 0.45
CA THR A 34 2.66 11.92 1.18
C THR A 34 2.00 11.38 2.46
N ASP A 35 1.76 12.25 3.44
CA ASP A 35 1.02 11.88 4.66
C ASP A 35 -0.43 12.40 4.56
N ASP A 36 -0.67 13.35 3.64
CA ASP A 36 -1.99 13.92 3.36
C ASP A 36 -2.88 12.91 2.63
N LYS A 37 -3.94 12.42 3.29
CA LYS A 37 -4.91 11.46 2.68
C LYS A 37 -5.72 12.13 1.55
N GLU A 38 -5.73 13.48 1.53
CA GLU A 38 -6.32 14.29 0.45
C GLU A 38 -5.52 14.05 -0.84
N LYS A 39 -4.20 14.26 -0.73
CA LYS A 39 -3.24 14.16 -1.83
C LYS A 39 -3.21 12.73 -2.41
N VAL A 40 -3.30 11.74 -1.49
CA VAL A 40 -3.40 10.32 -1.83
C VAL A 40 -4.60 10.07 -2.77
N LYS A 41 -5.80 10.52 -2.34
CA LYS A 41 -7.06 10.32 -3.08
C LYS A 41 -7.02 10.95 -4.49
N GLU A 42 -6.41 12.15 -4.56
CA GLU A 42 -6.23 12.89 -5.82
C GLU A 42 -5.38 12.09 -6.82
N GLU A 43 -4.29 11.49 -6.32
CA GLU A 43 -3.34 10.74 -7.17
C GLU A 43 -3.82 9.30 -7.46
N ILE A 44 -4.73 8.77 -6.62
CA ILE A 44 -5.47 7.52 -6.94
C ILE A 44 -6.45 7.81 -8.09
N GLU A 45 -7.05 9.02 -8.07
CA GLU A 45 -8.02 9.51 -9.06
C GLU A 45 -7.31 9.75 -10.44
N LYS A 46 -6.00 10.07 -10.39
CA LYS A 46 -5.16 10.24 -11.59
C LYS A 46 -4.71 8.87 -12.12
N ALA A 47 -4.16 8.04 -11.20
CA ALA A 47 -3.65 6.68 -11.54
C ALA A 47 -4.77 5.76 -12.02
N ARG A 48 -6.01 6.12 -11.64
CA ARG A 48 -7.24 5.49 -12.11
C ARG A 48 -7.32 5.56 -13.64
N LYS A 49 -7.25 6.79 -14.18
CA LYS A 49 -7.37 7.06 -15.64
C LYS A 49 -6.15 6.47 -16.40
N GLN A 50 -4.99 6.50 -15.73
CA GLN A 50 -3.73 5.97 -16.27
C GLN A 50 -3.76 4.43 -16.35
N GLY A 51 -4.54 3.79 -15.45
CA GLY A 51 -4.67 2.33 -15.40
C GLY A 51 -3.47 1.62 -14.78
N ARG A 52 -2.45 2.40 -14.38
CA ARG A 52 -1.22 1.87 -13.76
C ARG A 52 -1.44 1.71 -12.24
N PRO A 53 -0.79 0.70 -11.59
CA PRO A 53 -0.82 0.57 -10.11
C PRO A 53 -0.10 1.76 -9.44
N ILE A 54 -0.60 2.17 -8.27
CA ILE A 54 -0.02 3.24 -7.46
C ILE A 54 0.27 2.70 -6.05
N VAL A 55 1.47 3.04 -5.52
CA VAL A 55 1.92 2.62 -4.19
C VAL A 55 2.09 3.86 -3.32
N ILE A 56 1.33 3.93 -2.23
CA ILE A 56 1.30 5.07 -1.31
C ILE A 56 2.14 4.75 -0.07
N PHE A 57 2.94 5.73 0.39
CA PHE A 57 3.79 5.62 1.57
C PHE A 57 3.45 6.76 2.52
N ILE A 58 2.87 6.45 3.68
CA ILE A 58 2.42 7.44 4.68
C ILE A 58 3.20 7.28 5.98
N ARG A 59 3.82 8.40 6.44
CA ARG A 59 4.48 8.46 7.75
C ARG A 59 3.42 8.43 8.86
N GLY A 60 3.33 7.27 9.56
CA GLY A 60 2.43 7.09 10.69
C GLY A 60 0.98 7.45 10.41
N ALA A 61 0.34 6.72 9.49
CA ALA A 61 -1.09 6.89 9.20
C ALA A 61 -1.91 6.41 10.40
N THR A 62 -2.64 7.33 11.03
CA THR A 62 -3.56 7.00 12.13
C THR A 62 -4.81 6.27 11.57
N GLU A 63 -5.64 5.73 12.49
CA GLU A 63 -6.80 4.86 12.15
C GLU A 63 -7.63 5.38 10.96
N GLU A 64 -8.05 6.65 11.10
CA GLU A 64 -8.95 7.31 10.16
C GLU A 64 -8.33 7.41 8.76
N VAL A 65 -7.03 7.72 8.68
CA VAL A 65 -6.30 7.87 7.41
C VAL A 65 -6.23 6.52 6.66
N VAL A 66 -5.80 5.46 7.40
CA VAL A 66 -5.59 4.11 6.82
C VAL A 66 -6.87 3.60 6.15
N ARG A 67 -7.92 3.40 6.98
CA ARG A 67 -9.16 2.71 6.55
C ARG A 67 -9.97 3.55 5.55
N ASP A 68 -9.83 4.89 5.60
CA ASP A 68 -10.54 5.81 4.69
C ASP A 68 -9.99 5.72 3.26
N ILE A 69 -8.65 5.56 3.14
CA ILE A 69 -8.00 5.38 1.83
C ILE A 69 -8.21 3.96 1.28
N VAL A 70 -8.10 2.95 2.16
CA VAL A 70 -8.32 1.53 1.81
C VAL A 70 -9.75 1.36 1.25
N GLU A 71 -10.75 1.88 2.01
CA GLU A 71 -12.17 1.79 1.62
C GLU A 71 -12.45 2.65 0.37
N TYR A 72 -11.73 3.79 0.23
CA TYR A 72 -11.85 4.70 -0.92
C TYR A 72 -11.62 3.94 -2.22
N ALA A 73 -10.44 3.30 -2.31
CA ALA A 73 -10.00 2.56 -3.50
C ALA A 73 -10.94 1.37 -3.79
N GLN A 74 -11.44 0.73 -2.72
CA GLN A 74 -12.42 -0.38 -2.82
C GLN A 74 -13.75 0.09 -3.42
N LYS A 75 -14.22 1.28 -3.00
CA LYS A 75 -15.49 1.88 -3.50
C LYS A 75 -15.31 2.43 -4.92
N GLU A 76 -14.06 2.70 -5.31
CA GLU A 76 -13.70 3.04 -6.70
C GLU A 76 -13.70 1.76 -7.57
N GLY A 77 -13.48 0.59 -6.92
CA GLY A 77 -13.47 -0.71 -7.60
C GLY A 77 -12.06 -1.17 -7.96
N LEU A 78 -11.11 -0.90 -7.04
CA LEU A 78 -9.67 -1.19 -7.23
C LEU A 78 -9.19 -2.24 -6.21
N ARG A 79 -8.22 -3.06 -6.63
CA ARG A 79 -7.59 -4.09 -5.77
C ARG A 79 -6.65 -3.41 -4.78
N VAL A 80 -6.83 -3.66 -3.47
CA VAL A 80 -6.04 -3.02 -2.41
C VAL A 80 -5.12 -4.06 -1.71
N LEU A 81 -3.81 -3.77 -1.69
CA LEU A 81 -2.78 -4.58 -1.01
C LEU A 81 -2.15 -3.71 0.09
N VAL A 82 -2.28 -4.07 1.37
CA VAL A 82 -1.82 -3.23 2.49
C VAL A 82 -0.65 -3.90 3.23
N ILE A 83 0.53 -3.24 3.22
CA ILE A 83 1.66 -3.55 4.11
C ILE A 83 1.73 -2.50 5.22
N MET A 84 1.85 -2.98 6.45
CA MET A 84 2.01 -2.15 7.63
C MET A 84 3.23 -2.67 8.39
N VAL A 85 4.21 -1.78 8.63
CA VAL A 85 5.47 -2.10 9.34
C VAL A 85 5.58 -1.16 10.53
N ASP A 86 5.94 -1.70 11.71
CA ASP A 86 5.98 -0.90 12.96
C ASP A 86 6.85 -1.58 14.02
N GLN A 87 7.27 -0.77 15.00
CA GLN A 87 8.03 -1.22 16.19
C GLN A 87 7.03 -1.81 17.22
N ASP A 88 5.89 -1.11 17.34
CA ASP A 88 4.77 -1.46 18.22
C ASP A 88 3.60 -2.00 17.38
N GLN A 89 3.55 -3.33 17.20
CA GLN A 89 2.53 -3.96 16.34
C GLN A 89 1.24 -4.33 17.08
N GLU A 90 1.08 -3.91 18.36
CA GLU A 90 -0.21 -4.08 19.08
C GLU A 90 -1.25 -3.10 18.49
N GLU A 91 -0.81 -1.86 18.26
CA GLU A 91 -1.60 -0.81 17.59
C GLU A 91 -1.81 -1.17 16.11
N LEU A 92 -0.74 -1.71 15.50
CA LEU A 92 -0.70 -2.06 14.07
C LEU A 92 -1.63 -3.26 13.77
N GLU A 93 -1.72 -4.22 14.73
CA GLU A 93 -2.57 -5.43 14.59
C GLU A 93 -4.05 -5.07 14.81
N ARG A 94 -4.28 -4.01 15.61
CA ARG A 94 -5.63 -3.47 15.85
C ARG A 94 -6.23 -2.95 14.51
N ILE A 95 -5.38 -2.28 13.70
CA ILE A 95 -5.76 -1.77 12.36
C ILE A 95 -5.84 -2.95 11.35
N TYR A 96 -4.84 -3.84 11.45
CA TYR A 96 -4.69 -5.06 10.62
C TYR A 96 -5.95 -5.94 10.66
N GLU A 97 -6.56 -6.04 11.86
CA GLU A 97 -7.77 -6.86 12.07
C GLU A 97 -8.97 -6.29 11.32
N GLN A 98 -9.18 -4.96 11.44
CA GLN A 98 -10.38 -4.31 10.86
C GLN A 98 -10.29 -4.17 9.33
N LEU A 99 -9.06 -4.23 8.79
CA LEU A 99 -8.81 -4.30 7.34
C LEU A 99 -9.01 -5.76 6.83
N LYS A 100 -8.50 -6.74 7.61
CA LYS A 100 -8.58 -8.19 7.31
C LYS A 100 -10.05 -8.66 7.38
N LYS A 101 -10.82 -8.00 8.25
CA LYS A 101 -12.27 -8.22 8.46
C LYS A 101 -13.06 -8.23 7.14
N ASP A 102 -12.63 -7.36 6.20
CA ASP A 102 -13.29 -7.20 4.89
C ASP A 102 -12.88 -8.33 3.91
N GLY A 103 -11.65 -8.84 4.08
CA GLY A 103 -11.06 -9.78 3.12
C GLY A 103 -10.02 -9.11 2.21
N VAL A 104 -9.55 -7.92 2.63
CA VAL A 104 -8.45 -7.21 1.95
C VAL A 104 -7.13 -7.96 2.19
N ASP A 105 -6.23 -8.00 1.20
CA ASP A 105 -4.89 -8.57 1.38
C ASP A 105 -4.08 -7.63 2.26
N VAL A 106 -3.87 -8.06 3.50
CA VAL A 106 -3.15 -7.28 4.52
C VAL A 106 -2.05 -8.15 5.16
N ARG A 107 -0.96 -7.49 5.56
CA ARG A 107 0.22 -8.15 6.15
C ARG A 107 1.03 -7.15 7.00
N VAL A 108 1.47 -7.61 8.18
CA VAL A 108 2.27 -6.82 9.14
C VAL A 108 3.60 -7.52 9.44
N THR A 109 4.68 -6.72 9.68
CA THR A 109 6.00 -7.26 10.03
C THR A 109 6.82 -6.17 10.77
N ASP A 110 7.56 -6.58 11.82
CA ASP A 110 8.42 -5.66 12.59
C ASP A 110 9.88 -5.85 12.17
N ASN A 111 10.27 -5.13 11.09
CA ASN A 111 11.65 -5.09 10.51
C ASN A 111 11.59 -4.51 9.07
N GLU A 112 12.78 -4.35 8.45
CA GLU A 112 12.94 -3.72 7.13
C GLU A 112 13.11 -4.78 6.01
N ASP A 113 13.87 -5.87 6.30
CA ASP A 113 14.25 -6.91 5.30
C ASP A 113 13.00 -7.61 4.73
N GLU A 114 12.21 -8.24 5.63
CA GLU A 114 10.92 -8.89 5.31
C GLU A 114 9.99 -7.92 4.58
N ALA A 115 9.92 -6.68 5.07
CA ALA A 115 9.08 -5.61 4.50
C ALA A 115 9.31 -5.49 2.97
N LYS A 116 10.60 -5.51 2.57
CA LYS A 116 11.02 -5.40 1.15
C LYS A 116 10.62 -6.62 0.31
N LYS A 117 10.76 -7.80 0.92
CA LYS A 117 10.47 -9.10 0.26
C LYS A 117 8.99 -9.20 -0.10
N ARG A 118 8.15 -8.81 0.87
CA ARG A 118 6.70 -8.91 0.77
C ARG A 118 6.13 -7.72 -0.04
N LEU A 119 6.90 -6.61 -0.08
CA LEU A 119 6.57 -5.41 -0.89
C LEU A 119 6.72 -5.78 -2.38
N LYS A 120 7.91 -6.31 -2.72
CA LYS A 120 8.27 -6.75 -4.08
C LYS A 120 7.31 -7.88 -4.54
N GLU A 121 6.85 -8.70 -3.57
CA GLU A 121 5.84 -9.75 -3.80
C GLU A 121 4.52 -9.15 -4.33
N LEU A 122 4.07 -8.04 -3.69
CA LEU A 122 2.82 -7.35 -4.08
C LEU A 122 2.92 -6.83 -5.51
N LEU A 123 4.09 -6.26 -5.86
CA LEU A 123 4.37 -5.80 -7.24
C LEU A 123 4.19 -6.95 -8.23
N GLU A 124 4.75 -8.13 -7.89
CA GLU A 124 4.67 -9.33 -8.74
C GLU A 124 3.20 -9.78 -8.89
N LYS A 125 2.43 -9.71 -7.79
CA LYS A 125 1.00 -10.12 -7.75
C LYS A 125 0.12 -9.24 -8.68
N VAL A 126 0.47 -7.95 -8.77
CA VAL A 126 -0.22 -6.98 -9.65
C VAL A 126 0.17 -7.25 -11.11
N LEU A 127 1.48 -7.45 -11.34
CA LEU A 127 2.06 -7.69 -12.68
C LEU A 127 1.71 -9.12 -13.18
N GLU A 128 1.28 -10.01 -12.24
CA GLU A 128 0.74 -11.34 -12.58
C GLU A 128 -0.57 -11.14 -13.36
N HIS A 129 -1.55 -10.49 -12.67
CA HIS A 129 -2.95 -10.28 -13.14
C HIS A 129 -3.59 -11.54 -13.78
N HIS A 130 -3.05 -12.73 -13.42
CA HIS A 130 -3.53 -14.05 -13.84
C HIS A 130 -4.44 -14.57 -12.73
N HIS A 131 -3.90 -14.58 -11.50
CA HIS A 131 -4.70 -14.73 -10.27
C HIS A 131 -5.35 -13.36 -9.98
N HIS A 132 -6.67 -13.30 -10.16
CA HIS A 132 -7.44 -12.04 -10.16
C HIS A 132 -8.73 -12.23 -9.36
N HIS A 133 -9.18 -11.16 -8.68
CA HIS A 133 -10.37 -11.20 -7.79
C HIS A 133 -11.51 -10.37 -8.40
N HIS A 134 -12.76 -10.80 -8.17
CA HIS A 134 -13.96 -10.16 -8.77
C HIS A 134 -15.11 -10.16 -7.73
N MET A 1 -2.81 -3.96 -13.39
CA MET A 1 -3.70 -2.80 -13.61
C MET A 1 -4.74 -2.70 -12.48
N GLY A 2 -5.13 -1.44 -12.14
CA GLY A 2 -6.15 -1.19 -11.11
C GLY A 2 -5.75 -1.65 -9.72
N THR A 3 -4.48 -1.39 -9.35
CA THR A 3 -3.89 -1.86 -8.09
C THR A 3 -3.39 -0.66 -7.25
N VAL A 4 -3.92 -0.51 -6.03
CA VAL A 4 -3.47 0.51 -5.06
C VAL A 4 -2.84 -0.19 -3.84
N VAL A 5 -1.51 -0.13 -3.75
CA VAL A 5 -0.75 -0.66 -2.60
C VAL A 5 -0.56 0.47 -1.57
N ILE A 6 -1.27 0.38 -0.44
CA ILE A 6 -1.19 1.36 0.65
C ILE A 6 -0.13 0.89 1.66
N VAL A 7 1.02 1.57 1.65
CA VAL A 7 2.12 1.29 2.58
C VAL A 7 2.03 2.28 3.75
N VAL A 8 1.85 1.73 4.95
CA VAL A 8 1.80 2.48 6.20
C VAL A 8 3.01 2.07 7.04
N SER A 9 3.90 3.03 7.32
CA SER A 9 5.02 2.79 8.23
C SER A 9 5.24 4.04 9.07
N ARG A 10 5.29 3.84 10.41
CA ARG A 10 5.50 4.92 11.38
C ARG A 10 6.93 5.48 11.24
N ASP A 11 7.87 4.59 10.88
CA ASP A 11 9.25 4.96 10.52
C ASP A 11 9.28 5.33 9.01
N GLU A 12 9.71 6.57 8.72
CA GLU A 12 9.71 7.12 7.36
C GLU A 12 10.86 6.56 6.49
N ARG A 13 11.98 6.16 7.14
CA ARG A 13 13.17 5.63 6.41
C ARG A 13 12.79 4.32 5.67
N ILE A 14 11.83 3.58 6.25
CA ILE A 14 11.31 2.34 5.68
C ILE A 14 10.51 2.64 4.39
N LEU A 15 9.75 3.76 4.39
CA LEU A 15 8.93 4.19 3.22
C LEU A 15 9.80 4.40 1.96
N GLU A 16 10.95 5.06 2.14
CA GLU A 16 11.88 5.37 1.02
C GLU A 16 12.76 4.15 0.65
N GLU A 17 12.88 3.18 1.58
CA GLU A 17 13.48 1.85 1.28
C GLU A 17 12.53 1.01 0.43
N LEU A 18 11.22 1.07 0.76
CA LEU A 18 10.17 0.35 0.03
C LEU A 18 9.91 1.01 -1.32
N LEU A 19 10.20 2.33 -1.39
CA LEU A 19 10.21 3.10 -2.65
C LEU A 19 11.21 2.48 -3.63
N GLU A 20 12.44 2.23 -3.14
CA GLU A 20 13.50 1.57 -3.91
C GLU A 20 13.05 0.20 -4.43
N VAL A 21 12.36 -0.58 -3.58
CA VAL A 21 11.88 -1.93 -3.93
C VAL A 21 10.85 -1.87 -5.08
N VAL A 22 9.97 -0.84 -5.07
CA VAL A 22 8.97 -0.63 -6.15
C VAL A 22 9.69 -0.33 -7.48
N LEU A 23 10.63 0.64 -7.43
CA LEU A 23 11.32 1.16 -8.63
C LEU A 23 12.24 0.11 -9.29
N LYS A 24 12.84 -0.77 -8.45
CA LYS A 24 13.71 -1.87 -8.92
C LYS A 24 12.85 -3.03 -9.48
N SER A 25 11.65 -3.22 -8.91
CA SER A 25 10.67 -4.24 -9.35
C SER A 25 10.07 -3.86 -10.71
N ASP A 26 9.69 -2.57 -10.83
CA ASP A 26 9.08 -2.01 -12.04
C ASP A 26 8.99 -0.46 -11.90
N PRO A 27 9.71 0.33 -12.76
CA PRO A 27 9.72 1.81 -12.67
C PRO A 27 8.50 2.47 -13.36
N ASN A 28 7.56 1.65 -13.86
CA ASN A 28 6.33 2.13 -14.54
C ASN A 28 5.15 2.17 -13.55
N VAL A 29 5.38 1.67 -12.32
CA VAL A 29 4.45 1.82 -11.20
C VAL A 29 4.55 3.26 -10.65
N LYS A 30 3.40 3.93 -10.49
CA LYS A 30 3.35 5.27 -9.89
C LYS A 30 3.67 5.16 -8.38
N THR A 31 4.52 6.05 -7.87
CA THR A 31 4.90 6.09 -6.45
C THR A 31 4.68 7.49 -5.89
N VAL A 32 4.09 7.56 -4.69
CA VAL A 32 3.76 8.82 -3.99
C VAL A 32 4.01 8.62 -2.48
N ARG A 33 4.78 9.52 -1.84
CA ARG A 33 4.98 9.49 -0.38
C ARG A 33 4.35 10.75 0.24
N THR A 34 3.07 10.62 0.61
CA THR A 34 2.30 11.69 1.27
C THR A 34 1.82 11.19 2.65
N ASP A 35 2.04 12.01 3.70
CA ASP A 35 1.53 11.74 5.06
C ASP A 35 0.08 12.26 5.23
N ASP A 36 -0.46 12.90 4.17
CA ASP A 36 -1.86 13.35 4.11
C ASP A 36 -2.73 12.31 3.37
N LYS A 37 -3.95 12.08 3.91
CA LYS A 37 -4.92 11.10 3.37
C LYS A 37 -5.63 11.63 2.11
N GLU A 38 -5.87 12.95 2.07
CA GLU A 38 -6.65 13.60 1.00
C GLU A 38 -5.88 13.58 -0.33
N LYS A 39 -4.54 13.73 -0.22
CA LYS A 39 -3.63 13.70 -1.37
C LYS A 39 -3.59 12.29 -2.00
N VAL A 40 -3.62 11.25 -1.14
CA VAL A 40 -3.66 9.84 -1.56
C VAL A 40 -4.85 9.61 -2.50
N LYS A 41 -6.02 10.12 -2.08
CA LYS A 41 -7.31 9.95 -2.77
C LYS A 41 -7.29 10.48 -4.21
N GLU A 42 -6.61 11.64 -4.40
CA GLU A 42 -6.36 12.23 -5.72
C GLU A 42 -5.56 11.25 -6.59
N GLU A 43 -4.44 10.78 -6.01
CA GLU A 43 -3.47 9.93 -6.70
C GLU A 43 -4.05 8.54 -7.08
N ILE A 44 -5.00 8.04 -6.27
CA ILE A 44 -5.71 6.77 -6.54
C ILE A 44 -6.50 6.90 -7.87
N GLU A 45 -7.17 8.05 -8.04
CA GLU A 45 -7.96 8.37 -9.25
C GLU A 45 -7.07 8.56 -10.48
N LYS A 46 -5.96 9.30 -10.30
CA LYS A 46 -5.02 9.67 -11.38
C LYS A 46 -4.35 8.42 -11.99
N ALA A 47 -4.01 7.45 -11.13
CA ALA A 47 -3.45 6.15 -11.54
C ALA A 47 -4.55 5.26 -12.14
N ARG A 48 -5.79 5.40 -11.60
CA ARG A 48 -6.98 4.65 -12.06
C ARG A 48 -7.34 5.00 -13.51
N LYS A 49 -7.24 6.30 -13.88
CA LYS A 49 -7.58 6.80 -15.23
C LYS A 49 -6.69 6.13 -16.29
N GLN A 50 -5.40 6.05 -15.97
CA GLN A 50 -4.39 5.41 -16.83
C GLN A 50 -4.42 3.88 -16.67
N GLY A 51 -5.06 3.41 -15.58
CA GLY A 51 -5.15 1.98 -15.25
C GLY A 51 -3.88 1.45 -14.60
N ARG A 52 -2.86 2.32 -14.42
CA ARG A 52 -1.54 1.93 -13.91
C ARG A 52 -1.61 1.68 -12.38
N PRO A 53 -0.75 0.78 -11.84
CA PRO A 53 -0.68 0.56 -10.38
C PRO A 53 0.01 1.74 -9.67
N ILE A 54 -0.23 1.84 -8.37
CA ILE A 54 0.30 2.93 -7.55
C ILE A 54 0.60 2.42 -6.15
N VAL A 55 1.75 2.83 -5.61
CA VAL A 55 2.18 2.50 -4.24
C VAL A 55 2.32 3.81 -3.47
N ILE A 56 1.48 3.97 -2.45
CA ILE A 56 1.45 5.15 -1.59
C ILE A 56 2.25 4.85 -0.32
N PHE A 57 3.00 5.84 0.18
CA PHE A 57 3.84 5.71 1.38
C PHE A 57 3.40 6.79 2.38
N ILE A 58 2.80 6.38 3.49
CA ILE A 58 2.24 7.30 4.49
C ILE A 58 2.94 7.09 5.84
N ARG A 59 3.53 8.19 6.36
CA ARG A 59 4.26 8.18 7.63
C ARG A 59 3.27 8.28 8.80
N GLY A 60 3.23 7.22 9.63
CA GLY A 60 2.43 7.22 10.86
C GLY A 60 0.94 7.31 10.61
N ALA A 61 0.46 6.66 9.54
CA ALA A 61 -0.97 6.57 9.23
C ALA A 61 -1.65 5.68 10.27
N THR A 62 -2.33 6.32 11.22
CA THR A 62 -3.05 5.62 12.30
C THR A 62 -4.37 5.02 11.75
N GLU A 63 -5.06 4.21 12.59
CA GLU A 63 -6.22 3.37 12.19
C GLU A 63 -7.29 4.18 11.43
N GLU A 64 -7.63 5.38 11.97
CA GLU A 64 -8.66 6.27 11.40
C GLU A 64 -8.31 6.72 9.96
N VAL A 65 -7.00 6.94 9.71
CA VAL A 65 -6.50 7.41 8.41
C VAL A 65 -6.59 6.28 7.37
N VAL A 66 -6.05 5.11 7.75
CA VAL A 66 -5.89 3.97 6.83
C VAL A 66 -7.26 3.43 6.37
N ARG A 67 -8.16 3.18 7.33
CA ARG A 67 -9.53 2.65 7.07
C ARG A 67 -10.30 3.55 6.06
N ASP A 68 -10.04 4.86 6.17
CA ASP A 68 -10.71 5.94 5.40
C ASP A 68 -10.22 5.95 3.93
N ILE A 69 -8.91 5.74 3.76
CA ILE A 69 -8.27 5.68 2.44
C ILE A 69 -8.60 4.37 1.70
N VAL A 70 -8.56 3.26 2.45
CA VAL A 70 -8.75 1.91 1.89
C VAL A 70 -10.18 1.72 1.37
N GLU A 71 -11.18 2.21 2.14
CA GLU A 71 -12.60 2.15 1.73
C GLU A 71 -12.84 2.97 0.46
N TYR A 72 -12.09 4.09 0.33
CA TYR A 72 -12.14 4.97 -0.85
C TYR A 72 -11.62 4.25 -2.11
N ALA A 73 -10.48 3.55 -1.96
CA ALA A 73 -9.85 2.79 -3.05
C ALA A 73 -10.73 1.57 -3.47
N GLN A 74 -11.58 1.10 -2.54
CA GLN A 74 -12.60 0.07 -2.81
C GLN A 74 -13.84 0.68 -3.50
N LYS A 75 -14.12 1.98 -3.22
CA LYS A 75 -15.18 2.75 -3.93
C LYS A 75 -14.76 2.98 -5.39
N GLU A 76 -13.43 3.02 -5.64
CA GLU A 76 -12.84 3.10 -6.99
C GLU A 76 -12.94 1.75 -7.74
N GLY A 77 -13.18 0.66 -6.97
CA GLY A 77 -13.22 -0.69 -7.53
C GLY A 77 -11.83 -1.22 -7.87
N LEU A 78 -10.81 -0.71 -7.15
CA LEU A 78 -9.40 -1.08 -7.35
C LEU A 78 -8.95 -2.03 -6.24
N ARG A 79 -8.11 -3.00 -6.61
CA ARG A 79 -7.58 -4.01 -5.68
C ARG A 79 -6.60 -3.34 -4.70
N VAL A 80 -6.97 -3.31 -3.40
CA VAL A 80 -6.20 -2.60 -2.35
C VAL A 80 -5.32 -3.61 -1.58
N LEU A 81 -4.00 -3.39 -1.65
CA LEU A 81 -2.99 -4.21 -0.95
C LEU A 81 -2.33 -3.34 0.13
N VAL A 82 -2.58 -3.61 1.41
CA VAL A 82 -2.03 -2.75 2.50
C VAL A 82 -0.92 -3.50 3.25
N ILE A 83 0.30 -2.91 3.25
CA ILE A 83 1.45 -3.39 4.03
C ILE A 83 1.73 -2.38 5.14
N MET A 84 1.62 -2.82 6.39
CA MET A 84 1.88 -2.00 7.57
C MET A 84 3.17 -2.51 8.24
N VAL A 85 4.20 -1.65 8.28
CA VAL A 85 5.55 -1.99 8.75
C VAL A 85 5.93 -1.10 9.93
N ASP A 86 6.42 -1.73 11.02
CA ASP A 86 7.13 -1.05 12.14
C ASP A 86 7.44 -2.09 13.23
N GLN A 87 8.21 -1.67 14.26
CA GLN A 87 8.43 -2.45 15.49
C GLN A 87 7.19 -2.32 16.41
N ASP A 88 6.34 -1.33 16.10
CA ASP A 88 5.01 -1.13 16.71
C ASP A 88 3.95 -1.89 15.87
N GLN A 89 4.31 -3.14 15.50
CA GLN A 89 3.51 -4.03 14.63
C GLN A 89 2.12 -4.33 15.24
N GLU A 90 2.02 -4.32 16.58
CA GLU A 90 0.74 -4.57 17.30
C GLU A 90 -0.26 -3.40 17.10
N GLU A 91 0.26 -2.17 17.11
CA GLU A 91 -0.52 -0.94 16.80
C GLU A 91 -1.11 -1.04 15.37
N LEU A 92 -0.28 -1.61 14.48
CA LEU A 92 -0.64 -1.84 13.08
C LEU A 92 -1.57 -3.05 12.93
N GLU A 93 -1.47 -4.01 13.89
CA GLU A 93 -2.29 -5.25 13.89
C GLU A 93 -3.76 -4.94 14.16
N ARG A 94 -4.02 -3.84 14.90
CA ARG A 94 -5.38 -3.37 15.18
C ARG A 94 -5.99 -2.74 13.91
N ILE A 95 -5.15 -2.01 13.14
CA ILE A 95 -5.52 -1.47 11.81
C ILE A 95 -5.83 -2.64 10.85
N TYR A 96 -4.94 -3.66 10.92
CA TYR A 96 -5.02 -4.91 10.16
C TYR A 96 -6.36 -5.60 10.38
N GLU A 97 -6.79 -5.68 11.67
CA GLU A 97 -8.02 -6.37 12.07
C GLU A 97 -9.26 -5.77 11.38
N GLN A 98 -9.27 -4.43 11.30
CA GLN A 98 -10.35 -3.67 10.67
C GLN A 98 -10.45 -4.00 9.17
N LEU A 99 -9.32 -3.85 8.47
CA LEU A 99 -9.24 -4.04 7.01
C LEU A 99 -9.47 -5.52 6.61
N LYS A 100 -9.01 -6.43 7.49
CA LYS A 100 -9.16 -7.89 7.32
C LYS A 100 -10.65 -8.25 7.40
N LYS A 101 -11.35 -7.60 8.34
CA LYS A 101 -12.80 -7.76 8.55
C LYS A 101 -13.60 -7.32 7.29
N ASP A 102 -13.15 -6.22 6.65
CA ASP A 102 -13.73 -5.73 5.37
C ASP A 102 -13.45 -6.70 4.20
N GLY A 103 -12.45 -7.58 4.38
CA GLY A 103 -12.05 -8.54 3.36
C GLY A 103 -11.07 -7.95 2.36
N VAL A 104 -10.31 -6.94 2.81
CA VAL A 104 -9.21 -6.33 2.04
C VAL A 104 -7.95 -7.20 2.22
N ASP A 105 -7.16 -7.37 1.14
CA ASP A 105 -5.95 -8.18 1.21
C ASP A 105 -4.85 -7.35 1.91
N VAL A 106 -4.61 -7.67 3.18
CA VAL A 106 -3.78 -6.86 4.09
C VAL A 106 -2.82 -7.73 4.90
N ARG A 107 -1.71 -7.11 5.32
CA ARG A 107 -0.67 -7.75 6.13
C ARG A 107 0.07 -6.71 6.98
N VAL A 108 0.65 -7.20 8.07
CA VAL A 108 1.51 -6.45 8.98
C VAL A 108 2.85 -7.17 9.12
N THR A 109 3.93 -6.41 9.31
CA THR A 109 5.26 -6.98 9.52
C THR A 109 6.10 -6.08 10.44
N ASP A 110 7.10 -6.72 11.03
CA ASP A 110 8.19 -6.08 11.74
C ASP A 110 9.47 -6.28 10.93
N ASN A 111 10.36 -5.27 11.01
CA ASN A 111 11.73 -5.24 10.39
C ASN A 111 11.65 -4.66 8.96
N GLU A 112 12.63 -3.79 8.65
CA GLU A 112 12.74 -3.09 7.36
C GLU A 112 13.14 -4.06 6.24
N ASP A 113 14.12 -4.95 6.52
CA ASP A 113 14.62 -5.93 5.53
C ASP A 113 13.48 -6.89 5.13
N GLU A 114 12.69 -7.28 6.14
CA GLU A 114 11.53 -8.17 5.99
C GLU A 114 10.43 -7.47 5.18
N ALA A 115 10.23 -6.17 5.46
CA ALA A 115 9.27 -5.31 4.76
C ALA A 115 9.56 -5.26 3.26
N LYS A 116 10.86 -5.15 2.93
CA LYS A 116 11.35 -5.03 1.55
C LYS A 116 11.12 -6.32 0.76
N LYS A 117 11.02 -7.46 1.48
CA LYS A 117 10.70 -8.75 0.87
C LYS A 117 9.19 -8.79 0.55
N ARG A 118 8.36 -8.42 1.54
CA ARG A 118 6.87 -8.47 1.44
C ARG A 118 6.34 -7.43 0.45
N LEU A 119 7.09 -6.33 0.31
CA LEU A 119 6.80 -5.24 -0.64
C LEU A 119 6.92 -5.79 -2.06
N LYS A 120 8.03 -6.51 -2.29
CA LYS A 120 8.32 -7.13 -3.57
C LYS A 120 7.30 -8.23 -3.89
N GLU A 121 6.87 -8.99 -2.84
CA GLU A 121 5.91 -10.10 -3.02
C GLU A 121 4.60 -9.63 -3.67
N LEU A 122 4.08 -8.47 -3.22
CA LEU A 122 2.85 -7.89 -3.76
C LEU A 122 3.11 -7.19 -5.11
N LEU A 123 4.30 -6.60 -5.25
CA LEU A 123 4.75 -5.96 -6.52
C LEU A 123 4.82 -6.99 -7.66
N GLU A 124 5.15 -8.23 -7.30
CA GLU A 124 5.15 -9.38 -8.23
C GLU A 124 3.71 -9.76 -8.59
N LYS A 125 2.81 -9.75 -7.58
CA LYS A 125 1.37 -10.03 -7.75
C LYS A 125 0.65 -8.93 -8.58
N VAL A 126 1.28 -7.75 -8.66
CA VAL A 126 0.86 -6.69 -9.60
C VAL A 126 1.24 -7.13 -11.04
N LEU A 127 2.48 -7.60 -11.17
CA LEU A 127 3.07 -8.03 -12.47
C LEU A 127 2.64 -9.46 -12.87
N GLU A 128 1.81 -10.10 -12.02
CA GLU A 128 1.10 -11.36 -12.36
C GLU A 128 -0.32 -11.05 -12.85
N HIS A 129 -1.10 -10.37 -11.99
CA HIS A 129 -2.53 -10.13 -12.19
C HIS A 129 -2.81 -9.34 -13.51
N HIS A 130 -3.22 -10.09 -14.56
CA HIS A 130 -3.44 -9.57 -15.93
C HIS A 130 -2.29 -8.65 -16.37
N HIS A 131 -1.09 -9.24 -16.44
CA HIS A 131 0.15 -8.53 -16.79
C HIS A 131 0.21 -8.22 -18.29
N HIS A 132 1.11 -7.29 -18.65
CA HIS A 132 1.34 -6.92 -20.05
C HIS A 132 1.97 -8.10 -20.82
N HIS A 133 1.18 -8.71 -21.72
CA HIS A 133 1.69 -9.65 -22.74
C HIS A 133 2.12 -8.84 -23.98
N HIS A 134 1.54 -7.63 -24.10
CA HIS A 134 1.96 -6.59 -25.06
C HIS A 134 1.56 -5.19 -24.49
N MET A 1 -6.77 -2.95 -14.59
CA MET A 1 -5.91 -3.65 -13.61
C MET A 1 -5.55 -2.68 -12.46
N GLY A 2 -6.60 -2.10 -11.84
CA GLY A 2 -6.44 -1.07 -10.81
C GLY A 2 -6.01 -1.65 -9.45
N THR A 3 -4.69 -1.72 -9.23
CA THR A 3 -4.11 -2.33 -8.02
C THR A 3 -3.45 -1.24 -7.16
N VAL A 4 -4.05 -0.93 -5.99
CA VAL A 4 -3.58 0.13 -5.08
C VAL A 4 -2.91 -0.51 -3.84
N VAL A 5 -1.57 -0.45 -3.78
CA VAL A 5 -0.79 -1.03 -2.67
C VAL A 5 -0.56 0.04 -1.59
N ILE A 6 -1.28 -0.09 -0.46
CA ILE A 6 -1.25 0.89 0.65
C ILE A 6 -0.20 0.48 1.69
N VAL A 7 0.94 1.17 1.68
CA VAL A 7 2.02 0.97 2.67
C VAL A 7 1.82 1.98 3.83
N VAL A 8 1.87 1.48 5.07
CA VAL A 8 1.71 2.27 6.31
C VAL A 8 2.91 1.98 7.22
N SER A 9 3.80 2.98 7.39
CA SER A 9 4.95 2.91 8.33
C SER A 9 5.16 4.29 8.96
N ARG A 10 5.43 4.35 10.29
CA ARG A 10 5.64 5.66 10.97
C ARG A 10 7.06 6.18 10.69
N ASP A 11 8.01 5.23 10.58
CA ASP A 11 9.45 5.52 10.46
C ASP A 11 9.83 5.81 8.99
N GLU A 12 10.37 7.03 8.75
CA GLU A 12 10.78 7.50 7.39
C GLU A 12 11.87 6.62 6.79
N ARG A 13 12.69 6.01 7.67
CA ARG A 13 13.70 5.00 7.28
C ARG A 13 13.06 3.86 6.47
N ILE A 14 11.88 3.41 6.90
CA ILE A 14 11.17 2.29 6.26
C ILE A 14 10.59 2.73 4.88
N LEU A 15 9.89 3.91 4.83
CA LEU A 15 9.21 4.39 3.58
C LEU A 15 10.19 4.57 2.39
N GLU A 16 11.37 5.17 2.68
CA GLU A 16 12.38 5.50 1.63
C GLU A 16 13.00 4.22 1.02
N GLU A 17 13.21 3.20 1.87
CA GLU A 17 13.76 1.91 1.44
C GLU A 17 12.76 1.17 0.55
N LEU A 18 11.49 1.19 0.99
CA LEU A 18 10.37 0.52 0.29
C LEU A 18 10.05 1.22 -1.04
N LEU A 19 10.27 2.55 -1.09
CA LEU A 19 10.11 3.37 -2.30
C LEU A 19 11.09 2.88 -3.39
N GLU A 20 12.36 2.66 -2.97
CA GLU A 20 13.42 2.16 -3.86
C GLU A 20 13.10 0.76 -4.42
N VAL A 21 12.45 -0.09 -3.60
CA VAL A 21 12.15 -1.49 -3.97
C VAL A 21 11.26 -1.54 -5.26
N VAL A 22 10.21 -0.68 -5.34
CA VAL A 22 9.34 -0.63 -6.54
C VAL A 22 10.13 -0.09 -7.76
N LEU A 23 10.95 0.94 -7.52
CA LEU A 23 11.74 1.62 -8.57
C LEU A 23 12.81 0.67 -9.18
N LYS A 24 13.29 -0.30 -8.38
CA LYS A 24 14.23 -1.34 -8.83
C LYS A 24 13.54 -2.39 -9.72
N SER A 25 12.24 -2.62 -9.47
CA SER A 25 11.43 -3.62 -10.17
C SER A 25 10.74 -3.01 -11.42
N ASP A 26 9.73 -2.16 -11.15
CA ASP A 26 8.83 -1.61 -12.17
C ASP A 26 8.40 -0.17 -11.77
N PRO A 27 9.26 0.86 -12.08
CA PRO A 27 8.92 2.29 -11.83
C PRO A 27 7.84 2.83 -12.80
N ASN A 28 7.37 1.97 -13.72
CA ASN A 28 6.20 2.25 -14.60
C ASN A 28 4.94 2.49 -13.75
N VAL A 29 4.82 1.72 -12.67
CA VAL A 29 3.78 1.88 -11.65
C VAL A 29 4.00 3.21 -10.91
N LYS A 30 2.93 4.01 -10.78
CA LYS A 30 3.00 5.31 -10.11
C LYS A 30 3.30 5.10 -8.61
N THR A 31 4.40 5.69 -8.12
CA THR A 31 4.82 5.57 -6.73
C THR A 31 4.69 6.93 -6.05
N VAL A 32 4.13 6.94 -4.84
CA VAL A 32 3.86 8.17 -4.06
C VAL A 32 4.31 7.96 -2.62
N ARG A 33 5.20 8.82 -2.12
CA ARG A 33 5.59 8.84 -0.71
C ARG A 33 5.02 10.12 -0.08
N THR A 34 3.85 9.98 0.54
CA THR A 34 3.09 11.10 1.13
C THR A 34 2.91 10.89 2.64
N ASP A 35 2.46 11.95 3.31
CA ASP A 35 2.08 11.94 4.73
C ASP A 35 0.56 12.02 4.86
N ASP A 36 -0.07 12.70 3.88
CA ASP A 36 -1.50 13.03 3.89
C ASP A 36 -2.33 11.96 3.17
N LYS A 37 -3.43 11.52 3.82
CA LYS A 37 -4.47 10.62 3.23
C LYS A 37 -5.20 11.30 2.06
N GLU A 38 -5.30 12.63 2.14
CA GLU A 38 -5.95 13.48 1.14
C GLU A 38 -5.18 13.40 -0.18
N LYS A 39 -3.83 13.53 -0.07
CA LYS A 39 -2.91 13.51 -1.19
C LYS A 39 -2.92 12.13 -1.87
N VAL A 40 -3.11 11.05 -1.07
CA VAL A 40 -3.25 9.68 -1.59
C VAL A 40 -4.41 9.61 -2.59
N LYS A 41 -5.56 10.19 -2.20
CA LYS A 41 -6.79 10.17 -3.01
C LYS A 41 -6.65 11.01 -4.29
N GLU A 42 -5.82 12.07 -4.24
CA GLU A 42 -5.47 12.88 -5.44
C GLU A 42 -4.77 11.98 -6.47
N GLU A 43 -3.80 11.22 -5.95
CA GLU A 43 -2.96 10.32 -6.74
C GLU A 43 -3.74 9.07 -7.21
N ILE A 44 -4.76 8.65 -6.41
CA ILE A 44 -5.66 7.54 -6.80
C ILE A 44 -6.42 7.93 -8.06
N GLU A 45 -6.93 9.18 -8.10
CA GLU A 45 -7.65 9.73 -9.26
C GLU A 45 -6.76 9.77 -10.52
N LYS A 46 -5.49 10.16 -10.34
CA LYS A 46 -4.51 10.27 -11.45
C LYS A 46 -4.26 8.88 -12.09
N ALA A 47 -3.86 7.91 -11.25
CA ALA A 47 -3.53 6.54 -11.69
C ALA A 47 -4.77 5.79 -12.24
N ARG A 48 -5.93 6.07 -11.63
CA ARG A 48 -7.25 5.57 -12.06
C ARG A 48 -7.54 5.98 -13.51
N LYS A 49 -7.44 7.30 -13.77
CA LYS A 49 -7.75 7.90 -15.09
C LYS A 49 -6.71 7.49 -16.14
N GLN A 50 -5.45 7.23 -15.71
CA GLN A 50 -4.39 6.70 -16.60
C GLN A 50 -4.66 5.22 -16.93
N GLY A 51 -5.35 4.52 -16.01
CA GLY A 51 -5.62 3.09 -16.16
C GLY A 51 -4.39 2.24 -15.85
N ARG A 52 -3.80 2.49 -14.66
CA ARG A 52 -2.58 1.79 -14.20
C ARG A 52 -2.64 1.57 -12.67
N PRO A 53 -1.88 0.56 -12.13
CA PRO A 53 -1.70 0.40 -10.67
C PRO A 53 -0.86 1.56 -10.03
N ILE A 54 -0.93 1.64 -8.70
CA ILE A 54 -0.24 2.68 -7.91
C ILE A 54 0.17 2.12 -6.53
N VAL A 55 1.41 2.41 -6.10
CA VAL A 55 1.93 2.02 -4.78
C VAL A 55 2.12 3.29 -3.94
N ILE A 56 1.37 3.37 -2.83
CA ILE A 56 1.38 4.51 -1.90
C ILE A 56 2.27 4.17 -0.69
N PHE A 57 2.98 5.17 -0.17
CA PHE A 57 3.84 5.07 1.01
C PHE A 57 3.44 6.17 1.99
N ILE A 58 2.74 5.79 3.06
CA ILE A 58 2.22 6.74 4.06
C ILE A 58 3.09 6.73 5.30
N ARG A 59 3.57 7.91 5.70
CA ARG A 59 4.24 8.09 6.98
C ARG A 59 3.19 8.32 8.08
N GLY A 60 3.04 7.31 8.97
CA GLY A 60 2.18 7.41 10.16
C GLY A 60 0.69 7.50 9.83
N ALA A 61 0.01 6.35 9.80
CA ALA A 61 -1.42 6.27 9.46
C ALA A 61 -2.15 5.42 10.49
N THR A 62 -2.98 6.07 11.33
CA THR A 62 -3.84 5.38 12.31
C THR A 62 -5.03 4.69 11.60
N GLU A 63 -5.85 3.94 12.39
CA GLU A 63 -7.01 3.18 11.86
C GLU A 63 -7.92 4.07 10.99
N GLU A 64 -8.12 5.32 11.45
CA GLU A 64 -8.98 6.33 10.78
C GLU A 64 -8.46 6.68 9.37
N VAL A 65 -7.14 6.97 9.29
CA VAL A 65 -6.46 7.35 8.04
C VAL A 65 -6.49 6.19 7.01
N VAL A 66 -6.14 4.98 7.50
CA VAL A 66 -6.02 3.81 6.64
C VAL A 66 -7.39 3.40 6.06
N ARG A 67 -8.44 3.28 6.93
CA ARG A 67 -9.80 2.89 6.47
C ARG A 67 -10.36 3.93 5.48
N ASP A 68 -9.96 5.20 5.67
CA ASP A 68 -10.43 6.34 4.86
C ASP A 68 -9.97 6.21 3.40
N ILE A 69 -8.70 5.81 3.23
CA ILE A 69 -8.09 5.55 1.92
C ILE A 69 -8.60 4.24 1.30
N VAL A 70 -8.53 3.15 2.10
CA VAL A 70 -8.88 1.79 1.65
C VAL A 70 -10.32 1.77 1.12
N GLU A 71 -11.27 2.33 1.90
CA GLU A 71 -12.71 2.39 1.53
C GLU A 71 -12.92 3.16 0.22
N TYR A 72 -12.11 4.22 0.01
CA TYR A 72 -12.18 5.09 -1.18
C TYR A 72 -11.85 4.28 -2.45
N ALA A 73 -10.81 3.45 -2.35
CA ALA A 73 -10.38 2.56 -3.44
C ALA A 73 -11.37 1.37 -3.61
N GLN A 74 -11.99 0.93 -2.50
CA GLN A 74 -13.04 -0.13 -2.52
C GLN A 74 -14.29 0.34 -3.29
N LYS A 75 -14.62 1.66 -3.19
CA LYS A 75 -15.76 2.29 -3.91
C LYS A 75 -15.63 2.10 -5.43
N GLU A 76 -14.38 2.12 -5.91
CA GLU A 76 -14.05 2.05 -7.35
C GLU A 76 -13.78 0.62 -7.81
N GLY A 77 -13.80 -0.33 -6.86
CA GLY A 77 -13.51 -1.73 -7.16
C GLY A 77 -12.03 -1.99 -7.43
N LEU A 78 -11.17 -1.17 -6.82
CA LEU A 78 -9.71 -1.29 -6.92
C LEU A 78 -9.20 -2.31 -5.90
N ARG A 79 -8.33 -3.23 -6.34
CA ARG A 79 -7.75 -4.27 -5.47
C ARG A 79 -6.67 -3.65 -4.59
N VAL A 80 -6.97 -3.54 -3.29
CA VAL A 80 -6.11 -2.86 -2.31
C VAL A 80 -5.24 -3.89 -1.57
N LEU A 81 -3.91 -3.83 -1.79
CA LEU A 81 -2.92 -4.66 -1.07
C LEU A 81 -2.32 -3.81 0.05
N VAL A 82 -2.69 -4.08 1.31
CA VAL A 82 -2.28 -3.23 2.44
C VAL A 82 -1.08 -3.84 3.16
N ILE A 83 0.08 -3.19 3.02
CA ILE A 83 1.32 -3.51 3.75
C ILE A 83 1.40 -2.59 4.98
N MET A 84 1.19 -3.15 6.17
CA MET A 84 1.36 -2.39 7.44
C MET A 84 2.64 -2.90 8.11
N VAL A 85 3.63 -2.00 8.21
CA VAL A 85 4.97 -2.28 8.77
C VAL A 85 5.33 -1.19 9.75
N ASP A 86 5.95 -1.57 10.87
CA ASP A 86 6.54 -0.64 11.83
C ASP A 86 7.35 -1.47 12.84
N GLN A 87 7.79 -0.85 13.94
CA GLN A 87 8.50 -1.54 15.02
C GLN A 87 7.56 -1.78 16.21
N ASP A 88 6.33 -1.21 16.15
CA ASP A 88 5.28 -1.41 17.17
C ASP A 88 4.17 -2.33 16.62
N GLN A 89 4.30 -3.64 16.95
CA GLN A 89 3.37 -4.72 16.55
C GLN A 89 1.91 -4.39 16.88
N GLU A 90 1.72 -3.61 17.97
CA GLU A 90 0.42 -3.17 18.48
C GLU A 90 -0.44 -2.49 17.40
N GLU A 91 0.14 -1.47 16.74
CA GLU A 91 -0.53 -0.66 15.70
C GLU A 91 -0.86 -1.52 14.48
N LEU A 92 0.08 -2.42 14.15
CA LEU A 92 -0.03 -3.34 13.02
C LEU A 92 -1.27 -4.25 13.17
N GLU A 93 -1.33 -5.01 14.28
CA GLU A 93 -2.42 -5.98 14.56
C GLU A 93 -3.79 -5.30 14.64
N ARG A 94 -3.79 -4.07 15.17
CA ARG A 94 -5.02 -3.31 15.45
C ARG A 94 -5.71 -2.88 14.13
N ILE A 95 -4.92 -2.23 13.24
CA ILE A 95 -5.40 -1.78 11.92
C ILE A 95 -5.69 -2.99 11.01
N TYR A 96 -4.86 -4.04 11.14
CA TYR A 96 -5.02 -5.31 10.40
C TYR A 96 -6.37 -5.97 10.69
N GLU A 97 -6.68 -6.09 11.97
CA GLU A 97 -7.91 -6.73 12.48
C GLU A 97 -9.15 -5.92 12.02
N GLN A 98 -8.98 -4.58 11.98
CA GLN A 98 -9.98 -3.64 11.47
C GLN A 98 -10.32 -3.92 9.99
N LEU A 99 -9.29 -3.90 9.10
CA LEU A 99 -9.45 -4.03 7.63
C LEU A 99 -9.85 -5.47 7.22
N LYS A 100 -9.52 -6.44 8.10
CA LYS A 100 -9.82 -7.88 7.92
C LYS A 100 -11.36 -8.06 7.82
N LYS A 101 -12.10 -7.28 8.63
CA LYS A 101 -13.58 -7.32 8.69
C LYS A 101 -14.23 -6.98 7.34
N ASP A 102 -13.58 -6.09 6.55
CA ASP A 102 -14.09 -5.65 5.24
C ASP A 102 -13.82 -6.72 4.16
N GLY A 103 -12.75 -7.50 4.38
CA GLY A 103 -12.31 -8.51 3.41
C GLY A 103 -11.35 -7.96 2.37
N VAL A 104 -10.52 -7.00 2.80
CA VAL A 104 -9.42 -6.44 2.00
C VAL A 104 -8.19 -7.37 2.12
N ASP A 105 -7.35 -7.46 1.07
CA ASP A 105 -6.13 -8.27 1.12
C ASP A 105 -5.09 -7.48 1.95
N VAL A 106 -4.89 -7.93 3.21
CA VAL A 106 -4.08 -7.20 4.20
C VAL A 106 -3.01 -8.10 4.81
N ARG A 107 -1.90 -7.48 5.21
CA ARG A 107 -0.75 -8.17 5.83
C ARG A 107 0.03 -7.22 6.75
N VAL A 108 0.71 -7.80 7.74
CA VAL A 108 1.54 -7.06 8.70
C VAL A 108 2.89 -7.77 8.90
N THR A 109 3.98 -6.97 8.96
CA THR A 109 5.29 -7.46 9.36
C THR A 109 6.03 -6.34 10.08
N ASP A 110 6.76 -6.68 11.12
CA ASP A 110 7.66 -5.74 11.78
C ASP A 110 9.03 -5.77 11.10
N ASN A 111 9.68 -4.59 11.11
CA ASN A 111 11.10 -4.33 10.74
C ASN A 111 11.23 -3.91 9.27
N GLU A 112 12.20 -3.01 9.03
CA GLU A 112 12.47 -2.36 7.73
C GLU A 112 12.94 -3.37 6.68
N ASP A 113 13.99 -4.14 7.01
CA ASP A 113 14.61 -5.10 6.09
C ASP A 113 13.58 -6.14 5.63
N GLU A 114 12.88 -6.72 6.61
CA GLU A 114 11.83 -7.73 6.40
C GLU A 114 10.74 -7.22 5.41
N ALA A 115 10.36 -5.94 5.60
CA ALA A 115 9.37 -5.25 4.76
C ALA A 115 9.82 -5.14 3.30
N LYS A 116 11.14 -5.03 3.07
CA LYS A 116 11.73 -4.86 1.72
C LYS A 116 11.61 -6.14 0.88
N LYS A 117 11.64 -7.31 1.56
CA LYS A 117 11.39 -8.61 0.90
C LYS A 117 9.89 -8.69 0.55
N ARG A 118 9.04 -8.30 1.53
CA ARG A 118 7.55 -8.35 1.40
C ARG A 118 6.99 -7.32 0.41
N LEU A 119 7.75 -6.24 0.20
CA LEU A 119 7.42 -5.17 -0.75
C LEU A 119 7.57 -5.76 -2.17
N LYS A 120 8.77 -6.30 -2.44
CA LYS A 120 9.12 -6.98 -3.70
C LYS A 120 8.18 -8.18 -3.98
N GLU A 121 7.76 -8.84 -2.90
CA GLU A 121 6.89 -10.02 -2.92
C GLU A 121 5.47 -9.67 -3.43
N LEU A 122 4.91 -8.53 -2.96
CA LEU A 122 3.58 -8.09 -3.42
C LEU A 122 3.61 -7.51 -4.84
N LEU A 123 4.79 -7.04 -5.31
CA LEU A 123 4.94 -6.61 -6.72
C LEU A 123 4.73 -7.78 -7.68
N GLU A 124 4.88 -9.05 -7.21
CA GLU A 124 4.52 -10.24 -8.00
C GLU A 124 2.98 -10.33 -8.12
N LYS A 125 2.28 -9.97 -7.03
CA LYS A 125 0.79 -9.93 -6.99
C LYS A 125 0.23 -8.71 -7.76
N VAL A 126 1.08 -7.73 -8.06
CA VAL A 126 0.75 -6.63 -8.99
C VAL A 126 0.98 -7.12 -10.44
N LEU A 127 2.17 -7.73 -10.66
CA LEU A 127 2.68 -8.10 -11.99
C LEU A 127 2.15 -9.46 -12.49
N GLU A 128 1.28 -10.10 -11.70
CA GLU A 128 0.45 -11.23 -12.19
C GLU A 128 -0.65 -10.67 -13.13
N HIS A 129 -1.06 -9.41 -12.87
CA HIS A 129 -2.00 -8.65 -13.72
C HIS A 129 -1.24 -7.61 -14.55
N HIS A 130 -0.08 -8.03 -15.10
CA HIS A 130 0.71 -7.20 -16.02
C HIS A 130 0.00 -7.17 -17.38
N HIS A 131 -0.84 -6.14 -17.59
CA HIS A 131 -1.61 -5.98 -18.83
C HIS A 131 -0.68 -5.60 -19.99
N HIS A 132 -0.84 -6.32 -21.11
CA HIS A 132 -0.13 -6.05 -22.36
C HIS A 132 -0.80 -4.85 -23.07
N HIS A 133 -0.07 -3.72 -23.13
CA HIS A 133 -0.55 -2.47 -23.75
C HIS A 133 0.60 -1.82 -24.55
N HIS A 134 0.28 -1.34 -25.75
CA HIS A 134 1.24 -0.66 -26.64
C HIS A 134 1.37 0.82 -26.19
N MET A 1 -4.33 -1.30 -14.96
CA MET A 1 -4.77 -2.08 -13.79
C MET A 1 -4.57 -1.23 -12.52
N GLY A 2 -5.66 -0.55 -12.07
CA GLY A 2 -5.63 0.33 -10.90
C GLY A 2 -5.48 -0.45 -9.61
N THR A 3 -4.22 -0.68 -9.20
CA THR A 3 -3.87 -1.48 -8.02
C THR A 3 -3.33 -0.52 -6.93
N VAL A 4 -4.11 -0.34 -5.83
CA VAL A 4 -3.78 0.64 -4.78
C VAL A 4 -3.10 -0.08 -3.61
N VAL A 5 -1.78 0.12 -3.50
CA VAL A 5 -0.95 -0.46 -2.44
C VAL A 5 -0.69 0.60 -1.35
N ILE A 6 -1.28 0.42 -0.16
CA ILE A 6 -1.16 1.37 0.95
C ILE A 6 -0.10 0.86 1.94
N VAL A 7 1.02 1.56 2.02
CA VAL A 7 2.15 1.21 2.91
C VAL A 7 2.28 2.29 3.99
N VAL A 8 2.13 1.88 5.25
CA VAL A 8 2.15 2.76 6.42
C VAL A 8 3.40 2.47 7.27
N SER A 9 4.36 3.40 7.28
CA SER A 9 5.53 3.32 8.17
C SER A 9 5.90 4.74 8.63
N ARG A 10 6.12 4.89 9.96
CA ARG A 10 6.55 6.17 10.56
C ARG A 10 7.94 6.57 10.04
N ASP A 11 8.85 5.60 10.00
CA ASP A 11 10.24 5.81 9.58
C ASP A 11 10.31 6.05 8.07
N GLU A 12 10.87 7.21 7.70
CA GLU A 12 11.14 7.58 6.28
C GLU A 12 12.23 6.65 5.71
N ARG A 13 13.15 6.21 6.60
CA ARG A 13 14.23 5.28 6.26
C ARG A 13 13.69 3.93 5.71
N ILE A 14 12.52 3.51 6.21
CA ILE A 14 11.83 2.30 5.71
C ILE A 14 11.15 2.61 4.37
N LEU A 15 10.40 3.75 4.31
CA LEU A 15 9.61 4.17 3.11
C LEU A 15 10.49 4.29 1.83
N GLU A 16 11.75 4.75 2.01
CA GLU A 16 12.70 4.96 0.90
C GLU A 16 13.28 3.63 0.38
N GLU A 17 13.42 2.64 1.29
CA GLU A 17 13.88 1.29 0.92
C GLU A 17 12.79 0.55 0.15
N LEU A 18 11.54 0.73 0.61
CA LEU A 18 10.35 0.13 -0.01
C LEU A 18 10.06 0.77 -1.38
N LEU A 19 10.43 2.07 -1.49
CA LEU A 19 10.36 2.85 -2.73
C LEU A 19 11.19 2.17 -3.83
N GLU A 20 12.45 1.83 -3.48
CA GLU A 20 13.40 1.16 -4.40
C GLU A 20 12.83 -0.18 -4.90
N VAL A 21 12.22 -0.95 -3.97
CA VAL A 21 11.66 -2.28 -4.26
C VAL A 21 10.57 -2.23 -5.35
N VAL A 22 9.74 -1.15 -5.32
CA VAL A 22 8.72 -0.90 -6.37
C VAL A 22 9.42 -0.70 -7.73
N LEU A 23 10.49 0.10 -7.71
CA LEU A 23 11.20 0.54 -8.93
C LEU A 23 12.01 -0.59 -9.58
N LYS A 24 12.40 -1.61 -8.79
CA LYS A 24 13.15 -2.79 -9.30
C LYS A 24 12.20 -3.68 -10.12
N SER A 25 11.05 -3.97 -9.52
CA SER A 25 10.03 -4.88 -10.09
C SER A 25 9.33 -4.23 -11.30
N ASP A 26 8.81 -3.01 -11.09
CA ASP A 26 8.14 -2.23 -12.14
C ASP A 26 8.15 -0.72 -11.79
N PRO A 27 9.03 0.11 -12.44
CA PRO A 27 9.05 1.58 -12.24
C PRO A 27 7.87 2.30 -12.94
N ASN A 28 7.04 1.53 -13.68
CA ASN A 28 5.84 2.07 -14.35
C ASN A 28 4.67 2.20 -13.36
N VAL A 29 4.77 1.51 -12.21
CA VAL A 29 3.88 1.74 -11.06
C VAL A 29 4.18 3.15 -10.49
N LYS A 30 3.14 4.01 -10.44
CA LYS A 30 3.25 5.34 -9.82
C LYS A 30 3.55 5.20 -8.32
N THR A 31 4.49 5.99 -7.82
CA THR A 31 4.84 6.00 -6.39
C THR A 31 4.69 7.42 -5.84
N VAL A 32 4.07 7.52 -4.65
CA VAL A 32 3.88 8.78 -3.93
C VAL A 32 4.22 8.54 -2.46
N ARG A 33 5.10 9.36 -1.88
CA ARG A 33 5.36 9.39 -0.45
C ARG A 33 4.73 10.66 0.12
N THR A 34 3.54 10.51 0.73
CA THR A 34 2.77 11.62 1.29
C THR A 34 2.55 11.42 2.81
N ASP A 35 2.03 12.46 3.46
CA ASP A 35 1.74 12.49 4.89
C ASP A 35 0.22 12.66 5.10
N ASP A 36 -0.47 13.19 4.07
CA ASP A 36 -1.89 13.59 4.14
C ASP A 36 -2.78 12.50 3.54
N LYS A 37 -3.94 12.21 4.16
CA LYS A 37 -4.92 11.22 3.63
C LYS A 37 -5.72 11.82 2.44
N GLU A 38 -5.81 13.16 2.44
CA GLU A 38 -6.51 13.93 1.41
C GLU A 38 -5.74 13.85 0.09
N LYS A 39 -4.40 13.94 0.23
CA LYS A 39 -3.45 13.93 -0.88
C LYS A 39 -3.50 12.58 -1.63
N VAL A 40 -3.63 11.48 -0.85
CA VAL A 40 -3.66 10.11 -1.38
C VAL A 40 -4.79 9.91 -2.40
N LYS A 41 -5.98 10.47 -2.08
CA LYS A 41 -7.19 10.33 -2.90
C LYS A 41 -7.04 11.03 -4.26
N GLU A 42 -6.29 12.14 -4.27
CA GLU A 42 -5.88 12.84 -5.49
C GLU A 42 -5.03 11.89 -6.36
N GLU A 43 -4.04 11.25 -5.72
CA GLU A 43 -3.09 10.35 -6.37
C GLU A 43 -3.76 9.06 -6.89
N ILE A 44 -4.78 8.58 -6.15
CA ILE A 44 -5.58 7.40 -6.55
C ILE A 44 -6.30 7.72 -7.88
N GLU A 45 -6.85 8.94 -7.98
CA GLU A 45 -7.50 9.45 -9.20
C GLU A 45 -6.50 9.59 -10.37
N LYS A 46 -5.27 10.04 -10.08
CA LYS A 46 -4.22 10.25 -11.10
C LYS A 46 -3.78 8.91 -11.72
N ALA A 47 -3.57 7.89 -10.88
CA ALA A 47 -3.17 6.55 -11.32
C ALA A 47 -4.34 5.84 -12.02
N ARG A 48 -5.55 6.02 -11.47
CA ARG A 48 -6.79 5.39 -11.99
C ARG A 48 -7.12 5.88 -13.41
N LYS A 49 -7.02 7.21 -13.61
CA LYS A 49 -7.40 7.87 -14.90
C LYS A 49 -6.43 7.48 -16.03
N GLN A 50 -5.21 7.09 -15.65
CA GLN A 50 -4.16 6.62 -16.60
C GLN A 50 -4.14 5.08 -16.66
N GLY A 51 -4.87 4.43 -15.74
CA GLY A 51 -5.02 2.97 -15.72
C GLY A 51 -3.77 2.23 -15.29
N ARG A 52 -2.99 2.85 -14.38
CA ARG A 52 -1.73 2.28 -13.86
C ARG A 52 -1.84 2.03 -12.34
N PRO A 53 -1.07 1.04 -11.77
CA PRO A 53 -0.96 0.84 -10.31
C PRO A 53 -0.28 2.01 -9.59
N ILE A 54 -0.38 2.01 -8.25
CA ILE A 54 0.19 3.06 -7.41
C ILE A 54 0.52 2.49 -6.01
N VAL A 55 1.71 2.86 -5.50
CA VAL A 55 2.14 2.53 -4.14
C VAL A 55 2.28 3.84 -3.36
N ILE A 56 1.41 4.01 -2.36
CA ILE A 56 1.38 5.18 -1.50
C ILE A 56 2.14 4.85 -0.20
N PHE A 57 3.04 5.74 0.20
CA PHE A 57 3.80 5.65 1.44
C PHE A 57 3.27 6.73 2.38
N ILE A 58 2.45 6.34 3.35
CA ILE A 58 1.88 7.23 4.36
C ILE A 58 2.71 7.10 5.64
N ARG A 59 3.26 8.23 6.11
CA ARG A 59 4.00 8.29 7.35
C ARG A 59 3.05 8.32 8.56
N GLY A 60 3.08 7.23 9.36
CA GLY A 60 2.34 7.14 10.64
C GLY A 60 0.85 7.42 10.50
N ALA A 61 0.16 6.54 9.77
CA ALA A 61 -1.29 6.64 9.56
C ALA A 61 -2.06 6.03 10.73
N THR A 62 -3.00 6.82 11.28
CA THR A 62 -3.96 6.34 12.29
C THR A 62 -5.08 5.53 11.60
N GLU A 63 -5.91 4.84 12.40
CA GLU A 63 -6.95 3.91 11.91
C GLU A 63 -7.86 4.55 10.84
N GLU A 64 -8.41 5.74 11.18
CA GLU A 64 -9.37 6.46 10.32
C GLU A 64 -8.77 6.79 8.95
N VAL A 65 -7.45 7.07 8.92
CA VAL A 65 -6.71 7.37 7.68
C VAL A 65 -6.64 6.11 6.79
N VAL A 66 -6.11 5.01 7.37
CA VAL A 66 -5.86 3.75 6.65
C VAL A 66 -7.17 3.25 5.99
N ARG A 67 -8.17 2.95 6.84
CA ARG A 67 -9.43 2.30 6.41
C ARG A 67 -10.27 3.15 5.44
N ASP A 68 -10.15 4.48 5.56
CA ASP A 68 -10.95 5.44 4.75
C ASP A 68 -10.42 5.51 3.31
N ILE A 69 -9.08 5.52 3.18
CA ILE A 69 -8.41 5.47 1.87
C ILE A 69 -8.65 4.10 1.19
N VAL A 70 -8.56 3.04 2.01
CA VAL A 70 -8.79 1.66 1.57
C VAL A 70 -10.22 1.49 1.00
N GLU A 71 -11.24 1.94 1.77
CA GLU A 71 -12.67 1.81 1.37
C GLU A 71 -12.98 2.70 0.14
N TYR A 72 -12.26 3.85 0.03
CA TYR A 72 -12.39 4.79 -1.10
C TYR A 72 -11.96 4.11 -2.42
N ALA A 73 -10.88 3.33 -2.35
CA ALA A 73 -10.39 2.52 -3.49
C ALA A 73 -11.35 1.34 -3.76
N GLN A 74 -11.92 0.75 -2.68
CA GLN A 74 -12.90 -0.36 -2.77
C GLN A 74 -14.24 0.10 -3.41
N LYS A 75 -14.53 1.42 -3.34
CA LYS A 75 -15.70 2.03 -4.02
C LYS A 75 -15.57 1.89 -5.55
N GLU A 76 -14.34 2.08 -6.04
CA GLU A 76 -14.02 1.99 -7.47
C GLU A 76 -13.63 0.56 -7.88
N GLY A 77 -13.67 -0.38 -6.91
CA GLY A 77 -13.32 -1.78 -7.15
C GLY A 77 -11.83 -2.01 -7.36
N LEU A 78 -11.01 -1.01 -6.99
CA LEU A 78 -9.55 -1.07 -7.10
C LEU A 78 -9.00 -1.93 -5.95
N ARG A 79 -8.33 -3.04 -6.30
CA ARG A 79 -7.77 -4.00 -5.34
C ARG A 79 -6.72 -3.32 -4.42
N VAL A 80 -6.99 -3.35 -3.10
CA VAL A 80 -6.13 -2.71 -2.10
C VAL A 80 -5.22 -3.75 -1.43
N LEU A 81 -3.90 -3.46 -1.44
CA LEU A 81 -2.87 -4.30 -0.80
C LEU A 81 -2.18 -3.43 0.27
N VAL A 82 -2.40 -3.70 1.56
CA VAL A 82 -1.86 -2.86 2.66
C VAL A 82 -0.71 -3.56 3.39
N ILE A 83 0.43 -2.84 3.52
CA ILE A 83 1.52 -3.21 4.43
C ILE A 83 1.58 -2.15 5.54
N MET A 84 1.76 -2.57 6.79
CA MET A 84 1.98 -1.67 7.94
C MET A 84 3.23 -2.13 8.70
N VAL A 85 4.27 -1.29 8.73
CA VAL A 85 5.56 -1.57 9.37
C VAL A 85 5.86 -0.45 10.37
N ASP A 86 5.92 -0.80 11.67
CA ASP A 86 6.12 0.17 12.77
C ASP A 86 6.38 -0.58 14.08
N GLN A 87 7.01 0.13 15.03
CA GLN A 87 7.54 -0.40 16.30
C GLN A 87 6.43 -1.02 17.17
N ASP A 88 5.22 -0.45 17.08
CA ASP A 88 4.03 -0.98 17.75
C ASP A 88 3.30 -1.89 16.74
N GLN A 89 3.89 -3.09 16.52
CA GLN A 89 3.34 -4.15 15.63
C GLN A 89 1.92 -4.56 16.06
N GLU A 90 1.67 -4.47 17.38
CA GLU A 90 0.39 -4.86 18.00
C GLU A 90 -0.76 -3.91 17.57
N GLU A 91 -0.43 -2.59 17.49
CA GLU A 91 -1.38 -1.54 17.00
C GLU A 91 -1.71 -1.78 15.52
N LEU A 92 -0.69 -2.14 14.74
CA LEU A 92 -0.81 -2.45 13.31
C LEU A 92 -1.70 -3.68 13.10
N GLU A 93 -1.48 -4.69 13.98
CA GLU A 93 -2.19 -5.99 13.96
C GLU A 93 -3.67 -5.82 14.35
N ARG A 94 -3.94 -4.77 15.14
CA ARG A 94 -5.31 -4.33 15.45
C ARG A 94 -6.03 -3.91 14.15
N ILE A 95 -5.36 -3.03 13.38
CA ILE A 95 -5.92 -2.46 12.12
C ILE A 95 -5.98 -3.56 11.03
N TYR A 96 -5.06 -4.54 11.14
CA TYR A 96 -4.97 -5.72 10.25
C TYR A 96 -6.29 -6.51 10.25
N GLU A 97 -6.76 -6.86 11.47
CA GLU A 97 -7.98 -7.67 11.69
C GLU A 97 -9.22 -6.94 11.10
N GLN A 98 -9.22 -5.61 11.23
CA GLN A 98 -10.27 -4.73 10.69
C GLN A 98 -10.34 -4.84 9.16
N LEU A 99 -9.19 -4.64 8.50
CA LEU A 99 -9.07 -4.61 7.03
C LEU A 99 -9.34 -6.01 6.41
N LYS A 100 -9.06 -7.07 7.17
CA LYS A 100 -9.36 -8.46 6.76
C LYS A 100 -10.88 -8.73 6.73
N LYS A 101 -11.65 -8.02 7.59
CA LYS A 101 -13.13 -8.03 7.52
C LYS A 101 -13.63 -7.33 6.25
N ASP A 102 -12.90 -6.28 5.84
CA ASP A 102 -13.18 -5.54 4.59
C ASP A 102 -12.85 -6.36 3.33
N GLY A 103 -12.06 -7.45 3.50
CA GLY A 103 -11.64 -8.30 2.39
C GLY A 103 -10.44 -7.73 1.66
N VAL A 104 -9.54 -7.13 2.43
CA VAL A 104 -8.34 -6.45 1.93
C VAL A 104 -7.11 -7.29 2.26
N ASP A 105 -6.22 -7.51 1.27
CA ASP A 105 -5.02 -8.32 1.45
C ASP A 105 -3.97 -7.47 2.20
N VAL A 106 -3.81 -7.79 3.49
CA VAL A 106 -3.00 -6.98 4.43
C VAL A 106 -1.96 -7.83 5.15
N ARG A 107 -0.88 -7.16 5.59
CA ARG A 107 0.24 -7.78 6.33
C ARG A 107 0.92 -6.72 7.20
N VAL A 108 1.27 -7.11 8.44
CA VAL A 108 1.90 -6.21 9.42
C VAL A 108 3.20 -6.82 9.96
N THR A 109 4.20 -5.98 10.21
CA THR A 109 5.52 -6.39 10.71
C THR A 109 6.25 -5.17 11.34
N ASP A 110 7.43 -5.42 11.90
CA ASP A 110 8.36 -4.39 12.35
C ASP A 110 9.76 -4.93 12.11
N ASN A 111 10.27 -4.64 10.90
CA ASN A 111 11.52 -5.17 10.35
C ASN A 111 11.61 -4.61 8.93
N GLU A 112 12.60 -3.72 8.69
CA GLU A 112 12.78 -3.04 7.40
C GLU A 112 13.11 -4.03 6.27
N ASP A 113 13.92 -5.06 6.60
CA ASP A 113 14.33 -6.12 5.66
C ASP A 113 13.11 -6.98 5.25
N GLU A 114 12.34 -7.40 6.27
CA GLU A 114 11.12 -8.22 6.07
C GLU A 114 10.08 -7.44 5.25
N ALA A 115 10.01 -6.12 5.51
CA ALA A 115 9.10 -5.18 4.83
C ALA A 115 9.37 -5.16 3.32
N LYS A 116 10.67 -5.16 2.94
CA LYS A 116 11.11 -5.11 1.53
C LYS A 116 10.72 -6.40 0.77
N LYS A 117 10.68 -7.53 1.52
CA LYS A 117 10.27 -8.84 0.98
C LYS A 117 8.75 -8.88 0.72
N ARG A 118 7.99 -8.31 1.67
CA ARG A 118 6.52 -8.21 1.59
C ARG A 118 6.10 -7.21 0.49
N LEU A 119 6.93 -6.16 0.32
CA LEU A 119 6.73 -5.11 -0.69
C LEU A 119 6.88 -5.74 -2.09
N LYS A 120 7.98 -6.50 -2.25
CA LYS A 120 8.32 -7.23 -3.48
C LYS A 120 7.19 -8.20 -3.86
N GLU A 121 6.67 -8.90 -2.83
CA GLU A 121 5.62 -9.93 -2.97
C GLU A 121 4.31 -9.35 -3.58
N LEU A 122 3.93 -8.13 -3.16
CA LEU A 122 2.73 -7.44 -3.70
C LEU A 122 2.97 -6.99 -5.14
N LEU A 123 4.23 -6.58 -5.41
CA LEU A 123 4.67 -6.23 -6.77
C LEU A 123 4.78 -7.49 -7.66
N GLU A 124 4.91 -8.69 -7.06
CA GLU A 124 4.79 -9.96 -7.79
C GLU A 124 3.32 -10.23 -8.13
N LYS A 125 2.40 -9.89 -7.20
CA LYS A 125 0.94 -10.09 -7.38
C LYS A 125 0.36 -9.17 -8.48
N VAL A 126 0.97 -7.98 -8.66
CA VAL A 126 0.51 -7.02 -9.70
C VAL A 126 1.09 -7.38 -11.09
N LEU A 127 2.35 -7.89 -11.13
CA LEU A 127 3.01 -8.30 -12.39
C LEU A 127 2.44 -9.62 -12.91
N GLU A 128 2.01 -10.49 -11.97
CA GLU A 128 1.23 -11.70 -12.31
C GLU A 128 -0.16 -11.30 -12.78
N HIS A 129 -0.85 -10.50 -11.92
CA HIS A 129 -2.29 -10.15 -12.03
C HIS A 129 -3.17 -11.37 -11.64
N HIS A 130 -2.76 -12.57 -12.10
CA HIS A 130 -3.34 -13.88 -11.76
C HIS A 130 -3.63 -14.06 -10.25
N HIS A 131 -2.72 -13.56 -9.40
CA HIS A 131 -2.89 -13.60 -7.93
C HIS A 131 -3.79 -12.44 -7.47
N HIS A 132 -5.08 -12.74 -7.20
CA HIS A 132 -6.08 -11.73 -6.75
C HIS A 132 -7.36 -12.37 -6.16
N HIS A 133 -7.40 -13.72 -6.05
CA HIS A 133 -8.59 -14.47 -5.53
C HIS A 133 -8.82 -14.11 -4.05
N HIS A 134 -7.72 -14.08 -3.29
CA HIS A 134 -7.65 -13.45 -1.96
C HIS A 134 -6.95 -12.09 -2.11
N MET A 1 -9.06 -0.24 -14.84
CA MET A 1 -8.85 -0.38 -13.37
C MET A 1 -7.36 -0.29 -13.02
N GLY A 2 -7.04 -0.53 -11.74
CA GLY A 2 -5.67 -0.46 -11.25
C GLY A 2 -5.51 -1.14 -9.89
N THR A 3 -4.32 -1.04 -9.31
CA THR A 3 -3.96 -1.71 -8.05
C THR A 3 -3.35 -0.68 -7.07
N VAL A 4 -4.06 -0.40 -5.97
CA VAL A 4 -3.63 0.60 -4.96
C VAL A 4 -3.03 -0.13 -3.74
N VAL A 5 -1.71 -0.08 -3.61
CA VAL A 5 -0.97 -0.69 -2.49
C VAL A 5 -0.72 0.37 -1.40
N ILE A 6 -1.41 0.23 -0.26
CA ILE A 6 -1.35 1.19 0.86
C ILE A 6 -0.28 0.73 1.86
N VAL A 7 0.89 1.37 1.82
CA VAL A 7 2.01 1.09 2.74
C VAL A 7 1.98 2.11 3.90
N VAL A 8 1.74 1.61 5.12
CA VAL A 8 1.70 2.43 6.36
C VAL A 8 2.95 2.12 7.21
N SER A 9 3.82 3.12 7.40
CA SER A 9 4.98 3.05 8.31
C SER A 9 5.21 4.40 8.98
N ARG A 10 5.65 4.38 10.26
CA ARG A 10 5.94 5.59 11.05
C ARG A 10 7.16 6.36 10.48
N ASP A 11 8.32 5.68 10.46
CA ASP A 11 9.62 6.33 10.20
C ASP A 11 9.87 6.51 8.69
N GLU A 12 10.36 7.71 8.30
CA GLU A 12 10.56 8.11 6.87
C GLU A 12 11.51 7.16 6.13
N ARG A 13 12.55 6.69 6.86
CA ARG A 13 13.54 5.75 6.33
C ARG A 13 12.85 4.45 5.86
N ILE A 14 11.87 3.94 6.64
CA ILE A 14 11.16 2.69 6.29
C ILE A 14 10.40 2.87 4.95
N LEU A 15 9.68 4.00 4.81
CA LEU A 15 8.91 4.31 3.57
C LEU A 15 9.84 4.36 2.32
N GLU A 16 11.05 4.94 2.47
CA GLU A 16 11.98 5.13 1.34
C GLU A 16 12.77 3.84 1.01
N GLU A 17 12.94 2.95 2.03
CA GLU A 17 13.52 1.60 1.82
C GLU A 17 12.57 0.77 0.95
N LEU A 18 11.29 0.87 1.28
CA LEU A 18 10.19 0.16 0.59
C LEU A 18 9.88 0.82 -0.77
N LEU A 19 10.17 2.13 -0.88
CA LEU A 19 10.05 2.90 -2.13
C LEU A 19 11.06 2.36 -3.15
N GLU A 20 12.33 2.20 -2.70
CA GLU A 20 13.42 1.59 -3.49
C GLU A 20 13.00 0.24 -4.08
N VAL A 21 12.31 -0.57 -3.27
CA VAL A 21 11.83 -1.90 -3.66
C VAL A 21 10.85 -1.81 -4.86
N VAL A 22 9.84 -0.90 -4.76
CA VAL A 22 8.83 -0.71 -5.85
C VAL A 22 9.50 -0.30 -7.16
N LEU A 23 10.43 0.68 -7.05
CA LEU A 23 11.10 1.31 -8.19
C LEU A 23 11.88 0.26 -9.04
N LYS A 24 12.64 -0.62 -8.35
CA LYS A 24 13.44 -1.67 -9.02
C LYS A 24 12.53 -2.75 -9.64
N SER A 25 11.50 -3.15 -8.87
CA SER A 25 10.53 -4.20 -9.27
C SER A 25 9.81 -3.83 -10.59
N ASP A 26 9.43 -2.55 -10.71
CA ASP A 26 8.78 -2.00 -11.91
C ASP A 26 8.74 -0.46 -11.80
N PRO A 27 9.38 0.30 -12.75
CA PRO A 27 9.43 1.78 -12.71
C PRO A 27 8.07 2.45 -13.05
N ASN A 28 7.25 1.76 -13.86
CA ASN A 28 5.97 2.31 -14.38
C ASN A 28 4.85 2.26 -13.32
N VAL A 29 5.05 1.46 -12.25
CA VAL A 29 4.18 1.48 -11.07
C VAL A 29 4.32 2.86 -10.39
N LYS A 30 3.24 3.65 -10.45
CA LYS A 30 3.18 5.01 -9.90
C LYS A 30 3.42 4.98 -8.38
N THR A 31 4.28 5.88 -7.88
CA THR A 31 4.60 5.98 -6.45
C THR A 31 4.32 7.40 -5.95
N VAL A 32 3.68 7.49 -4.77
CA VAL A 32 3.33 8.74 -4.09
C VAL A 32 3.59 8.53 -2.59
N ARG A 33 4.40 9.42 -1.95
CA ARG A 33 4.66 9.34 -0.51
C ARG A 33 4.18 10.63 0.16
N THR A 34 2.88 10.66 0.48
CA THR A 34 2.24 11.71 1.27
C THR A 34 1.51 11.08 2.48
N ASP A 35 1.50 11.77 3.62
CA ASP A 35 0.70 11.37 4.80
C ASP A 35 -0.66 12.10 4.82
N ASP A 36 -0.87 13.00 3.83
CA ASP A 36 -2.12 13.75 3.68
C ASP A 36 -3.17 12.87 3.00
N LYS A 37 -4.15 12.38 3.79
CA LYS A 37 -5.18 11.42 3.34
C LYS A 37 -6.02 11.95 2.16
N GLU A 38 -6.22 13.28 2.14
CA GLU A 38 -7.02 13.96 1.09
C GLU A 38 -6.30 13.91 -0.26
N LYS A 39 -4.97 14.15 -0.21
CA LYS A 39 -4.12 14.16 -1.41
C LYS A 39 -4.09 12.77 -2.06
N VAL A 40 -3.96 11.73 -1.21
CA VAL A 40 -3.92 10.32 -1.64
C VAL A 40 -5.13 9.97 -2.55
N LYS A 41 -6.32 10.42 -2.13
CA LYS A 41 -7.59 10.14 -2.82
C LYS A 41 -7.60 10.67 -4.26
N GLU A 42 -7.01 11.85 -4.44
CA GLU A 42 -6.84 12.48 -5.76
C GLU A 42 -5.87 11.62 -6.60
N GLU A 43 -4.77 11.16 -5.96
CA GLU A 43 -3.71 10.34 -6.61
C GLU A 43 -4.23 8.98 -7.07
N ILE A 44 -5.22 8.43 -6.33
CA ILE A 44 -5.88 7.14 -6.66
C ILE A 44 -6.63 7.28 -8.01
N GLU A 45 -7.36 8.40 -8.18
CA GLU A 45 -8.06 8.74 -9.43
C GLU A 45 -7.06 9.05 -10.56
N LYS A 46 -5.91 9.69 -10.21
CA LYS A 46 -4.86 10.01 -11.20
C LYS A 46 -4.37 8.73 -11.89
N ALA A 47 -3.79 7.82 -11.08
CA ALA A 47 -3.20 6.56 -11.58
C ALA A 47 -4.25 5.61 -12.19
N ARG A 48 -5.51 5.73 -11.71
CA ARG A 48 -6.66 4.98 -12.26
C ARG A 48 -6.87 5.36 -13.74
N LYS A 49 -6.94 6.69 -14.00
CA LYS A 49 -7.17 7.25 -15.34
C LYS A 49 -5.94 7.07 -16.24
N GLN A 50 -4.73 7.20 -15.63
CA GLN A 50 -3.44 7.02 -16.33
C GLN A 50 -3.26 5.56 -16.79
N GLY A 51 -3.88 4.62 -16.04
CA GLY A 51 -3.84 3.20 -16.36
C GLY A 51 -2.51 2.56 -15.96
N ARG A 52 -2.20 2.64 -14.66
CA ARG A 52 -1.05 1.93 -14.04
C ARG A 52 -1.32 1.77 -12.52
N PRO A 53 -0.77 0.68 -11.87
CA PRO A 53 -0.87 0.51 -10.39
C PRO A 53 -0.14 1.63 -9.63
N ILE A 54 -0.61 1.94 -8.42
CA ILE A 54 -0.04 3.00 -7.57
C ILE A 54 0.24 2.45 -6.17
N VAL A 55 1.38 2.84 -5.58
CA VAL A 55 1.78 2.47 -4.23
C VAL A 55 1.89 3.78 -3.42
N ILE A 56 1.02 3.91 -2.41
CA ILE A 56 0.97 5.08 -1.54
C ILE A 56 1.73 4.77 -0.25
N PHE A 57 2.73 5.59 0.09
CA PHE A 57 3.48 5.47 1.35
C PHE A 57 2.99 6.58 2.30
N ILE A 58 2.17 6.20 3.28
CA ILE A 58 1.59 7.13 4.26
C ILE A 58 2.44 7.10 5.53
N ARG A 59 3.09 8.23 5.85
CA ARG A 59 3.92 8.35 7.06
C ARG A 59 3.02 8.52 8.30
N GLY A 60 3.15 7.56 9.25
CA GLY A 60 2.46 7.62 10.55
C GLY A 60 0.93 7.71 10.44
N ALA A 61 0.33 6.86 9.60
CA ALA A 61 -1.12 6.87 9.36
C ALA A 61 -1.90 6.32 10.57
N THR A 62 -2.75 7.18 11.18
CA THR A 62 -3.68 6.75 12.25
C THR A 62 -4.84 5.95 11.64
N GLU A 63 -5.62 5.28 12.53
CA GLU A 63 -6.77 4.43 12.16
C GLU A 63 -7.73 5.15 11.19
N GLU A 64 -8.04 6.42 11.52
CA GLU A 64 -8.98 7.26 10.76
C GLU A 64 -8.45 7.62 9.36
N VAL A 65 -7.13 7.72 9.20
CA VAL A 65 -6.49 7.96 7.88
C VAL A 65 -6.52 6.67 7.03
N VAL A 66 -6.16 5.52 7.64
CA VAL A 66 -6.04 4.23 6.93
C VAL A 66 -7.39 3.79 6.34
N ARG A 67 -8.40 3.53 7.22
CA ARG A 67 -9.73 3.00 6.81
C ARG A 67 -10.42 3.91 5.76
N ASP A 68 -10.13 5.22 5.86
CA ASP A 68 -10.72 6.27 5.02
C ASP A 68 -10.22 6.20 3.56
N ILE A 69 -8.90 6.02 3.42
CA ILE A 69 -8.25 5.87 2.10
C ILE A 69 -8.56 4.50 1.46
N VAL A 70 -8.61 3.44 2.30
CA VAL A 70 -8.84 2.07 1.85
C VAL A 70 -10.27 1.92 1.28
N GLU A 71 -11.30 2.34 2.06
CA GLU A 71 -12.72 2.23 1.63
C GLU A 71 -12.97 3.06 0.36
N TYR A 72 -12.19 4.14 0.21
CA TYR A 72 -12.20 5.00 -0.97
C TYR A 72 -11.81 4.20 -2.23
N ALA A 73 -10.61 3.59 -2.19
CA ALA A 73 -10.05 2.82 -3.33
C ALA A 73 -10.86 1.52 -3.59
N GLN A 74 -11.58 1.06 -2.56
CA GLN A 74 -12.53 -0.07 -2.66
C GLN A 74 -13.84 0.38 -3.36
N LYS A 75 -14.24 1.66 -3.18
CA LYS A 75 -15.40 2.26 -3.92
C LYS A 75 -15.01 2.58 -5.37
N GLU A 76 -13.71 2.80 -5.61
CA GLU A 76 -13.15 2.93 -6.97
C GLU A 76 -13.15 1.57 -7.69
N GLY A 77 -13.20 0.48 -6.89
CA GLY A 77 -13.15 -0.89 -7.41
C GLY A 77 -11.75 -1.31 -7.82
N LEU A 78 -10.74 -0.58 -7.32
CA LEU A 78 -9.32 -0.85 -7.59
C LEU A 78 -8.80 -1.84 -6.55
N ARG A 79 -7.94 -2.79 -6.97
CA ARG A 79 -7.44 -3.84 -6.09
C ARG A 79 -6.49 -3.26 -5.02
N VAL A 80 -6.97 -3.25 -3.77
CA VAL A 80 -6.25 -2.68 -2.63
C VAL A 80 -5.52 -3.79 -1.86
N LEU A 81 -4.21 -3.59 -1.67
CA LEU A 81 -3.33 -4.44 -0.85
C LEU A 81 -2.66 -3.53 0.20
N VAL A 82 -2.82 -3.79 1.50
CA VAL A 82 -2.25 -2.90 2.54
C VAL A 82 -1.06 -3.59 3.25
N ILE A 83 0.14 -3.01 3.08
CA ILE A 83 1.39 -3.46 3.72
C ILE A 83 1.69 -2.51 4.89
N MET A 84 1.57 -2.99 6.12
CA MET A 84 1.88 -2.20 7.31
C MET A 84 3.19 -2.72 7.90
N VAL A 85 4.22 -1.86 7.91
CA VAL A 85 5.58 -2.18 8.37
C VAL A 85 6.02 -1.18 9.43
N ASP A 86 6.73 -1.67 10.46
CA ASP A 86 7.45 -0.85 11.46
C ASP A 86 8.45 -1.74 12.21
N GLN A 87 8.96 -1.24 13.34
CA GLN A 87 9.73 -2.04 14.32
C GLN A 87 8.80 -2.40 15.52
N ASP A 88 7.49 -2.13 15.34
CA ASP A 88 6.40 -2.43 16.31
C ASP A 88 5.27 -3.18 15.58
N GLN A 89 4.59 -4.10 16.27
CA GLN A 89 3.48 -4.89 15.69
C GLN A 89 2.12 -4.49 16.31
N GLU A 90 2.13 -3.87 17.50
CA GLU A 90 0.89 -3.53 18.27
C GLU A 90 -0.08 -2.67 17.42
N GLU A 91 0.48 -1.55 16.90
CA GLU A 91 -0.21 -0.63 15.99
C GLU A 91 -0.69 -1.38 14.73
N LEU A 92 0.26 -2.07 14.10
CA LEU A 92 0.10 -2.78 12.82
C LEU A 92 -1.05 -3.82 12.89
N GLU A 93 -1.11 -4.54 14.01
CA GLU A 93 -2.02 -5.69 14.23
C GLU A 93 -3.46 -5.20 14.48
N ARG A 94 -3.57 -4.05 15.17
CA ARG A 94 -4.87 -3.42 15.46
C ARG A 94 -5.56 -2.99 14.14
N ILE A 95 -4.75 -2.37 13.26
CA ILE A 95 -5.19 -1.94 11.93
C ILE A 95 -5.48 -3.17 11.04
N TYR A 96 -4.62 -4.21 11.17
CA TYR A 96 -4.71 -5.48 10.39
C TYR A 96 -6.08 -6.13 10.53
N GLU A 97 -6.63 -6.12 11.76
CA GLU A 97 -7.94 -6.72 12.07
C GLU A 97 -9.05 -6.04 11.26
N GLN A 98 -9.04 -4.70 11.28
CA GLN A 98 -10.06 -3.85 10.60
C GLN A 98 -10.05 -4.10 9.08
N LEU A 99 -8.84 -4.18 8.52
CA LEU A 99 -8.61 -4.42 7.08
C LEU A 99 -9.09 -5.84 6.67
N LYS A 100 -8.72 -6.83 7.48
CA LYS A 100 -9.05 -8.26 7.26
C LYS A 100 -10.58 -8.46 7.47
N LYS A 101 -11.17 -7.62 8.34
CA LYS A 101 -12.63 -7.60 8.64
C LYS A 101 -13.42 -7.16 7.39
N ASP A 102 -12.86 -6.20 6.65
CA ASP A 102 -13.42 -5.72 5.38
C ASP A 102 -12.93 -6.59 4.19
N GLY A 103 -12.11 -7.63 4.47
CA GLY A 103 -11.74 -8.64 3.46
C GLY A 103 -10.65 -8.19 2.49
N VAL A 104 -9.77 -7.29 2.95
CA VAL A 104 -8.64 -6.77 2.16
C VAL A 104 -7.40 -7.65 2.39
N ASP A 105 -6.63 -7.96 1.31
CA ASP A 105 -5.46 -8.86 1.35
C ASP A 105 -4.31 -8.09 1.99
N VAL A 106 -3.98 -8.41 3.24
CA VAL A 106 -3.08 -7.59 4.07
C VAL A 106 -1.98 -8.41 4.75
N ARG A 107 -0.85 -7.71 5.01
CA ARG A 107 0.32 -8.23 5.71
C ARG A 107 0.87 -7.15 6.65
N VAL A 108 1.32 -7.59 7.84
CA VAL A 108 2.07 -6.77 8.79
C VAL A 108 3.40 -7.44 9.10
N THR A 109 4.45 -6.64 9.35
CA THR A 109 5.78 -7.15 9.68
C THR A 109 6.57 -6.09 10.48
N ASP A 110 7.01 -6.47 11.69
CA ASP A 110 7.81 -5.60 12.56
C ASP A 110 9.31 -5.96 12.43
N ASN A 111 9.95 -5.33 11.42
CA ASN A 111 11.40 -5.45 11.09
C ASN A 111 11.66 -4.75 9.73
N GLU A 112 12.91 -4.89 9.20
CA GLU A 112 13.35 -4.21 7.95
C GLU A 112 13.46 -5.18 6.73
N ASP A 113 13.86 -6.44 6.99
CA ASP A 113 14.20 -7.40 5.91
C ASP A 113 12.91 -8.04 5.32
N GLU A 114 12.09 -8.60 6.21
CA GLU A 114 10.78 -9.19 5.85
C GLU A 114 9.80 -8.10 5.35
N ALA A 115 10.09 -6.84 5.72
CA ALA A 115 9.42 -5.65 5.16
C ALA A 115 9.54 -5.62 3.63
N LYS A 116 10.80 -5.68 3.17
CA LYS A 116 11.15 -5.62 1.74
C LYS A 116 10.72 -6.90 1.01
N LYS A 117 10.66 -8.03 1.75
CA LYS A 117 10.09 -9.31 1.27
C LYS A 117 8.60 -9.13 0.88
N ARG A 118 7.79 -8.71 1.88
CA ARG A 118 6.31 -8.55 1.74
C ARG A 118 5.96 -7.42 0.76
N LEU A 119 6.90 -6.50 0.56
CA LEU A 119 6.78 -5.39 -0.39
C LEU A 119 6.85 -5.94 -1.83
N LYS A 120 8.03 -6.53 -2.19
CA LYS A 120 8.30 -7.03 -3.56
C LYS A 120 7.39 -8.22 -3.91
N GLU A 121 6.96 -8.96 -2.85
CA GLU A 121 5.99 -10.08 -2.92
C GLU A 121 4.75 -9.68 -3.73
N LEU A 122 4.18 -8.52 -3.37
CA LEU A 122 2.98 -8.00 -3.99
C LEU A 122 3.28 -7.41 -5.37
N LEU A 123 4.48 -6.81 -5.55
CA LEU A 123 4.91 -6.29 -6.86
C LEU A 123 5.02 -7.43 -7.90
N GLU A 124 5.30 -8.67 -7.44
CA GLU A 124 5.24 -9.88 -8.30
C GLU A 124 3.77 -10.14 -8.68
N LYS A 125 2.91 -10.14 -7.64
CA LYS A 125 1.47 -10.46 -7.75
C LYS A 125 0.69 -9.42 -8.56
N VAL A 126 1.23 -8.20 -8.67
CA VAL A 126 0.64 -7.11 -9.48
C VAL A 126 0.95 -7.36 -10.97
N LEU A 127 2.17 -7.85 -11.24
CA LEU A 127 2.61 -8.21 -12.61
C LEU A 127 1.91 -9.52 -13.06
N GLU A 128 1.49 -10.35 -12.10
CA GLU A 128 0.68 -11.57 -12.33
C GLU A 128 -0.83 -11.22 -12.39
N HIS A 129 -1.20 -10.07 -11.80
CA HIS A 129 -2.58 -9.56 -11.79
C HIS A 129 -2.95 -9.02 -13.18
N HIS A 130 -1.95 -8.47 -13.88
CA HIS A 130 -2.08 -8.01 -15.26
C HIS A 130 -0.72 -8.25 -15.97
N HIS A 131 -0.59 -9.42 -16.60
CA HIS A 131 0.65 -9.86 -17.28
C HIS A 131 0.91 -9.05 -18.57
N HIS A 132 2.16 -8.62 -18.76
CA HIS A 132 2.58 -7.79 -19.91
C HIS A 132 2.68 -8.68 -21.17
N HIS A 133 2.20 -8.15 -22.30
CA HIS A 133 2.28 -8.81 -23.63
C HIS A 133 3.75 -8.75 -24.15
N HIS A 134 4.59 -9.66 -23.58
CA HIS A 134 6.06 -9.70 -23.81
C HIS A 134 6.73 -8.38 -23.31
N MET A 1 -2.33 -2.00 -13.17
CA MET A 1 -3.70 -1.71 -13.67
C MET A 1 -4.68 -1.58 -12.50
N GLY A 2 -5.02 -0.31 -12.15
CA GLY A 2 -6.05 0.00 -11.14
C GLY A 2 -5.80 -0.67 -9.79
N THR A 3 -4.57 -0.54 -9.28
CA THR A 3 -4.15 -1.18 -8.03
C THR A 3 -3.57 -0.12 -7.07
N VAL A 4 -4.18 0.00 -5.88
CA VAL A 4 -3.76 0.97 -4.85
C VAL A 4 -3.09 0.24 -3.68
N VAL A 5 -1.78 0.43 -3.53
CA VAL A 5 -0.98 -0.10 -2.42
C VAL A 5 -0.78 1.01 -1.38
N ILE A 6 -1.15 0.74 -0.12
CA ILE A 6 -0.95 1.66 1.01
C ILE A 6 0.10 1.06 1.96
N VAL A 7 1.14 1.83 2.28
CA VAL A 7 2.22 1.38 3.18
C VAL A 7 2.24 2.29 4.41
N VAL A 8 2.05 1.69 5.60
CA VAL A 8 1.97 2.41 6.89
C VAL A 8 3.22 2.08 7.73
N SER A 9 4.12 3.07 7.85
CA SER A 9 5.30 3.01 8.73
C SER A 9 5.53 4.41 9.31
N ARG A 10 5.77 4.51 10.63
CA ARG A 10 6.04 5.81 11.28
C ARG A 10 7.52 6.21 11.09
N ASP A 11 8.39 5.22 10.84
CA ASP A 11 9.81 5.44 10.54
C ASP A 11 10.00 5.76 9.04
N GLU A 12 10.45 6.99 8.74
CA GLU A 12 10.65 7.51 7.36
C GLU A 12 11.58 6.61 6.53
N ARG A 13 12.59 6.04 7.22
CA ARG A 13 13.65 5.26 6.58
C ARG A 13 13.12 3.91 6.07
N ILE A 14 12.05 3.37 6.69
CA ILE A 14 11.35 2.18 6.18
C ILE A 14 10.71 2.49 4.80
N LEU A 15 9.94 3.62 4.73
CA LEU A 15 9.19 4.01 3.50
C LEU A 15 10.11 4.19 2.28
N GLU A 16 11.31 4.78 2.48
CA GLU A 16 12.25 5.09 1.38
C GLU A 16 12.95 3.81 0.88
N GLU A 17 13.17 2.84 1.79
CA GLU A 17 13.75 1.52 1.45
C GLU A 17 12.71 0.63 0.75
N LEU A 18 11.43 0.94 0.96
CA LEU A 18 10.32 0.28 0.26
C LEU A 18 10.02 0.98 -1.09
N LEU A 19 10.37 2.28 -1.18
CA LEU A 19 10.23 3.08 -2.42
C LEU A 19 11.07 2.49 -3.54
N GLU A 20 12.34 2.19 -3.22
CA GLU A 20 13.31 1.66 -4.19
C GLU A 20 12.90 0.26 -4.67
N VAL A 21 12.27 -0.54 -3.77
CA VAL A 21 11.80 -1.91 -4.10
C VAL A 21 10.73 -1.89 -5.20
N VAL A 22 9.85 -0.86 -5.16
CA VAL A 22 8.86 -0.62 -6.22
C VAL A 22 9.58 -0.40 -7.56
N LEU A 23 10.64 0.42 -7.52
CA LEU A 23 11.42 0.84 -8.69
C LEU A 23 12.28 -0.32 -9.26
N LYS A 24 12.61 -1.33 -8.40
CA LYS A 24 13.33 -2.56 -8.84
C LYS A 24 12.37 -3.40 -9.71
N SER A 25 11.14 -3.54 -9.20
CA SER A 25 10.09 -4.39 -9.80
C SER A 25 9.57 -3.78 -11.11
N ASP A 26 9.31 -2.47 -11.10
CA ASP A 26 8.74 -1.74 -12.24
C ASP A 26 8.91 -0.23 -12.02
N PRO A 27 9.53 0.52 -12.99
CA PRO A 27 9.78 1.97 -12.84
C PRO A 27 8.57 2.84 -13.27
N ASN A 28 7.51 2.20 -13.81
CA ASN A 28 6.32 2.92 -14.32
C ASN A 28 5.29 3.15 -13.19
N VAL A 29 5.34 2.29 -12.15
CA VAL A 29 4.43 2.39 -10.99
C VAL A 29 4.50 3.79 -10.35
N LYS A 30 3.34 4.48 -10.26
CA LYS A 30 3.28 5.81 -9.63
C LYS A 30 3.52 5.66 -8.11
N THR A 31 4.42 6.48 -7.55
CA THR A 31 4.74 6.44 -6.11
C THR A 31 4.67 7.86 -5.53
N VAL A 32 4.05 7.98 -4.34
CA VAL A 32 3.92 9.26 -3.59
C VAL A 32 4.05 8.95 -2.09
N ARG A 33 4.87 9.73 -1.36
CA ARG A 33 5.01 9.59 0.10
C ARG A 33 4.34 10.80 0.76
N THR A 34 3.04 10.64 1.04
CA THR A 34 2.19 11.68 1.63
C THR A 34 1.54 11.19 2.94
N ASP A 35 1.40 12.10 3.92
CA ASP A 35 0.58 11.87 5.12
C ASP A 35 -0.87 12.33 4.90
N ASP A 36 -1.05 13.25 3.93
CA ASP A 36 -2.39 13.79 3.58
C ASP A 36 -3.22 12.72 2.87
N LYS A 37 -4.28 12.23 3.56
CA LYS A 37 -5.24 11.26 3.01
C LYS A 37 -6.02 11.85 1.82
N GLU A 38 -6.09 13.20 1.76
CA GLU A 38 -6.65 13.96 0.62
C GLU A 38 -5.84 13.68 -0.66
N LYS A 39 -4.50 13.86 -0.54
CA LYS A 39 -3.54 13.69 -1.65
C LYS A 39 -3.61 12.26 -2.21
N VAL A 40 -3.72 11.26 -1.32
CA VAL A 40 -3.79 9.84 -1.69
C VAL A 40 -4.94 9.58 -2.66
N LYS A 41 -6.14 10.07 -2.31
CA LYS A 41 -7.39 9.83 -3.06
C LYS A 41 -7.35 10.45 -4.47
N GLU A 42 -6.72 11.64 -4.56
CA GLU A 42 -6.49 12.32 -5.85
C GLU A 42 -5.65 11.43 -6.77
N GLU A 43 -4.54 10.92 -6.20
CA GLU A 43 -3.57 10.07 -6.90
C GLU A 43 -4.17 8.70 -7.30
N ILE A 44 -5.13 8.20 -6.50
CA ILE A 44 -5.86 6.93 -6.76
C ILE A 44 -6.55 6.98 -8.15
N GLU A 45 -7.32 8.07 -8.36
CA GLU A 45 -8.07 8.28 -9.62
C GLU A 45 -7.14 8.43 -10.84
N LYS A 46 -6.01 9.12 -10.62
CA LYS A 46 -5.05 9.45 -11.68
C LYS A 46 -4.37 8.17 -12.23
N ALA A 47 -3.70 7.44 -11.34
CA ALA A 47 -2.97 6.19 -11.69
C ALA A 47 -3.92 5.09 -12.19
N ARG A 48 -5.18 5.10 -11.69
CA ARG A 48 -6.24 4.18 -12.14
C ARG A 48 -6.49 4.32 -13.65
N LYS A 49 -6.75 5.57 -14.10
CA LYS A 49 -7.08 5.89 -15.50
C LYS A 49 -5.86 5.74 -16.43
N GLN A 50 -4.64 5.87 -15.85
CA GLN A 50 -3.37 5.61 -16.57
C GLN A 50 -3.19 4.10 -16.83
N GLY A 51 -3.89 3.27 -16.04
CA GLY A 51 -3.82 1.82 -16.19
C GLY A 51 -2.56 1.23 -15.59
N ARG A 52 -2.00 1.93 -14.60
CA ARG A 52 -0.81 1.48 -13.86
C ARG A 52 -1.15 1.36 -12.36
N PRO A 53 -0.37 0.59 -11.55
CA PRO A 53 -0.53 0.60 -10.08
C PRO A 53 0.04 1.88 -9.45
N ILE A 54 -0.16 1.99 -8.13
CA ILE A 54 0.34 3.11 -7.35
C ILE A 54 0.67 2.61 -5.93
N VAL A 55 1.81 3.09 -5.38
CA VAL A 55 2.25 2.76 -4.02
C VAL A 55 2.40 4.08 -3.24
N ILE A 56 1.59 4.21 -2.20
CA ILE A 56 1.54 5.39 -1.35
C ILE A 56 2.22 5.04 -0.02
N PHE A 57 3.10 5.92 0.44
CA PHE A 57 3.86 5.74 1.67
C PHE A 57 3.42 6.81 2.69
N ILE A 58 2.66 6.38 3.70
CA ILE A 58 2.11 7.28 4.72
C ILE A 58 2.88 7.08 6.03
N ARG A 59 3.44 8.19 6.56
CA ARG A 59 4.18 8.17 7.82
C ARG A 59 3.21 8.20 9.02
N GLY A 60 3.11 7.05 9.72
CA GLY A 60 2.33 6.93 10.96
C GLY A 60 0.84 7.16 10.76
N ALA A 61 0.21 6.30 9.96
CA ALA A 61 -1.23 6.37 9.68
C ALA A 61 -2.01 5.54 10.70
N THR A 62 -2.88 6.20 11.48
CA THR A 62 -3.80 5.53 12.42
C THR A 62 -5.05 5.03 11.64
N GLU A 63 -5.91 4.25 12.34
CA GLU A 63 -7.07 3.56 11.71
C GLU A 63 -7.94 4.51 10.87
N GLU A 64 -8.37 5.63 11.50
CA GLU A 64 -9.32 6.59 10.91
C GLU A 64 -8.83 7.20 9.58
N VAL A 65 -7.50 7.20 9.36
CA VAL A 65 -6.88 7.63 8.10
C VAL A 65 -6.83 6.45 7.09
N VAL A 66 -6.30 5.29 7.54
CA VAL A 66 -6.10 4.10 6.68
C VAL A 66 -7.44 3.60 6.09
N ARG A 67 -8.39 3.27 6.97
CA ARG A 67 -9.71 2.71 6.60
C ARG A 67 -10.50 3.67 5.68
N ASP A 68 -10.28 4.99 5.85
CA ASP A 68 -10.94 6.07 5.08
C ASP A 68 -10.45 6.09 3.61
N ILE A 69 -9.14 5.88 3.44
CA ILE A 69 -8.51 5.77 2.12
C ILE A 69 -8.90 4.44 1.43
N VAL A 70 -8.77 3.35 2.19
CA VAL A 70 -8.96 1.98 1.69
C VAL A 70 -10.40 1.74 1.24
N GLU A 71 -11.38 2.28 2.01
CA GLU A 71 -12.80 2.16 1.66
C GLU A 71 -13.09 2.86 0.34
N TYR A 72 -12.45 4.02 0.12
CA TYR A 72 -12.57 4.79 -1.12
C TYR A 72 -12.07 3.97 -2.33
N ALA A 73 -10.86 3.41 -2.18
CA ALA A 73 -10.19 2.63 -3.23
C ALA A 73 -10.95 1.32 -3.56
N GLN A 74 -11.60 0.73 -2.54
CA GLN A 74 -12.46 -0.46 -2.73
C GLN A 74 -13.79 -0.07 -3.42
N LYS A 75 -14.30 1.14 -3.10
CA LYS A 75 -15.54 1.68 -3.71
C LYS A 75 -15.30 2.10 -5.17
N GLU A 76 -14.04 2.42 -5.52
CA GLU A 76 -13.61 2.66 -6.92
C GLU A 76 -13.65 1.34 -7.72
N GLY A 77 -13.53 0.21 -6.98
CA GLY A 77 -13.45 -1.12 -7.57
C GLY A 77 -12.02 -1.47 -7.96
N LEU A 78 -11.06 -1.14 -7.07
CA LEU A 78 -9.62 -1.33 -7.32
C LEU A 78 -9.03 -2.35 -6.35
N ARG A 79 -7.95 -3.00 -6.78
CA ARG A 79 -7.22 -3.98 -5.98
C ARG A 79 -6.36 -3.25 -4.92
N VAL A 80 -6.78 -3.32 -3.64
CA VAL A 80 -6.11 -2.62 -2.54
C VAL A 80 -5.21 -3.60 -1.76
N LEU A 81 -3.91 -3.27 -1.67
CA LEU A 81 -2.92 -4.05 -0.90
C LEU A 81 -2.32 -3.14 0.17
N VAL A 82 -2.46 -3.46 1.45
CA VAL A 82 -1.92 -2.61 2.54
C VAL A 82 -0.85 -3.37 3.34
N ILE A 83 0.37 -2.81 3.35
CA ILE A 83 1.45 -3.26 4.23
C ILE A 83 1.51 -2.33 5.44
N MET A 84 1.74 -2.90 6.61
CA MET A 84 2.02 -2.16 7.84
C MET A 84 3.27 -2.78 8.46
N VAL A 85 4.38 -2.02 8.50
CA VAL A 85 5.68 -2.48 9.03
C VAL A 85 6.28 -1.36 9.90
N ASP A 86 6.43 -1.62 11.20
CA ASP A 86 6.86 -0.64 12.20
C ASP A 86 6.97 -1.36 13.56
N GLN A 87 7.84 -0.86 14.47
CA GLN A 87 8.09 -1.52 15.77
C GLN A 87 6.88 -1.44 16.72
N ASP A 88 5.89 -0.59 16.38
CA ASP A 88 4.62 -0.46 17.14
C ASP A 88 3.57 -1.47 16.62
N GLN A 89 3.98 -2.76 16.61
CA GLN A 89 3.15 -3.91 16.15
C GLN A 89 1.80 -4.03 16.88
N GLU A 90 1.73 -3.46 18.10
CA GLU A 90 0.50 -3.40 18.92
C GLU A 90 -0.61 -2.63 18.17
N GLU A 91 -0.25 -1.45 17.65
CA GLU A 91 -1.17 -0.58 16.90
C GLU A 91 -1.40 -1.13 15.48
N LEU A 92 -0.33 -1.72 14.91
CA LEU A 92 -0.37 -2.33 13.56
C LEU A 92 -1.35 -3.52 13.53
N GLU A 93 -1.48 -4.24 14.66
CA GLU A 93 -2.46 -5.35 14.81
C GLU A 93 -3.90 -4.82 14.88
N ARG A 94 -4.07 -3.66 15.54
CA ARG A 94 -5.36 -2.98 15.65
C ARG A 94 -5.89 -2.60 14.23
N ILE A 95 -5.00 -2.00 13.42
CA ILE A 95 -5.31 -1.59 12.03
C ILE A 95 -5.45 -2.84 11.12
N TYR A 96 -4.59 -3.86 11.34
CA TYR A 96 -4.57 -5.13 10.57
C TYR A 96 -5.93 -5.86 10.65
N GLU A 97 -6.55 -5.81 11.84
CA GLU A 97 -7.86 -6.43 12.09
C GLU A 97 -8.95 -5.80 11.21
N GLN A 98 -8.92 -4.45 11.12
CA GLN A 98 -9.89 -3.67 10.34
C GLN A 98 -9.81 -4.04 8.85
N LEU A 99 -8.57 -4.02 8.33
CA LEU A 99 -8.27 -4.28 6.92
C LEU A 99 -8.66 -5.73 6.52
N LYS A 100 -8.36 -6.68 7.41
CA LYS A 100 -8.64 -8.12 7.20
C LYS A 100 -10.17 -8.36 7.20
N LYS A 101 -10.90 -7.58 8.05
CA LYS A 101 -12.38 -7.60 8.12
C LYS A 101 -13.02 -7.19 6.78
N ASP A 102 -12.42 -6.16 6.13
CA ASP A 102 -12.92 -5.62 4.84
C ASP A 102 -12.48 -6.48 3.64
N GLY A 103 -11.66 -7.53 3.91
CA GLY A 103 -11.26 -8.48 2.87
C GLY A 103 -10.04 -8.06 2.09
N VAL A 104 -9.34 -7.03 2.60
CA VAL A 104 -8.13 -6.49 1.98
C VAL A 104 -6.94 -7.42 2.25
N ASP A 105 -6.14 -7.70 1.21
CA ASP A 105 -4.98 -8.59 1.34
C ASP A 105 -3.84 -7.80 2.01
N VAL A 106 -3.60 -8.10 3.31
CA VAL A 106 -2.71 -7.30 4.17
C VAL A 106 -1.68 -8.15 4.92
N ARG A 107 -0.54 -7.54 5.23
CA ARG A 107 0.59 -8.20 5.91
C ARG A 107 1.24 -7.22 6.91
N VAL A 108 1.54 -7.73 8.12
CA VAL A 108 2.24 -7.02 9.20
C VAL A 108 3.46 -7.84 9.66
N THR A 109 4.59 -7.15 9.85
CA THR A 109 5.84 -7.77 10.31
C THR A 109 6.86 -6.67 10.64
N ASP A 110 7.44 -6.71 11.85
CA ASP A 110 8.56 -5.83 12.19
C ASP A 110 9.86 -6.50 11.73
N ASN A 111 10.21 -6.25 10.46
CA ASN A 111 11.46 -6.72 9.83
C ASN A 111 11.72 -5.85 8.62
N GLU A 112 12.95 -5.35 8.53
CA GLU A 112 13.39 -4.42 7.47
C GLU A 112 13.39 -5.13 6.10
N ASP A 113 14.14 -6.24 6.03
CA ASP A 113 14.34 -7.04 4.80
C ASP A 113 13.04 -7.72 4.37
N GLU A 114 12.32 -8.32 5.35
CA GLU A 114 11.04 -9.02 5.10
C GLU A 114 9.95 -8.03 4.59
N ALA A 115 10.01 -6.77 5.04
CA ALA A 115 9.14 -5.68 4.54
C ALA A 115 9.32 -5.49 3.03
N LYS A 116 10.60 -5.48 2.62
CA LYS A 116 11.02 -5.31 1.22
C LYS A 116 10.60 -6.52 0.36
N LYS A 117 10.54 -7.71 1.00
CA LYS A 117 10.12 -8.95 0.34
C LYS A 117 8.60 -8.93 0.09
N ARG A 118 7.82 -8.53 1.11
CA ARG A 118 6.36 -8.43 1.04
C ARG A 118 5.92 -7.27 0.13
N LEU A 119 6.82 -6.27 -0.02
CA LEU A 119 6.62 -5.11 -0.90
C LEU A 119 6.57 -5.60 -2.36
N LYS A 120 7.66 -6.28 -2.79
CA LYS A 120 7.77 -6.82 -4.15
C LYS A 120 6.72 -7.93 -4.42
N GLU A 121 6.36 -8.68 -3.35
CA GLU A 121 5.31 -9.72 -3.39
C GLU A 121 3.99 -9.15 -3.95
N LEU A 122 3.65 -7.91 -3.53
CA LEU A 122 2.46 -7.18 -3.99
C LEU A 122 2.60 -6.80 -5.46
N LEU A 123 3.80 -6.30 -5.85
CA LEU A 123 4.12 -5.92 -7.24
C LEU A 123 4.02 -7.14 -8.19
N GLU A 124 4.27 -8.34 -7.65
CA GLU A 124 4.12 -9.61 -8.39
C GLU A 124 2.63 -9.98 -8.56
N LYS A 125 1.81 -9.61 -7.54
CA LYS A 125 0.33 -9.77 -7.59
C LYS A 125 -0.30 -8.81 -8.61
N VAL A 126 0.36 -7.65 -8.81
CA VAL A 126 -0.09 -6.62 -9.77
C VAL A 126 0.22 -7.05 -11.22
N LEU A 127 1.51 -7.42 -11.45
CA LEU A 127 2.00 -7.85 -12.77
C LEU A 127 1.31 -9.14 -13.22
N GLU A 128 0.90 -9.97 -12.25
CA GLU A 128 0.03 -11.13 -12.50
C GLU A 128 -1.36 -10.62 -12.90
N HIS A 129 -1.97 -9.83 -11.97
CA HIS A 129 -3.37 -9.31 -12.04
C HIS A 129 -4.40 -10.46 -11.83
N HIS A 130 -4.20 -11.54 -12.57
CA HIS A 130 -4.84 -12.84 -12.34
C HIS A 130 -4.46 -13.36 -10.94
N HIS A 131 -5.45 -13.90 -10.23
CA HIS A 131 -5.27 -14.47 -8.88
C HIS A 131 -4.91 -15.97 -8.96
N HIS A 132 -4.06 -16.41 -8.03
CA HIS A 132 -3.64 -17.83 -7.89
C HIS A 132 -4.70 -18.63 -7.11
N HIS A 133 -5.51 -17.91 -6.32
CA HIS A 133 -6.63 -18.47 -5.56
C HIS A 133 -7.93 -17.82 -6.03
N HIS A 134 -8.86 -18.63 -6.57
CA HIS A 134 -10.20 -18.16 -6.99
C HIS A 134 -11.08 -17.86 -5.76
N MET A 1 -7.60 -3.66 -13.24
CA MET A 1 -6.43 -3.10 -13.94
C MET A 1 -5.59 -2.25 -12.96
N GLY A 2 -6.21 -1.18 -12.41
CA GLY A 2 -5.57 -0.32 -11.41
C GLY A 2 -5.42 -1.06 -10.07
N THR A 3 -4.26 -0.93 -9.44
CA THR A 3 -3.91 -1.67 -8.22
C THR A 3 -3.30 -0.70 -7.19
N VAL A 4 -4.02 -0.44 -6.09
CA VAL A 4 -3.58 0.50 -5.04
C VAL A 4 -2.95 -0.30 -3.89
N VAL A 5 -1.61 -0.28 -3.82
CA VAL A 5 -0.85 -0.85 -2.71
C VAL A 5 -0.66 0.24 -1.64
N ILE A 6 -1.32 0.08 -0.50
CA ILE A 6 -1.17 0.98 0.65
C ILE A 6 0.02 0.49 1.47
N VAL A 7 0.92 1.40 1.81
CA VAL A 7 2.05 1.13 2.70
C VAL A 7 2.04 2.18 3.81
N VAL A 8 2.18 1.71 5.06
CA VAL A 8 2.24 2.55 6.25
C VAL A 8 3.53 2.17 7.01
N SER A 9 4.36 3.15 7.33
CA SER A 9 5.54 2.95 8.20
C SER A 9 5.73 4.19 9.07
N ARG A 10 6.16 3.99 10.32
CA ARG A 10 6.41 5.10 11.27
C ARG A 10 7.60 5.98 10.84
N ASP A 11 8.49 5.40 10.02
CA ASP A 11 9.78 6.01 9.70
C ASP A 11 9.92 6.23 8.18
N GLU A 12 10.62 7.33 7.83
CA GLU A 12 10.78 7.80 6.45
C GLU A 12 11.76 6.90 5.65
N ARG A 13 12.80 6.42 6.37
CA ARG A 13 13.88 5.60 5.80
C ARG A 13 13.39 4.22 5.37
N ILE A 14 12.36 3.70 6.07
CA ILE A 14 11.69 2.45 5.69
C ILE A 14 11.00 2.66 4.31
N LEU A 15 10.20 3.75 4.23
CA LEU A 15 9.38 4.09 3.04
C LEU A 15 10.24 4.27 1.76
N GLU A 16 11.44 4.85 1.91
CA GLU A 16 12.34 5.17 0.77
C GLU A 16 13.06 3.89 0.24
N GLU A 17 13.24 2.87 1.12
CA GLU A 17 13.77 1.55 0.68
C GLU A 17 12.69 0.75 -0.04
N LEU A 18 11.46 0.81 0.52
CA LEU A 18 10.26 0.19 -0.07
C LEU A 18 9.97 0.79 -1.45
N LEU A 19 10.30 2.09 -1.60
CA LEU A 19 10.23 2.82 -2.87
C LEU A 19 11.10 2.14 -3.94
N GLU A 20 12.38 1.88 -3.58
CA GLU A 20 13.38 1.24 -4.47
C GLU A 20 12.90 -0.13 -4.96
N VAL A 21 12.23 -0.88 -4.06
CA VAL A 21 11.73 -2.24 -4.33
C VAL A 21 10.59 -2.21 -5.39
N VAL A 22 9.75 -1.14 -5.35
CA VAL A 22 8.71 -0.92 -6.38
C VAL A 22 9.38 -0.68 -7.74
N LEU A 23 10.36 0.24 -7.75
CA LEU A 23 11.09 0.68 -8.95
C LEU A 23 11.79 -0.50 -9.65
N LYS A 24 12.37 -1.41 -8.83
CA LYS A 24 13.09 -2.60 -9.32
C LYS A 24 12.14 -3.55 -10.06
N SER A 25 11.00 -3.85 -9.43
CA SER A 25 10.04 -4.85 -9.93
C SER A 25 9.24 -4.31 -11.13
N ASP A 26 8.57 -3.16 -10.93
CA ASP A 26 7.74 -2.52 -11.96
C ASP A 26 7.81 -0.98 -11.81
N PRO A 27 8.55 -0.26 -12.72
CA PRO A 27 8.71 1.22 -12.64
C PRO A 27 7.49 2.01 -13.18
N ASN A 28 6.52 1.29 -13.81
CA ASN A 28 5.30 1.91 -14.40
C ASN A 28 4.32 2.30 -13.29
N VAL A 29 4.39 1.56 -12.17
CA VAL A 29 3.58 1.82 -10.98
C VAL A 29 3.90 3.22 -10.42
N LYS A 30 2.87 4.08 -10.35
CA LYS A 30 2.98 5.43 -9.78
C LYS A 30 3.28 5.33 -8.27
N THR A 31 4.29 6.06 -7.78
CA THR A 31 4.68 6.02 -6.37
C THR A 31 4.51 7.40 -5.73
N VAL A 32 4.08 7.40 -4.45
CA VAL A 32 3.76 8.61 -3.66
C VAL A 32 4.27 8.41 -2.24
N ARG A 33 5.12 9.32 -1.73
CA ARG A 33 5.57 9.27 -0.32
C ARG A 33 5.05 10.51 0.41
N THR A 34 3.87 10.36 1.01
CA THR A 34 3.15 11.42 1.74
C THR A 34 3.02 11.02 3.23
N ASP A 35 2.41 11.89 4.02
CA ASP A 35 2.02 11.58 5.41
C ASP A 35 0.53 11.86 5.61
N ASP A 36 -0.12 12.55 4.65
CA ASP A 36 -1.51 13.02 4.81
C ASP A 36 -2.43 12.32 3.77
N LYS A 37 -3.56 11.82 4.29
CA LYS A 37 -4.62 11.11 3.53
C LYS A 37 -5.19 11.92 2.33
N GLU A 38 -5.12 13.27 2.39
CA GLU A 38 -5.68 14.13 1.32
C GLU A 38 -4.92 13.91 0.00
N LYS A 39 -3.57 13.88 0.10
CA LYS A 39 -2.68 13.73 -1.05
C LYS A 39 -2.85 12.35 -1.69
N VAL A 40 -3.02 11.32 -0.82
CA VAL A 40 -3.21 9.93 -1.22
C VAL A 40 -4.35 9.79 -2.26
N LYS A 41 -5.53 10.30 -1.89
CA LYS A 41 -6.77 10.15 -2.68
C LYS A 41 -6.69 10.88 -4.04
N GLU A 42 -6.02 12.06 -4.02
CA GLU A 42 -5.79 12.86 -5.23
C GLU A 42 -4.94 12.06 -6.25
N GLU A 43 -3.93 11.36 -5.72
CA GLU A 43 -3.00 10.53 -6.52
C GLU A 43 -3.67 9.23 -7.01
N ILE A 44 -4.60 8.67 -6.20
CA ILE A 44 -5.39 7.46 -6.56
C ILE A 44 -6.23 7.75 -7.82
N GLU A 45 -6.79 8.97 -7.88
CA GLU A 45 -7.56 9.45 -9.05
C GLU A 45 -6.65 9.63 -10.27
N LYS A 46 -5.44 10.19 -10.03
CA LYS A 46 -4.41 10.40 -11.07
C LYS A 46 -3.86 9.04 -11.59
N ALA A 47 -3.99 7.99 -10.77
CA ALA A 47 -3.63 6.63 -11.15
C ALA A 47 -4.79 5.96 -11.94
N ARG A 48 -6.03 6.15 -11.44
CA ARG A 48 -7.22 5.47 -11.96
C ARG A 48 -7.61 5.98 -13.35
N LYS A 49 -7.48 7.31 -13.56
CA LYS A 49 -7.79 7.96 -14.85
C LYS A 49 -6.89 7.43 -15.98
N GLN A 50 -5.73 6.86 -15.60
CA GLN A 50 -4.77 6.24 -16.53
C GLN A 50 -4.86 4.70 -16.47
N GLY A 51 -5.49 4.17 -15.41
CA GLY A 51 -5.64 2.72 -15.20
C GLY A 51 -4.38 2.06 -14.66
N ARG A 52 -3.37 2.88 -14.31
CA ARG A 52 -2.07 2.40 -13.82
C ARG A 52 -2.16 2.01 -12.31
N PRO A 53 -1.30 1.05 -11.85
CA PRO A 53 -1.15 0.78 -10.40
C PRO A 53 -0.46 1.95 -9.68
N ILE A 54 -0.59 1.97 -8.35
CA ILE A 54 -0.01 3.00 -7.49
C ILE A 54 0.35 2.42 -6.12
N VAL A 55 1.53 2.77 -5.61
CA VAL A 55 1.95 2.44 -4.25
C VAL A 55 2.04 3.74 -3.44
N ILE A 56 1.22 3.81 -2.40
CA ILE A 56 1.17 4.94 -1.48
C ILE A 56 2.07 4.61 -0.27
N PHE A 57 2.87 5.58 0.17
CA PHE A 57 3.74 5.47 1.34
C PHE A 57 3.35 6.57 2.32
N ILE A 58 2.66 6.20 3.41
CA ILE A 58 2.23 7.16 4.45
C ILE A 58 3.09 6.95 5.70
N ARG A 59 3.57 8.06 6.29
CA ARG A 59 4.25 7.99 7.58
C ARG A 59 3.22 8.08 8.73
N GLY A 60 3.02 6.95 9.43
CA GLY A 60 2.18 6.88 10.63
C GLY A 60 0.69 7.16 10.37
N ALA A 61 -0.01 6.23 9.71
CA ALA A 61 -1.44 6.33 9.40
C ALA A 61 -2.26 5.44 10.35
N THR A 62 -3.31 6.01 10.96
CA THR A 62 -4.20 5.32 11.91
C THR A 62 -5.44 4.74 11.18
N GLU A 63 -6.24 3.94 11.92
CA GLU A 63 -7.30 3.06 11.35
C GLU A 63 -8.36 3.81 10.51
N GLU A 64 -8.95 4.89 11.06
CA GLU A 64 -9.99 5.67 10.34
C GLU A 64 -9.47 6.28 9.03
N VAL A 65 -8.18 6.59 9.00
CA VAL A 65 -7.48 7.12 7.82
C VAL A 65 -7.32 6.00 6.76
N VAL A 66 -6.63 4.90 7.16
CA VAL A 66 -6.25 3.81 6.24
C VAL A 66 -7.51 3.16 5.62
N ARG A 67 -8.51 2.86 6.48
CA ARG A 67 -9.76 2.16 6.06
C ARG A 67 -10.53 2.99 5.04
N ASP A 68 -10.49 4.33 5.19
CA ASP A 68 -11.27 5.25 4.37
C ASP A 68 -10.65 5.37 2.99
N ILE A 69 -9.32 5.25 2.94
CA ILE A 69 -8.53 5.16 1.69
C ILE A 69 -8.73 3.78 1.00
N VAL A 70 -8.77 2.71 1.81
CA VAL A 70 -8.94 1.32 1.33
C VAL A 70 -10.32 1.15 0.68
N GLU A 71 -11.37 1.56 1.40
CA GLU A 71 -12.77 1.44 0.94
C GLU A 71 -13.03 2.41 -0.23
N TYR A 72 -12.29 3.54 -0.24
CA TYR A 72 -12.30 4.50 -1.36
C TYR A 72 -11.91 3.77 -2.65
N ALA A 73 -10.73 3.13 -2.62
CA ALA A 73 -10.18 2.38 -3.75
C ALA A 73 -11.04 1.15 -4.12
N GLN A 74 -11.74 0.57 -3.11
CA GLN A 74 -12.71 -0.53 -3.33
C GLN A 74 -13.93 -0.03 -4.14
N LYS A 75 -14.37 1.21 -3.88
CA LYS A 75 -15.44 1.86 -4.66
C LYS A 75 -14.94 2.19 -6.08
N GLU A 76 -13.66 2.62 -6.17
CA GLU A 76 -13.01 2.92 -7.47
C GLU A 76 -12.86 1.64 -8.31
N GLY A 77 -12.87 0.47 -7.64
CA GLY A 77 -12.79 -0.84 -8.29
C GLY A 77 -11.35 -1.26 -8.55
N LEU A 78 -10.44 -0.80 -7.68
CA LEU A 78 -9.00 -1.01 -7.80
C LEU A 78 -8.53 -2.03 -6.75
N ARG A 79 -7.56 -2.89 -7.14
CA ARG A 79 -7.04 -3.97 -6.29
C ARG A 79 -6.24 -3.38 -5.11
N VAL A 80 -6.78 -3.51 -3.88
CA VAL A 80 -6.17 -2.90 -2.68
C VAL A 80 -5.31 -3.94 -1.94
N LEU A 81 -4.06 -3.55 -1.68
CA LEU A 81 -3.12 -4.26 -0.80
C LEU A 81 -2.84 -3.34 0.39
N VAL A 82 -2.46 -3.89 1.55
CA VAL A 82 -2.12 -3.10 2.77
C VAL A 82 -0.88 -3.68 3.45
N ILE A 83 0.18 -2.86 3.54
CA ILE A 83 1.40 -3.14 4.33
C ILE A 83 1.43 -2.15 5.49
N MET A 84 1.72 -2.62 6.71
CA MET A 84 1.89 -1.77 7.89
C MET A 84 3.13 -2.24 8.68
N VAL A 85 4.10 -1.32 8.88
CA VAL A 85 5.43 -1.62 9.43
C VAL A 85 5.78 -0.57 10.52
N ASP A 86 5.96 -1.03 11.75
CA ASP A 86 6.10 -0.17 12.93
C ASP A 86 6.57 -1.05 14.10
N GLN A 87 7.48 -0.52 14.93
CA GLN A 87 8.09 -1.25 16.08
C GLN A 87 7.02 -1.64 17.11
N ASP A 88 6.03 -0.75 17.28
CA ASP A 88 4.81 -1.02 18.07
C ASP A 88 3.86 -1.89 17.23
N GLN A 89 4.07 -3.22 17.32
CA GLN A 89 3.34 -4.21 16.52
C GLN A 89 1.87 -4.28 16.91
N GLU A 90 1.58 -4.07 18.21
CA GLU A 90 0.23 -4.14 18.76
C GLU A 90 -0.69 -3.06 18.15
N GLU A 91 -0.11 -1.87 17.83
CA GLU A 91 -0.83 -0.80 17.15
C GLU A 91 -1.19 -1.24 15.72
N LEU A 92 -0.24 -1.93 15.06
CA LEU A 92 -0.43 -2.47 13.70
C LEU A 92 -1.54 -3.53 13.68
N GLU A 93 -1.56 -4.40 14.71
CA GLU A 93 -2.55 -5.50 14.84
C GLU A 93 -3.96 -4.94 15.09
N ARG A 94 -4.02 -3.73 15.67
CA ARG A 94 -5.27 -2.99 15.89
C ARG A 94 -5.88 -2.55 14.54
N ILE A 95 -5.03 -1.93 13.69
CA ILE A 95 -5.44 -1.45 12.36
C ILE A 95 -5.75 -2.66 11.43
N TYR A 96 -4.89 -3.68 11.55
CA TYR A 96 -4.93 -4.95 10.79
C TYR A 96 -6.27 -5.67 11.00
N GLU A 97 -6.67 -5.78 12.28
CA GLU A 97 -7.87 -6.52 12.71
C GLU A 97 -9.12 -5.98 11.97
N GLN A 98 -9.20 -4.65 11.84
CA GLN A 98 -10.33 -3.95 11.23
C GLN A 98 -10.30 -4.07 9.69
N LEU A 99 -9.12 -3.84 9.10
CA LEU A 99 -8.91 -3.88 7.63
C LEU A 99 -9.11 -5.29 7.05
N LYS A 100 -8.80 -6.31 7.89
CA LYS A 100 -8.87 -7.73 7.51
C LYS A 100 -10.33 -8.14 7.24
N LYS A 101 -11.26 -7.54 8.01
CA LYS A 101 -12.71 -7.80 7.93
C LYS A 101 -13.27 -7.67 6.49
N ASP A 102 -12.70 -6.71 5.73
CA ASP A 102 -13.17 -6.38 4.37
C ASP A 102 -12.76 -7.48 3.37
N GLY A 103 -11.66 -8.19 3.69
CA GLY A 103 -11.11 -9.25 2.82
C GLY A 103 -9.90 -8.79 2.02
N VAL A 104 -9.43 -7.56 2.30
CA VAL A 104 -8.24 -6.97 1.67
C VAL A 104 -6.95 -7.68 2.16
N ASP A 105 -5.93 -7.77 1.27
CA ASP A 105 -4.63 -8.37 1.62
C ASP A 105 -3.94 -7.45 2.62
N VAL A 106 -3.93 -7.87 3.88
CA VAL A 106 -3.32 -7.12 4.99
C VAL A 106 -2.16 -7.91 5.57
N ARG A 107 -1.02 -7.22 5.74
CA ARG A 107 0.23 -7.80 6.20
C ARG A 107 0.94 -6.80 7.12
N VAL A 108 1.35 -7.29 8.30
CA VAL A 108 2.01 -6.49 9.33
C VAL A 108 3.33 -7.15 9.73
N THR A 109 4.33 -6.32 10.05
CA THR A 109 5.62 -6.80 10.55
C THR A 109 6.38 -5.61 11.17
N ASP A 110 7.01 -5.84 12.33
CA ASP A 110 8.00 -4.91 12.90
C ASP A 110 9.40 -5.42 12.53
N ASN A 111 9.80 -5.06 11.30
CA ASN A 111 11.07 -5.47 10.68
C ASN A 111 11.19 -4.75 9.33
N GLU A 112 12.30 -4.04 9.14
CA GLU A 112 12.49 -3.07 8.05
C GLU A 112 12.78 -3.77 6.70
N ASP A 113 13.71 -4.74 6.71
CA ASP A 113 14.12 -5.48 5.49
C ASP A 113 13.08 -6.54 5.11
N GLU A 114 12.37 -7.05 6.12
CA GLU A 114 11.23 -7.98 5.94
C GLU A 114 10.07 -7.26 5.23
N ALA A 115 9.89 -5.96 5.55
CA ALA A 115 8.91 -5.10 4.88
C ALA A 115 9.17 -5.04 3.37
N LYS A 116 10.46 -4.97 3.01
CA LYS A 116 10.94 -4.93 1.62
C LYS A 116 10.66 -6.26 0.89
N LYS A 117 10.70 -7.38 1.63
CA LYS A 117 10.35 -8.71 1.09
C LYS A 117 8.85 -8.77 0.76
N ARG A 118 8.04 -8.34 1.74
CA ARG A 118 6.57 -8.28 1.61
C ARG A 118 6.13 -7.25 0.55
N LEU A 119 7.01 -6.25 0.30
CA LEU A 119 6.80 -5.21 -0.71
C LEU A 119 6.86 -5.87 -2.12
N LYS A 120 7.99 -6.55 -2.41
CA LYS A 120 8.22 -7.18 -3.74
C LYS A 120 7.19 -8.27 -4.02
N GLU A 121 6.72 -8.93 -2.95
CA GLU A 121 5.71 -9.99 -3.03
C GLU A 121 4.38 -9.47 -3.65
N LEU A 122 4.02 -8.21 -3.31
CA LEU A 122 2.83 -7.54 -3.85
C LEU A 122 3.09 -7.02 -5.27
N LEU A 123 4.36 -6.68 -5.53
CA LEU A 123 4.82 -6.26 -6.87
C LEU A 123 4.86 -7.46 -7.84
N GLU A 124 4.89 -8.70 -7.31
CA GLU A 124 4.69 -9.91 -8.13
C GLU A 124 3.23 -9.95 -8.63
N LYS A 125 2.30 -9.59 -7.71
CA LYS A 125 0.85 -9.51 -8.01
C LYS A 125 0.56 -8.44 -9.07
N VAL A 126 1.35 -7.36 -9.03
CA VAL A 126 1.31 -6.32 -10.07
C VAL A 126 1.86 -6.89 -11.39
N LEU A 127 3.02 -7.59 -11.30
CA LEU A 127 3.70 -8.21 -12.47
C LEU A 127 2.89 -9.36 -13.09
N GLU A 128 1.81 -9.78 -12.40
CA GLU A 128 0.76 -10.65 -12.97
C GLU A 128 -0.23 -9.84 -13.85
N HIS A 129 0.21 -8.66 -14.36
CA HIS A 129 -0.54 -7.85 -15.35
C HIS A 129 -0.55 -8.54 -16.72
N HIS A 130 -1.28 -9.66 -16.81
CA HIS A 130 -1.48 -10.39 -18.07
C HIS A 130 -2.62 -9.72 -18.85
N HIS A 131 -2.39 -9.45 -20.15
CA HIS A 131 -3.30 -8.68 -21.01
C HIS A 131 -4.72 -9.29 -21.00
N HIS A 132 -5.68 -8.51 -20.46
CA HIS A 132 -7.09 -8.89 -20.36
C HIS A 132 -7.94 -7.64 -20.62
N HIS A 133 -8.71 -7.67 -21.73
CA HIS A 133 -9.65 -6.58 -22.09
C HIS A 133 -10.80 -6.52 -21.07
N HIS A 134 -11.21 -5.28 -20.71
CA HIS A 134 -12.38 -5.05 -19.83
C HIS A 134 -13.62 -4.74 -20.72
N MET A 1 -9.17 -0.79 -14.56
CA MET A 1 -7.94 -1.05 -13.76
C MET A 1 -7.69 0.08 -12.75
N GLY A 2 -6.65 -0.11 -11.92
CA GLY A 2 -6.33 0.77 -10.81
C GLY A 2 -5.97 -0.07 -9.59
N THR A 3 -4.69 -0.03 -9.18
CA THR A 3 -4.17 -0.88 -8.11
C THR A 3 -3.42 0.01 -7.08
N VAL A 4 -3.98 0.11 -5.86
CA VAL A 4 -3.52 1.05 -4.82
C VAL A 4 -2.81 0.29 -3.67
N VAL A 5 -1.48 0.41 -3.61
CA VAL A 5 -0.64 -0.19 -2.55
C VAL A 5 -0.41 0.85 -1.45
N ILE A 6 -0.90 0.59 -0.22
CA ILE A 6 -0.77 1.50 0.94
C ILE A 6 0.33 1.02 1.88
N VAL A 7 1.47 1.70 1.85
CA VAL A 7 2.63 1.43 2.70
C VAL A 7 2.64 2.45 3.84
N VAL A 8 2.35 1.95 5.05
CA VAL A 8 2.40 2.72 6.30
C VAL A 8 3.61 2.21 7.08
N SER A 9 4.67 3.04 7.23
CA SER A 9 5.87 2.67 8.00
C SER A 9 6.15 3.70 9.08
N ARG A 10 6.79 3.25 10.17
CA ARG A 10 7.08 4.08 11.36
C ARG A 10 8.02 5.24 11.03
N ASP A 11 8.99 4.97 10.16
CA ASP A 11 10.05 5.92 9.83
C ASP A 11 10.16 6.06 8.30
N GLU A 12 10.58 7.25 7.84
CA GLU A 12 10.78 7.54 6.42
C GLU A 12 12.05 6.88 5.87
N ARG A 13 12.94 6.44 6.77
CA ARG A 13 14.11 5.61 6.42
C ARG A 13 13.65 4.23 5.90
N ILE A 14 12.53 3.71 6.46
CA ILE A 14 11.90 2.47 5.98
C ILE A 14 11.23 2.75 4.62
N LEU A 15 10.48 3.88 4.54
CA LEU A 15 9.73 4.29 3.33
C LEU A 15 10.65 4.44 2.09
N GLU A 16 11.86 5.01 2.28
CA GLU A 16 12.82 5.26 1.18
C GLU A 16 13.51 3.96 0.71
N GLU A 17 13.63 2.99 1.63
CA GLU A 17 14.12 1.64 1.30
C GLU A 17 13.08 0.89 0.45
N LEU A 18 11.81 0.95 0.91
CA LEU A 18 10.66 0.30 0.23
C LEU A 18 10.37 0.99 -1.12
N LEU A 19 10.74 2.28 -1.21
CA LEU A 19 10.66 3.07 -2.45
C LEU A 19 11.49 2.43 -3.55
N GLU A 20 12.76 2.13 -3.24
CA GLU A 20 13.70 1.51 -4.19
C GLU A 20 13.25 0.09 -4.58
N VAL A 21 12.57 -0.62 -3.65
CA VAL A 21 12.05 -1.99 -3.88
C VAL A 21 10.88 -1.99 -4.90
N VAL A 22 10.07 -0.91 -4.89
CA VAL A 22 9.04 -0.66 -5.94
C VAL A 22 9.73 -0.58 -7.32
N LEU A 23 10.83 0.19 -7.35
CA LEU A 23 11.58 0.50 -8.57
C LEU A 23 12.37 -0.74 -9.07
N LYS A 24 12.74 -1.65 -8.12
CA LYS A 24 13.40 -2.95 -8.45
C LYS A 24 12.47 -3.81 -9.32
N SER A 25 11.15 -3.73 -9.02
CA SER A 25 10.12 -4.45 -9.76
C SER A 25 9.80 -3.70 -11.06
N ASP A 26 9.08 -2.57 -10.96
CA ASP A 26 8.58 -1.81 -12.12
C ASP A 26 8.81 -0.30 -11.93
N PRO A 27 9.43 0.40 -12.94
CA PRO A 27 9.47 1.90 -12.99
C PRO A 27 8.10 2.51 -13.37
N ASN A 28 7.22 1.67 -13.94
CA ASN A 28 5.88 2.08 -14.45
C ASN A 28 4.96 2.54 -13.30
N VAL A 29 5.25 2.05 -12.09
CA VAL A 29 4.47 2.36 -10.88
C VAL A 29 4.72 3.80 -10.44
N LYS A 30 3.64 4.52 -10.09
CA LYS A 30 3.74 5.86 -9.50
C LYS A 30 4.00 5.73 -7.98
N THR A 31 4.87 6.58 -7.42
CA THR A 31 5.13 6.62 -5.98
C THR A 31 4.85 8.04 -5.44
N VAL A 32 4.15 8.10 -4.29
CA VAL A 32 3.77 9.37 -3.62
C VAL A 32 3.99 9.22 -2.10
N ARG A 33 4.94 9.99 -1.52
CA ARG A 33 5.21 9.95 -0.08
C ARG A 33 4.53 11.16 0.58
N THR A 34 3.27 10.95 0.98
CA THR A 34 2.42 11.95 1.61
C THR A 34 2.00 11.47 3.00
N ASP A 35 1.33 12.33 3.75
CA ASP A 35 0.69 11.96 5.03
C ASP A 35 -0.81 12.27 4.97
N ASP A 36 -1.24 12.97 3.90
CA ASP A 36 -2.63 13.37 3.70
C ASP A 36 -3.43 12.24 3.04
N LYS A 37 -4.44 11.74 3.76
CA LYS A 37 -5.42 10.74 3.24
C LYS A 37 -6.25 11.33 2.09
N GLU A 38 -6.31 12.68 2.06
CA GLU A 38 -6.96 13.46 0.98
C GLU A 38 -6.15 13.34 -0.33
N LYS A 39 -4.83 13.61 -0.20
CA LYS A 39 -3.89 13.62 -1.33
C LYS A 39 -3.84 12.25 -2.02
N VAL A 40 -3.91 11.17 -1.20
CA VAL A 40 -3.93 9.80 -1.71
C VAL A 40 -5.11 9.56 -2.66
N LYS A 41 -6.33 10.00 -2.26
CA LYS A 41 -7.58 9.81 -3.05
C LYS A 41 -7.50 10.52 -4.42
N GLU A 42 -6.80 11.66 -4.45
CA GLU A 42 -6.56 12.43 -5.68
C GLU A 42 -5.60 11.66 -6.60
N GLU A 43 -4.55 11.09 -5.99
CA GLU A 43 -3.53 10.28 -6.71
C GLU A 43 -4.11 8.92 -7.16
N ILE A 44 -5.13 8.42 -6.43
CA ILE A 44 -5.86 7.18 -6.75
C ILE A 44 -6.60 7.36 -8.09
N GLU A 45 -7.34 8.48 -8.21
CA GLU A 45 -8.11 8.84 -9.42
C GLU A 45 -7.20 8.95 -10.66
N LYS A 46 -6.02 9.56 -10.48
CA LYS A 46 -5.02 9.74 -11.55
C LYS A 46 -4.51 8.38 -12.06
N ALA A 47 -4.07 7.52 -11.11
CA ALA A 47 -3.53 6.17 -11.41
C ALA A 47 -4.62 5.19 -11.88
N ARG A 48 -5.88 5.49 -11.52
CA ARG A 48 -7.08 4.76 -11.97
C ARG A 48 -7.37 5.09 -13.45
N LYS A 49 -7.13 6.37 -13.81
CA LYS A 49 -7.23 6.84 -15.22
C LYS A 49 -6.07 6.26 -16.07
N GLN A 50 -4.90 6.05 -15.42
CA GLN A 50 -3.74 5.42 -16.07
C GLN A 50 -3.91 3.89 -16.14
N GLY A 51 -4.66 3.34 -15.16
CA GLY A 51 -4.85 1.90 -15.02
C GLY A 51 -3.64 1.18 -14.42
N ARG A 52 -2.61 1.94 -14.02
CA ARG A 52 -1.35 1.39 -13.52
C ARG A 52 -1.36 1.30 -11.98
N PRO A 53 -0.51 0.42 -11.36
CA PRO A 53 -0.32 0.41 -9.90
C PRO A 53 0.34 1.70 -9.38
N ILE A 54 0.05 2.02 -8.11
CA ILE A 54 0.59 3.19 -7.41
C ILE A 54 0.90 2.76 -5.96
N VAL A 55 2.03 3.23 -5.42
CA VAL A 55 2.46 2.92 -4.05
C VAL A 55 2.56 4.23 -3.25
N ILE A 56 1.81 4.30 -2.15
CA ILE A 56 1.73 5.48 -1.28
C ILE A 56 2.54 5.21 -0.01
N PHE A 57 3.44 6.14 0.34
CA PHE A 57 4.31 6.02 1.52
C PHE A 57 3.88 7.05 2.57
N ILE A 58 3.29 6.58 3.67
CA ILE A 58 2.86 7.44 4.79
C ILE A 58 3.64 7.04 6.05
N ARG A 59 4.19 8.06 6.75
CA ARG A 59 4.93 7.86 8.00
C ARG A 59 3.95 7.90 9.18
N GLY A 60 3.66 6.74 9.78
CA GLY A 60 2.81 6.65 10.96
C GLY A 60 1.38 7.12 10.71
N ALA A 61 0.61 6.33 9.95
CA ALA A 61 -0.81 6.59 9.68
C ALA A 61 -1.67 5.86 10.71
N THR A 62 -2.52 6.62 11.42
CA THR A 62 -3.49 6.09 12.38
C THR A 62 -4.71 5.49 11.63
N GLU A 63 -5.63 4.86 12.39
CA GLU A 63 -6.77 4.09 11.85
C GLU A 63 -7.56 4.87 10.78
N GLU A 64 -7.96 6.12 11.11
CA GLU A 64 -8.81 6.93 10.23
C GLU A 64 -8.14 7.17 8.87
N VAL A 65 -6.84 7.52 8.87
CA VAL A 65 -6.09 7.80 7.64
C VAL A 65 -6.12 6.58 6.69
N VAL A 66 -5.70 5.43 7.25
CA VAL A 66 -5.62 4.17 6.51
C VAL A 66 -7.02 3.76 5.96
N ARG A 67 -8.03 3.74 6.87
CA ARG A 67 -9.39 3.24 6.55
C ARG A 67 -10.10 4.15 5.51
N ASP A 68 -9.86 5.48 5.59
CA ASP A 68 -10.47 6.48 4.69
C ASP A 68 -10.02 6.25 3.25
N ILE A 69 -8.71 5.97 3.10
CA ILE A 69 -8.10 5.63 1.80
C ILE A 69 -8.65 4.29 1.25
N VAL A 70 -8.51 3.24 2.09
CA VAL A 70 -8.82 1.85 1.71
C VAL A 70 -10.29 1.70 1.27
N GLU A 71 -11.23 2.22 2.10
CA GLU A 71 -12.68 2.11 1.84
C GLU A 71 -13.05 2.76 0.48
N TYR A 72 -12.38 3.89 0.18
CA TYR A 72 -12.60 4.66 -1.05
C TYR A 72 -12.28 3.81 -2.28
N ALA A 73 -11.08 3.24 -2.29
CA ALA A 73 -10.60 2.41 -3.41
C ALA A 73 -11.37 1.07 -3.49
N GLN A 74 -11.89 0.58 -2.35
CA GLN A 74 -12.73 -0.64 -2.29
C GLN A 74 -14.10 -0.40 -2.97
N LYS A 75 -14.65 0.83 -2.80
CA LYS A 75 -15.93 1.25 -3.43
C LYS A 75 -15.82 1.20 -4.96
N GLU A 76 -14.65 1.59 -5.47
CA GLU A 76 -14.38 1.68 -6.92
C GLU A 76 -13.86 0.33 -7.47
N GLY A 77 -13.63 -0.64 -6.55
CA GLY A 77 -13.22 -2.00 -6.91
C GLY A 77 -11.73 -2.12 -7.23
N LEU A 78 -10.96 -1.09 -6.84
CA LEU A 78 -9.52 -1.02 -7.05
C LEU A 78 -8.80 -1.90 -6.03
N ARG A 79 -7.87 -2.74 -6.51
CA ARG A 79 -7.14 -3.71 -5.68
C ARG A 79 -6.22 -2.99 -4.68
N VAL A 80 -6.56 -3.06 -3.38
CA VAL A 80 -5.80 -2.40 -2.30
C VAL A 80 -4.89 -3.42 -1.59
N LEU A 81 -3.57 -3.20 -1.69
CA LEU A 81 -2.53 -4.05 -1.06
C LEU A 81 -1.87 -3.20 0.05
N VAL A 82 -2.13 -3.52 1.32
CA VAL A 82 -1.66 -2.67 2.45
C VAL A 82 -0.53 -3.37 3.22
N ILE A 83 0.64 -2.71 3.31
CA ILE A 83 1.73 -3.09 4.22
C ILE A 83 1.73 -2.10 5.40
N MET A 84 1.91 -2.62 6.62
CA MET A 84 2.06 -1.82 7.84
C MET A 84 3.29 -2.32 8.62
N VAL A 85 4.28 -1.41 8.81
CA VAL A 85 5.59 -1.70 9.42
C VAL A 85 5.86 -0.69 10.55
N ASP A 86 6.01 -1.18 11.78
CA ASP A 86 6.17 -0.34 12.98
C ASP A 86 6.60 -1.22 14.16
N GLN A 87 7.32 -0.63 15.12
CA GLN A 87 7.82 -1.34 16.33
C GLN A 87 6.67 -1.78 17.25
N ASP A 88 5.55 -1.05 17.17
CA ASP A 88 4.29 -1.42 17.82
C ASP A 88 3.45 -2.28 16.87
N GLN A 89 3.80 -3.58 16.84
CA GLN A 89 3.11 -4.58 15.99
C GLN A 89 1.62 -4.72 16.38
N GLU A 90 1.32 -4.45 17.67
CA GLU A 90 -0.05 -4.50 18.21
C GLU A 90 -0.97 -3.46 17.51
N GLU A 91 -0.45 -2.23 17.33
CA GLU A 91 -1.19 -1.14 16.66
C GLU A 91 -1.52 -1.53 15.21
N LEU A 92 -0.50 -2.11 14.54
CA LEU A 92 -0.60 -2.58 13.15
C LEU A 92 -1.67 -3.66 13.00
N GLU A 93 -1.71 -4.58 13.99
CA GLU A 93 -2.67 -5.71 14.01
C GLU A 93 -4.10 -5.25 14.32
N ARG A 94 -4.23 -4.11 15.01
CA ARG A 94 -5.54 -3.50 15.28
C ARG A 94 -6.15 -2.96 13.97
N ILE A 95 -5.29 -2.34 13.14
CA ILE A 95 -5.68 -1.82 11.81
C ILE A 95 -5.91 -2.99 10.83
N TYR A 96 -5.03 -4.01 10.95
CA TYR A 96 -5.05 -5.24 10.15
C TYR A 96 -6.38 -5.98 10.33
N GLU A 97 -6.88 -6.03 11.59
CA GLU A 97 -8.15 -6.67 11.95
C GLU A 97 -9.30 -6.09 11.09
N GLN A 98 -9.39 -4.75 11.10
CA GLN A 98 -10.47 -3.97 10.47
C GLN A 98 -10.50 -4.21 8.94
N LEU A 99 -9.30 -4.13 8.33
CA LEU A 99 -9.11 -4.23 6.87
C LEU A 99 -9.32 -5.69 6.36
N LYS A 100 -8.66 -6.64 7.04
CA LYS A 100 -8.70 -8.09 6.69
C LYS A 100 -10.14 -8.63 6.84
N LYS A 101 -10.87 -8.06 7.81
CA LYS A 101 -12.30 -8.38 8.08
C LYS A 101 -13.19 -8.07 6.85
N ASP A 102 -12.90 -6.92 6.18
CA ASP A 102 -13.57 -6.54 4.93
C ASP A 102 -13.13 -7.45 3.76
N GLY A 103 -11.90 -7.98 3.86
CA GLY A 103 -11.31 -8.83 2.84
C GLY A 103 -10.27 -8.11 1.98
N VAL A 104 -9.78 -6.96 2.49
CA VAL A 104 -8.69 -6.19 1.86
C VAL A 104 -7.38 -6.99 1.94
N ASP A 105 -6.57 -6.98 0.86
CA ASP A 105 -5.30 -7.72 0.82
C ASP A 105 -4.27 -6.98 1.70
N VAL A 106 -3.97 -7.54 2.88
CA VAL A 106 -3.20 -6.85 3.94
C VAL A 106 -2.12 -7.75 4.56
N ARG A 107 -1.07 -7.10 5.05
CA ARG A 107 0.10 -7.74 5.67
C ARG A 107 0.79 -6.76 6.64
N VAL A 108 1.19 -7.28 7.80
CA VAL A 108 1.84 -6.51 8.86
C VAL A 108 3.16 -7.18 9.25
N THR A 109 4.21 -6.37 9.45
CA THR A 109 5.55 -6.85 9.80
C THR A 109 6.35 -5.77 10.55
N ASP A 110 6.72 -6.06 11.80
CA ASP A 110 7.77 -5.32 12.50
C ASP A 110 9.13 -5.87 12.05
N ASN A 111 9.64 -5.28 10.96
CA ASN A 111 10.94 -5.62 10.30
C ASN A 111 10.94 -4.95 8.92
N GLU A 112 12.04 -4.25 8.61
CA GLU A 112 12.27 -3.64 7.29
C GLU A 112 12.64 -4.72 6.25
N ASP A 113 13.25 -5.83 6.72
CA ASP A 113 13.69 -6.95 5.85
C ASP A 113 12.46 -7.65 5.22
N GLU A 114 11.57 -8.17 6.09
CA GLU A 114 10.29 -8.77 5.69
C GLU A 114 9.42 -7.77 4.92
N ALA A 115 9.54 -6.46 5.27
CA ALA A 115 8.81 -5.38 4.59
C ALA A 115 9.14 -5.31 3.09
N LYS A 116 10.45 -5.38 2.76
CA LYS A 116 10.97 -5.31 1.36
C LYS A 116 10.51 -6.51 0.51
N LYS A 117 10.58 -7.70 1.11
CA LYS A 117 10.20 -8.96 0.46
C LYS A 117 8.68 -8.99 0.18
N ARG A 118 7.91 -8.55 1.17
CA ARG A 118 6.44 -8.40 1.07
C ARG A 118 6.06 -7.25 0.11
N LEU A 119 6.92 -6.22 0.02
CA LEU A 119 6.73 -5.03 -0.84
C LEU A 119 6.74 -5.49 -2.29
N LYS A 120 7.88 -6.09 -2.69
CA LYS A 120 8.10 -6.57 -4.05
C LYS A 120 7.05 -7.61 -4.45
N GLU A 121 6.65 -8.48 -3.48
CA GLU A 121 5.63 -9.52 -3.72
C GLU A 121 4.34 -8.91 -4.30
N LEU A 122 3.86 -7.81 -3.68
CA LEU A 122 2.59 -7.13 -4.08
C LEU A 122 2.69 -6.58 -5.51
N LEU A 123 3.85 -5.98 -5.83
CA LEU A 123 4.16 -5.45 -7.17
C LEU A 123 4.25 -6.59 -8.20
N GLU A 124 4.58 -7.81 -7.75
CA GLU A 124 4.59 -9.02 -8.60
C GLU A 124 3.18 -9.67 -8.66
N LYS A 125 2.34 -9.43 -7.62
CA LYS A 125 0.97 -10.01 -7.51
C LYS A 125 0.01 -9.34 -8.52
N VAL A 126 0.19 -8.02 -8.74
CA VAL A 126 -0.56 -7.29 -9.78
C VAL A 126 -0.10 -7.75 -11.20
N LEU A 127 1.18 -8.15 -11.33
CA LEU A 127 1.73 -8.69 -12.59
C LEU A 127 1.33 -10.17 -12.79
N GLU A 128 1.03 -10.87 -11.68
CA GLU A 128 0.70 -12.31 -11.70
C GLU A 128 -0.78 -12.47 -12.12
N HIS A 129 -1.71 -11.99 -11.26
CA HIS A 129 -3.18 -11.93 -11.52
C HIS A 129 -3.91 -13.31 -11.48
N HIS A 130 -3.28 -14.40 -11.93
CA HIS A 130 -3.98 -15.68 -12.21
C HIS A 130 -4.12 -16.55 -10.93
N HIS A 131 -3.01 -17.17 -10.49
CA HIS A 131 -2.99 -18.09 -9.35
C HIS A 131 -2.25 -17.43 -8.18
N HIS A 132 -3.02 -16.84 -7.26
CA HIS A 132 -2.50 -16.02 -6.15
C HIS A 132 -1.92 -16.89 -5.04
N HIS A 133 -1.06 -16.30 -4.20
CA HIS A 133 -0.45 -16.99 -3.04
C HIS A 133 -1.51 -17.17 -1.95
N HIS A 134 -2.00 -18.41 -1.80
CA HIS A 134 -3.05 -18.77 -0.83
C HIS A 134 -2.47 -18.79 0.61
N MET A 1 -3.34 -2.61 -13.41
CA MET A 1 -4.35 -1.77 -14.08
C MET A 1 -5.37 -1.34 -13.01
N GLY A 2 -5.23 -0.08 -12.51
CA GLY A 2 -6.05 0.41 -11.39
C GLY A 2 -5.83 -0.41 -10.13
N THR A 3 -4.56 -0.56 -9.72
CA THR A 3 -4.17 -1.41 -8.59
C THR A 3 -3.56 -0.54 -7.48
N VAL A 4 -4.28 -0.41 -6.36
CA VAL A 4 -3.90 0.50 -5.27
C VAL A 4 -3.16 -0.28 -4.18
N VAL A 5 -1.99 0.23 -3.75
CA VAL A 5 -1.16 -0.40 -2.71
C VAL A 5 -0.86 0.63 -1.62
N ILE A 6 -1.35 0.38 -0.39
CA ILE A 6 -1.19 1.31 0.74
C ILE A 6 -0.14 0.75 1.72
N VAL A 7 1.08 1.29 1.63
CA VAL A 7 2.20 0.91 2.50
C VAL A 7 2.37 2.00 3.58
N VAL A 8 1.97 1.69 4.82
CA VAL A 8 2.07 2.63 5.96
C VAL A 8 3.20 2.17 6.90
N SER A 9 4.14 3.09 7.20
CA SER A 9 5.19 2.87 8.21
C SER A 9 5.41 4.17 8.97
N ARG A 10 5.64 4.05 10.28
CA ARG A 10 5.83 5.20 11.21
C ARG A 10 7.06 6.05 10.84
N ASP A 11 8.02 5.44 10.12
CA ASP A 11 9.35 6.03 9.86
C ASP A 11 9.65 6.16 8.35
N GLU A 12 10.49 7.18 8.01
CA GLU A 12 10.93 7.49 6.64
C GLU A 12 11.82 6.40 6.05
N ARG A 13 12.82 5.96 6.84
CA ARG A 13 13.86 5.04 6.35
C ARG A 13 13.21 3.73 5.90
N ILE A 14 12.19 3.27 6.64
CA ILE A 14 11.44 2.06 6.30
C ILE A 14 10.74 2.25 4.92
N LEU A 15 9.94 3.33 4.80
CA LEU A 15 9.15 3.66 3.57
C LEU A 15 10.04 3.78 2.31
N GLU A 16 11.22 4.41 2.45
CA GLU A 16 12.10 4.71 1.30
C GLU A 16 12.89 3.48 0.86
N GLU A 17 13.19 2.54 1.81
CA GLU A 17 13.75 1.23 1.44
C GLU A 17 12.76 0.49 0.54
N LEU A 18 11.49 0.47 1.01
CA LEU A 18 10.37 -0.18 0.33
C LEU A 18 10.08 0.49 -1.03
N LEU A 19 10.32 1.81 -1.10
CA LEU A 19 10.18 2.63 -2.32
C LEU A 19 11.21 2.20 -3.36
N GLU A 20 12.48 2.05 -2.92
CA GLU A 20 13.60 1.62 -3.77
C GLU A 20 13.36 0.20 -4.31
N VAL A 21 12.73 -0.66 -3.49
CA VAL A 21 12.36 -2.03 -3.89
C VAL A 21 11.38 -2.00 -5.10
N VAL A 22 10.43 -1.05 -5.08
CA VAL A 22 9.45 -0.87 -6.17
C VAL A 22 10.14 -0.36 -7.45
N LEU A 23 11.00 0.67 -7.30
CA LEU A 23 11.63 1.39 -8.43
C LEU A 23 12.66 0.49 -9.18
N LYS A 24 13.38 -0.34 -8.42
CA LYS A 24 14.43 -1.26 -8.97
C LYS A 24 13.79 -2.52 -9.58
N SER A 25 12.59 -2.88 -9.08
CA SER A 25 11.81 -4.01 -9.62
C SER A 25 11.13 -3.59 -10.93
N ASP A 26 10.19 -2.64 -10.86
CA ASP A 26 9.40 -2.19 -12.03
C ASP A 26 9.20 -0.65 -12.02
N PRO A 27 9.63 0.07 -13.12
CA PRO A 27 9.44 1.54 -13.27
C PRO A 27 8.05 1.91 -13.83
N ASN A 28 7.16 0.91 -13.96
CA ASN A 28 5.79 1.08 -14.49
C ASN A 28 4.81 1.54 -13.40
N VAL A 29 5.19 1.35 -12.14
CA VAL A 29 4.30 1.63 -10.99
C VAL A 29 4.42 3.11 -10.57
N LYS A 30 3.26 3.81 -10.52
CA LYS A 30 3.16 5.18 -9.96
C LYS A 30 3.44 5.13 -8.45
N THR A 31 4.47 5.85 -7.98
CA THR A 31 4.85 5.84 -6.55
C THR A 31 4.94 7.26 -5.99
N VAL A 32 4.34 7.44 -4.80
CA VAL A 32 4.29 8.71 -4.05
C VAL A 32 4.47 8.39 -2.55
N ARG A 33 5.26 9.21 -1.82
CA ARG A 33 5.36 9.08 -0.35
C ARG A 33 4.70 10.33 0.28
N THR A 34 3.38 10.22 0.49
CA THR A 34 2.55 11.25 1.15
C THR A 34 1.81 10.64 2.35
N ASP A 35 1.70 11.42 3.44
CA ASP A 35 0.92 11.04 4.63
C ASP A 35 -0.50 11.62 4.56
N ASP A 36 -0.66 12.67 3.72
CA ASP A 36 -1.95 13.38 3.56
C ASP A 36 -2.94 12.50 2.80
N LYS A 37 -3.94 11.97 3.52
CA LYS A 37 -5.05 11.16 2.95
C LYS A 37 -5.81 11.91 1.84
N GLU A 38 -5.78 13.26 1.92
CA GLU A 38 -6.28 14.15 0.84
C GLU A 38 -5.53 13.85 -0.47
N LYS A 39 -4.19 13.97 -0.39
CA LYS A 39 -3.27 13.76 -1.52
C LYS A 39 -3.30 12.30 -2.01
N VAL A 40 -3.40 11.34 -1.07
CA VAL A 40 -3.44 9.89 -1.37
C VAL A 40 -4.61 9.57 -2.32
N LYS A 41 -5.81 10.06 -1.95
CA LYS A 41 -7.04 9.85 -2.74
C LYS A 41 -6.90 10.47 -4.14
N GLU A 42 -6.29 11.68 -4.21
CA GLU A 42 -6.03 12.40 -5.48
C GLU A 42 -5.15 11.57 -6.41
N GLU A 43 -4.12 10.92 -5.84
CA GLU A 43 -3.20 10.06 -6.57
C GLU A 43 -3.91 8.75 -7.01
N ILE A 44 -4.86 8.25 -6.17
CA ILE A 44 -5.72 7.08 -6.52
C ILE A 44 -6.62 7.44 -7.72
N GLU A 45 -7.13 8.70 -7.74
CA GLU A 45 -8.00 9.22 -8.82
C GLU A 45 -7.23 9.29 -10.15
N LYS A 46 -5.95 9.69 -10.07
CA LYS A 46 -5.04 9.79 -11.22
C LYS A 46 -4.73 8.38 -11.78
N ALA A 47 -4.41 7.44 -10.88
CA ALA A 47 -4.12 6.03 -11.24
C ALA A 47 -5.40 5.28 -11.72
N ARG A 48 -6.57 5.77 -11.29
CA ARG A 48 -7.89 5.27 -11.70
C ARG A 48 -8.16 5.59 -13.18
N LYS A 49 -7.96 6.87 -13.53
CA LYS A 49 -8.22 7.40 -14.89
C LYS A 49 -7.17 6.87 -15.89
N GLN A 50 -5.89 6.89 -15.46
CA GLN A 50 -4.75 6.37 -16.25
C GLN A 50 -4.82 4.84 -16.38
N GLY A 51 -5.55 4.18 -15.46
CA GLY A 51 -5.70 2.72 -15.46
C GLY A 51 -4.39 2.02 -15.18
N ARG A 52 -3.65 2.55 -14.21
CA ARG A 52 -2.28 2.09 -13.88
C ARG A 52 -2.19 1.69 -12.40
N PRO A 53 -1.12 0.91 -11.99
CA PRO A 53 -0.85 0.64 -10.57
C PRO A 53 -0.33 1.87 -9.81
N ILE A 54 -0.35 1.76 -8.47
CA ILE A 54 0.12 2.82 -7.58
C ILE A 54 0.47 2.26 -6.20
N VAL A 55 1.60 2.73 -5.63
CA VAL A 55 2.02 2.45 -4.26
C VAL A 55 2.20 3.79 -3.52
N ILE A 56 1.42 4.00 -2.46
CA ILE A 56 1.49 5.19 -1.61
C ILE A 56 2.20 4.80 -0.29
N PHE A 57 3.20 5.60 0.10
CA PHE A 57 3.95 5.41 1.33
C PHE A 57 3.52 6.49 2.35
N ILE A 58 2.71 6.08 3.34
CA ILE A 58 2.15 6.98 4.35
C ILE A 58 2.99 6.88 5.64
N ARG A 59 3.54 8.02 6.11
CA ARG A 59 4.32 8.04 7.35
C ARG A 59 3.41 8.33 8.55
N GLY A 60 3.30 7.33 9.45
CA GLY A 60 2.64 7.49 10.74
C GLY A 60 1.16 7.86 10.64
N ALA A 61 0.35 6.95 10.06
CA ALA A 61 -1.11 7.15 9.92
C ALA A 61 -1.84 6.69 11.18
N THR A 62 -3.16 6.86 11.18
CA THR A 62 -4.07 6.38 12.24
C THR A 62 -5.32 5.76 11.58
N GLU A 63 -6.27 5.26 12.42
CA GLU A 63 -7.43 4.47 11.97
C GLU A 63 -8.26 5.22 10.91
N GLU A 64 -8.71 6.44 11.30
CA GLU A 64 -9.60 7.29 10.47
C GLU A 64 -9.02 7.61 9.08
N VAL A 65 -7.68 7.60 8.99
CA VAL A 65 -6.95 7.79 7.73
C VAL A 65 -7.00 6.52 6.85
N VAL A 66 -6.46 5.41 7.39
CA VAL A 66 -6.21 4.19 6.60
C VAL A 66 -7.53 3.52 6.17
N ARG A 67 -8.48 3.37 7.11
CA ARG A 67 -9.80 2.72 6.85
C ARG A 67 -10.55 3.43 5.70
N ASP A 68 -10.39 4.77 5.66
CA ASP A 68 -11.08 5.68 4.73
C ASP A 68 -10.47 5.60 3.32
N ILE A 69 -9.14 5.53 3.24
CA ILE A 69 -8.39 5.40 1.98
C ILE A 69 -8.64 4.01 1.34
N VAL A 70 -8.54 2.98 2.17
CA VAL A 70 -8.64 1.58 1.73
C VAL A 70 -10.06 1.25 1.24
N GLU A 71 -11.09 1.69 2.01
CA GLU A 71 -12.51 1.49 1.62
C GLU A 71 -12.82 2.23 0.32
N TYR A 72 -12.21 3.43 0.16
CA TYR A 72 -12.37 4.31 -1.01
C TYR A 72 -11.94 3.59 -2.30
N ALA A 73 -10.75 2.98 -2.26
CA ALA A 73 -10.19 2.23 -3.40
C ALA A 73 -11.03 0.97 -3.72
N GLN A 74 -11.61 0.34 -2.68
CA GLN A 74 -12.53 -0.82 -2.83
C GLN A 74 -13.86 -0.39 -3.50
N LYS A 75 -14.32 0.84 -3.17
CA LYS A 75 -15.55 1.45 -3.73
C LYS A 75 -15.36 1.82 -5.21
N GLU A 76 -14.10 2.05 -5.61
CA GLU A 76 -13.70 2.24 -7.02
C GLU A 76 -13.50 0.87 -7.73
N GLY A 77 -13.64 -0.23 -6.98
CA GLY A 77 -13.50 -1.59 -7.52
C GLY A 77 -12.05 -1.98 -7.77
N LEU A 78 -11.11 -1.22 -7.18
CA LEU A 78 -9.66 -1.40 -7.38
C LEU A 78 -9.13 -2.39 -6.31
N ARG A 79 -8.17 -3.23 -6.72
CA ARG A 79 -7.56 -4.25 -5.86
C ARG A 79 -6.55 -3.56 -4.91
N VAL A 80 -6.85 -3.62 -3.59
CA VAL A 80 -6.06 -2.93 -2.54
C VAL A 80 -5.11 -3.91 -1.84
N LEU A 81 -3.80 -3.65 -1.92
CA LEU A 81 -2.75 -4.44 -1.27
C LEU A 81 -2.09 -3.53 -0.21
N VAL A 82 -2.34 -3.80 1.08
CA VAL A 82 -1.84 -2.98 2.20
C VAL A 82 -0.73 -3.72 2.96
N ILE A 83 0.40 -3.04 3.23
CA ILE A 83 1.46 -3.51 4.13
C ILE A 83 1.73 -2.43 5.18
N MET A 84 1.70 -2.81 6.45
CA MET A 84 1.95 -1.88 7.58
C MET A 84 3.13 -2.43 8.41
N VAL A 85 4.22 -1.63 8.49
CA VAL A 85 5.50 -2.04 9.11
C VAL A 85 5.97 -1.00 10.13
N ASP A 86 6.34 -1.46 11.32
CA ASP A 86 6.87 -0.64 12.43
C ASP A 86 7.28 -1.54 13.60
N GLN A 87 8.15 -1.03 14.48
CA GLN A 87 8.65 -1.74 15.67
C GLN A 87 7.50 -2.18 16.61
N ASP A 88 6.46 -1.33 16.69
CA ASP A 88 5.25 -1.61 17.47
C ASP A 88 4.25 -2.41 16.62
N GLN A 89 4.29 -3.74 16.78
CA GLN A 89 3.35 -4.67 16.10
C GLN A 89 1.89 -4.42 16.54
N GLU A 90 1.74 -3.81 17.73
CA GLU A 90 0.44 -3.50 18.36
C GLU A 90 -0.43 -2.60 17.45
N GLU A 91 0.19 -1.52 16.94
CA GLU A 91 -0.48 -0.52 16.08
C GLU A 91 -0.78 -1.11 14.69
N LEU A 92 0.16 -1.94 14.20
CA LEU A 92 0.07 -2.58 12.88
C LEU A 92 -1.15 -3.51 12.83
N GLU A 93 -1.23 -4.38 13.85
CA GLU A 93 -2.29 -5.39 14.00
C GLU A 93 -3.65 -4.71 14.31
N ARG A 94 -3.60 -3.50 14.94
CA ARG A 94 -4.80 -2.69 15.24
C ARG A 94 -5.58 -2.35 13.96
N ILE A 95 -4.86 -1.79 12.97
CA ILE A 95 -5.45 -1.39 11.68
C ILE A 95 -5.75 -2.64 10.81
N TYR A 96 -4.86 -3.66 10.94
CA TYR A 96 -4.97 -4.95 10.24
C TYR A 96 -6.36 -5.56 10.40
N GLU A 97 -6.84 -5.61 11.67
CA GLU A 97 -8.14 -6.22 12.03
C GLU A 97 -9.31 -5.61 11.24
N GLN A 98 -9.33 -4.25 11.17
CA GLN A 98 -10.35 -3.48 10.44
C GLN A 98 -10.38 -3.91 8.97
N LEU A 99 -9.21 -3.83 8.32
CA LEU A 99 -9.05 -4.07 6.87
C LEU A 99 -9.19 -5.58 6.52
N LYS A 100 -8.96 -6.44 7.52
CA LYS A 100 -9.06 -7.92 7.39
C LYS A 100 -10.53 -8.29 7.12
N LYS A 101 -11.42 -7.65 7.89
CA LYS A 101 -12.89 -7.82 7.79
C LYS A 101 -13.44 -7.28 6.46
N ASP A 102 -12.72 -6.33 5.84
CA ASP A 102 -13.08 -5.77 4.51
C ASP A 102 -12.54 -6.64 3.36
N GLY A 103 -11.82 -7.73 3.69
CA GLY A 103 -11.30 -8.66 2.69
C GLY A 103 -10.14 -8.09 1.89
N VAL A 104 -9.35 -7.22 2.55
CA VAL A 104 -8.19 -6.56 1.95
C VAL A 104 -6.94 -7.41 2.23
N ASP A 105 -6.01 -7.45 1.26
CA ASP A 105 -4.74 -8.13 1.47
C ASP A 105 -3.89 -7.27 2.41
N VAL A 106 -3.76 -7.70 3.66
CA VAL A 106 -3.05 -6.95 4.70
C VAL A 106 -1.92 -7.80 5.28
N ARG A 107 -0.70 -7.22 5.29
CA ARG A 107 0.52 -7.90 5.73
C ARG A 107 1.26 -6.98 6.72
N VAL A 108 1.28 -7.38 7.98
CA VAL A 108 1.87 -6.61 9.08
C VAL A 108 3.04 -7.40 9.68
N THR A 109 4.16 -6.71 9.91
CA THR A 109 5.39 -7.32 10.44
C THR A 109 6.28 -6.26 11.11
N ASP A 110 6.63 -6.50 12.38
CA ASP A 110 7.63 -5.67 13.08
C ASP A 110 9.02 -6.20 12.70
N ASN A 111 9.48 -5.71 11.54
CA ASN A 111 10.69 -6.19 10.87
C ASN A 111 10.83 -5.41 9.56
N GLU A 112 11.68 -4.37 9.57
CA GLU A 112 11.95 -3.49 8.41
C GLU A 112 12.63 -4.29 7.26
N ASP A 113 13.53 -5.21 7.65
CA ASP A 113 14.26 -6.08 6.70
C ASP A 113 13.29 -7.00 5.95
N GLU A 114 12.43 -7.71 6.72
CA GLU A 114 11.47 -8.69 6.20
C GLU A 114 10.44 -8.00 5.28
N ALA A 115 10.10 -6.74 5.63
CA ALA A 115 9.16 -5.90 4.89
C ALA A 115 9.53 -5.77 3.40
N LYS A 116 10.86 -5.71 3.14
CA LYS A 116 11.42 -5.51 1.79
C LYS A 116 11.18 -6.75 0.89
N LYS A 117 11.17 -7.95 1.52
CA LYS A 117 10.84 -9.21 0.82
C LYS A 117 9.33 -9.23 0.50
N ARG A 118 8.52 -8.81 1.51
CA ARG A 118 7.04 -8.84 1.43
C ARG A 118 6.50 -7.73 0.49
N LEU A 119 7.31 -6.68 0.27
CA LEU A 119 6.97 -5.57 -0.63
C LEU A 119 7.13 -6.04 -2.09
N LYS A 120 8.27 -6.71 -2.35
CA LYS A 120 8.59 -7.29 -3.67
C LYS A 120 7.60 -8.41 -4.03
N GLU A 121 7.08 -9.08 -2.98
CA GLU A 121 5.96 -10.04 -3.10
C GLU A 121 4.73 -9.37 -3.74
N LEU A 122 4.43 -8.13 -3.27
CA LEU A 122 3.32 -7.33 -3.82
C LEU A 122 3.63 -6.90 -5.25
N LEU A 123 4.91 -6.56 -5.57
CA LEU A 123 5.31 -6.05 -6.93
C LEU A 123 4.83 -6.97 -8.07
N GLU A 124 4.83 -8.29 -7.80
CA GLU A 124 4.26 -9.31 -8.70
C GLU A 124 2.74 -9.12 -8.79
N LYS A 125 2.10 -9.09 -7.61
CA LYS A 125 0.63 -8.93 -7.45
C LYS A 125 0.10 -7.56 -7.93
N VAL A 126 1.02 -6.59 -8.07
CA VAL A 126 0.70 -5.24 -8.49
C VAL A 126 0.35 -5.26 -9.98
N LEU A 127 1.34 -5.67 -10.81
CA LEU A 127 1.19 -5.69 -12.27
C LEU A 127 0.24 -6.81 -12.72
N GLU A 128 0.27 -7.94 -11.99
CA GLU A 128 -0.64 -9.07 -12.21
C GLU A 128 -2.07 -8.65 -11.87
N HIS A 129 -2.32 -8.40 -10.55
CA HIS A 129 -3.67 -8.25 -9.95
C HIS A 129 -4.71 -9.22 -10.59
N HIS A 130 -4.21 -10.42 -10.93
CA HIS A 130 -4.88 -11.38 -11.82
C HIS A 130 -5.09 -12.70 -11.08
N HIS A 131 -6.36 -13.13 -11.02
CA HIS A 131 -6.73 -14.39 -10.38
C HIS A 131 -6.20 -15.56 -11.22
N HIS A 132 -5.34 -16.38 -10.62
CA HIS A 132 -4.74 -17.56 -11.28
C HIS A 132 -5.69 -18.76 -11.19
N HIS A 133 -5.38 -19.82 -11.95
CA HIS A 133 -6.18 -21.05 -12.00
C HIS A 133 -6.11 -21.83 -10.67
N HIS A 134 -7.13 -22.68 -10.43
CA HIS A 134 -7.25 -23.48 -9.19
C HIS A 134 -6.45 -24.79 -9.31
#